data_3L74
#
_entry.id   3L74
#
_cell.length_a   171.893
_cell.length_b   181.687
_cell.length_c   240.750
_cell.angle_alpha   90.00
_cell.angle_beta   90.00
_cell.angle_gamma   90.00
#
_symmetry.space_group_name_H-M   'P 21 21 21'
#
loop_
_entity.id
_entity.type
_entity.pdbx_description
1 polymer 'MITOCHONDRIAL UBIQUINOL-CYTOCHROME-C REDUCTASE COMPLEX CORE PROTEIN I'
2 polymer 'MITOCHONDRIAL UBIQUINOL-CYTOCHROME-C REDUCTASE COMPLEX CORE PROTEIN 2'
3 polymer 'CYTOCHROME B'
4 polymer 'MITOCHONDRIAL CYTOCHROME C1, HEME PROTEIN'
5 polymer 'CYTOCHROME B-C1 COMPLEX SUBUNIT 5, RIESKE IRONSULFUR PROTEIN, MITOCHONDRIAL'
6 polymer 'MITOCHONDRIAL UBIQUINOL-CYTOCHROME C REDUCTASE 14 KDA PROTEIN'
7 polymer 'MITOCHONDRIAL UBIQUINOL-CYTOCHROME C REDUCTASE UBIQUINONE-BINDING PROTEIN QP-C'
8 polymer 'MITOCHONDRIAL UBIQUINOL-CYTOCHROME C REDUCTASE 11 KDA PROTEIN, COMPLEX III SUBUNIT VIII'
9 polymer 'CYTOCHROME B-C1 COMPLEX SUBUNIT RIESKE, MITOCHONDRIAL'
10 polymer 'MITOCHONDRIAL UBIQUINOL-CYTOCHROME C REDUCTASE 7.2 KDA PROTEIN'
11 non-polymer 1,2-dioleoyl-sn-glycero-3-phosphoethanolamine
12 non-polymer 'UNKNOWN LIGAND'
13 non-polymer 'PROTOPORPHYRIN IX CONTAINING FE'
14 non-polymer FAMOXADONE
15 non-polymer 'Coenzyme Q10, (2Z,6E,10Z,14E,18E,22E,26Z)-isomer'
16 non-polymer 'AZIDE ION'
17 non-polymer 'octyl beta-D-glucopyranoside'
18 non-polymer 'HEME C'
19 non-polymer CARDIOLIPIN
20 non-polymer 'FE2/S2 (INORGANIC) CLUSTER'
21 water water
#
loop_
_entity_poly.entity_id
_entity_poly.type
_entity_poly.pdbx_seq_one_letter_code
_entity_poly.pdbx_strand_id
1 'polypeptide(L)'
;AATYAQTLQNIPETNVTTLDNGLRVASEESSQPTCTVGVWIGAGSRYENEKNNGAGYFVEHLAFKGTKKRPCAAFEKEVE
SMGAHFNGYTSREQTAFYIKALSKDMPKVVELLADVVQNCALEESQIEKERGVILQELKEMDNDMTNVTFDYLHATAFQG
TALARTVEGTTENIKHLTRADLASYIDTHFKAPRMVLAAAGGISHKELVDAARQHFSGVSFTYKEDAVPILPRCRFTGSE
IRARDDALPVAHVALAVEGPGWADPDNVVLHVANAIIGRYDRTFGGGKHLSSRLAALAVEHKLCHSFQTFNTSYSDTGLF
GFHFVADPLSIDDMMFCAQGEWMRLCTSTTESEVKRAKNHLRSAMVAQLDGTTPVCETIGSHLLNYGRRISLEEWDSRIS
AVDARMVRDVCSKYIYDKCPALAAVGPIEQLLDYNRIRSGMYWIRF
;
A,N
2 'polypeptide(L)'
;SLKVAPKVAVSAAAERVKLCPGAEDLEITKLPNGLIIASLENFSPASRIGVFIKAGSRYETTANLGTAHLLRLASPLTTK
GASSFRITRGIEAVGGSLSVYSTREKMTYCVECLRDHVDTVMEYLLNVTTAPEFRPWEVTDLQPQLKVDKAVAFQSPQVG
VLENLHAAAYKTALANPLYCPDYRIGKITSEQLHHFVQNNFTSARMALVGIGVKHSDLKQVAEQFLNIRSGAGTSSAKAT
YWGGEIREQNGHSLVHAAVVTEGAAVGSAEANAFSVLQHVLGAGPLIKRGSSVTSKLYQGVAKATTQPFDASAFNVNYSD
SGLFGFYTISQAAHAGEVIRAAMNQLKAAAQGGVTEEDVTKAKNQLKATYLMSVETAQGLLNEIGSEALLSGTHTAPSVV
AQKIDSVTSADVVNAAKKFVSGKKSMAASGDLGSTPFLDEL
;
B,O
3 'polypeptide(L)'
;MAPNIRKSHPLLKMINNSLIDLPAPSNISAWWNFGSLLAVCLMTQILTGLLLAMHYTADTSLAFSSVAHTCRNVQYGWLI
RNLHANGASFFFICIFLHIGRGLYYGSYLYKETWNTGVILLLTLMATAFVGYVLPWGQMSFWGATVITNLFSAIPYIGHT
LVEWAWGGFSVDNPTLTRFFALHFLLPFAIAGITIIHLTFLHESGSNNPLGISSDSDKIPFHPYYSFKDILGLTLMLTPF
LTLALFSPNLLGDPENFTPANPLVTPPHIKPEWYFLFAYAILRSIPNKLGGVLALAASVLILFLIPFLHKSKQRTMTFRP
LSQTLFWLLVANLLILTWIGSQPVEHPFIIIGQMASLSYFTILLILFPTIGTLENKMLNY
;
C,P
4 'polypeptide(L)'
;GELELHPPAFPWSHGGPLSALDHSSVRRGFQVYKQVCSACHSMDYVAFRNLIGVTHTEAEAKALAEEVEVQDGPDENGEL
FMRPGKISDYFPKPYPNPEAARAANNGALPPDLSYIVNARHGGEDYVFSLLTGYCDPPAGVVVREGLHYNPYFPGQAIGM
APPIYNEILEYDDGTPATMSQIAKDVCTFLRWAAEPEHDQRKRMGLKMLLISALLTSLLYYMKRHKWSVLKSRKMAYRPP
K
;
D,Q
5 'polypeptide(L)'
;VHNDVTVPDFSAYRREDVMDATTSSQTSSEDRKGFSYLVTATACVATAYAAKNVVTQFISSLSASADVLALSKIEIKLSD
IPEGKNVAFKWRGKPLFVRHRTQAEINQEAEVDVSKLRDPQHDLDRVKKPEWVILVGVCTHLGCVPIANSGDFGGYYCPC
HGSHYDASGRIRKGPAPYNLEVPTYQFVGDDLVVVG
;
E,R
6 'polypeptide(L)'
;AARATVAGGGRLMDRIRKWYYNAAGFNKYGLMRDDTLYEDDDVKEALKRLPEDLYNERMFRIKRALDLSLKHRILPKEQW
VKYEEDKPYLEPYLKEVIRERLEREAWNKK
;
F,S
7 'polypeptide(L)'
;GIHFGNLARVRHIITYSLSPFEQRAIPNIFSDALPNVWRRFSSQVFKVAPPFLGAYLLYSWGTQEFERLKRKNPADYEND
Q
;
G,T
8 'polypeptide(L)' LRGSGEEEEEELVDPLTTIREHCEQTEKCVKARERLELCDARVSSRSHTEEQCTEELFDFLHARDHCVAHKLFNKLK H,U
9 'polypeptide(L)'
;(UNK)(UNK)(UNK)(UNK)(UNK)(UNK)(UNK)(UNK)(UNK)(UNK)(UNK)(UNK)(UNK)(UNK)(UNK)RPLLC
RESMSGRSARRDLVAGISLNAPASVRY
;
I,V
10 'polypeptide(L)' ALLRQAYSALFRRTSTFALTVVLGAVLFERAFDQGADAIFEHLNEGKLWKHIKHKYEASEE J,W
#
loop_
_chem_comp.id
_chem_comp.type
_chem_comp.name
_chem_comp.formula
AZI non-polymer 'AZIDE ION' 'N3 -1'
BOG D-saccharide 'octyl beta-D-glucopyranoside' 'C14 H28 O6'
CDL non-polymer CARDIOLIPIN 'C81 H156 O17 P2 -2'
FES non-polymer 'FE2/S2 (INORGANIC) CLUSTER' 'Fe2 S2'
FMX non-polymer FAMOXADONE 'C22 H18 N2 O4'
HEC non-polymer 'HEME C' 'C34 H34 Fe N4 O4'
HEM non-polymer 'PROTOPORPHYRIN IX CONTAINING FE' 'C34 H32 Fe N4 O4'
PEE non-polymer 1,2-dioleoyl-sn-glycero-3-phosphoethanolamine 'C41 H78 N O8 P'
UNL non-polymer 'UNKNOWN LIGAND' ?
UQ non-polymer 'Coenzyme Q10, (2Z,6E,10Z,14E,18E,22E,26Z)-isomer' 'C59 H90 O4'
#
# COMPACT_ATOMS: atom_id res chain seq x y z
N ALA A 2 -50.33 38.54 -16.07
CA ALA A 2 -50.50 37.08 -16.34
C ALA A 2 -49.57 36.26 -15.45
N THR A 3 -50.16 35.56 -14.49
CA THR A 3 -49.40 34.73 -13.58
C THR A 3 -49.43 33.28 -14.03
N TYR A 4 -48.44 32.52 -13.60
CA TYR A 4 -48.34 31.11 -13.95
C TYR A 4 -49.71 30.45 -13.77
N ALA A 5 -50.37 30.72 -12.65
CA ALA A 5 -51.67 30.12 -12.39
C ALA A 5 -52.64 30.48 -13.52
N GLN A 6 -52.89 31.77 -13.68
CA GLN A 6 -53.81 32.26 -14.71
C GLN A 6 -53.54 31.64 -16.08
N THR A 7 -52.27 31.55 -16.46
CA THR A 7 -51.93 30.97 -17.75
C THR A 7 -52.31 29.50 -17.83
N LEU A 8 -52.26 28.83 -16.69
CA LEU A 8 -52.62 27.42 -16.65
C LEU A 8 -54.12 27.23 -16.80
N GLN A 9 -54.90 28.14 -16.21
CA GLN A 9 -56.35 28.05 -16.28
C GLN A 9 -56.89 28.48 -17.64
N ASN A 10 -56.23 29.45 -18.26
CA ASN A 10 -56.66 29.94 -19.58
C ASN A 10 -56.29 29.07 -20.76
N ILE A 11 -55.71 27.91 -20.50
CA ILE A 11 -55.34 27.03 -21.60
C ILE A 11 -56.59 26.34 -22.12
N PRO A 12 -56.78 26.37 -23.45
CA PRO A 12 -57.95 25.72 -24.03
C PRO A 12 -58.10 24.30 -23.54
N GLU A 13 -59.34 23.93 -23.23
CA GLU A 13 -59.63 22.59 -22.74
C GLU A 13 -59.49 21.55 -23.84
N THR A 14 -59.35 20.28 -23.45
CA THR A 14 -59.21 19.21 -24.42
C THR A 14 -60.55 18.52 -24.63
N ASN A 15 -61.05 18.57 -25.86
CA ASN A 15 -62.35 17.97 -26.18
C ASN A 15 -62.25 16.51 -26.57
N VAL A 16 -63.21 15.74 -26.07
CA VAL A 16 -63.25 14.32 -26.35
C VAL A 16 -64.67 13.91 -26.73
N THR A 17 -64.77 13.05 -27.74
CA THR A 17 -66.06 12.56 -28.16
C THR A 17 -65.84 11.14 -28.68
N THR A 18 -66.74 10.24 -28.36
CA THR A 18 -66.60 8.85 -28.78
C THR A 18 -67.57 8.48 -29.89
N LEU A 19 -67.10 7.72 -30.87
CA LEU A 19 -67.96 7.30 -31.98
C LEU A 19 -68.66 6.02 -31.56
N ASP A 20 -69.60 5.54 -32.38
CA ASP A 20 -70.32 4.32 -32.04
C ASP A 20 -69.41 3.10 -32.10
N ASN A 21 -68.43 3.14 -33.00
CA ASN A 21 -67.50 2.03 -33.17
C ASN A 21 -66.56 1.89 -31.98
N GLY A 22 -66.60 2.87 -31.07
CA GLY A 22 -65.76 2.81 -29.90
C GLY A 22 -64.51 3.67 -29.92
N LEU A 23 -64.19 4.23 -31.08
CA LEU A 23 -63.01 5.08 -31.19
C LEU A 23 -63.23 6.39 -30.46
N ARG A 24 -62.15 6.96 -29.94
CA ARG A 24 -62.23 8.22 -29.22
C ARG A 24 -61.49 9.31 -29.97
N VAL A 25 -62.13 10.48 -30.07
CA VAL A 25 -61.52 11.59 -30.79
C VAL A 25 -61.34 12.74 -29.82
N ALA A 26 -60.08 13.16 -29.66
CA ALA A 26 -59.77 14.25 -28.75
C ALA A 26 -58.82 15.22 -29.42
N SER A 27 -58.88 16.48 -29.01
CA SER A 27 -58.02 17.49 -29.59
C SER A 27 -57.99 18.74 -28.74
N GLU A 28 -56.90 19.49 -28.84
CA GLU A 28 -56.76 20.74 -28.11
C GLU A 28 -56.60 21.81 -29.17
N GLU A 29 -57.46 22.83 -29.09
CA GLU A 29 -57.47 23.91 -30.07
C GLU A 29 -56.59 25.12 -29.76
N SER A 30 -55.89 25.59 -30.79
CA SER A 30 -55.04 26.77 -30.68
C SER A 30 -55.28 27.57 -31.95
N SER A 31 -54.51 28.65 -32.13
CA SER A 31 -54.67 29.48 -33.32
C SER A 31 -53.47 29.32 -34.27
N GLN A 32 -53.00 28.08 -34.40
CA GLN A 32 -51.87 27.78 -35.27
C GLN A 32 -52.18 27.24 -36.66
N PRO A 33 -51.66 27.92 -37.69
CA PRO A 33 -51.84 27.57 -39.10
C PRO A 33 -51.35 26.17 -39.39
N THR A 34 -50.55 25.67 -38.46
CA THR A 34 -49.96 24.35 -38.58
C THR A 34 -50.52 23.46 -37.48
N CYS A 35 -50.59 22.16 -37.75
CA CYS A 35 -51.11 21.22 -36.75
C CYS A 35 -50.53 19.80 -36.86
N THR A 36 -50.87 18.96 -35.89
CA THR A 36 -50.44 17.58 -35.88
C THR A 36 -51.65 16.75 -35.51
N VAL A 37 -51.86 15.66 -36.23
CA VAL A 37 -52.96 14.76 -35.91
C VAL A 37 -52.46 13.34 -36.16
N GLY A 38 -52.93 12.41 -35.34
CA GLY A 38 -52.52 11.03 -35.48
C GLY A 38 -53.35 10.10 -34.63
N VAL A 39 -53.17 8.81 -34.84
CA VAL A 39 -53.92 7.83 -34.07
C VAL A 39 -52.99 7.05 -33.13
N TRP A 40 -53.28 7.15 -31.84
CA TRP A 40 -52.50 6.46 -30.81
C TRP A 40 -53.19 5.15 -30.46
N ILE A 41 -52.56 4.04 -30.83
CA ILE A 41 -53.10 2.72 -30.59
C ILE A 41 -52.52 2.09 -29.31
N GLY A 42 -53.38 1.41 -28.56
CA GLY A 42 -52.93 0.75 -27.36
C GLY A 42 -52.49 -0.63 -27.77
N ALA A 43 -51.37 -0.70 -28.47
CA ALA A 43 -50.81 -1.97 -28.93
C ALA A 43 -49.28 -1.89 -28.84
N GLY A 44 -48.62 -3.04 -28.93
CA GLY A 44 -47.18 -3.08 -28.82
C GLY A 44 -46.66 -4.48 -28.53
N SER A 45 -45.34 -4.60 -28.37
CA SER A 45 -44.69 -5.88 -28.11
C SER A 45 -45.31 -6.68 -26.96
N ARG A 46 -45.77 -5.98 -25.92
CA ARG A 46 -46.37 -6.69 -24.80
C ARG A 46 -47.57 -7.52 -25.23
N TYR A 47 -48.27 -7.07 -26.28
CA TYR A 47 -49.44 -7.78 -26.79
C TYR A 47 -49.03 -8.97 -27.67
N GLU A 48 -47.78 -9.00 -28.09
CA GLU A 48 -47.32 -10.08 -28.94
C GLU A 48 -46.94 -11.27 -28.06
N ASN A 49 -46.57 -12.37 -28.70
CA ASN A 49 -46.15 -13.56 -27.99
C ASN A 49 -44.90 -14.13 -28.66
N GLU A 50 -44.50 -15.31 -28.22
CA GLU A 50 -43.29 -15.97 -28.74
C GLU A 50 -43.25 -16.12 -30.26
N LYS A 51 -44.40 -16.34 -30.89
CA LYS A 51 -44.43 -16.53 -32.34
C LYS A 51 -44.50 -15.26 -33.20
N ASN A 52 -45.18 -14.23 -32.70
CA ASN A 52 -45.32 -12.97 -33.45
C ASN A 52 -44.61 -11.78 -32.82
N ASN A 53 -43.53 -12.04 -32.09
CA ASN A 53 -42.77 -10.95 -31.47
C ASN A 53 -42.07 -10.21 -32.61
N GLY A 54 -42.24 -8.89 -32.65
CA GLY A 54 -41.62 -8.11 -33.71
C GLY A 54 -42.56 -7.90 -34.89
N ALA A 55 -43.83 -8.26 -34.69
CA ALA A 55 -44.81 -8.07 -35.74
C ALA A 55 -45.20 -6.58 -35.73
N GLY A 56 -45.69 -6.08 -34.59
CA GLY A 56 -46.08 -4.69 -34.54
C GLY A 56 -45.01 -3.77 -35.11
N TYR A 57 -43.76 -4.22 -35.04
CA TYR A 57 -42.63 -3.42 -35.53
C TYR A 57 -42.57 -3.58 -37.03
N PHE A 58 -42.74 -4.83 -37.47
CA PHE A 58 -42.70 -5.15 -38.88
C PHE A 58 -43.79 -4.33 -39.55
N VAL A 59 -44.94 -4.25 -38.89
CA VAL A 59 -46.08 -3.49 -39.38
C VAL A 59 -45.69 -2.02 -39.47
N GLU A 60 -45.12 -1.48 -38.39
CA GLU A 60 -44.70 -0.08 -38.35
C GLU A 60 -43.88 0.29 -39.59
N HIS A 61 -43.24 -0.71 -40.19
CA HIS A 61 -42.44 -0.50 -41.38
C HIS A 61 -43.26 -0.43 -42.67
N LEU A 62 -44.40 -1.12 -42.68
CA LEU A 62 -45.25 -1.13 -43.87
C LEU A 62 -46.34 -0.07 -43.80
N ALA A 63 -46.66 0.40 -42.60
CA ALA A 63 -47.70 1.39 -42.42
C ALA A 63 -47.49 2.64 -43.27
N PHE A 64 -46.35 2.75 -43.92
CA PHE A 64 -46.07 3.93 -44.72
C PHE A 64 -45.72 3.60 -46.16
N LYS A 65 -45.71 2.32 -46.49
CA LYS A 65 -45.37 1.88 -47.83
C LYS A 65 -46.60 1.71 -48.71
N GLY A 66 -47.71 2.33 -48.33
CA GLY A 66 -48.91 2.23 -49.15
C GLY A 66 -50.09 1.40 -48.72
N THR A 67 -51.27 1.86 -49.14
CA THR A 67 -52.56 1.22 -48.83
C THR A 67 -53.20 0.56 -50.06
N LYS A 68 -54.42 0.09 -49.92
CA LYS A 68 -55.12 -0.54 -51.05
C LYS A 68 -55.59 0.54 -52.01
N LYS A 69 -56.25 1.57 -51.46
CA LYS A 69 -56.73 2.67 -52.27
C LYS A 69 -55.58 3.36 -53.01
N ARG A 70 -54.39 3.39 -52.40
CA ARG A 70 -53.27 4.05 -53.04
C ARG A 70 -51.89 3.45 -52.81
N PRO A 71 -51.34 2.77 -53.83
CA PRO A 71 -50.02 2.14 -53.75
C PRO A 71 -48.92 3.09 -53.28
N CYS A 72 -47.78 2.51 -52.95
CA CYS A 72 -46.62 3.24 -52.43
C CYS A 72 -46.37 4.64 -53.01
N ALA A 73 -45.83 4.70 -54.23
CA ALA A 73 -45.50 5.96 -54.87
C ALA A 73 -46.62 6.99 -54.72
N ALA A 74 -47.84 6.56 -55.02
CA ALA A 74 -49.02 7.43 -54.93
C ALA A 74 -49.17 7.95 -53.50
N PHE A 75 -49.11 7.04 -52.54
CA PHE A 75 -49.26 7.41 -51.14
C PHE A 75 -48.21 8.45 -50.71
N GLU A 76 -46.96 8.18 -51.04
CA GLU A 76 -45.87 9.06 -50.68
C GLU A 76 -45.98 10.44 -51.32
N LYS A 77 -46.11 10.43 -52.65
CA LYS A 77 -46.22 11.67 -53.41
C LYS A 77 -47.30 12.59 -52.81
N GLU A 78 -48.48 12.04 -52.61
CA GLU A 78 -49.58 12.81 -52.05
C GLU A 78 -49.24 13.50 -50.74
N VAL A 79 -48.58 12.78 -49.84
CA VAL A 79 -48.20 13.33 -48.55
C VAL A 79 -47.03 14.30 -48.68
N GLU A 80 -46.03 13.90 -49.45
CA GLU A 80 -44.86 14.75 -49.65
C GLU A 80 -45.28 16.07 -50.27
N SER A 81 -45.99 15.99 -51.39
CA SER A 81 -46.43 17.17 -52.12
C SER A 81 -47.29 18.15 -51.35
N MET A 82 -47.76 17.78 -50.17
CA MET A 82 -48.55 18.72 -49.39
C MET A 82 -47.76 19.27 -48.20
N GLY A 83 -46.46 18.94 -48.18
CA GLY A 83 -45.56 19.39 -47.13
C GLY A 83 -45.80 18.79 -45.76
N ALA A 84 -46.56 17.70 -45.73
CA ALA A 84 -46.87 17.01 -44.47
C ALA A 84 -45.77 16.03 -44.10
N HIS A 85 -45.63 15.81 -42.80
CA HIS A 85 -44.63 14.90 -42.27
C HIS A 85 -45.28 13.67 -41.69
N PHE A 86 -44.84 12.51 -42.14
CA PHE A 86 -45.41 11.29 -41.63
C PHE A 86 -44.45 10.48 -40.78
N ASN A 87 -44.70 10.47 -39.48
CA ASN A 87 -43.85 9.72 -38.58
C ASN A 87 -44.66 8.80 -37.70
N GLY A 88 -43.98 8.10 -36.81
CA GLY A 88 -44.67 7.17 -35.93
C GLY A 88 -43.71 6.23 -35.22
N TYR A 89 -44.23 5.48 -34.27
CA TYR A 89 -43.39 4.59 -33.51
C TYR A 89 -44.22 3.48 -32.89
N THR A 90 -43.52 2.44 -32.44
CA THR A 90 -44.14 1.30 -31.79
C THR A 90 -43.29 1.00 -30.55
N SER A 91 -43.93 0.84 -29.40
CA SER A 91 -43.21 0.54 -28.15
C SER A 91 -43.75 -0.74 -27.52
N ARG A 92 -43.63 -0.88 -26.20
CA ARG A 92 -44.07 -2.10 -25.52
C ARG A 92 -45.57 -2.18 -25.24
N GLU A 93 -46.17 -1.03 -24.95
CA GLU A 93 -47.60 -0.98 -24.67
C GLU A 93 -48.33 0.05 -25.54
N GLN A 94 -47.58 0.78 -26.37
CA GLN A 94 -48.19 1.84 -27.16
C GLN A 94 -47.60 2.06 -28.54
N THR A 95 -48.48 2.25 -29.52
CA THR A 95 -48.04 2.48 -30.89
C THR A 95 -48.62 3.82 -31.34
N ALA A 96 -48.03 4.42 -32.38
CA ALA A 96 -48.53 5.69 -32.88
C ALA A 96 -48.14 6.01 -34.33
N PHE A 97 -49.07 6.62 -35.05
CA PHE A 97 -48.84 7.05 -36.42
C PHE A 97 -49.40 8.46 -36.48
N TYR A 98 -48.55 9.44 -36.70
CA TYR A 98 -49.04 10.80 -36.75
C TYR A 98 -48.48 11.63 -37.91
N ILE A 99 -49.22 12.68 -38.25
CA ILE A 99 -48.86 13.57 -39.33
C ILE A 99 -48.83 15.03 -38.91
N LYS A 100 -47.80 15.73 -39.37
CA LYS A 100 -47.66 17.15 -39.11
C LYS A 100 -48.04 17.81 -40.43
N ALA A 101 -48.97 18.76 -40.39
CA ALA A 101 -49.41 19.45 -41.59
C ALA A 101 -50.09 20.77 -41.29
N LEU A 102 -50.61 21.38 -42.36
CA LEU A 102 -51.32 22.65 -42.29
C LEU A 102 -52.73 22.37 -41.80
N SER A 103 -53.16 23.10 -40.77
CA SER A 103 -54.50 22.91 -40.22
C SER A 103 -55.50 22.81 -41.37
N LYS A 104 -55.18 23.54 -42.43
CA LYS A 104 -55.99 23.59 -43.63
C LYS A 104 -56.20 22.20 -44.24
N ASP A 105 -55.42 21.21 -43.79
CA ASP A 105 -55.58 19.87 -44.35
C ASP A 105 -55.97 18.81 -43.34
N MET A 106 -56.26 19.24 -42.12
CA MET A 106 -56.66 18.33 -41.06
C MET A 106 -57.59 17.22 -41.57
N PRO A 107 -58.60 17.57 -42.38
CA PRO A 107 -59.52 16.56 -42.90
C PRO A 107 -58.92 15.52 -43.86
N LYS A 108 -58.11 15.97 -44.82
CA LYS A 108 -57.49 15.03 -45.77
C LYS A 108 -56.57 14.09 -45.00
N VAL A 109 -55.88 14.65 -44.01
CA VAL A 109 -54.96 13.90 -43.17
C VAL A 109 -55.72 12.77 -42.47
N VAL A 110 -56.79 13.13 -41.76
CA VAL A 110 -57.61 12.15 -41.06
C VAL A 110 -57.99 11.00 -41.98
N GLU A 111 -58.27 11.32 -43.24
CA GLU A 111 -58.62 10.30 -44.21
C GLU A 111 -57.40 9.41 -44.43
N LEU A 112 -56.24 10.05 -44.57
CA LEU A 112 -54.99 9.34 -44.78
C LEU A 112 -54.69 8.41 -43.61
N LEU A 113 -54.82 8.93 -42.40
CA LEU A 113 -54.55 8.14 -41.21
C LEU A 113 -55.39 6.88 -41.24
N ALA A 114 -56.70 7.07 -41.31
CA ALA A 114 -57.64 5.96 -41.34
C ALA A 114 -57.27 4.93 -42.41
N ASP A 115 -56.86 5.41 -43.57
CA ASP A 115 -56.50 4.53 -44.66
C ASP A 115 -55.27 3.66 -44.30
N VAL A 116 -54.34 4.26 -43.55
CA VAL A 116 -53.11 3.59 -43.13
C VAL A 116 -53.38 2.50 -42.10
N VAL A 117 -54.13 2.86 -41.06
CA VAL A 117 -54.46 1.91 -40.00
C VAL A 117 -55.46 0.84 -40.42
N GLN A 118 -56.27 1.10 -41.44
CA GLN A 118 -57.27 0.13 -41.88
C GLN A 118 -56.94 -0.67 -43.14
N ASN A 119 -56.39 -0.01 -44.15
CA ASN A 119 -56.12 -0.69 -45.41
C ASN A 119 -54.67 -0.75 -45.85
N CYS A 120 -53.79 -1.20 -44.97
CA CYS A 120 -52.37 -1.29 -45.35
C CYS A 120 -52.23 -2.37 -46.42
N ALA A 121 -51.58 -2.01 -47.51
CA ALA A 121 -51.38 -2.93 -48.62
C ALA A 121 -50.65 -4.22 -48.26
N LEU A 122 -49.72 -4.14 -47.32
CA LEU A 122 -48.94 -5.31 -46.93
C LEU A 122 -48.47 -6.01 -48.19
N GLU A 123 -47.86 -5.24 -49.08
CA GLU A 123 -47.36 -5.78 -50.32
C GLU A 123 -46.45 -6.98 -50.05
N GLU A 124 -46.83 -8.12 -50.60
CA GLU A 124 -46.07 -9.35 -50.42
C GLU A 124 -44.58 -9.17 -50.69
N SER A 125 -44.25 -8.38 -51.70
CA SER A 125 -42.87 -8.12 -52.10
C SER A 125 -42.17 -7.10 -51.20
N GLN A 126 -42.96 -6.17 -50.65
CA GLN A 126 -42.44 -5.14 -49.77
C GLN A 126 -42.03 -5.81 -48.46
N ILE A 127 -42.83 -6.78 -48.04
CA ILE A 127 -42.56 -7.52 -46.82
C ILE A 127 -41.17 -8.15 -46.83
N GLU A 128 -40.82 -8.84 -47.91
CA GLU A 128 -39.50 -9.46 -48.00
C GLU A 128 -38.41 -8.41 -48.04
N LYS A 129 -38.75 -7.25 -48.58
CA LYS A 129 -37.80 -6.16 -48.69
C LYS A 129 -37.52 -5.55 -47.32
N GLU A 130 -38.57 -5.30 -46.54
CA GLU A 130 -38.41 -4.72 -45.21
C GLU A 130 -37.79 -5.70 -44.23
N ARG A 131 -37.95 -6.98 -44.54
CA ARG A 131 -37.41 -8.06 -43.72
C ARG A 131 -35.90 -7.88 -43.62
N GLY A 132 -35.29 -7.42 -44.70
CA GLY A 132 -33.85 -7.22 -44.72
C GLY A 132 -33.45 -5.89 -44.09
N VAL A 133 -34.32 -4.90 -44.23
CA VAL A 133 -34.09 -3.58 -43.64
C VAL A 133 -34.12 -3.70 -42.13
N ILE A 134 -35.16 -4.35 -41.63
CA ILE A 134 -35.29 -4.55 -40.19
C ILE A 134 -34.06 -5.29 -39.68
N LEU A 135 -33.62 -6.33 -40.39
CA LEU A 135 -32.44 -7.06 -39.91
C LEU A 135 -31.22 -6.15 -39.81
N GLN A 136 -31.16 -5.12 -40.63
CA GLN A 136 -30.02 -4.21 -40.57
C GLN A 136 -30.20 -3.27 -39.40
N GLU A 137 -31.45 -2.90 -39.12
CA GLU A 137 -31.69 -2.00 -38.01
C GLU A 137 -31.39 -2.66 -36.68
N LEU A 138 -31.47 -3.99 -36.62
CA LEU A 138 -31.18 -4.71 -35.38
C LEU A 138 -29.69 -4.68 -35.11
N LYS A 139 -28.88 -4.70 -36.16
CA LYS A 139 -27.43 -4.66 -35.99
C LYS A 139 -27.00 -3.23 -35.66
N GLU A 140 -27.75 -2.26 -36.14
CA GLU A 140 -27.42 -0.88 -35.85
C GLU A 140 -27.69 -0.62 -34.38
N MET A 141 -28.84 -1.07 -33.90
CA MET A 141 -29.24 -0.87 -32.51
C MET A 141 -28.44 -1.69 -31.53
N ASP A 142 -27.80 -2.75 -32.01
CA ASP A 142 -27.02 -3.62 -31.15
C ASP A 142 -25.78 -2.89 -30.68
N ASN A 143 -25.49 -1.76 -31.30
CA ASN A 143 -24.33 -0.97 -30.92
C ASN A 143 -24.74 0.19 -30.05
N ASP A 144 -26.03 0.28 -29.76
CA ASP A 144 -26.54 1.35 -28.92
C ASP A 144 -26.64 0.82 -27.49
N MET A 145 -25.51 0.86 -26.78
CA MET A 145 -25.42 0.39 -25.41
C MET A 145 -26.60 0.76 -24.55
N THR A 146 -26.95 2.04 -24.57
CA THR A 146 -28.07 2.51 -23.76
C THR A 146 -29.34 1.71 -24.02
N ASN A 147 -29.61 1.41 -25.28
CA ASN A 147 -30.80 0.65 -25.60
C ASN A 147 -30.63 -0.84 -25.39
N VAL A 148 -29.41 -1.33 -25.54
CA VAL A 148 -29.13 -2.75 -25.29
C VAL A 148 -29.33 -2.95 -23.79
N THR A 149 -28.87 -1.96 -23.01
CA THR A 149 -28.97 -2.01 -21.57
C THR A 149 -30.41 -1.95 -21.08
N PHE A 150 -31.24 -1.11 -21.69
CA PHE A 150 -32.61 -1.06 -21.25
C PHE A 150 -33.38 -2.31 -21.66
N ASP A 151 -33.03 -2.86 -22.82
CA ASP A 151 -33.69 -4.09 -23.25
C ASP A 151 -33.38 -5.18 -22.23
N TYR A 152 -32.09 -5.30 -21.90
CA TYR A 152 -31.66 -6.29 -20.92
C TYR A 152 -32.33 -6.03 -19.59
N LEU A 153 -32.47 -4.76 -19.22
CA LEU A 153 -33.12 -4.44 -17.95
C LEU A 153 -34.54 -5.03 -17.92
N HIS A 154 -35.26 -4.92 -19.03
CA HIS A 154 -36.61 -5.49 -19.11
C HIS A 154 -36.52 -7.01 -19.22
N ALA A 155 -35.53 -7.48 -19.99
CA ALA A 155 -35.39 -8.91 -20.16
C ALA A 155 -35.27 -9.67 -18.84
N THR A 156 -34.63 -9.06 -17.83
CA THR A 156 -34.47 -9.72 -16.54
C THR A 156 -35.50 -9.28 -15.50
N ALA A 157 -35.77 -7.97 -15.44
CA ALA A 157 -36.72 -7.42 -14.48
C ALA A 157 -38.09 -8.07 -14.65
N PHE A 158 -38.43 -8.40 -15.90
CA PHE A 158 -39.71 -9.02 -16.21
C PHE A 158 -39.50 -10.37 -16.90
N GLN A 159 -38.42 -11.07 -16.53
CA GLN A 159 -38.13 -12.37 -17.14
C GLN A 159 -39.33 -13.32 -17.03
N GLY A 160 -39.49 -14.15 -18.04
CA GLY A 160 -40.60 -15.09 -18.01
C GLY A 160 -41.92 -14.50 -18.49
N THR A 161 -42.01 -13.17 -18.55
CA THR A 161 -43.24 -12.54 -18.97
C THR A 161 -43.14 -11.84 -20.31
N ALA A 162 -44.18 -11.05 -20.63
CA ALA A 162 -44.29 -10.34 -21.91
C ALA A 162 -43.47 -9.07 -22.01
N LEU A 163 -43.30 -8.36 -20.90
CA LEU A 163 -42.52 -7.15 -20.95
C LEU A 163 -41.03 -7.47 -21.10
N ALA A 164 -40.69 -8.74 -21.02
CA ALA A 164 -39.30 -9.17 -21.14
C ALA A 164 -38.84 -9.02 -22.59
N ARG A 165 -39.77 -9.22 -23.53
CA ARG A 165 -39.46 -9.11 -24.94
C ARG A 165 -39.13 -7.67 -25.36
N THR A 166 -38.35 -7.56 -26.44
CA THR A 166 -37.97 -6.26 -26.97
C THR A 166 -39.03 -5.82 -27.97
N VAL A 167 -39.05 -4.53 -28.30
CA VAL A 167 -40.02 -4.03 -29.26
C VAL A 167 -39.75 -4.52 -30.68
N GLU A 168 -38.50 -4.48 -31.10
CA GLU A 168 -38.16 -4.90 -32.44
C GLU A 168 -38.38 -6.38 -32.73
N GLY A 169 -38.32 -7.23 -31.70
CA GLY A 169 -38.53 -8.65 -31.93
C GLY A 169 -37.26 -9.47 -32.11
N THR A 170 -37.42 -10.78 -32.31
CA THR A 170 -36.33 -11.72 -32.48
C THR A 170 -35.84 -11.83 -33.90
N THR A 171 -34.66 -12.43 -34.08
CA THR A 171 -34.11 -12.63 -35.41
C THR A 171 -34.91 -13.72 -36.11
N GLU A 172 -35.32 -14.76 -35.38
CA GLU A 172 -36.10 -15.84 -35.98
C GLU A 172 -37.47 -15.39 -36.44
N ASN A 173 -38.09 -14.51 -35.65
CA ASN A 173 -39.40 -13.99 -36.00
C ASN A 173 -39.29 -13.15 -37.28
N ILE A 174 -38.37 -12.20 -37.27
CA ILE A 174 -38.19 -11.35 -38.43
C ILE A 174 -37.86 -12.15 -39.67
N LYS A 175 -37.21 -13.29 -39.51
CA LYS A 175 -36.86 -14.11 -40.66
C LYS A 175 -38.00 -14.97 -41.16
N HIS A 176 -39.03 -15.12 -40.32
CA HIS A 176 -40.17 -15.96 -40.69
C HIS A 176 -41.56 -15.39 -40.50
N LEU A 177 -41.69 -14.08 -40.25
CA LEU A 177 -43.02 -13.53 -40.08
C LEU A 177 -43.73 -13.51 -41.42
N THR A 178 -44.96 -14.02 -41.43
CA THR A 178 -45.76 -14.12 -42.63
C THR A 178 -46.71 -12.97 -42.91
N ARG A 179 -46.97 -12.76 -44.20
CA ARG A 179 -47.88 -11.72 -44.65
C ARG A 179 -49.17 -11.87 -43.86
N ALA A 180 -49.51 -13.11 -43.54
CA ALA A 180 -50.72 -13.42 -42.79
C ALA A 180 -50.61 -13.00 -41.32
N ASP A 181 -49.41 -13.14 -40.76
CA ASP A 181 -49.14 -12.79 -39.37
C ASP A 181 -49.29 -11.30 -39.17
N LEU A 182 -48.71 -10.52 -40.08
CA LEU A 182 -48.79 -9.07 -39.97
C LEU A 182 -50.26 -8.67 -40.09
N ALA A 183 -50.94 -9.32 -41.05
CA ALA A 183 -52.35 -9.06 -41.28
C ALA A 183 -53.13 -9.37 -40.02
N SER A 184 -52.87 -10.53 -39.45
CA SER A 184 -53.54 -10.95 -38.24
C SER A 184 -53.27 -9.93 -37.14
N TYR A 185 -52.02 -9.49 -37.04
CA TYR A 185 -51.66 -8.53 -36.02
C TYR A 185 -52.56 -7.31 -36.14
N ILE A 186 -52.57 -6.73 -37.33
CA ILE A 186 -53.35 -5.54 -37.58
C ILE A 186 -54.82 -5.67 -37.23
N ASP A 187 -55.43 -6.75 -37.66
CA ASP A 187 -56.86 -6.96 -37.39
C ASP A 187 -57.13 -7.18 -35.92
N THR A 188 -56.20 -7.88 -35.27
CA THR A 188 -56.36 -8.17 -33.86
C THR A 188 -56.21 -6.97 -32.96
N HIS A 189 -55.26 -6.09 -33.29
CA HIS A 189 -54.98 -4.94 -32.44
C HIS A 189 -55.41 -3.55 -32.88
N PHE A 190 -55.25 -3.23 -34.14
CA PHE A 190 -55.65 -1.90 -34.60
C PHE A 190 -57.18 -1.85 -34.64
N LYS A 191 -57.79 -1.67 -33.47
CA LYS A 191 -59.25 -1.62 -33.37
C LYS A 191 -59.80 -0.39 -32.64
N ALA A 192 -60.83 0.19 -33.26
CA ALA A 192 -61.49 1.40 -32.77
C ALA A 192 -61.48 1.67 -31.26
N PRO A 193 -62.05 0.77 -30.45
CA PRO A 193 -62.06 1.01 -29.00
C PRO A 193 -60.67 1.13 -28.36
N ARG A 194 -59.65 0.59 -29.04
CA ARG A 194 -58.28 0.64 -28.54
C ARG A 194 -57.45 1.75 -29.20
N MET A 195 -58.09 2.61 -29.98
CA MET A 195 -57.39 3.70 -30.66
C MET A 195 -57.87 5.07 -30.20
N VAL A 196 -57.06 6.08 -30.46
CA VAL A 196 -57.41 7.44 -30.10
C VAL A 196 -56.98 8.41 -31.20
N LEU A 197 -57.95 9.13 -31.79
CA LEU A 197 -57.64 10.11 -32.81
C LEU A 197 -57.37 11.40 -32.06
N ALA A 198 -56.13 11.83 -32.07
CA ALA A 198 -55.73 13.03 -31.37
C ALA A 198 -55.25 14.06 -32.36
N ALA A 199 -55.43 15.32 -32.00
CA ALA A 199 -55.02 16.42 -32.86
C ALA A 199 -54.80 17.68 -32.02
N ALA A 200 -53.89 18.52 -32.46
CA ALA A 200 -53.62 19.77 -31.77
C ALA A 200 -53.18 20.79 -32.79
N GLY A 201 -53.50 22.05 -32.52
CA GLY A 201 -53.16 23.14 -33.43
C GLY A 201 -54.41 23.96 -33.74
N GLY A 202 -54.49 24.45 -34.98
CA GLY A 202 -55.65 25.24 -35.38
C GLY A 202 -56.66 24.35 -36.07
N ILE A 203 -57.43 23.61 -35.27
CA ILE A 203 -58.41 22.70 -35.83
C ILE A 203 -59.74 22.70 -35.09
N SER A 204 -60.80 22.49 -35.84
CA SER A 204 -62.14 22.44 -35.28
C SER A 204 -62.37 21.04 -34.75
N HIS A 205 -62.70 20.96 -33.46
CA HIS A 205 -62.96 19.66 -32.86
C HIS A 205 -64.09 18.99 -33.64
N LYS A 206 -65.14 19.77 -33.93
CA LYS A 206 -66.31 19.25 -34.66
C LYS A 206 -65.98 18.88 -36.10
N GLU A 207 -65.02 19.55 -36.72
CA GLU A 207 -64.65 19.22 -38.08
C GLU A 207 -63.79 17.96 -38.05
N LEU A 208 -62.99 17.86 -37.00
CA LEU A 208 -62.12 16.72 -36.78
C LEU A 208 -63.00 15.49 -36.60
N VAL A 209 -63.93 15.59 -35.64
CA VAL A 209 -64.82 14.47 -35.36
C VAL A 209 -65.71 14.12 -36.56
N ASP A 210 -65.97 15.09 -37.43
CA ASP A 210 -66.78 14.85 -38.61
C ASP A 210 -66.05 13.97 -39.60
N ALA A 211 -64.84 14.36 -39.97
CA ALA A 211 -64.03 13.59 -40.89
C ALA A 211 -63.78 12.22 -40.27
N ALA A 212 -63.72 12.22 -38.94
CA ALA A 212 -63.51 11.00 -38.17
C ALA A 212 -64.67 10.05 -38.41
N ARG A 213 -65.89 10.56 -38.29
CA ARG A 213 -67.08 9.76 -38.51
C ARG A 213 -67.10 9.21 -39.93
N GLN A 214 -66.65 10.04 -40.87
CA GLN A 214 -66.63 9.65 -42.27
C GLN A 214 -65.62 8.56 -42.63
N HIS A 215 -64.45 8.58 -42.01
CA HIS A 215 -63.42 7.59 -42.34
C HIS A 215 -63.16 6.48 -41.32
N PHE A 216 -63.44 6.75 -40.06
CA PHE A 216 -63.25 5.72 -39.04
C PHE A 216 -64.65 5.19 -38.77
N SER A 217 -65.07 4.28 -39.62
CA SER A 217 -66.38 3.67 -39.55
C SER A 217 -66.35 2.22 -39.04
N GLY A 218 -66.28 1.28 -39.98
CA GLY A 218 -66.24 -0.14 -39.67
C GLY A 218 -66.58 -0.57 -38.25
N VAL A 219 -67.81 -0.33 -37.82
CA VAL A 219 -68.24 -0.69 -36.47
C VAL A 219 -68.25 -2.21 -36.27
N SER A 220 -68.25 -2.62 -35.01
CA SER A 220 -68.24 -4.03 -34.62
C SER A 220 -69.64 -4.56 -34.27
N PHE A 221 -69.83 -5.86 -34.46
CA PHE A 221 -71.11 -6.48 -34.16
C PHE A 221 -71.12 -7.20 -32.82
N THR A 222 -70.21 -8.13 -32.62
CA THR A 222 -70.14 -8.88 -31.38
C THR A 222 -69.59 -8.05 -30.23
N TYR A 223 -69.67 -8.61 -29.03
CA TYR A 223 -69.19 -7.96 -27.82
C TYR A 223 -67.68 -8.12 -27.69
N LYS A 224 -67.17 -9.22 -28.22
CA LYS A 224 -65.75 -9.50 -28.16
C LYS A 224 -64.95 -8.52 -29.01
N GLU A 225 -65.65 -7.80 -29.90
CA GLU A 225 -64.99 -6.85 -30.76
C GLU A 225 -64.89 -5.44 -30.18
N ASP A 226 -65.66 -5.13 -29.15
CA ASP A 226 -65.62 -3.78 -28.60
C ASP A 226 -65.09 -3.67 -27.17
N ALA A 227 -64.65 -4.82 -26.66
CA ALA A 227 -64.08 -4.96 -25.32
C ALA A 227 -62.57 -4.83 -25.43
N VAL A 228 -61.97 -4.02 -24.57
CA VAL A 228 -60.53 -3.82 -24.54
C VAL A 228 -59.94 -4.87 -23.59
N PRO A 229 -59.22 -5.87 -24.15
CA PRO A 229 -58.60 -6.96 -23.38
C PRO A 229 -57.60 -6.52 -22.31
N ILE A 230 -57.78 -7.03 -21.09
CA ILE A 230 -56.86 -6.69 -20.01
C ILE A 230 -55.70 -7.69 -20.14
N LEU A 231 -54.48 -7.16 -20.17
CA LEU A 231 -53.30 -8.03 -20.32
C LEU A 231 -52.93 -8.74 -19.03
N PRO A 232 -52.35 -9.94 -19.16
CA PRO A 232 -51.95 -10.69 -17.95
C PRO A 232 -50.75 -9.99 -17.31
N ARG A 233 -50.76 -9.95 -15.98
CA ARG A 233 -49.68 -9.30 -15.21
C ARG A 233 -48.28 -9.82 -15.52
N CYS A 234 -47.32 -8.91 -15.48
CA CYS A 234 -45.93 -9.27 -15.70
C CYS A 234 -45.23 -9.24 -14.34
N ARG A 235 -44.76 -10.41 -13.92
CA ARG A 235 -44.06 -10.54 -12.64
C ARG A 235 -42.69 -9.84 -12.62
N PHE A 236 -42.45 -9.07 -11.57
CA PHE A 236 -41.15 -8.42 -11.44
C PHE A 236 -40.21 -9.38 -10.71
N THR A 237 -38.92 -9.32 -11.05
CA THR A 237 -37.95 -10.18 -10.40
C THR A 237 -36.67 -9.45 -10.06
N GLY A 238 -36.31 -9.47 -8.78
CA GLY A 238 -35.05 -8.85 -8.37
C GLY A 238 -33.96 -9.74 -8.94
N SER A 239 -33.18 -9.24 -9.87
CA SER A 239 -32.15 -10.07 -10.47
C SER A 239 -31.18 -9.22 -11.29
N GLU A 240 -30.29 -9.89 -12.01
CA GLU A 240 -29.30 -9.19 -12.83
C GLU A 240 -28.88 -10.00 -14.04
N ILE A 241 -28.48 -9.29 -15.08
CA ILE A 241 -27.97 -9.90 -16.29
C ILE A 241 -26.68 -9.11 -16.52
N ARG A 242 -25.56 -9.82 -16.66
CA ARG A 242 -24.25 -9.19 -16.87
C ARG A 242 -23.68 -9.65 -18.19
N ALA A 243 -23.57 -8.71 -19.12
CA ALA A 243 -23.03 -8.99 -20.45
C ALA A 243 -21.68 -8.29 -20.49
N ARG A 244 -20.63 -9.06 -20.31
CA ARG A 244 -19.30 -8.51 -20.28
C ARG A 244 -18.50 -8.54 -21.57
N ASP A 245 -17.89 -7.40 -21.88
CA ASP A 245 -17.03 -7.27 -23.04
C ASP A 245 -16.05 -6.15 -22.73
N ASP A 246 -14.88 -6.55 -22.24
CA ASP A 246 -13.86 -5.59 -21.88
C ASP A 246 -13.33 -4.82 -23.09
N ALA A 247 -13.73 -5.25 -24.29
CA ALA A 247 -13.30 -4.57 -25.51
C ALA A 247 -14.10 -3.28 -25.72
N LEU A 248 -15.21 -3.12 -25.00
CA LEU A 248 -16.00 -1.90 -25.11
C LEU A 248 -15.32 -0.82 -24.28
N PRO A 249 -15.33 0.42 -24.77
CA PRO A 249 -14.69 1.55 -24.08
C PRO A 249 -15.27 1.97 -22.74
N VAL A 250 -16.59 2.02 -22.62
CA VAL A 250 -17.23 2.42 -21.36
C VAL A 250 -18.21 1.34 -20.94
N ALA A 251 -18.70 1.42 -19.71
CA ALA A 251 -19.66 0.44 -19.24
C ALA A 251 -21.00 1.10 -18.94
N HIS A 252 -22.07 0.39 -19.24
CA HIS A 252 -23.40 0.90 -18.96
C HIS A 252 -24.01 0.06 -17.85
N VAL A 253 -24.63 0.73 -16.89
CA VAL A 253 -25.27 0.04 -15.79
C VAL A 253 -26.66 0.64 -15.58
N ALA A 254 -27.64 -0.22 -15.32
CA ALA A 254 -29.01 0.22 -15.07
C ALA A 254 -29.55 -0.59 -13.92
N LEU A 255 -30.05 0.09 -12.91
CA LEU A 255 -30.62 -0.57 -11.75
C LEU A 255 -32.05 -0.06 -11.57
N ALA A 256 -32.97 -0.93 -11.20
CA ALA A 256 -34.36 -0.48 -11.03
C ALA A 256 -35.23 -1.37 -10.16
N VAL A 257 -36.24 -0.76 -9.56
CA VAL A 257 -37.20 -1.46 -8.72
C VAL A 257 -38.53 -1.42 -9.48
N GLU A 258 -39.52 -2.22 -9.07
CA GLU A 258 -40.82 -2.21 -9.78
C GLU A 258 -41.56 -0.89 -9.49
N GLY A 259 -42.18 -0.33 -10.53
CA GLY A 259 -42.91 0.92 -10.39
C GLY A 259 -44.39 0.62 -10.24
N PRO A 260 -45.21 1.60 -9.83
CA PRO A 260 -46.65 1.40 -9.65
C PRO A 260 -47.53 1.18 -10.89
N GLY A 261 -47.31 1.96 -11.94
CA GLY A 261 -48.18 1.80 -13.10
C GLY A 261 -48.93 3.11 -13.28
N TRP A 262 -49.21 3.47 -14.53
CA TRP A 262 -49.89 4.73 -14.86
C TRP A 262 -50.86 5.35 -13.84
N ALA A 263 -52.02 4.72 -13.69
CA ALA A 263 -53.06 5.23 -12.80
C ALA A 263 -52.69 5.62 -11.37
N ASP A 264 -51.58 5.13 -10.84
CA ASP A 264 -51.21 5.45 -9.47
C ASP A 264 -50.68 6.88 -9.27
N PRO A 265 -51.29 7.62 -8.33
CA PRO A 265 -50.93 9.00 -7.99
C PRO A 265 -49.50 9.16 -7.47
N ASP A 266 -48.97 8.09 -6.85
CA ASP A 266 -47.61 8.12 -6.31
C ASP A 266 -46.59 8.54 -7.38
N ASN A 267 -46.93 8.27 -8.64
CA ASN A 267 -46.06 8.62 -9.75
C ASN A 267 -45.65 10.08 -9.74
N VAL A 268 -46.51 10.95 -9.22
CA VAL A 268 -46.17 12.36 -9.19
C VAL A 268 -45.02 12.54 -8.23
N VAL A 269 -45.06 11.77 -7.14
CA VAL A 269 -44.01 11.87 -6.14
C VAL A 269 -42.69 11.28 -6.65
N LEU A 270 -42.77 10.12 -7.31
CA LEU A 270 -41.58 9.49 -7.84
C LEU A 270 -40.86 10.44 -8.81
N HIS A 271 -41.66 11.13 -9.64
CA HIS A 271 -41.11 12.09 -10.62
C HIS A 271 -40.47 13.28 -9.92
N VAL A 272 -40.96 13.61 -8.73
CA VAL A 272 -40.38 14.72 -7.99
C VAL A 272 -39.06 14.21 -7.47
N ALA A 273 -39.10 12.99 -6.91
CA ALA A 273 -37.92 12.31 -6.36
C ALA A 273 -36.83 12.23 -7.43
N ASN A 274 -37.19 11.70 -8.59
CA ASN A 274 -36.20 11.62 -9.66
C ASN A 274 -35.66 13.01 -9.97
N ALA A 275 -36.49 14.02 -9.78
CA ALA A 275 -36.09 15.40 -10.04
C ALA A 275 -34.99 15.85 -9.08
N ILE A 276 -35.03 15.34 -7.85
CA ILE A 276 -34.00 15.70 -6.88
C ILE A 276 -32.64 15.17 -7.33
N ILE A 277 -32.59 13.90 -7.70
CA ILE A 277 -31.36 13.24 -8.17
C ILE A 277 -31.02 13.74 -9.55
N GLY A 278 -32.06 14.03 -10.33
CA GLY A 278 -31.87 14.55 -11.66
C GLY A 278 -31.09 13.69 -12.65
N ARG A 279 -30.15 14.34 -13.34
CA ARG A 279 -29.35 13.67 -14.35
C ARG A 279 -28.11 14.49 -14.64
N TYR A 280 -27.24 13.99 -15.52
CA TYR A 280 -26.01 14.68 -15.79
C TYR A 280 -25.23 14.06 -16.94
N ASP A 281 -24.31 14.84 -17.49
CA ASP A 281 -23.43 14.36 -18.54
C ASP A 281 -22.29 15.36 -18.62
N ARG A 282 -21.14 14.91 -19.08
CA ARG A 282 -19.95 15.74 -19.16
C ARG A 282 -19.99 17.06 -19.91
N THR A 283 -21.16 17.54 -20.28
CA THR A 283 -21.22 18.82 -20.98
C THR A 283 -22.16 19.79 -20.27
N PHE A 284 -22.49 19.49 -19.01
CA PHE A 284 -23.34 20.36 -18.21
C PHE A 284 -22.44 21.45 -17.65
N GLY A 285 -22.38 22.61 -18.32
CA GLY A 285 -21.53 23.68 -17.85
C GLY A 285 -21.58 23.87 -16.34
N GLY A 286 -22.78 23.70 -15.76
CA GLY A 286 -22.95 23.88 -14.33
C GLY A 286 -21.80 23.32 -13.53
N GLY A 287 -21.31 22.15 -13.94
CA GLY A 287 -20.18 21.51 -13.28
C GLY A 287 -20.37 21.14 -11.82
N LYS A 288 -19.33 21.40 -11.04
CA LYS A 288 -19.32 21.10 -9.62
C LYS A 288 -20.29 21.89 -8.77
N HIS A 289 -21.14 22.70 -9.39
CA HIS A 289 -22.08 23.47 -8.58
C HIS A 289 -23.51 23.04 -8.75
N LEU A 290 -23.71 22.03 -9.59
CA LEU A 290 -25.02 21.49 -9.85
C LEU A 290 -25.72 21.15 -8.54
N SER A 291 -27.03 21.38 -8.50
CA SER A 291 -27.84 21.13 -7.30
C SER A 291 -27.93 19.64 -6.98
N SER A 292 -28.02 18.79 -8.01
CA SER A 292 -28.10 17.35 -7.78
C SER A 292 -26.80 16.87 -7.13
N ARG A 293 -26.92 16.41 -5.89
CA ARG A 293 -25.75 15.94 -5.17
C ARG A 293 -24.95 14.92 -5.98
N LEU A 294 -25.63 13.90 -6.50
CA LEU A 294 -24.97 12.87 -7.28
C LEU A 294 -24.22 13.51 -8.42
N ALA A 295 -24.85 14.47 -9.09
CA ALA A 295 -24.20 15.15 -10.20
C ALA A 295 -22.94 15.85 -9.69
N ALA A 296 -23.04 16.48 -8.52
CA ALA A 296 -21.89 17.17 -7.95
C ALA A 296 -20.72 16.21 -7.72
N LEU A 297 -21.00 15.07 -7.08
CA LEU A 297 -20.00 14.04 -6.79
C LEU A 297 -19.42 13.47 -8.09
N ALA A 298 -20.28 13.29 -9.09
CA ALA A 298 -19.82 12.78 -10.36
C ALA A 298 -18.73 13.71 -10.88
N VAL A 299 -18.96 15.01 -10.79
CA VAL A 299 -17.99 15.98 -11.27
C VAL A 299 -16.71 15.97 -10.43
N GLU A 300 -16.87 16.01 -9.11
CA GLU A 300 -15.73 16.04 -8.21
C GLU A 300 -14.86 14.79 -8.31
N HIS A 301 -15.50 13.64 -8.41
CA HIS A 301 -14.75 12.40 -8.46
C HIS A 301 -14.68 11.77 -9.83
N LYS A 302 -15.26 12.44 -10.82
CA LYS A 302 -15.23 11.94 -12.19
C LYS A 302 -15.76 10.50 -12.20
N LEU A 303 -16.92 10.35 -11.59
CA LEU A 303 -17.59 9.07 -11.46
C LEU A 303 -18.18 8.51 -12.74
N CYS A 304 -18.60 9.37 -13.66
CA CYS A 304 -19.21 8.88 -14.91
C CYS A 304 -19.19 9.88 -16.02
N HIS A 305 -19.59 9.41 -17.21
CA HIS A 305 -19.66 10.23 -18.41
C HIS A 305 -21.06 10.85 -18.42
N SER A 306 -21.99 10.15 -17.79
CA SER A 306 -23.37 10.60 -17.73
C SER A 306 -24.16 9.65 -16.85
N PHE A 307 -25.32 10.12 -16.39
CA PHE A 307 -26.20 9.30 -15.59
C PHE A 307 -27.58 9.90 -15.73
N GLN A 308 -28.60 9.12 -15.46
CA GLN A 308 -29.96 9.60 -15.62
C GLN A 308 -30.91 8.77 -14.82
N THR A 309 -31.93 9.41 -14.26
CA THR A 309 -32.93 8.67 -13.50
C THR A 309 -34.11 8.48 -14.42
N PHE A 310 -35.01 7.59 -14.05
CA PHE A 310 -36.19 7.37 -14.86
C PHE A 310 -37.30 6.71 -14.06
N ASN A 311 -38.53 6.91 -14.52
CA ASN A 311 -39.71 6.32 -13.90
C ASN A 311 -40.64 5.89 -15.02
N THR A 312 -40.24 4.85 -15.73
CA THR A 312 -41.01 4.32 -16.83
C THR A 312 -42.27 3.62 -16.35
N SER A 313 -43.42 4.08 -16.84
CA SER A 313 -44.71 3.51 -16.46
C SER A 313 -45.32 2.60 -17.51
N TYR A 314 -46.33 1.85 -17.09
CA TYR A 314 -47.06 0.94 -17.95
C TYR A 314 -48.44 0.80 -17.31
N SER A 315 -49.30 0.01 -17.92
CA SER A 315 -50.64 -0.15 -17.37
C SER A 315 -50.68 -0.58 -15.92
N ASP A 316 -50.03 -1.70 -15.62
CA ASP A 316 -50.02 -2.30 -14.28
C ASP A 316 -48.68 -2.39 -13.56
N THR A 317 -47.64 -1.82 -14.15
CA THR A 317 -46.32 -1.90 -13.53
C THR A 317 -45.39 -0.84 -14.10
N GLY A 318 -44.11 -0.88 -13.73
CA GLY A 318 -43.18 0.10 -14.25
C GLY A 318 -41.79 -0.12 -13.70
N LEU A 319 -40.85 0.64 -14.24
CA LEU A 319 -39.46 0.55 -13.82
C LEU A 319 -38.95 1.88 -13.32
N PHE A 320 -38.65 1.95 -12.03
CA PHE A 320 -38.12 3.16 -11.42
C PHE A 320 -36.65 2.91 -11.15
N GLY A 321 -35.76 3.67 -11.78
CA GLY A 321 -34.35 3.43 -11.54
C GLY A 321 -33.43 4.50 -12.09
N PHE A 322 -32.20 4.10 -12.41
CA PHE A 322 -31.22 5.01 -12.97
C PHE A 322 -30.27 4.25 -13.88
N HIS A 323 -29.55 4.99 -14.71
CA HIS A 323 -28.61 4.40 -15.65
C HIS A 323 -27.42 5.32 -15.76
N PHE A 324 -26.23 4.75 -15.81
CA PHE A 324 -25.04 5.56 -15.95
C PHE A 324 -24.04 4.90 -16.87
N VAL A 325 -23.09 5.71 -17.37
CA VAL A 325 -22.05 5.26 -18.26
C VAL A 325 -20.76 5.68 -17.59
N ALA A 326 -19.86 4.74 -17.37
CA ALA A 326 -18.62 5.08 -16.71
C ALA A 326 -17.46 4.28 -17.25
N ASP A 327 -16.25 4.71 -16.90
CA ASP A 327 -15.03 4.03 -17.30
C ASP A 327 -14.98 2.78 -16.45
N PRO A 328 -14.36 1.71 -16.97
CA PRO A 328 -14.30 0.49 -16.19
C PRO A 328 -13.84 0.67 -14.76
N LEU A 329 -12.97 1.65 -14.51
CA LEU A 329 -12.45 1.85 -13.15
C LEU A 329 -13.18 2.77 -12.22
N SER A 330 -14.34 3.27 -12.61
CA SER A 330 -15.07 4.14 -11.70
C SER A 330 -16.50 3.68 -11.45
N ILE A 331 -16.82 2.50 -11.95
CA ILE A 331 -18.15 1.96 -11.79
C ILE A 331 -18.57 1.79 -10.33
N ASP A 332 -17.68 1.19 -9.55
CA ASP A 332 -17.98 0.92 -8.14
C ASP A 332 -18.32 2.16 -7.33
N ASP A 333 -17.52 3.22 -7.47
CA ASP A 333 -17.80 4.46 -6.73
C ASP A 333 -19.11 5.11 -7.21
N MET A 334 -19.35 5.06 -8.51
CA MET A 334 -20.58 5.61 -9.08
C MET A 334 -21.78 4.89 -8.48
N MET A 335 -21.79 3.56 -8.57
CA MET A 335 -22.88 2.75 -8.03
C MET A 335 -23.03 3.02 -6.56
N PHE A 336 -21.90 3.24 -5.89
CA PHE A 336 -21.91 3.51 -4.46
C PHE A 336 -22.66 4.79 -4.13
N CYS A 337 -22.32 5.86 -4.85
CA CYS A 337 -22.94 7.15 -4.66
C CYS A 337 -24.39 7.12 -5.16
N ALA A 338 -24.61 6.49 -6.31
CA ALA A 338 -25.97 6.42 -6.84
C ALA A 338 -26.88 5.77 -5.80
N GLN A 339 -26.51 4.58 -5.33
CA GLN A 339 -27.34 3.91 -4.33
C GLN A 339 -27.41 4.76 -3.08
N GLY A 340 -26.34 5.47 -2.78
CA GLY A 340 -26.30 6.31 -1.60
C GLY A 340 -27.41 7.35 -1.63
N GLU A 341 -27.56 7.98 -2.79
CA GLU A 341 -28.56 9.01 -2.99
C GLU A 341 -29.97 8.45 -2.88
N TRP A 342 -30.16 7.25 -3.40
CA TRP A 342 -31.47 6.62 -3.30
C TRP A 342 -31.81 6.43 -1.83
N MET A 343 -30.81 6.10 -1.03
CA MET A 343 -31.04 5.93 0.39
C MET A 343 -31.40 7.27 0.99
N ARG A 344 -30.67 8.31 0.60
CA ARG A 344 -30.96 9.64 1.10
C ARG A 344 -32.43 10.00 0.82
N LEU A 345 -32.89 9.73 -0.39
CA LEU A 345 -34.29 10.01 -0.74
C LEU A 345 -35.25 9.48 0.32
N CYS A 346 -35.24 8.17 0.50
CA CYS A 346 -36.11 7.51 1.46
C CYS A 346 -35.92 7.99 2.88
N THR A 347 -34.69 8.40 3.21
CA THR A 347 -34.39 8.77 4.57
C THR A 347 -34.17 10.22 5.00
N SER A 348 -33.52 11.02 4.18
CA SER A 348 -33.27 12.39 4.62
C SER A 348 -33.60 13.54 3.68
N THR A 349 -34.60 13.35 2.82
CA THR A 349 -35.03 14.39 1.88
C THR A 349 -35.39 15.65 2.64
N THR A 350 -35.09 16.79 2.03
CA THR A 350 -35.33 18.10 2.61
C THR A 350 -36.46 18.88 1.92
N GLU A 351 -37.06 19.84 2.63
CA GLU A 351 -38.11 20.64 2.03
C GLU A 351 -37.51 21.43 0.88
N SER A 352 -36.29 21.94 1.08
CA SER A 352 -35.59 22.70 0.04
C SER A 352 -35.45 21.84 -1.20
N GLU A 353 -34.99 20.61 -0.97
CA GLU A 353 -34.79 19.66 -2.06
C GLU A 353 -36.03 19.49 -2.92
N VAL A 354 -37.17 19.29 -2.29
CA VAL A 354 -38.40 19.11 -3.03
C VAL A 354 -38.88 20.41 -3.65
N LYS A 355 -38.66 21.53 -2.97
CA LYS A 355 -39.08 22.82 -3.50
C LYS A 355 -38.48 22.95 -4.89
N ARG A 356 -37.19 22.68 -4.98
CA ARG A 356 -36.47 22.78 -6.23
C ARG A 356 -36.97 21.75 -7.24
N ALA A 357 -36.98 20.49 -6.80
CA ALA A 357 -37.41 19.38 -7.65
C ALA A 357 -38.79 19.63 -8.24
N LYS A 358 -39.67 20.25 -7.45
CA LYS A 358 -41.03 20.55 -7.89
C LYS A 358 -41.00 21.57 -9.02
N ASN A 359 -40.24 22.65 -8.84
CA ASN A 359 -40.14 23.65 -9.89
C ASN A 359 -39.62 22.98 -11.13
N HIS A 360 -38.50 22.26 -10.98
CA HIS A 360 -37.89 21.55 -12.09
C HIS A 360 -38.91 20.66 -12.80
N LEU A 361 -39.71 19.96 -12.02
CA LEU A 361 -40.72 19.07 -12.58
C LEU A 361 -41.79 19.82 -13.37
N ARG A 362 -42.25 20.96 -12.83
CA ARG A 362 -43.26 21.77 -13.52
C ARG A 362 -42.77 22.16 -14.91
N SER A 363 -41.62 22.85 -14.95
CA SER A 363 -41.05 23.28 -16.21
C SER A 363 -40.76 22.13 -17.15
N ALA A 364 -40.68 20.93 -16.60
CA ALA A 364 -40.43 19.74 -17.41
C ALA A 364 -41.71 19.28 -18.07
N MET A 365 -42.82 19.36 -17.32
CA MET A 365 -44.11 18.95 -17.87
C MET A 365 -44.55 19.97 -18.90
N VAL A 366 -44.21 21.24 -18.67
CA VAL A 366 -44.56 22.31 -19.60
C VAL A 366 -43.77 22.15 -20.88
N ALA A 367 -42.56 21.63 -20.77
CA ALA A 367 -41.70 21.42 -21.93
C ALA A 367 -42.20 20.29 -22.83
N GLN A 368 -42.92 19.34 -22.26
CA GLN A 368 -43.43 18.21 -23.03
C GLN A 368 -44.69 18.58 -23.80
N LEU A 369 -44.94 19.89 -23.85
CA LEU A 369 -46.10 20.43 -24.55
C LEU A 369 -45.56 21.61 -25.35
N ASP A 370 -44.43 21.39 -25.99
CA ASP A 370 -43.78 22.44 -26.76
C ASP A 370 -43.86 22.20 -28.27
N GLY A 371 -45.06 22.33 -28.82
CA GLY A 371 -45.25 22.12 -30.23
C GLY A 371 -46.53 21.35 -30.40
N THR A 372 -46.99 21.16 -31.64
CA THR A 372 -48.22 20.43 -31.84
C THR A 372 -48.03 18.94 -31.69
N THR A 373 -46.88 18.44 -32.13
CA THR A 373 -46.66 17.01 -32.00
C THR A 373 -46.52 16.60 -30.55
N PRO A 374 -45.67 17.30 -29.78
CA PRO A 374 -45.57 16.87 -28.37
C PRO A 374 -46.90 16.93 -27.62
N VAL A 375 -47.71 17.95 -27.89
CA VAL A 375 -49.00 18.10 -27.24
C VAL A 375 -49.94 17.00 -27.70
N CYS A 376 -49.89 16.70 -28.98
CA CYS A 376 -50.74 15.67 -29.54
C CYS A 376 -50.37 14.34 -28.86
N GLU A 377 -49.08 14.10 -28.68
CA GLU A 377 -48.57 12.89 -28.02
C GLU A 377 -49.15 12.79 -26.61
N THR A 378 -49.19 13.90 -25.89
CA THR A 378 -49.74 13.91 -24.54
C THR A 378 -51.20 13.44 -24.57
N ILE A 379 -52.00 14.07 -25.43
CA ILE A 379 -53.40 13.69 -25.54
C ILE A 379 -53.52 12.20 -25.81
N GLY A 380 -52.91 11.72 -26.89
CA GLY A 380 -53.00 10.31 -27.22
C GLY A 380 -52.68 9.40 -26.04
N SER A 381 -51.53 9.64 -25.44
CA SER A 381 -51.05 8.88 -24.30
C SER A 381 -51.99 9.00 -23.12
N HIS A 382 -52.37 10.21 -22.78
CA HIS A 382 -53.28 10.45 -21.65
C HIS A 382 -54.59 9.69 -21.73
N LEU A 383 -55.28 9.77 -22.86
CA LEU A 383 -56.56 9.08 -22.97
C LEU A 383 -56.33 7.59 -22.94
N LEU A 384 -55.26 7.17 -23.62
CA LEU A 384 -54.91 5.78 -23.71
C LEU A 384 -54.47 5.18 -22.35
N ASN A 385 -53.90 6.02 -21.47
CA ASN A 385 -53.43 5.55 -20.15
C ASN A 385 -54.31 5.93 -18.97
N TYR A 386 -54.87 7.14 -19.01
CA TYR A 386 -55.73 7.63 -17.94
C TYR A 386 -57.19 7.67 -18.40
N GLY A 387 -57.42 7.41 -19.69
CA GLY A 387 -58.77 7.46 -20.22
C GLY A 387 -59.35 8.87 -20.13
N ARG A 388 -58.47 9.88 -20.16
CA ARG A 388 -58.89 11.27 -20.05
C ARG A 388 -57.63 12.13 -20.03
N ARG A 389 -57.74 13.36 -20.53
CA ARG A 389 -56.59 14.26 -20.55
C ARG A 389 -56.45 14.83 -19.17
N ILE A 390 -55.21 15.12 -18.78
CA ILE A 390 -54.93 15.72 -17.47
C ILE A 390 -54.25 17.05 -17.73
N SER A 391 -54.94 18.13 -17.39
CA SER A 391 -54.42 19.48 -17.59
C SER A 391 -53.12 19.74 -16.86
N LEU A 392 -52.41 20.79 -17.27
CA LEU A 392 -51.17 21.15 -16.62
C LEU A 392 -51.55 21.69 -15.24
N GLU A 393 -52.78 22.17 -15.15
CA GLU A 393 -53.26 22.74 -13.90
C GLU A 393 -53.51 21.67 -12.87
N GLU A 394 -53.93 20.49 -13.33
CA GLU A 394 -54.17 19.37 -12.41
C GLU A 394 -52.80 18.90 -11.94
N TRP A 395 -51.92 18.59 -12.90
CA TRP A 395 -50.56 18.17 -12.56
C TRP A 395 -49.98 19.14 -11.54
N ASP A 396 -50.00 20.42 -11.87
CA ASP A 396 -49.46 21.41 -10.95
C ASP A 396 -50.13 21.35 -9.60
N SER A 397 -51.40 20.97 -9.60
CA SER A 397 -52.15 20.87 -8.35
C SER A 397 -51.56 19.75 -7.51
N ARG A 398 -51.30 18.63 -8.18
CA ARG A 398 -50.76 17.45 -7.56
C ARG A 398 -49.31 17.70 -7.13
N ILE A 399 -48.52 18.27 -8.03
CA ILE A 399 -47.14 18.55 -7.73
C ILE A 399 -47.00 19.42 -6.51
N SER A 400 -47.89 20.41 -6.40
CA SER A 400 -47.85 21.35 -5.28
C SER A 400 -48.06 20.70 -3.91
N ALA A 401 -48.85 19.62 -3.87
CA ALA A 401 -49.14 18.91 -2.63
C ALA A 401 -47.96 18.12 -2.08
N VAL A 402 -46.97 17.83 -2.93
CA VAL A 402 -45.82 17.06 -2.53
C VAL A 402 -44.85 17.78 -1.59
N ASP A 403 -44.46 17.09 -0.51
CA ASP A 403 -43.50 17.62 0.45
C ASP A 403 -42.42 16.58 0.80
N ALA A 404 -41.37 17.01 1.48
CA ALA A 404 -40.29 16.11 1.85
C ALA A 404 -40.83 14.80 2.44
N ARG A 405 -41.64 14.90 3.50
CA ARG A 405 -42.18 13.70 4.13
C ARG A 405 -42.83 12.75 3.14
N MET A 406 -43.57 13.31 2.19
CA MET A 406 -44.25 12.51 1.18
C MET A 406 -43.24 11.78 0.29
N VAL A 407 -42.18 12.49 -0.09
CA VAL A 407 -41.15 11.89 -0.94
C VAL A 407 -40.53 10.72 -0.19
N ARG A 408 -40.19 10.93 1.07
CA ARG A 408 -39.61 9.88 1.88
C ARG A 408 -40.49 8.65 1.98
N ASP A 409 -41.75 8.82 2.34
CA ASP A 409 -42.63 7.67 2.45
C ASP A 409 -42.83 6.94 1.13
N VAL A 410 -43.08 7.69 0.06
CA VAL A 410 -43.27 7.04 -1.24
C VAL A 410 -42.00 6.33 -1.68
N CYS A 411 -40.87 7.04 -1.60
CA CYS A 411 -39.59 6.44 -1.96
C CYS A 411 -39.25 5.25 -1.08
N SER A 412 -39.50 5.37 0.22
CA SER A 412 -39.26 4.27 1.12
C SER A 412 -40.12 3.13 0.64
N LYS A 413 -41.33 3.46 0.20
CA LYS A 413 -42.27 2.46 -0.27
C LYS A 413 -41.81 1.62 -1.46
N TYR A 414 -41.26 2.26 -2.48
CA TYR A 414 -40.83 1.53 -3.67
C TYR A 414 -39.36 1.14 -3.72
N ILE A 415 -38.53 1.82 -2.91
CA ILE A 415 -37.09 1.57 -2.92
C ILE A 415 -36.46 0.81 -1.74
N TYR A 416 -36.69 1.33 -0.54
CA TYR A 416 -36.07 0.75 0.63
C TYR A 416 -36.18 -0.75 0.80
N ASP A 417 -35.02 -1.37 0.96
CA ASP A 417 -34.86 -2.79 1.15
C ASP A 417 -35.58 -3.64 0.12
N LYS A 418 -35.55 -3.19 -1.13
CA LYS A 418 -36.17 -3.94 -2.22
C LYS A 418 -35.10 -4.68 -2.98
N CYS A 419 -35.49 -5.68 -3.75
CA CYS A 419 -34.53 -6.43 -4.54
C CYS A 419 -34.62 -5.84 -5.92
N PRO A 420 -33.56 -5.15 -6.36
CA PRO A 420 -33.52 -4.51 -7.68
C PRO A 420 -33.25 -5.43 -8.86
N ALA A 421 -33.37 -4.83 -10.04
CA ALA A 421 -33.13 -5.53 -11.28
C ALA A 421 -31.91 -4.79 -11.80
N LEU A 422 -30.93 -5.55 -12.26
CA LEU A 422 -29.70 -4.97 -12.73
C LEU A 422 -29.27 -5.46 -14.09
N ALA A 423 -28.81 -4.53 -14.92
CA ALA A 423 -28.30 -4.85 -16.24
C ALA A 423 -26.98 -4.11 -16.38
N ALA A 424 -25.91 -4.88 -16.64
CA ALA A 424 -24.60 -4.30 -16.82
C ALA A 424 -24.02 -4.78 -18.15
N VAL A 425 -23.53 -3.86 -18.97
CA VAL A 425 -22.96 -4.20 -20.26
C VAL A 425 -21.61 -3.53 -20.44
N GLY A 426 -20.68 -4.21 -21.11
CA GLY A 426 -19.36 -3.66 -21.32
C GLY A 426 -18.27 -4.18 -20.39
N PRO A 427 -17.26 -3.34 -20.06
CA PRO A 427 -16.15 -3.68 -19.16
C PRO A 427 -16.60 -3.52 -17.73
N ILE A 428 -17.45 -4.45 -17.27
CA ILE A 428 -18.03 -4.42 -15.93
C ILE A 428 -17.38 -5.22 -14.80
N GLU A 429 -16.10 -5.56 -14.88
CA GLU A 429 -15.47 -6.31 -13.80
C GLU A 429 -15.50 -5.64 -12.44
N GLN A 430 -15.36 -4.33 -12.40
CA GLN A 430 -15.33 -3.65 -11.11
C GLN A 430 -16.71 -3.58 -10.40
N LEU A 431 -17.81 -3.81 -11.12
CA LEU A 431 -19.12 -3.75 -10.50
C LEU A 431 -19.29 -4.93 -9.55
N LEU A 432 -19.41 -4.66 -8.25
CA LEU A 432 -19.54 -5.75 -7.29
C LEU A 432 -20.78 -6.58 -7.45
N ASP A 433 -20.77 -7.76 -6.85
CA ASP A 433 -21.89 -8.69 -6.97
C ASP A 433 -23.25 -8.21 -6.46
N TYR A 434 -24.28 -8.97 -6.84
CA TYR A 434 -25.67 -8.68 -6.48
C TYR A 434 -25.87 -8.50 -5.00
N ASN A 435 -25.29 -9.40 -4.22
CA ASN A 435 -25.41 -9.32 -2.76
C ASN A 435 -24.89 -8.00 -2.27
N ARG A 436 -23.73 -7.57 -2.77
CA ARG A 436 -23.21 -6.29 -2.34
C ARG A 436 -24.15 -5.16 -2.75
N ILE A 437 -24.63 -5.20 -3.98
CA ILE A 437 -25.56 -4.19 -4.44
C ILE A 437 -26.84 -4.22 -3.59
N ARG A 438 -27.36 -5.42 -3.37
CA ARG A 438 -28.59 -5.59 -2.59
C ARG A 438 -28.48 -4.94 -1.24
N SER A 439 -27.27 -4.89 -0.69
CA SER A 439 -27.06 -4.27 0.62
C SER A 439 -27.08 -2.77 0.52
N GLY A 440 -26.85 -2.24 -0.66
CA GLY A 440 -26.89 -0.81 -0.83
C GLY A 440 -28.35 -0.36 -0.87
N MET A 441 -29.26 -1.30 -0.62
CA MET A 441 -30.68 -0.98 -0.65
C MET A 441 -31.24 -0.65 0.72
N TYR A 442 -30.38 -0.59 1.73
CA TYR A 442 -30.84 -0.22 3.07
C TYR A 442 -29.80 0.49 3.94
N TRP A 443 -30.32 1.34 4.83
CA TRP A 443 -29.55 2.16 5.77
C TRP A 443 -28.68 3.22 5.05
N ILE A 444 -29.10 4.49 5.13
CA ILE A 444 -28.38 5.60 4.50
N PRO B 21 -57.30 35.41 -24.28
CA PRO B 21 -56.64 36.56 -24.93
C PRO B 21 -55.49 36.14 -25.86
N GLY B 22 -55.74 35.15 -26.71
CA GLY B 22 -54.71 34.69 -27.62
C GLY B 22 -54.45 35.61 -28.80
N ALA B 23 -54.75 36.90 -28.64
CA ALA B 23 -54.54 37.88 -29.71
C ALA B 23 -53.73 39.08 -29.22
N GLU B 24 -52.48 38.81 -28.82
CA GLU B 24 -51.55 39.83 -28.33
C GLU B 24 -50.68 40.33 -29.49
N ASP B 25 -50.05 41.48 -29.30
CA ASP B 25 -49.20 42.07 -30.33
C ASP B 25 -47.74 41.76 -30.13
N LEU B 26 -47.01 41.69 -31.23
CA LEU B 26 -45.58 41.42 -31.20
C LEU B 26 -44.80 42.74 -31.24
N GLU B 27 -44.84 43.48 -30.13
CA GLU B 27 -44.14 44.76 -30.03
C GLU B 27 -42.66 44.64 -30.36
N ILE B 28 -41.95 45.76 -30.43
CA ILE B 28 -40.54 45.75 -30.77
C ILE B 28 -39.88 47.13 -30.77
N THR B 29 -39.57 47.63 -29.57
CA THR B 29 -38.94 48.93 -29.40
C THR B 29 -37.54 48.92 -30.01
N LYS B 30 -36.78 50.00 -29.78
CA LYS B 30 -35.41 50.12 -30.30
C LYS B 30 -34.69 51.32 -29.69
N LEU B 31 -34.28 51.19 -28.44
CA LEU B 31 -33.57 52.26 -27.72
C LEU B 31 -32.61 53.09 -28.58
N PRO B 32 -32.30 54.31 -28.12
CA PRO B 32 -31.39 55.23 -28.80
C PRO B 32 -29.98 54.69 -29.04
N ASN B 33 -29.49 53.85 -28.14
CA ASN B 33 -28.14 53.31 -28.31
C ASN B 33 -28.07 52.20 -29.36
N GLY B 34 -29.20 51.85 -29.95
CA GLY B 34 -29.21 50.82 -30.97
C GLY B 34 -29.71 49.47 -30.52
N LEU B 35 -29.85 49.29 -29.22
CA LEU B 35 -30.34 48.02 -28.68
C LEU B 35 -31.78 47.77 -29.13
N ILE B 36 -32.03 46.61 -29.71
CA ILE B 36 -33.37 46.28 -30.18
C ILE B 36 -34.08 45.42 -29.14
N ILE B 37 -35.36 45.70 -28.91
CA ILE B 37 -36.15 44.96 -27.94
C ILE B 37 -37.42 44.44 -28.58
N ALA B 38 -37.52 43.12 -28.71
CA ALA B 38 -38.72 42.51 -29.30
C ALA B 38 -39.36 41.57 -28.29
N SER B 39 -40.63 41.75 -28.00
CA SER B 39 -41.30 40.87 -27.05
C SER B 39 -42.56 40.29 -27.66
N LEU B 40 -43.25 39.44 -26.92
CA LEU B 40 -44.47 38.83 -27.40
C LEU B 40 -45.14 38.01 -26.32
N GLU B 41 -46.34 38.40 -25.93
CA GLU B 41 -47.08 37.67 -24.91
C GLU B 41 -47.95 36.60 -25.57
N ASN B 42 -47.72 35.34 -25.21
CA ASN B 42 -48.52 34.27 -25.75
C ASN B 42 -49.20 33.57 -24.60
N PHE B 43 -49.07 34.19 -23.43
CA PHE B 43 -49.68 33.69 -22.20
C PHE B 43 -49.26 32.26 -21.84
N SER B 44 -48.18 31.79 -22.44
CA SER B 44 -47.66 30.45 -22.16
C SER B 44 -47.16 30.45 -20.72
N PRO B 45 -47.36 29.34 -20.00
CA PRO B 45 -46.90 29.28 -18.61
C PRO B 45 -45.38 29.38 -18.49
N ALA B 46 -44.69 29.32 -19.61
CA ALA B 46 -43.24 29.39 -19.61
C ALA B 46 -42.73 30.54 -20.47
N SER B 47 -41.76 31.27 -19.94
CA SER B 47 -41.15 32.38 -20.64
C SER B 47 -39.77 31.97 -21.14
N ARG B 48 -39.34 32.50 -22.26
CA ARG B 48 -38.04 32.16 -22.80
C ARG B 48 -37.36 33.39 -23.35
N ILE B 49 -36.61 34.07 -22.50
CA ILE B 49 -35.91 35.29 -22.88
C ILE B 49 -34.55 34.93 -23.48
N GLY B 50 -34.01 35.84 -24.29
CA GLY B 50 -32.73 35.60 -24.93
C GLY B 50 -32.02 36.88 -25.34
N VAL B 51 -30.71 36.80 -25.44
CA VAL B 51 -29.88 37.94 -25.83
C VAL B 51 -29.17 37.58 -27.14
N PHE B 52 -29.75 37.98 -28.27
CA PHE B 52 -29.15 37.69 -29.56
C PHE B 52 -28.02 38.67 -29.81
N ILE B 53 -26.94 38.21 -30.44
CA ILE B 53 -25.80 39.07 -30.69
C ILE B 53 -25.09 38.70 -31.99
N LYS B 54 -24.54 39.70 -32.66
CA LYS B 54 -23.81 39.47 -33.90
C LYS B 54 -22.35 39.22 -33.52
N ALA B 55 -22.05 37.99 -33.12
CA ALA B 55 -20.69 37.63 -32.73
C ALA B 55 -20.43 36.21 -33.21
N GLY B 56 -19.18 35.76 -33.15
CA GLY B 56 -18.88 34.41 -33.60
C GLY B 56 -17.46 34.23 -34.06
N SER B 57 -17.12 33.02 -34.45
CA SER B 57 -15.78 32.70 -34.92
C SER B 57 -15.41 33.54 -36.14
N ARG B 58 -16.44 34.09 -36.77
CA ARG B 58 -16.31 34.94 -37.94
C ARG B 58 -15.41 36.16 -37.67
N TYR B 59 -15.57 36.72 -36.48
CA TYR B 59 -14.80 37.90 -36.06
C TYR B 59 -13.43 37.57 -35.46
N GLU B 60 -13.09 36.29 -35.40
CA GLU B 60 -11.79 35.91 -34.85
C GLU B 60 -10.77 36.09 -35.94
N THR B 61 -9.51 36.21 -35.54
CA THR B 61 -8.43 36.33 -36.50
C THR B 61 -7.48 35.21 -36.10
N THR B 62 -6.45 34.98 -36.90
CA THR B 62 -5.50 33.93 -36.60
C THR B 62 -5.09 33.93 -35.12
N ALA B 63 -4.76 35.12 -34.62
CA ALA B 63 -4.29 35.28 -33.25
C ALA B 63 -5.22 34.82 -32.13
N ASN B 64 -6.52 34.96 -32.31
CA ASN B 64 -7.43 34.56 -31.25
C ASN B 64 -8.43 33.46 -31.63
N LEU B 65 -8.07 32.64 -32.63
CA LEU B 65 -8.92 31.54 -33.09
C LEU B 65 -9.47 30.75 -31.91
N GLY B 66 -10.69 30.27 -32.05
CA GLY B 66 -11.33 29.50 -31.00
C GLY B 66 -11.82 30.26 -29.77
N THR B 67 -11.43 31.52 -29.65
CA THR B 67 -11.84 32.32 -28.50
C THR B 67 -13.36 32.41 -28.36
N ALA B 68 -14.09 32.40 -29.47
CA ALA B 68 -15.55 32.47 -29.41
C ALA B 68 -16.14 31.14 -28.92
N HIS B 69 -15.45 30.03 -29.19
CA HIS B 69 -15.91 28.73 -28.73
C HIS B 69 -15.82 28.69 -27.20
N LEU B 70 -14.64 29.01 -26.68
CA LEU B 70 -14.42 29.03 -25.23
C LEU B 70 -15.40 29.98 -24.52
N LEU B 71 -15.68 31.11 -25.17
CA LEU B 71 -16.59 32.10 -24.61
C LEU B 71 -17.99 31.49 -24.46
N ARG B 72 -18.33 30.61 -25.38
CA ARG B 72 -19.62 29.92 -25.38
C ARG B 72 -19.71 29.03 -24.13
N LEU B 73 -18.59 28.40 -23.79
CA LEU B 73 -18.51 27.52 -22.63
C LEU B 73 -18.32 28.28 -21.33
N ALA B 74 -17.89 29.53 -21.41
CA ALA B 74 -17.64 30.33 -20.22
C ALA B 74 -18.89 30.93 -19.59
N SER B 75 -20.06 30.63 -20.15
CA SER B 75 -21.30 31.17 -19.62
C SER B 75 -21.53 30.96 -18.12
N PRO B 76 -21.00 29.85 -17.56
CA PRO B 76 -21.22 29.63 -16.12
C PRO B 76 -20.19 30.23 -15.16
N LEU B 77 -19.15 30.89 -15.69
CA LEU B 77 -18.11 31.49 -14.85
C LEU B 77 -18.65 32.67 -14.03
N THR B 78 -17.91 33.08 -13.00
CA THR B 78 -18.38 34.18 -12.16
C THR B 78 -18.38 35.53 -12.87
N THR B 79 -19.34 36.36 -12.48
CA THR B 79 -19.53 37.68 -13.04
C THR B 79 -19.37 38.68 -11.90
N LYS B 80 -19.55 39.97 -12.21
CA LYS B 80 -19.42 40.99 -11.19
C LYS B 80 -20.64 40.98 -10.26
N GLY B 81 -21.75 40.46 -10.76
CA GLY B 81 -22.95 40.42 -9.96
C GLY B 81 -23.31 39.08 -9.37
N ALA B 82 -22.83 38.01 -9.97
CA ALA B 82 -23.14 36.68 -9.45
C ALA B 82 -21.93 35.79 -9.56
N SER B 83 -21.78 34.87 -8.61
CA SER B 83 -20.66 33.94 -8.63
C SER B 83 -21.05 32.70 -9.39
N SER B 84 -20.05 32.02 -9.93
CA SER B 84 -20.20 30.79 -10.69
C SER B 84 -21.20 29.87 -9.97
N PHE B 85 -21.03 29.82 -8.65
CA PHE B 85 -21.85 29.02 -7.78
C PHE B 85 -23.31 29.45 -7.80
N ARG B 86 -23.55 30.75 -7.61
CA ARG B 86 -24.93 31.25 -7.58
C ARG B 86 -25.63 31.25 -8.92
N ILE B 87 -24.86 31.43 -9.99
CA ILE B 87 -25.45 31.40 -11.32
C ILE B 87 -26.12 30.04 -11.56
N THR B 88 -25.40 28.97 -11.22
CA THR B 88 -25.92 27.62 -11.39
C THR B 88 -26.97 27.29 -10.35
N ARG B 89 -26.67 27.53 -9.08
CA ARG B 89 -27.63 27.23 -8.04
C ARG B 89 -28.90 28.07 -8.18
N GLY B 90 -28.70 29.36 -8.48
CA GLY B 90 -29.80 30.28 -8.64
C GLY B 90 -30.78 29.84 -9.69
N ILE B 91 -30.29 29.63 -10.91
CA ILE B 91 -31.16 29.21 -11.99
C ILE B 91 -31.86 27.88 -11.72
N GLU B 92 -31.12 26.94 -11.11
CA GLU B 92 -31.69 25.64 -10.81
C GLU B 92 -32.72 25.73 -9.70
N ALA B 93 -32.52 26.67 -8.79
CA ALA B 93 -33.43 26.86 -7.66
C ALA B 93 -34.87 26.97 -8.12
N VAL B 94 -35.07 27.55 -9.30
CA VAL B 94 -36.42 27.74 -9.84
C VAL B 94 -36.66 26.98 -11.14
N GLY B 95 -36.21 25.73 -11.19
CA GLY B 95 -36.40 24.92 -12.38
C GLY B 95 -36.07 25.62 -13.69
N GLY B 96 -35.18 26.61 -13.64
CA GLY B 96 -34.81 27.30 -14.85
C GLY B 96 -33.64 26.66 -15.58
N SER B 97 -33.32 27.17 -16.78
CA SER B 97 -32.21 26.67 -17.56
C SER B 97 -31.46 27.83 -18.21
N LEU B 98 -30.20 27.59 -18.56
CA LEU B 98 -29.40 28.61 -19.21
C LEU B 98 -28.56 27.93 -20.27
N SER B 99 -28.63 28.42 -21.49
CA SER B 99 -27.83 27.82 -22.55
C SER B 99 -27.35 28.89 -23.52
N VAL B 100 -26.42 28.50 -24.39
CA VAL B 100 -25.86 29.43 -25.36
C VAL B 100 -25.67 28.74 -26.70
N TYR B 101 -26.35 29.21 -27.72
CA TYR B 101 -26.20 28.63 -29.03
C TYR B 101 -25.43 29.62 -29.90
N SER B 102 -24.70 29.13 -30.89
CA SER B 102 -23.97 30.03 -31.76
C SER B 102 -23.63 29.46 -33.14
N THR B 103 -23.53 30.36 -34.11
CA THR B 103 -23.17 30.02 -35.48
C THR B 103 -21.87 30.77 -35.75
N ARG B 104 -21.32 30.64 -36.95
CA ARG B 104 -20.08 31.35 -37.24
C ARG B 104 -20.29 32.85 -37.06
N GLU B 105 -21.53 33.32 -37.14
CA GLU B 105 -21.77 34.75 -37.03
C GLU B 105 -22.81 35.27 -36.06
N LYS B 106 -23.32 34.44 -35.17
CA LYS B 106 -24.28 34.94 -34.18
C LYS B 106 -24.30 34.09 -32.91
N MET B 107 -24.41 34.74 -31.76
CA MET B 107 -24.44 34.05 -30.48
C MET B 107 -25.71 34.37 -29.71
N THR B 108 -26.42 33.34 -29.28
CA THR B 108 -27.66 33.55 -28.56
C THR B 108 -27.60 32.97 -27.13
N TYR B 109 -27.84 33.83 -26.14
CA TYR B 109 -27.85 33.43 -24.75
C TYR B 109 -29.29 33.43 -24.27
N CYS B 110 -29.91 32.27 -24.14
CA CYS B 110 -31.29 32.25 -23.68
C CYS B 110 -31.52 31.46 -22.40
N VAL B 111 -32.55 31.87 -21.66
CA VAL B 111 -32.92 31.23 -20.41
C VAL B 111 -34.41 30.91 -20.46
N GLU B 112 -34.80 29.76 -19.93
CA GLU B 112 -36.21 29.39 -19.91
C GLU B 112 -36.59 29.12 -18.47
N CYS B 113 -37.82 29.45 -18.11
CA CYS B 113 -38.31 29.23 -16.77
C CYS B 113 -39.80 29.54 -16.69
N LEU B 114 -40.41 29.19 -15.57
CA LEU B 114 -41.82 29.43 -15.39
C LEU B 114 -42.02 30.92 -15.21
N ARG B 115 -43.10 31.44 -15.80
CA ARG B 115 -43.47 32.86 -15.77
C ARG B 115 -43.09 33.61 -14.50
N ASP B 116 -43.56 33.12 -13.37
CA ASP B 116 -43.32 33.75 -12.08
C ASP B 116 -41.87 33.87 -11.63
N HIS B 117 -40.93 33.48 -12.49
CA HIS B 117 -39.52 33.56 -12.10
C HIS B 117 -38.66 34.36 -13.04
N VAL B 118 -39.28 34.94 -14.07
CA VAL B 118 -38.53 35.73 -15.05
C VAL B 118 -37.59 36.76 -14.41
N ASP B 119 -38.04 37.41 -13.33
CA ASP B 119 -37.22 38.41 -12.64
C ASP B 119 -35.94 37.79 -12.10
N THR B 120 -36.11 36.64 -11.47
CA THR B 120 -35.01 35.87 -10.89
C THR B 120 -33.96 35.54 -11.96
N VAL B 121 -34.36 34.67 -12.89
CA VAL B 121 -33.53 34.22 -14.00
C VAL B 121 -32.88 35.34 -14.79
N MET B 122 -33.56 36.47 -14.89
CA MET B 122 -33.06 37.59 -15.66
C MET B 122 -31.74 38.17 -15.14
N GLU B 123 -31.63 38.30 -13.82
CA GLU B 123 -30.41 38.84 -13.21
C GLU B 123 -29.19 38.11 -13.78
N TYR B 124 -29.31 36.80 -13.86
CA TYR B 124 -28.23 35.96 -14.34
C TYR B 124 -27.97 36.17 -15.82
N LEU B 125 -29.01 36.11 -16.64
CA LEU B 125 -28.83 36.31 -18.07
C LEU B 125 -28.08 37.61 -18.28
N LEU B 126 -28.45 38.62 -17.50
CA LEU B 126 -27.83 39.94 -17.58
C LEU B 126 -26.32 39.88 -17.29
N ASN B 127 -26.01 39.45 -16.07
CA ASN B 127 -24.62 39.33 -15.60
C ASN B 127 -23.69 38.57 -16.54
N VAL B 128 -24.19 37.47 -17.08
CA VAL B 128 -23.40 36.65 -17.99
C VAL B 128 -23.01 37.38 -19.27
N THR B 129 -23.95 38.09 -19.88
CA THR B 129 -23.69 38.79 -21.13
C THR B 129 -23.03 40.16 -21.02
N THR B 130 -23.20 40.82 -19.87
CA THR B 130 -22.64 42.16 -19.72
C THR B 130 -21.59 42.34 -18.62
N ALA B 131 -21.59 41.48 -17.62
CA ALA B 131 -20.62 41.63 -16.53
C ALA B 131 -19.69 40.44 -16.25
N PRO B 132 -19.19 39.78 -17.30
CA PRO B 132 -18.29 38.65 -17.05
C PRO B 132 -16.96 39.10 -16.46
N GLU B 133 -16.39 38.29 -15.57
CA GLU B 133 -15.10 38.61 -14.94
C GLU B 133 -13.93 37.81 -15.51
N PHE B 134 -14.24 36.73 -16.23
CA PHE B 134 -13.23 35.85 -16.83
C PHE B 134 -11.97 35.72 -15.96
N ARG B 135 -12.18 35.35 -14.69
CA ARG B 135 -11.09 35.18 -13.74
C ARG B 135 -10.08 34.22 -14.33
N PRO B 136 -8.80 34.57 -14.29
CA PRO B 136 -7.72 33.73 -14.84
C PRO B 136 -7.81 32.26 -14.48
N TRP B 137 -7.91 31.96 -13.18
CA TRP B 137 -7.99 30.59 -12.75
C TRP B 137 -9.22 29.84 -13.27
N GLU B 138 -10.39 30.45 -13.21
CA GLU B 138 -11.61 29.79 -13.70
C GLU B 138 -11.47 29.49 -15.19
N VAL B 139 -10.78 30.38 -15.91
CA VAL B 139 -10.59 30.18 -17.34
C VAL B 139 -9.64 29.03 -17.61
N THR B 140 -8.53 29.01 -16.89
CA THR B 140 -7.54 27.95 -17.04
C THR B 140 -8.19 26.58 -16.82
N ASP B 141 -9.04 26.51 -15.79
CA ASP B 141 -9.74 25.29 -15.44
C ASP B 141 -10.72 24.80 -16.49
N LEU B 142 -11.34 25.75 -17.17
CA LEU B 142 -12.35 25.47 -18.18
C LEU B 142 -11.82 25.05 -19.54
N GLN B 143 -10.65 25.55 -19.92
CA GLN B 143 -10.11 25.23 -21.23
C GLN B 143 -10.00 23.77 -21.59
N PRO B 144 -9.65 22.92 -20.62
CA PRO B 144 -9.59 21.52 -21.06
C PRO B 144 -10.94 21.01 -21.56
N GLN B 145 -12.01 21.68 -21.15
CA GLN B 145 -13.34 21.30 -21.58
C GLN B 145 -13.52 21.39 -23.10
N LEU B 146 -12.80 22.31 -23.72
CA LEU B 146 -12.88 22.48 -25.16
C LEU B 146 -12.60 21.15 -25.85
N LYS B 147 -11.66 20.37 -25.31
CA LYS B 147 -11.35 19.06 -25.91
C LYS B 147 -12.58 18.17 -25.87
N VAL B 148 -13.17 18.09 -24.68
CA VAL B 148 -14.35 17.26 -24.46
C VAL B 148 -15.51 17.69 -25.34
N ASP B 149 -15.89 18.96 -25.22
CA ASP B 149 -17.00 19.48 -25.99
C ASP B 149 -16.83 19.19 -27.47
N LYS B 150 -15.60 19.41 -27.95
CA LYS B 150 -15.27 19.19 -29.34
C LYS B 150 -15.31 17.70 -29.71
N ALA B 151 -14.78 16.85 -28.82
CA ALA B 151 -14.75 15.40 -29.05
C ALA B 151 -16.17 14.84 -29.23
N VAL B 152 -17.12 15.28 -28.42
CA VAL B 152 -18.47 14.76 -28.58
C VAL B 152 -19.10 15.30 -29.87
N ALA B 153 -18.88 16.58 -30.17
CA ALA B 153 -19.44 17.16 -31.38
C ALA B 153 -18.99 16.41 -32.63
N PHE B 154 -17.69 16.12 -32.71
CA PHE B 154 -17.13 15.43 -33.85
C PHE B 154 -17.50 13.97 -34.03
N GLN B 155 -18.40 13.47 -33.20
CA GLN B 155 -18.82 12.07 -33.34
C GLN B 155 -19.71 11.95 -34.57
N SER B 156 -20.30 13.07 -34.97
CA SER B 156 -21.14 13.14 -36.16
C SER B 156 -20.18 13.57 -37.25
N PRO B 157 -20.01 12.75 -38.32
CA PRO B 157 -19.09 13.12 -39.40
C PRO B 157 -19.53 14.45 -40.03
N GLN B 158 -20.84 14.66 -39.99
CA GLN B 158 -21.50 15.84 -40.50
C GLN B 158 -20.68 17.07 -40.09
N VAL B 159 -20.50 17.26 -38.79
CA VAL B 159 -19.75 18.38 -38.25
C VAL B 159 -18.32 18.56 -38.82
N GLY B 160 -17.59 17.46 -38.97
CA GLY B 160 -16.23 17.55 -39.48
C GLY B 160 -16.13 18.07 -40.90
N VAL B 161 -16.97 17.56 -41.79
CA VAL B 161 -16.91 18.02 -43.18
C VAL B 161 -17.41 19.45 -43.35
N LEU B 162 -18.38 19.86 -42.54
CA LEU B 162 -18.88 21.23 -42.65
C LEU B 162 -17.78 22.20 -42.22
N GLU B 163 -16.97 21.80 -41.25
CA GLU B 163 -15.87 22.62 -40.78
C GLU B 163 -14.90 22.80 -41.93
N ASN B 164 -14.52 21.68 -42.55
CA ASN B 164 -13.61 21.69 -43.68
C ASN B 164 -14.22 22.38 -44.88
N LEU B 165 -15.54 22.28 -45.00
CA LEU B 165 -16.25 22.91 -46.11
C LEU B 165 -16.03 24.41 -46.06
N HIS B 166 -16.40 25.04 -44.94
CA HIS B 166 -16.20 26.48 -44.79
C HIS B 166 -14.72 26.87 -44.94
N ALA B 167 -13.81 25.94 -44.64
CA ALA B 167 -12.40 26.22 -44.76
C ALA B 167 -11.99 26.17 -46.22
N ALA B 168 -12.76 25.46 -47.04
CA ALA B 168 -12.47 25.36 -48.46
C ALA B 168 -13.25 26.41 -49.23
N ALA B 169 -14.40 26.77 -48.70
CA ALA B 169 -15.24 27.76 -49.34
C ALA B 169 -14.69 29.16 -49.19
N TYR B 170 -14.08 29.45 -48.04
CA TYR B 170 -13.56 30.80 -47.83
C TYR B 170 -12.08 30.86 -47.51
N LYS B 171 -11.54 32.08 -47.56
CA LYS B 171 -10.13 32.31 -47.25
C LYS B 171 -10.10 33.01 -45.90
N THR B 172 -11.22 33.60 -45.51
CA THR B 172 -11.29 34.31 -44.25
C THR B 172 -12.67 34.32 -43.60
N ALA B 173 -12.75 34.99 -42.45
CA ALA B 173 -13.97 35.13 -41.65
C ALA B 173 -14.79 33.85 -41.48
N LEU B 174 -15.66 33.57 -42.46
CA LEU B 174 -16.49 32.39 -42.40
C LEU B 174 -15.68 31.11 -42.50
N ALA B 175 -14.43 31.24 -42.94
CA ALA B 175 -13.57 30.08 -43.08
C ALA B 175 -13.18 29.56 -41.71
N ASN B 176 -13.21 30.45 -40.72
CA ASN B 176 -12.87 30.08 -39.35
C ASN B 176 -13.77 28.96 -38.83
N PRO B 177 -13.16 27.97 -38.14
CA PRO B 177 -13.90 26.82 -37.59
C PRO B 177 -14.80 27.22 -36.43
N LEU B 178 -15.90 26.49 -36.27
CA LEU B 178 -16.86 26.77 -35.21
C LEU B 178 -16.39 26.22 -33.85
N TYR B 179 -15.44 25.28 -33.90
CA TYR B 179 -14.88 24.69 -32.70
C TYR B 179 -13.41 25.02 -32.62
N CYS B 180 -12.97 25.45 -31.44
CA CYS B 180 -11.57 25.80 -31.21
C CYS B 180 -10.54 24.80 -31.72
N PRO B 181 -9.65 25.23 -32.61
CA PRO B 181 -8.64 24.30 -33.12
C PRO B 181 -7.83 23.74 -31.95
N ASP B 182 -7.27 22.55 -32.16
CA ASP B 182 -6.51 21.87 -31.12
C ASP B 182 -5.28 22.60 -30.59
N TYR B 183 -4.46 23.16 -31.47
CA TYR B 183 -3.25 23.84 -31.02
C TYR B 183 -3.55 25.01 -30.09
N ARG B 184 -4.79 25.47 -30.05
CA ARG B 184 -5.12 26.58 -29.19
C ARG B 184 -5.82 26.25 -27.89
N ILE B 185 -6.19 24.98 -27.72
CA ILE B 185 -6.83 24.56 -26.48
C ILE B 185 -5.80 24.83 -25.39
N GLY B 186 -6.16 25.65 -24.41
CA GLY B 186 -5.25 25.98 -23.33
C GLY B 186 -4.51 27.29 -23.51
N LYS B 187 -4.51 27.82 -24.73
CA LYS B 187 -3.81 29.06 -25.02
C LYS B 187 -4.64 30.35 -25.03
N ILE B 188 -5.96 30.22 -25.10
CA ILE B 188 -6.84 31.38 -25.11
C ILE B 188 -6.65 32.06 -23.76
N THR B 189 -6.69 33.39 -23.72
CA THR B 189 -6.48 34.10 -22.46
C THR B 189 -7.71 34.88 -21.99
N SER B 190 -7.70 35.31 -20.73
CA SER B 190 -8.81 36.09 -20.19
C SER B 190 -8.88 37.41 -20.94
N GLU B 191 -7.70 37.92 -21.31
CA GLU B 191 -7.59 39.16 -22.06
C GLU B 191 -8.38 39.00 -23.35
N GLN B 192 -8.10 37.93 -24.09
CA GLN B 192 -8.78 37.68 -25.33
C GLN B 192 -10.29 37.55 -25.16
N LEU B 193 -10.72 36.94 -24.07
CA LEU B 193 -12.15 36.79 -23.82
C LEU B 193 -12.77 38.15 -23.54
N HIS B 194 -12.07 38.95 -22.76
CA HIS B 194 -12.56 40.30 -22.45
C HIS B 194 -12.62 41.14 -23.71
N HIS B 195 -11.50 41.23 -24.42
CA HIS B 195 -11.47 42.01 -25.64
C HIS B 195 -12.52 41.57 -26.65
N PHE B 196 -12.79 40.27 -26.72
CA PHE B 196 -13.80 39.79 -27.66
C PHE B 196 -15.16 40.35 -27.26
N VAL B 197 -15.49 40.21 -25.97
CA VAL B 197 -16.76 40.70 -25.46
C VAL B 197 -16.90 42.22 -25.62
N GLN B 198 -15.82 42.93 -25.33
CA GLN B 198 -15.81 44.39 -25.43
C GLN B 198 -15.97 44.86 -26.85
N ASN B 199 -15.27 44.20 -27.78
CA ASN B 199 -15.33 44.61 -29.17
C ASN B 199 -16.44 43.97 -29.99
N ASN B 200 -17.34 43.22 -29.34
CA ASN B 200 -18.41 42.58 -30.09
C ASN B 200 -19.78 42.60 -29.41
N PHE B 201 -19.80 42.55 -28.08
CA PHE B 201 -21.05 42.57 -27.33
C PHE B 201 -21.43 44.03 -27.06
N THR B 202 -21.73 44.74 -28.13
CA THR B 202 -22.12 46.14 -28.08
C THR B 202 -23.63 46.29 -28.30
N SER B 203 -24.24 47.28 -27.64
CA SER B 203 -25.68 47.51 -27.72
C SER B 203 -26.25 47.58 -29.13
N ALA B 204 -25.43 47.99 -30.09
CA ALA B 204 -25.86 48.12 -31.48
C ALA B 204 -25.73 46.82 -32.28
N ARG B 205 -25.21 45.78 -31.63
CA ARG B 205 -25.03 44.45 -32.25
C ARG B 205 -25.84 43.43 -31.48
N MET B 206 -26.47 43.87 -30.39
CA MET B 206 -27.27 43.00 -29.54
C MET B 206 -28.77 43.23 -29.68
N ALA B 207 -29.54 42.28 -29.17
CA ALA B 207 -31.00 42.31 -29.19
C ALA B 207 -31.57 41.49 -28.04
N LEU B 208 -32.43 42.10 -27.25
CA LEU B 208 -33.05 41.42 -26.12
C LEU B 208 -34.45 40.95 -26.50
N VAL B 209 -34.56 39.72 -26.97
CA VAL B 209 -35.84 39.16 -27.38
C VAL B 209 -36.46 38.28 -26.29
N GLY B 210 -37.80 38.27 -26.19
CA GLY B 210 -38.43 37.46 -25.17
C GLY B 210 -39.83 36.98 -25.51
N ILE B 211 -40.23 35.86 -24.92
CA ILE B 211 -41.56 35.30 -25.17
C ILE B 211 -42.21 35.01 -23.82
N GLY B 212 -43.53 35.16 -23.75
CA GLY B 212 -44.23 34.91 -22.52
C GLY B 212 -44.01 36.05 -21.54
N VAL B 213 -43.64 37.19 -22.08
CA VAL B 213 -43.39 38.39 -21.29
C VAL B 213 -44.14 39.54 -21.94
N LYS B 214 -44.25 40.65 -21.20
CA LYS B 214 -44.94 41.83 -21.71
C LYS B 214 -43.89 42.86 -22.12
N HIS B 215 -43.99 43.33 -23.36
CA HIS B 215 -43.06 44.31 -23.91
C HIS B 215 -42.64 45.38 -22.92
N SER B 216 -43.61 46.01 -22.26
CA SER B 216 -43.33 47.06 -21.29
C SER B 216 -42.31 46.60 -20.25
N ASP B 217 -42.46 45.35 -19.80
CA ASP B 217 -41.56 44.77 -18.80
C ASP B 217 -40.17 44.56 -19.38
N LEU B 218 -40.09 43.80 -20.47
CA LEU B 218 -38.81 43.51 -21.10
C LEU B 218 -38.14 44.82 -21.50
N LYS B 219 -38.93 45.70 -22.12
CA LYS B 219 -38.43 47.00 -22.54
C LYS B 219 -37.81 47.74 -21.37
N GLN B 220 -38.48 47.66 -20.22
CA GLN B 220 -37.99 48.33 -19.03
C GLN B 220 -36.64 47.79 -18.59
N VAL B 221 -36.52 46.47 -18.49
CA VAL B 221 -35.28 45.83 -18.08
C VAL B 221 -34.10 46.32 -18.90
N ALA B 222 -34.25 46.26 -20.22
CA ALA B 222 -33.21 46.68 -21.14
C ALA B 222 -32.60 48.03 -20.79
N GLU B 223 -33.37 49.09 -21.06
CA GLU B 223 -32.93 50.45 -20.80
C GLU B 223 -32.37 50.67 -19.40
N GLN B 224 -32.82 49.87 -18.44
CA GLN B 224 -32.36 50.02 -17.06
C GLN B 224 -31.11 49.23 -16.70
N PHE B 225 -30.90 48.07 -17.31
CA PHE B 225 -29.73 47.27 -16.96
C PHE B 225 -28.67 47.08 -18.03
N LEU B 226 -29.06 46.71 -19.24
CA LEU B 226 -28.07 46.51 -20.30
C LEU B 226 -27.24 47.77 -20.44
N ASN B 227 -25.93 47.64 -20.23
CA ASN B 227 -25.01 48.77 -20.31
C ASN B 227 -24.04 48.72 -21.51
N ILE B 228 -22.87 48.10 -21.29
CA ILE B 228 -21.81 47.99 -22.29
C ILE B 228 -22.13 48.78 -23.56
N ARG B 229 -21.60 49.99 -23.61
CA ARG B 229 -21.83 50.92 -24.71
C ARG B 229 -22.00 50.39 -26.12
N SER B 230 -22.64 51.24 -26.91
CA SER B 230 -22.95 51.02 -28.30
C SER B 230 -21.74 51.02 -29.22
N GLY B 231 -22.02 51.00 -30.52
CA GLY B 231 -20.99 50.99 -31.51
C GLY B 231 -21.03 49.67 -32.23
N ALA B 232 -20.22 49.52 -33.25
CA ALA B 232 -20.17 48.28 -34.00
C ALA B 232 -18.87 47.59 -33.62
N GLY B 233 -18.16 48.15 -32.65
CA GLY B 233 -16.90 47.55 -32.25
C GLY B 233 -16.11 47.16 -33.48
N THR B 234 -15.15 46.26 -33.34
CA THR B 234 -14.37 45.83 -34.48
C THR B 234 -15.28 45.15 -35.49
N SER B 235 -15.20 45.59 -36.74
CA SER B 235 -16.00 45.02 -37.81
C SER B 235 -15.24 43.84 -38.40
N SER B 236 -15.97 42.83 -38.84
CA SER B 236 -15.37 41.64 -39.43
C SER B 236 -14.86 41.91 -40.83
N ALA B 237 -13.86 41.14 -41.24
CA ALA B 237 -13.31 41.27 -42.58
C ALA B 237 -14.34 40.69 -43.54
N LYS B 238 -14.34 41.13 -44.79
CA LYS B 238 -15.29 40.64 -45.77
C LYS B 238 -14.98 39.18 -46.09
N ALA B 239 -16.01 38.41 -46.40
CA ALA B 239 -15.82 36.99 -46.71
C ALA B 239 -15.36 36.83 -48.15
N THR B 240 -14.14 36.31 -48.32
CA THR B 240 -13.57 36.09 -49.65
C THR B 240 -13.71 34.63 -50.03
N TYR B 241 -14.30 34.38 -51.20
CA TYR B 241 -14.50 33.02 -51.67
C TYR B 241 -13.19 32.39 -52.19
N TRP B 242 -12.97 31.12 -51.84
CA TRP B 242 -11.77 30.43 -52.28
C TRP B 242 -12.08 29.29 -53.24
N GLY B 243 -13.11 28.50 -52.94
CA GLY B 243 -13.44 27.39 -53.82
C GLY B 243 -12.37 26.32 -53.74
N GLY B 244 -11.99 26.00 -52.50
CA GLY B 244 -10.97 24.99 -52.26
C GLY B 244 -11.54 23.59 -52.17
N GLU B 245 -10.69 22.64 -51.85
CA GLU B 245 -11.09 21.25 -51.75
C GLU B 245 -10.26 20.55 -50.68
N ILE B 246 -10.93 20.13 -49.62
CA ILE B 246 -10.29 19.43 -48.50
C ILE B 246 -10.81 17.98 -48.39
N ARG B 247 -9.88 17.03 -48.40
CA ARG B 247 -10.26 15.63 -48.32
C ARG B 247 -9.62 14.97 -47.11
N GLU B 248 -10.45 14.42 -46.23
CA GLU B 248 -9.96 13.74 -45.04
C GLU B 248 -10.10 12.22 -45.15
N GLN B 249 -9.00 11.56 -45.50
CA GLN B 249 -8.99 10.11 -45.64
C GLN B 249 -8.87 9.53 -44.25
N ASN B 250 -9.98 9.02 -43.71
CA ASN B 250 -9.97 8.46 -42.38
C ASN B 250 -10.46 7.02 -42.31
N GLY B 251 -10.71 6.44 -43.48
CA GLY B 251 -11.13 5.06 -43.56
C GLY B 251 -12.54 4.62 -43.22
N HIS B 252 -13.43 5.53 -42.81
CA HIS B 252 -14.82 5.13 -42.49
C HIS B 252 -15.57 4.49 -43.66
N SER B 253 -16.37 3.49 -43.34
CA SER B 253 -17.18 2.76 -44.33
C SER B 253 -18.09 3.71 -45.11
N LEU B 254 -18.51 4.79 -44.46
CA LEU B 254 -19.36 5.77 -45.09
C LEU B 254 -18.56 7.01 -45.50
N VAL B 255 -18.86 7.53 -46.68
CA VAL B 255 -18.19 8.73 -47.16
C VAL B 255 -19.16 9.90 -47.21
N HIS B 256 -18.85 10.95 -46.46
CA HIS B 256 -19.68 12.14 -46.44
C HIS B 256 -19.01 13.14 -47.37
N ALA B 257 -19.80 13.71 -48.28
CA ALA B 257 -19.25 14.70 -49.19
C ALA B 257 -20.21 15.86 -49.38
N ALA B 258 -19.66 17.06 -49.56
CA ALA B 258 -20.48 18.23 -49.77
C ALA B 258 -19.84 19.06 -50.88
N VAL B 259 -20.64 19.45 -51.85
CA VAL B 259 -20.15 20.26 -52.96
C VAL B 259 -21.01 21.51 -52.97
N VAL B 260 -20.37 22.68 -52.98
CA VAL B 260 -21.13 23.91 -52.98
C VAL B 260 -20.55 24.98 -53.86
N THR B 261 -21.30 26.07 -53.93
CA THR B 261 -20.96 27.24 -54.71
C THR B 261 -21.41 28.43 -53.87
N GLU B 262 -20.84 29.59 -54.11
CA GLU B 262 -21.26 30.77 -53.38
C GLU B 262 -22.74 31.04 -53.73
N GLY B 263 -23.59 31.08 -52.72
CA GLY B 263 -25.00 31.31 -52.97
C GLY B 263 -25.44 32.67 -52.43
N ALA B 264 -26.74 32.87 -52.34
CA ALA B 264 -27.28 34.13 -51.84
C ALA B 264 -26.99 34.33 -50.37
N ALA B 265 -26.95 35.59 -49.95
CA ALA B 265 -26.68 35.94 -48.57
C ALA B 265 -28.01 36.24 -47.87
N VAL B 266 -27.94 36.57 -46.59
CA VAL B 266 -29.13 36.89 -45.81
C VAL B 266 -29.76 38.13 -46.43
N GLY B 267 -31.08 38.09 -46.59
CA GLY B 267 -31.78 39.21 -47.19
C GLY B 267 -31.48 39.29 -48.67
N SER B 268 -32.29 38.59 -49.46
CA SER B 268 -32.10 38.58 -50.90
C SER B 268 -33.25 37.87 -51.59
N ALA B 269 -33.67 38.38 -52.75
CA ALA B 269 -34.74 37.75 -53.50
C ALA B 269 -34.12 36.48 -54.06
N GLU B 270 -32.80 36.46 -54.11
CA GLU B 270 -32.03 35.33 -54.60
C GLU B 270 -32.13 34.18 -53.59
N ALA B 271 -32.14 34.55 -52.31
CA ALA B 271 -32.25 33.59 -51.23
C ALA B 271 -33.42 32.67 -51.49
N ASN B 272 -34.60 33.28 -51.63
CA ASN B 272 -35.84 32.53 -51.89
C ASN B 272 -35.75 31.57 -53.06
N ALA B 273 -34.98 31.94 -54.07
CA ALA B 273 -34.83 31.12 -55.26
C ALA B 273 -34.15 29.81 -54.87
N PHE B 274 -33.04 29.93 -54.15
CA PHE B 274 -32.30 28.76 -53.72
C PHE B 274 -33.13 27.91 -52.74
N SER B 275 -33.82 28.56 -51.81
CA SER B 275 -34.65 27.83 -50.87
C SER B 275 -35.58 26.91 -51.64
N VAL B 276 -36.28 27.47 -52.62
CA VAL B 276 -37.19 26.69 -53.44
C VAL B 276 -36.44 25.60 -54.21
N LEU B 277 -35.31 25.94 -54.83
CA LEU B 277 -34.54 24.95 -55.58
C LEU B 277 -34.11 23.84 -54.62
N GLN B 278 -33.84 24.24 -53.38
CA GLN B 278 -33.43 23.31 -52.33
C GLN B 278 -34.52 22.27 -52.17
N HIS B 279 -35.74 22.74 -51.92
CA HIS B 279 -36.89 21.86 -51.74
C HIS B 279 -37.26 21.11 -53.03
N VAL B 280 -36.88 21.67 -54.17
CA VAL B 280 -37.18 21.04 -55.44
C VAL B 280 -36.24 19.86 -55.63
N LEU B 281 -35.00 20.03 -55.18
CA LEU B 281 -33.97 18.99 -55.30
C LEU B 281 -34.08 17.89 -54.25
N GLY B 282 -34.43 18.30 -53.02
CA GLY B 282 -34.56 17.36 -51.92
C GLY B 282 -33.97 17.97 -50.66
N ALA B 283 -34.82 18.40 -49.74
CA ALA B 283 -34.35 19.02 -48.51
C ALA B 283 -34.69 18.20 -47.26
N GLY B 284 -34.30 16.93 -47.23
CA GLY B 284 -34.62 16.13 -46.06
C GLY B 284 -35.86 15.27 -46.23
N PRO B 285 -35.97 14.17 -45.45
CA PRO B 285 -37.10 13.24 -45.51
C PRO B 285 -38.38 13.81 -44.86
N LEU B 286 -39.53 13.28 -45.29
CA LEU B 286 -40.83 13.71 -44.78
C LEU B 286 -41.63 12.50 -44.32
N ILE B 287 -41.19 11.32 -44.75
CA ILE B 287 -41.85 10.06 -44.42
C ILE B 287 -40.82 9.16 -43.75
N LYS B 288 -41.16 8.65 -42.57
CA LYS B 288 -40.28 7.75 -41.84
C LYS B 288 -39.95 6.51 -42.68
N ARG B 289 -38.67 6.26 -42.88
CA ARG B 289 -38.20 5.10 -43.68
C ARG B 289 -38.75 5.15 -45.09
N GLY B 290 -39.50 6.20 -45.38
CA GLY B 290 -40.08 6.30 -46.71
C GLY B 290 -39.14 6.96 -47.68
N SER B 291 -39.32 6.62 -48.95
CA SER B 291 -38.50 7.20 -50.01
C SER B 291 -39.00 8.62 -50.25
N SER B 292 -38.15 9.44 -50.84
CA SER B 292 -38.54 10.80 -51.13
C SER B 292 -38.70 10.88 -52.64
N VAL B 293 -39.96 10.88 -53.09
CA VAL B 293 -40.25 10.94 -54.52
C VAL B 293 -40.17 12.36 -55.05
N THR B 294 -40.68 13.30 -54.24
CA THR B 294 -40.67 14.72 -54.56
C THR B 294 -39.24 15.25 -54.51
N SER B 295 -38.26 14.36 -54.40
CA SER B 295 -36.87 14.78 -54.34
C SER B 295 -36.10 14.40 -55.59
N LYS B 296 -35.92 15.37 -56.47
CA LYS B 296 -35.20 15.16 -57.72
C LYS B 296 -33.85 14.52 -57.45
N LEU B 297 -33.11 15.15 -56.55
CA LEU B 297 -31.77 14.70 -56.19
C LEU B 297 -31.72 13.28 -55.61
N TYR B 298 -32.54 13.00 -54.61
CA TYR B 298 -32.57 11.68 -53.99
C TYR B 298 -32.94 10.62 -55.03
N GLN B 299 -34.07 10.84 -55.70
CA GLN B 299 -34.55 9.92 -56.73
C GLN B 299 -33.50 9.62 -57.78
N GLY B 300 -32.68 10.63 -58.09
CA GLY B 300 -31.65 10.46 -59.10
C GLY B 300 -30.53 9.57 -58.61
N VAL B 301 -30.03 9.84 -57.41
CA VAL B 301 -28.97 9.05 -56.82
C VAL B 301 -29.45 7.60 -56.66
N ALA B 302 -30.70 7.45 -56.24
CA ALA B 302 -31.30 6.15 -56.03
C ALA B 302 -31.23 5.31 -57.30
N LYS B 303 -31.45 5.95 -58.44
CA LYS B 303 -31.42 5.26 -59.72
C LYS B 303 -29.99 4.80 -60.06
N ALA B 304 -29.01 5.52 -59.54
CA ALA B 304 -27.62 5.21 -59.82
C ALA B 304 -26.99 4.12 -58.95
N THR B 305 -27.32 4.09 -57.66
CA THR B 305 -26.72 3.09 -56.79
C THR B 305 -27.75 2.18 -56.13
N THR B 306 -27.32 0.96 -55.82
CA THR B 306 -28.18 -0.05 -55.20
C THR B 306 -28.08 -0.02 -53.68
N GLN B 307 -26.94 0.45 -53.19
CA GLN B 307 -26.68 0.49 -51.76
C GLN B 307 -27.25 1.67 -50.99
N PRO B 308 -27.30 1.55 -49.66
CA PRO B 308 -27.80 2.61 -48.79
C PRO B 308 -27.02 3.88 -49.01
N PHE B 309 -27.75 4.98 -49.06
CA PHE B 309 -27.13 6.28 -49.28
C PHE B 309 -28.02 7.39 -48.76
N ASP B 310 -27.59 8.61 -49.01
CA ASP B 310 -28.34 9.77 -48.61
C ASP B 310 -27.82 11.02 -49.31
N ALA B 311 -28.71 11.71 -50.00
CA ALA B 311 -28.34 12.92 -50.72
C ALA B 311 -29.32 14.03 -50.35
N SER B 312 -28.82 15.25 -50.25
CA SER B 312 -29.66 16.39 -49.92
C SER B 312 -29.15 17.70 -50.49
N ALA B 313 -30.06 18.65 -50.64
CA ALA B 313 -29.69 19.96 -51.14
C ALA B 313 -29.20 20.69 -49.92
N PHE B 314 -27.99 21.22 -50.01
CA PHE B 314 -27.39 21.97 -48.91
C PHE B 314 -27.66 23.43 -49.19
N ASN B 315 -27.82 24.23 -48.14
CA ASN B 315 -28.08 25.66 -48.34
C ASN B 315 -27.85 26.49 -47.07
N VAL B 316 -26.95 27.47 -47.16
CA VAL B 316 -26.69 28.35 -46.02
C VAL B 316 -26.69 29.82 -46.41
N ASN B 317 -27.29 30.66 -45.58
CA ASN B 317 -27.33 32.08 -45.87
C ASN B 317 -26.68 32.89 -44.76
N TYR B 318 -25.58 33.55 -45.08
CA TYR B 318 -24.89 34.38 -44.11
C TYR B 318 -25.07 35.87 -44.44
N SER B 319 -24.72 36.74 -43.49
CA SER B 319 -24.84 38.18 -43.66
C SER B 319 -24.28 38.71 -44.98
N ASP B 320 -23.04 38.36 -45.29
CA ASP B 320 -22.40 38.83 -46.50
C ASP B 320 -22.06 37.74 -47.52
N SER B 321 -22.76 36.61 -47.45
CA SER B 321 -22.51 35.53 -48.38
C SER B 321 -23.39 34.32 -48.05
N GLY B 322 -23.16 33.22 -48.75
CA GLY B 322 -23.95 32.03 -48.51
C GLY B 322 -23.34 30.90 -49.31
N LEU B 323 -23.79 29.68 -49.05
CA LEU B 323 -23.28 28.54 -49.77
C LEU B 323 -24.46 27.68 -50.22
N PHE B 324 -24.34 27.10 -51.41
CA PHE B 324 -25.42 26.26 -51.92
C PHE B 324 -24.86 25.08 -52.70
N GLY B 325 -25.43 23.90 -52.48
CA GLY B 325 -24.97 22.72 -53.17
C GLY B 325 -25.68 21.50 -52.64
N PHE B 326 -24.96 20.39 -52.59
CA PHE B 326 -25.54 19.15 -52.11
C PHE B 326 -24.60 18.36 -51.20
N TYR B 327 -25.19 17.67 -50.23
CA TYR B 327 -24.43 16.87 -49.29
C TYR B 327 -24.80 15.38 -49.47
N THR B 328 -23.81 14.53 -49.67
CA THR B 328 -24.09 13.10 -49.81
C THR B 328 -23.47 12.28 -48.69
N ILE B 329 -23.88 11.01 -48.61
CA ILE B 329 -23.39 10.05 -47.64
C ILE B 329 -23.58 8.71 -48.33
N SER B 330 -22.49 8.01 -48.62
CA SER B 330 -22.62 6.73 -49.31
C SER B 330 -21.54 5.74 -48.95
N GLN B 331 -21.74 4.49 -49.34
CA GLN B 331 -20.73 3.49 -49.08
C GLN B 331 -19.52 3.96 -49.85
N ALA B 332 -18.33 3.63 -49.37
CA ALA B 332 -17.11 4.07 -50.03
C ALA B 332 -17.01 3.71 -51.51
N ALA B 333 -17.27 2.45 -51.83
CA ALA B 333 -17.18 1.98 -53.20
C ALA B 333 -18.13 2.65 -54.18
N HIS B 334 -19.26 3.13 -53.70
CA HIS B 334 -20.23 3.75 -54.57
C HIS B 334 -20.28 5.27 -54.47
N ALA B 335 -19.31 5.85 -53.76
CA ALA B 335 -19.26 7.31 -53.61
C ALA B 335 -19.16 7.99 -54.96
N GLY B 336 -18.31 7.44 -55.82
CA GLY B 336 -18.11 8.02 -57.14
C GLY B 336 -19.42 8.25 -57.85
N GLU B 337 -20.13 7.17 -58.13
CA GLU B 337 -21.41 7.25 -58.81
C GLU B 337 -22.43 8.11 -58.08
N VAL B 338 -22.51 7.97 -56.77
CA VAL B 338 -23.48 8.74 -55.99
C VAL B 338 -23.25 10.24 -56.07
N ILE B 339 -21.99 10.66 -56.10
CA ILE B 339 -21.69 12.06 -56.18
C ILE B 339 -21.94 12.61 -57.58
N ARG B 340 -21.56 11.84 -58.61
CA ARG B 340 -21.78 12.28 -59.97
C ARG B 340 -23.26 12.35 -60.27
N ALA B 341 -24.02 11.35 -59.83
CA ALA B 341 -25.47 11.34 -60.05
C ALA B 341 -26.09 12.62 -59.49
N ALA B 342 -25.64 13.02 -58.30
CA ALA B 342 -26.15 14.22 -57.66
C ALA B 342 -25.81 15.46 -58.51
N MET B 343 -24.69 15.40 -59.22
CA MET B 343 -24.27 16.51 -60.06
C MET B 343 -25.15 16.67 -61.29
N ASN B 344 -25.51 15.56 -61.91
CA ASN B 344 -26.36 15.57 -63.10
C ASN B 344 -27.72 16.14 -62.77
N GLN B 345 -28.21 15.84 -61.57
CA GLN B 345 -29.50 16.33 -61.14
C GLN B 345 -29.49 17.85 -61.05
N LEU B 346 -28.30 18.41 -60.86
CA LEU B 346 -28.17 19.85 -60.77
C LEU B 346 -28.07 20.46 -62.17
N LYS B 347 -27.34 19.79 -63.06
CA LYS B 347 -27.22 20.27 -64.43
C LYS B 347 -28.63 20.15 -65.00
N ALA B 348 -29.13 18.92 -65.05
CA ALA B 348 -30.46 18.63 -65.56
C ALA B 348 -31.50 19.64 -65.12
N ALA B 349 -31.28 20.24 -63.95
CA ALA B 349 -32.22 21.22 -63.42
C ALA B 349 -31.90 22.62 -63.96
N ALA B 350 -30.63 22.87 -64.20
CA ALA B 350 -30.16 24.15 -64.73
C ALA B 350 -30.62 24.29 -66.18
N GLN B 351 -30.86 23.14 -66.81
CA GLN B 351 -31.30 23.10 -68.20
C GLN B 351 -32.82 22.92 -68.27
N GLY B 352 -33.55 23.85 -67.64
CA GLY B 352 -35.00 23.81 -67.64
C GLY B 352 -35.71 22.55 -67.16
N GLY B 353 -34.96 21.53 -66.76
CA GLY B 353 -35.56 20.30 -66.29
C GLY B 353 -36.33 20.45 -64.98
N VAL B 354 -37.05 21.55 -64.84
CA VAL B 354 -37.84 21.86 -63.66
C VAL B 354 -39.29 22.13 -64.03
N THR B 355 -40.19 21.24 -63.62
CA THR B 355 -41.63 21.39 -63.91
C THR B 355 -42.13 22.64 -63.20
N GLU B 356 -43.29 23.14 -63.65
CA GLU B 356 -43.88 24.32 -63.06
C GLU B 356 -44.65 23.87 -61.81
N GLU B 357 -44.98 22.58 -61.79
CA GLU B 357 -45.70 21.99 -60.67
C GLU B 357 -44.69 21.67 -59.59
N ASP B 358 -43.47 21.37 -60.01
CA ASP B 358 -42.39 21.06 -59.08
C ASP B 358 -42.20 22.28 -58.19
N VAL B 359 -42.15 23.45 -58.83
CA VAL B 359 -41.97 24.71 -58.11
C VAL B 359 -43.17 24.99 -57.21
N THR B 360 -44.33 24.45 -57.57
CA THR B 360 -45.53 24.66 -56.77
C THR B 360 -45.43 23.84 -55.50
N LYS B 361 -45.10 22.57 -55.65
CA LYS B 361 -44.99 21.66 -54.51
C LYS B 361 -43.91 22.13 -53.55
N ALA B 362 -42.71 22.38 -54.07
CA ALA B 362 -41.62 22.85 -53.24
C ALA B 362 -42.04 24.07 -52.41
N LYS B 363 -42.81 24.96 -53.02
CA LYS B 363 -43.27 26.15 -52.33
C LYS B 363 -44.13 25.82 -51.12
N ASN B 364 -44.82 24.69 -51.18
CA ASN B 364 -45.68 24.27 -50.07
C ASN B 364 -44.79 23.78 -48.94
N GLN B 365 -43.89 22.85 -49.27
CA GLN B 365 -42.97 22.27 -48.32
C GLN B 365 -42.22 23.40 -47.63
N LEU B 366 -41.84 24.40 -48.41
CA LEU B 366 -41.11 25.54 -47.86
C LEU B 366 -42.01 26.34 -46.90
N LYS B 367 -43.22 26.67 -47.34
CA LYS B 367 -44.15 27.40 -46.49
C LYS B 367 -44.46 26.59 -45.23
N ALA B 368 -44.67 25.29 -45.42
CA ALA B 368 -44.99 24.38 -44.33
C ALA B 368 -43.83 24.38 -43.34
N THR B 369 -42.66 23.97 -43.82
CA THR B 369 -41.46 23.93 -42.99
C THR B 369 -41.38 25.17 -42.12
N TYR B 370 -41.23 26.32 -42.77
CA TYR B 370 -41.14 27.58 -42.04
C TYR B 370 -42.20 27.67 -40.94
N LEU B 371 -43.45 27.36 -41.31
CA LEU B 371 -44.55 27.42 -40.37
C LEU B 371 -44.45 26.46 -39.21
N MET B 372 -43.87 25.29 -39.45
CA MET B 372 -43.71 24.31 -38.39
C MET B 372 -42.57 24.73 -37.48
N SER B 373 -41.51 25.25 -38.09
CA SER B 373 -40.31 25.72 -37.38
C SER B 373 -40.61 26.55 -36.15
N VAL B 374 -41.73 27.28 -36.19
CA VAL B 374 -42.09 28.14 -35.07
C VAL B 374 -43.03 27.58 -34.03
N GLU B 375 -43.31 26.27 -34.10
CA GLU B 375 -44.20 25.61 -33.14
C GLU B 375 -43.60 25.57 -31.73
N THR B 376 -42.30 25.32 -31.65
CA THR B 376 -41.58 25.23 -30.38
C THR B 376 -41.05 26.59 -29.91
N ALA B 377 -41.06 26.80 -28.60
CA ALA B 377 -40.57 28.05 -28.02
C ALA B 377 -39.18 28.41 -28.53
N GLN B 378 -38.31 27.41 -28.68
CA GLN B 378 -36.96 27.67 -29.15
C GLN B 378 -36.99 28.20 -30.57
N GLY B 379 -37.90 27.66 -31.38
CA GLY B 379 -38.02 28.06 -32.77
C GLY B 379 -38.63 29.45 -32.93
N LEU B 380 -39.72 29.69 -32.22
CA LEU B 380 -40.39 30.97 -32.29
C LEU B 380 -39.43 32.07 -31.87
N LEU B 381 -38.82 31.90 -30.71
CA LEU B 381 -37.88 32.88 -30.19
C LEU B 381 -36.73 33.14 -31.13
N ASN B 382 -36.24 32.07 -31.76
CA ASN B 382 -35.13 32.26 -32.67
C ASN B 382 -35.55 33.01 -33.91
N GLU B 383 -36.75 32.74 -34.40
CA GLU B 383 -37.24 33.44 -35.59
C GLU B 383 -37.37 34.94 -35.29
N ILE B 384 -38.04 35.27 -34.19
CA ILE B 384 -38.23 36.66 -33.80
C ILE B 384 -36.89 37.37 -33.68
N GLY B 385 -36.08 36.96 -32.71
CA GLY B 385 -34.79 37.58 -32.51
C GLY B 385 -33.85 37.66 -33.70
N SER B 386 -33.81 36.62 -34.53
CA SER B 386 -32.92 36.61 -35.67
C SER B 386 -33.17 37.82 -36.57
N GLU B 387 -34.44 38.01 -36.90
CA GLU B 387 -34.85 39.14 -37.74
C GLU B 387 -34.74 40.43 -36.94
N ALA B 388 -35.31 40.43 -35.74
CA ALA B 388 -35.25 41.59 -34.88
C ALA B 388 -33.81 42.04 -34.61
N LEU B 389 -32.85 41.27 -35.12
CA LEU B 389 -31.46 41.60 -34.91
C LEU B 389 -30.82 42.16 -36.17
N LEU B 390 -31.17 41.57 -37.31
CA LEU B 390 -30.61 41.99 -38.59
C LEU B 390 -31.44 43.06 -39.32
N SER B 391 -32.35 43.71 -38.60
CA SER B 391 -33.19 44.74 -39.20
C SER B 391 -34.28 45.26 -38.26
N GLY B 392 -34.07 45.13 -36.95
CA GLY B 392 -35.04 45.60 -35.98
C GLY B 392 -36.50 45.63 -36.42
N THR B 393 -36.93 44.61 -37.14
CA THR B 393 -38.31 44.53 -37.62
C THR B 393 -38.87 43.13 -37.51
N HIS B 394 -40.05 42.93 -38.09
CA HIS B 394 -40.71 41.63 -38.06
C HIS B 394 -41.69 41.44 -39.22
N THR B 395 -41.29 40.63 -40.19
CA THR B 395 -42.11 40.34 -41.36
C THR B 395 -43.29 39.46 -40.96
N ALA B 396 -44.48 39.81 -41.44
CA ALA B 396 -45.68 39.02 -41.14
C ALA B 396 -45.56 37.68 -41.83
N PRO B 397 -45.98 36.59 -41.16
CA PRO B 397 -45.89 35.26 -41.75
C PRO B 397 -46.61 35.16 -43.10
N SER B 398 -47.31 36.23 -43.47
CA SER B 398 -48.03 36.29 -44.73
C SER B 398 -47.17 36.95 -45.80
N VAL B 399 -46.37 37.92 -45.38
CA VAL B 399 -45.48 38.63 -46.29
C VAL B 399 -44.35 37.68 -46.69
N VAL B 400 -43.90 36.87 -45.73
CA VAL B 400 -42.85 35.90 -45.98
C VAL B 400 -43.37 34.86 -46.97
N ALA B 401 -44.63 34.45 -46.80
CA ALA B 401 -45.24 33.47 -47.69
C ALA B 401 -45.47 34.15 -49.04
N GLN B 402 -45.88 35.41 -48.97
CA GLN B 402 -46.13 36.23 -50.15
C GLN B 402 -44.86 36.38 -50.98
N LYS B 403 -43.73 36.50 -50.28
CA LYS B 403 -42.43 36.66 -50.92
C LYS B 403 -41.93 35.35 -51.50
N ILE B 404 -42.22 34.24 -50.84
CA ILE B 404 -41.76 32.94 -51.28
C ILE B 404 -42.43 32.43 -52.56
N ASP B 405 -43.75 32.26 -52.55
CA ASP B 405 -44.45 31.75 -53.73
C ASP B 405 -44.31 32.69 -54.93
N SER B 406 -43.99 33.95 -54.65
CA SER B 406 -43.79 34.92 -55.73
C SER B 406 -42.36 34.73 -56.24
N VAL B 407 -42.08 33.51 -56.66
CA VAL B 407 -40.78 33.10 -57.17
C VAL B 407 -41.01 32.25 -58.41
N THR B 408 -40.73 32.83 -59.57
CA THR B 408 -40.94 32.14 -60.85
C THR B 408 -40.10 30.89 -61.05
N SER B 409 -40.57 30.05 -61.95
CA SER B 409 -39.89 28.82 -62.29
C SER B 409 -38.54 29.19 -62.89
N ALA B 410 -38.47 30.38 -63.46
CA ALA B 410 -37.24 30.85 -64.07
C ALA B 410 -36.19 31.03 -62.99
N ASP B 411 -36.52 31.83 -61.98
CA ASP B 411 -35.63 32.10 -60.87
C ASP B 411 -34.90 30.85 -60.44
N VAL B 412 -35.68 29.82 -60.12
CA VAL B 412 -35.15 28.53 -59.69
C VAL B 412 -34.11 28.00 -60.67
N VAL B 413 -34.50 27.86 -61.94
CA VAL B 413 -33.60 27.34 -62.96
C VAL B 413 -32.33 28.18 -63.02
N ASN B 414 -32.45 29.46 -62.72
CA ASN B 414 -31.29 30.35 -62.73
C ASN B 414 -30.38 29.98 -61.57
N ALA B 415 -30.98 29.87 -60.38
CA ALA B 415 -30.22 29.49 -59.21
C ALA B 415 -29.41 28.25 -59.57
N ALA B 416 -30.10 27.25 -60.15
CA ALA B 416 -29.46 26.01 -60.57
C ALA B 416 -28.28 26.26 -61.52
N LYS B 417 -28.44 27.22 -62.42
CA LYS B 417 -27.36 27.54 -63.37
C LYS B 417 -26.18 28.17 -62.64
N LYS B 418 -26.47 29.11 -61.75
CA LYS B 418 -25.43 29.80 -61.00
C LYS B 418 -24.53 28.78 -60.32
N PHE B 419 -25.09 27.63 -59.99
CA PHE B 419 -24.33 26.57 -59.33
C PHE B 419 -23.43 25.85 -60.32
N VAL B 420 -24.01 25.39 -61.43
CA VAL B 420 -23.24 24.65 -62.41
C VAL B 420 -22.10 25.46 -63.03
N SER B 421 -22.26 26.79 -63.05
CA SER B 421 -21.26 27.66 -63.63
C SER B 421 -20.29 28.26 -62.61
N GLY B 422 -20.77 28.47 -61.38
CA GLY B 422 -19.92 29.03 -60.36
C GLY B 422 -18.76 28.14 -59.94
N LYS B 423 -17.72 28.74 -59.35
CA LYS B 423 -16.56 27.98 -58.89
C LYS B 423 -16.99 27.23 -57.64
N LYS B 424 -16.72 25.93 -57.63
CA LYS B 424 -17.14 25.11 -56.52
C LYS B 424 -16.04 24.75 -55.54
N SER B 425 -16.44 24.53 -54.30
CA SER B 425 -15.53 24.13 -53.24
C SER B 425 -16.11 22.80 -52.74
N MET B 426 -15.24 21.88 -52.33
CA MET B 426 -15.70 20.58 -51.88
C MET B 426 -14.97 20.06 -50.63
N ALA B 427 -15.66 19.23 -49.87
CA ALA B 427 -15.09 18.64 -48.67
C ALA B 427 -15.68 17.23 -48.52
N ALA B 428 -14.80 16.26 -48.30
CA ALA B 428 -15.22 14.87 -48.15
C ALA B 428 -14.33 14.13 -47.14
N SER B 429 -14.92 13.20 -46.39
CA SER B 429 -14.16 12.42 -45.40
C SER B 429 -14.58 10.96 -45.45
N GLY B 430 -13.65 10.06 -45.17
CA GLY B 430 -13.96 8.64 -45.19
C GLY B 430 -12.95 7.93 -46.05
N ASP B 431 -13.26 6.73 -46.50
CA ASP B 431 -12.35 5.99 -47.36
C ASP B 431 -12.53 6.57 -48.77
N LEU B 432 -11.86 7.70 -49.02
CA LEU B 432 -11.95 8.43 -50.28
C LEU B 432 -11.33 7.77 -51.51
N GLY B 433 -11.01 6.48 -51.41
CA GLY B 433 -10.40 5.79 -52.54
C GLY B 433 -11.19 5.84 -53.85
N SER B 434 -12.49 6.04 -53.75
CA SER B 434 -13.34 6.08 -54.94
C SER B 434 -14.08 7.41 -55.05
N THR B 435 -13.74 8.36 -54.18
CA THR B 435 -14.40 9.65 -54.22
C THR B 435 -13.69 10.52 -55.25
N PRO B 436 -14.45 11.11 -56.17
CA PRO B 436 -13.88 11.97 -57.21
C PRO B 436 -13.41 13.35 -56.73
N PHE B 437 -12.44 13.93 -57.45
CA PHE B 437 -11.93 15.25 -57.09
C PHE B 437 -12.81 16.27 -57.80
N LEU B 438 -12.91 17.45 -57.21
CA LEU B 438 -13.73 18.53 -57.76
C LEU B 438 -13.57 18.75 -59.27
N ASP B 439 -12.39 18.48 -59.82
CA ASP B 439 -12.16 18.67 -61.26
C ASP B 439 -12.53 17.47 -62.12
N GLU B 440 -13.33 16.57 -61.59
CA GLU B 440 -13.76 15.41 -62.36
C GLU B 440 -15.27 15.39 -62.31
N LEU B 441 -15.84 16.46 -61.75
CA LEU B 441 -17.29 16.58 -61.64
C LEU B 441 -17.80 17.47 -62.76
N MET C 1 -10.49 12.50 -0.40
CA MET C 1 -10.19 12.12 -1.81
C MET C 1 -11.29 11.21 -2.37
N ALA C 2 -11.38 9.99 -1.82
CA ALA C 2 -12.39 9.04 -2.27
C ALA C 2 -13.75 9.37 -1.66
N PRO C 3 -14.83 9.06 -2.40
CA PRO C 3 -16.20 9.31 -1.93
C PRO C 3 -16.62 8.52 -0.69
N ASN C 4 -16.06 7.32 -0.50
CA ASN C 4 -16.43 6.53 0.67
C ASN C 4 -15.25 6.13 1.55
N ILE C 5 -15.40 6.41 2.84
CA ILE C 5 -14.39 6.13 3.86
C ILE C 5 -13.77 4.74 3.84
N ARG C 6 -14.58 3.72 3.55
CA ARG C 6 -14.09 2.34 3.53
C ARG C 6 -12.82 2.21 2.68
N LYS C 7 -12.64 3.14 1.74
CA LYS C 7 -11.46 3.13 0.86
C LYS C 7 -10.40 4.22 1.11
N SER C 8 -10.82 5.40 1.55
CA SER C 8 -9.85 6.47 1.78
C SER C 8 -9.10 6.42 3.13
N HIS C 9 -9.83 6.17 4.21
CA HIS C 9 -9.23 6.10 5.55
C HIS C 9 -8.02 5.15 5.54
N PRO C 10 -6.85 5.59 6.07
CA PRO C 10 -5.65 4.73 6.09
C PRO C 10 -5.71 3.42 6.88
N LEU C 11 -6.68 3.28 7.77
CA LEU C 11 -6.82 2.04 8.54
C LEU C 11 -7.91 1.14 7.96
N LEU C 12 -9.07 1.72 7.67
CA LEU C 12 -10.17 0.96 7.10
C LEU C 12 -9.73 0.45 5.74
N LYS C 13 -9.02 1.28 5.01
CA LYS C 13 -8.49 0.94 3.69
C LYS C 13 -7.89 -0.45 3.78
N MET C 14 -7.16 -0.68 4.87
CA MET C 14 -6.51 -1.95 5.11
C MET C 14 -7.49 -3.07 5.41
N ILE C 15 -8.53 -2.79 6.18
CA ILE C 15 -9.53 -3.79 6.48
C ILE C 15 -10.33 -4.13 5.23
N ASN C 16 -10.62 -3.10 4.44
CA ASN C 16 -11.36 -3.26 3.21
C ASN C 16 -10.59 -4.10 2.21
N ASN C 17 -9.29 -3.83 2.06
CA ASN C 17 -8.48 -4.56 1.10
C ASN C 17 -8.10 -5.99 1.51
N SER C 18 -8.49 -6.40 2.70
CA SER C 18 -8.14 -7.74 3.15
C SER C 18 -9.33 -8.53 3.70
N LEU C 19 -10.45 -7.87 3.97
CA LEU C 19 -11.59 -8.59 4.49
C LEU C 19 -12.95 -8.15 3.97
N ILE C 20 -12.98 -7.27 2.98
CA ILE C 20 -14.27 -6.84 2.49
C ILE C 20 -14.32 -6.84 0.98
N ASP C 21 -13.44 -6.07 0.34
CA ASP C 21 -13.42 -6.01 -1.11
C ASP C 21 -12.34 -6.92 -1.70
N LEU C 22 -11.63 -7.63 -0.83
CA LEU C 22 -10.59 -8.55 -1.26
C LEU C 22 -11.13 -9.53 -2.29
N PRO C 23 -10.49 -9.60 -3.47
CA PRO C 23 -10.98 -10.52 -4.50
C PRO C 23 -10.64 -11.96 -4.11
N ALA C 24 -11.66 -12.82 -4.11
CA ALA C 24 -11.45 -14.22 -3.76
C ALA C 24 -11.98 -15.14 -4.85
N PRO C 25 -11.34 -16.31 -5.02
CA PRO C 25 -11.83 -17.23 -6.05
C PRO C 25 -13.24 -17.66 -5.67
N SER C 26 -14.12 -17.74 -6.66
CA SER C 26 -15.50 -18.13 -6.41
C SER C 26 -15.66 -19.57 -5.96
N ASN C 27 -14.74 -20.44 -6.35
CA ASN C 27 -14.84 -21.87 -6.03
C ASN C 27 -13.98 -22.49 -4.93
N ILE C 28 -13.43 -21.71 -4.00
CA ILE C 28 -12.63 -22.35 -2.97
C ILE C 28 -13.54 -23.14 -2.04
N SER C 29 -13.09 -24.33 -1.64
CA SER C 29 -13.88 -25.21 -0.79
C SER C 29 -13.66 -25.08 0.71
N ALA C 30 -14.16 -26.06 1.45
CA ALA C 30 -14.03 -26.05 2.89
C ALA C 30 -12.56 -26.11 3.29
N TRP C 31 -11.72 -26.63 2.41
CA TRP C 31 -10.30 -26.72 2.74
C TRP C 31 -9.62 -25.35 2.84
N TRP C 32 -10.33 -24.31 2.45
CA TRP C 32 -9.78 -22.96 2.50
C TRP C 32 -10.34 -22.22 3.74
N ASN C 33 -10.97 -22.98 4.62
CA ASN C 33 -11.56 -22.45 5.83
C ASN C 33 -10.61 -22.49 7.00
N PHE C 34 -9.60 -23.36 6.94
CA PHE C 34 -8.67 -23.50 8.05
C PHE C 34 -7.74 -22.33 8.34
N GLY C 35 -7.56 -21.45 7.35
CA GLY C 35 -6.74 -20.28 7.55
C GLY C 35 -7.42 -19.41 8.61
N SER C 36 -8.69 -19.07 8.36
CA SER C 36 -9.41 -18.27 9.32
C SER C 36 -9.58 -19.01 10.65
N LEU C 37 -9.78 -20.33 10.63
CA LEU C 37 -9.91 -21.04 11.90
C LEU C 37 -8.59 -20.95 12.65
N LEU C 38 -7.48 -21.05 11.94
CA LEU C 38 -6.17 -20.94 12.58
C LEU C 38 -6.06 -19.57 13.23
N ALA C 39 -6.50 -18.55 12.53
CA ALA C 39 -6.43 -17.20 13.09
C ALA C 39 -7.29 -17.10 14.36
N VAL C 40 -8.47 -17.71 14.35
CA VAL C 40 -9.32 -17.67 15.53
C VAL C 40 -8.75 -18.50 16.69
N CYS C 41 -8.06 -19.60 16.41
CA CYS C 41 -7.47 -20.33 17.52
C CYS C 41 -6.45 -19.41 18.17
N LEU C 42 -5.66 -18.76 17.33
CA LEU C 42 -4.62 -17.89 17.82
C LEU C 42 -5.18 -16.83 18.74
N MET C 43 -6.24 -16.17 18.32
CA MET C 43 -6.79 -15.14 19.18
C MET C 43 -7.42 -15.77 20.41
N THR C 44 -8.05 -16.91 20.22
CA THR C 44 -8.66 -17.62 21.33
C THR C 44 -7.60 -18.08 22.35
N GLN C 45 -6.51 -18.66 21.86
CA GLN C 45 -5.46 -19.14 22.74
C GLN C 45 -4.87 -18.00 23.56
N ILE C 46 -4.56 -16.90 22.91
CA ILE C 46 -3.99 -15.73 23.57
C ILE C 46 -4.91 -15.22 24.66
N LEU C 47 -6.18 -15.15 24.36
CA LEU C 47 -7.15 -14.65 25.32
C LEU C 47 -7.25 -15.56 26.54
N THR C 48 -7.37 -16.85 26.31
CA THR C 48 -7.49 -17.78 27.42
C THR C 48 -6.17 -17.87 28.17
N GLY C 49 -5.08 -17.76 27.42
CA GLY C 49 -3.75 -17.82 28.03
C GLY C 49 -3.50 -16.67 29.00
N LEU C 50 -3.81 -15.44 28.58
CA LEU C 50 -3.64 -14.29 29.48
C LEU C 50 -4.46 -14.55 30.73
N LEU C 51 -5.72 -14.94 30.53
CA LEU C 51 -6.58 -15.21 31.65
C LEU C 51 -5.98 -16.24 32.61
N LEU C 52 -5.34 -17.29 32.08
CA LEU C 52 -4.72 -18.29 32.95
C LEU C 52 -3.46 -17.71 33.57
N ALA C 53 -2.68 -16.99 32.77
CA ALA C 53 -1.45 -16.39 33.23
C ALA C 53 -1.68 -15.50 34.44
N MET C 54 -2.88 -14.93 34.55
CA MET C 54 -3.18 -14.05 35.69
C MET C 54 -3.37 -14.74 37.03
N HIS C 55 -3.27 -16.06 37.06
CA HIS C 55 -3.40 -16.83 38.29
C HIS C 55 -2.31 -17.89 38.37
N TYR C 56 -1.43 -17.89 37.38
CA TYR C 56 -0.35 -18.85 37.32
C TYR C 56 0.84 -18.36 38.12
N THR C 57 1.69 -19.27 38.56
CA THR C 57 2.88 -18.91 39.30
C THR C 57 4.02 -19.80 38.86
N ALA C 58 4.97 -19.22 38.13
CA ALA C 58 6.12 -19.95 37.61
C ALA C 58 7.22 -20.15 38.63
N ASP C 59 7.13 -21.25 39.36
CA ASP C 59 8.10 -21.66 40.36
C ASP C 59 7.76 -23.10 40.61
N THR C 60 8.77 -23.96 40.57
CA THR C 60 8.54 -25.40 40.75
C THR C 60 7.75 -25.76 42.02
N SER C 61 7.87 -24.96 43.06
CA SER C 61 7.15 -25.27 44.29
C SER C 61 5.71 -24.78 44.23
N LEU C 62 5.38 -23.95 43.24
CA LEU C 62 4.02 -23.43 43.17
C LEU C 62 3.28 -23.65 41.84
N ALA C 63 4.01 -24.01 40.79
CA ALA C 63 3.39 -24.23 39.48
C ALA C 63 2.16 -25.12 39.50
N PHE C 64 2.37 -26.39 39.84
CA PHE C 64 1.30 -27.39 39.87
C PHE C 64 0.11 -26.91 40.69
N SER C 65 0.37 -26.43 41.90
CA SER C 65 -0.74 -25.99 42.72
C SER C 65 -1.44 -24.69 42.27
N SER C 66 -0.72 -23.80 41.60
CA SER C 66 -1.36 -22.57 41.14
C SER C 66 -2.36 -22.94 40.04
N VAL C 67 -2.03 -23.96 39.26
CA VAL C 67 -2.93 -24.41 38.23
C VAL C 67 -4.15 -25.05 38.91
N ALA C 68 -3.88 -25.78 39.98
CA ALA C 68 -4.93 -26.44 40.73
C ALA C 68 -5.79 -25.35 41.33
N HIS C 69 -5.14 -24.32 41.89
CA HIS C 69 -5.85 -23.21 42.49
C HIS C 69 -6.76 -22.58 41.42
N THR C 70 -6.22 -22.43 40.20
CA THR C 70 -6.97 -21.86 39.11
C THR C 70 -8.21 -22.69 38.80
N CYS C 71 -8.05 -24.00 38.64
CA CYS C 71 -9.20 -24.86 38.32
C CYS C 71 -10.15 -25.02 39.49
N ARG C 72 -9.64 -24.98 40.70
CA ARG C 72 -10.52 -25.16 41.85
C ARG C 72 -11.15 -23.90 42.47
N ASN C 73 -10.44 -22.77 42.44
CA ASN C 73 -10.94 -21.54 43.06
C ASN C 73 -11.37 -20.38 42.15
N VAL C 74 -10.70 -20.19 41.03
CA VAL C 74 -11.03 -19.11 40.13
C VAL C 74 -12.36 -19.34 39.43
N GLN C 75 -13.26 -18.37 39.51
CA GLN C 75 -14.54 -18.47 38.82
C GLN C 75 -14.25 -18.91 37.40
N TYR C 76 -14.89 -19.98 36.94
CA TYR C 76 -14.69 -20.52 35.62
C TYR C 76 -13.24 -20.80 35.25
N GLY C 77 -12.38 -20.87 36.26
CA GLY C 77 -10.99 -21.15 35.99
C GLY C 77 -10.85 -22.50 35.28
N TRP C 78 -11.59 -23.50 35.76
CA TRP C 78 -11.53 -24.82 35.17
C TRP C 78 -11.92 -24.76 33.70
N LEU C 79 -12.96 -24.00 33.41
CA LEU C 79 -13.43 -23.91 32.03
C LEU C 79 -12.39 -23.28 31.12
N ILE C 80 -11.78 -22.21 31.62
CA ILE C 80 -10.78 -21.50 30.85
C ILE C 80 -9.57 -22.42 30.63
N ARG C 81 -9.21 -23.20 31.63
CA ARG C 81 -8.09 -24.10 31.46
C ARG C 81 -8.43 -25.16 30.39
N ASN C 82 -9.63 -25.72 30.45
CA ASN C 82 -10.01 -26.72 29.46
C ASN C 82 -9.94 -26.09 28.07
N LEU C 83 -10.50 -24.89 27.92
CA LEU C 83 -10.50 -24.26 26.62
C LEU C 83 -9.07 -24.02 26.13
N HIS C 84 -8.15 -23.72 27.05
CA HIS C 84 -6.78 -23.47 26.62
C HIS C 84 -6.10 -24.79 26.23
N ALA C 85 -6.19 -25.78 27.09
CA ALA C 85 -5.57 -27.07 26.80
C ALA C 85 -6.12 -27.68 25.53
N ASN C 86 -7.44 -27.73 25.40
CA ASN C 86 -8.03 -28.31 24.21
C ASN C 86 -7.89 -27.45 22.97
N GLY C 87 -7.79 -26.13 23.19
CA GLY C 87 -7.59 -25.20 22.09
C GLY C 87 -6.25 -25.50 21.42
N ALA C 88 -5.26 -25.90 22.21
CA ALA C 88 -3.96 -26.22 21.62
C ALA C 88 -4.10 -27.34 20.59
N SER C 89 -4.94 -28.34 20.91
CA SER C 89 -5.20 -29.47 20.01
C SER C 89 -5.92 -29.07 18.74
N PHE C 90 -6.99 -28.30 18.88
CA PHE C 90 -7.79 -27.81 17.76
C PHE C 90 -6.83 -27.03 16.86
N PHE C 91 -5.86 -26.38 17.51
CA PHE C 91 -4.87 -25.59 16.78
C PHE C 91 -4.07 -26.49 15.86
N PHE C 92 -3.62 -27.64 16.38
CA PHE C 92 -2.86 -28.58 15.56
C PHE C 92 -3.73 -29.31 14.53
N ILE C 93 -4.96 -29.67 14.90
CA ILE C 93 -5.84 -30.33 13.95
C ILE C 93 -5.95 -29.39 12.77
N CYS C 94 -6.26 -28.13 13.04
CA CYS C 94 -6.40 -27.16 11.98
C CYS C 94 -5.11 -26.90 11.21
N ILE C 95 -3.97 -26.90 11.88
CA ILE C 95 -2.75 -26.63 11.13
C ILE C 95 -2.43 -27.82 10.22
N PHE C 96 -2.70 -29.03 10.69
CA PHE C 96 -2.44 -30.22 9.87
C PHE C 96 -3.32 -30.27 8.63
N LEU C 97 -4.60 -29.96 8.77
CA LEU C 97 -5.50 -29.95 7.63
C LEU C 97 -5.13 -28.80 6.68
N HIS C 98 -4.64 -27.69 7.23
CA HIS C 98 -4.26 -26.50 6.44
C HIS C 98 -3.07 -26.92 5.56
N ILE C 99 -2.14 -27.66 6.15
CA ILE C 99 -0.96 -28.13 5.42
C ILE C 99 -1.37 -29.14 4.36
N GLY C 100 -2.23 -30.07 4.75
CA GLY C 100 -2.74 -31.09 3.84
C GLY C 100 -3.33 -30.47 2.59
N ARG C 101 -4.24 -29.52 2.79
CA ARG C 101 -4.86 -28.77 1.71
C ARG C 101 -3.74 -28.17 0.86
N GLY C 102 -2.74 -27.58 1.52
CA GLY C 102 -1.67 -26.96 0.78
C GLY C 102 -0.91 -27.86 -0.16
N LEU C 103 -0.56 -29.05 0.34
CA LEU C 103 0.17 -30.04 -0.43
C LEU C 103 -0.67 -30.56 -1.58
N TYR C 104 -1.93 -30.87 -1.29
CA TYR C 104 -2.82 -31.41 -2.29
C TYR C 104 -3.11 -30.46 -3.44
N TYR C 105 -3.36 -29.20 -3.11
CA TYR C 105 -3.69 -28.24 -4.15
C TYR C 105 -2.51 -27.43 -4.67
N GLY C 106 -1.30 -27.83 -4.29
CA GLY C 106 -0.13 -27.12 -4.76
C GLY C 106 -0.11 -25.67 -4.34
N SER C 107 -0.63 -25.39 -3.15
CA SER C 107 -0.65 -24.03 -2.65
C SER C 107 0.79 -23.59 -2.40
N TYR C 108 1.66 -24.58 -2.22
CA TYR C 108 3.07 -24.30 -1.96
C TYR C 108 3.79 -23.62 -3.10
N LEU C 109 3.17 -23.53 -4.27
CA LEU C 109 3.83 -22.84 -5.35
C LEU C 109 3.90 -21.34 -5.04
N TYR C 110 3.18 -20.92 -3.99
CA TYR C 110 3.25 -19.55 -3.53
C TYR C 110 4.35 -19.68 -2.48
N LYS C 111 5.59 -19.81 -2.93
CA LYS C 111 6.73 -20.01 -2.05
C LYS C 111 6.90 -19.19 -0.75
N GLU C 112 6.63 -17.89 -0.78
CA GLU C 112 6.81 -17.09 0.43
C GLU C 112 5.71 -17.35 1.42
N THR C 113 4.50 -17.54 0.89
CA THR C 113 3.37 -17.81 1.76
C THR C 113 3.64 -19.17 2.40
N TRP C 114 4.14 -20.11 1.59
CA TRP C 114 4.45 -21.42 2.12
C TRP C 114 5.55 -21.37 3.17
N ASN C 115 6.71 -20.81 2.82
CA ASN C 115 7.82 -20.76 3.77
C ASN C 115 7.48 -20.11 5.10
N THR C 116 6.80 -18.97 5.06
CA THR C 116 6.42 -18.35 6.32
C THR C 116 5.45 -19.30 7.02
N GLY C 117 4.71 -20.05 6.21
CA GLY C 117 3.78 -21.01 6.75
C GLY C 117 4.56 -22.02 7.58
N VAL C 118 5.69 -22.48 7.06
CA VAL C 118 6.49 -23.43 7.83
C VAL C 118 7.05 -22.77 9.09
N ILE C 119 7.46 -21.50 8.99
CA ILE C 119 7.98 -20.83 10.18
C ILE C 119 6.84 -20.83 11.23
N LEU C 120 5.62 -20.54 10.78
CA LEU C 120 4.49 -20.54 11.70
C LEU C 120 4.36 -21.89 12.41
N LEU C 121 4.46 -22.98 11.65
CA LEU C 121 4.35 -24.32 12.24
C LEU C 121 5.40 -24.47 13.33
N LEU C 122 6.66 -24.29 12.96
CA LEU C 122 7.77 -24.37 13.90
C LEU C 122 7.53 -23.53 15.16
N THR C 123 7.09 -22.29 14.99
CA THR C 123 6.86 -21.45 16.15
C THR C 123 5.72 -22.00 17.00
N LEU C 124 4.66 -22.49 16.35
CA LEU C 124 3.55 -23.06 17.11
C LEU C 124 4.07 -24.25 17.93
N MET C 125 4.98 -25.03 17.34
CA MET C 125 5.52 -26.19 18.04
C MET C 125 6.26 -25.77 19.29
N ALA C 126 7.15 -24.80 19.15
CA ALA C 126 7.90 -24.32 20.29
C ALA C 126 6.93 -23.86 21.37
N THR C 127 5.93 -23.09 20.95
CA THR C 127 4.96 -22.55 21.88
C THR C 127 4.26 -23.64 22.67
N ALA C 128 3.71 -24.61 21.95
CA ALA C 128 3.00 -25.72 22.60
C ALA C 128 3.95 -26.45 23.57
N PHE C 129 5.19 -26.63 23.15
CA PHE C 129 6.13 -27.31 24.00
C PHE C 129 6.38 -26.55 25.32
N VAL C 130 6.86 -25.32 25.25
CA VAL C 130 7.12 -24.59 26.50
C VAL C 130 5.85 -24.43 27.34
N GLY C 131 4.72 -24.36 26.68
CA GLY C 131 3.45 -24.22 27.37
C GLY C 131 3.08 -25.47 28.13
N TYR C 132 3.25 -26.61 27.47
CA TYR C 132 2.95 -27.92 28.06
C TYR C 132 3.75 -28.19 29.33
N VAL C 133 4.94 -27.61 29.41
CA VAL C 133 5.79 -27.81 30.58
C VAL C 133 5.37 -27.07 31.85
N LEU C 134 4.63 -25.97 31.69
CA LEU C 134 4.23 -25.12 32.81
C LEU C 134 3.48 -25.74 33.98
N PRO C 135 2.47 -26.59 33.72
CA PRO C 135 1.75 -27.19 34.85
C PRO C 135 2.66 -28.01 35.74
N TRP C 136 3.79 -28.42 35.18
CA TRP C 136 4.80 -29.11 35.97
C TRP C 136 4.35 -30.44 36.61
N GLY C 137 3.67 -31.26 35.82
CA GLY C 137 3.28 -32.58 36.27
C GLY C 137 4.43 -33.51 35.83
N GLN C 138 4.24 -34.82 35.95
CA GLN C 138 5.29 -35.77 35.58
C GLN C 138 5.57 -35.73 34.10
N MET C 139 4.51 -35.64 33.30
CA MET C 139 4.69 -35.63 31.87
C MET C 139 5.31 -34.31 31.40
N SER C 140 4.94 -33.21 32.05
CA SER C 140 5.50 -31.90 31.72
C SER C 140 7.02 -31.96 31.94
N PHE C 141 7.41 -32.50 33.07
CA PHE C 141 8.81 -32.58 33.42
C PHE C 141 9.63 -33.50 32.52
N TRP C 142 9.21 -34.75 32.39
CA TRP C 142 9.99 -35.68 31.59
C TRP C 142 9.97 -35.37 30.10
N GLY C 143 8.86 -34.84 29.59
CA GLY C 143 8.80 -34.47 28.19
C GLY C 143 9.80 -33.35 27.97
N ALA C 144 9.82 -32.41 28.93
CA ALA C 144 10.75 -31.29 28.90
C ALA C 144 12.16 -31.85 28.92
N THR C 145 12.38 -32.94 29.67
CA THR C 145 13.70 -33.58 29.74
C THR C 145 14.08 -34.24 28.40
N VAL C 146 13.19 -35.05 27.86
CA VAL C 146 13.45 -35.72 26.59
C VAL C 146 13.70 -34.71 25.48
N ILE C 147 12.77 -33.78 25.28
CA ILE C 147 12.91 -32.79 24.24
C ILE C 147 14.19 -31.97 24.36
N THR C 148 14.44 -31.34 25.51
CA THR C 148 15.65 -30.55 25.64
C THR C 148 16.90 -31.40 25.40
N ASN C 149 16.92 -32.63 25.89
CA ASN C 149 18.09 -33.47 25.66
C ASN C 149 18.28 -33.85 24.20
N LEU C 150 17.33 -33.52 23.36
CA LEU C 150 17.50 -33.84 21.96
C LEU C 150 18.67 -32.99 21.45
N PHE C 151 18.69 -31.73 21.85
CA PHE C 151 19.74 -30.81 21.42
C PHE C 151 21.12 -31.22 21.84
N SER C 152 21.22 -32.03 22.88
CA SER C 152 22.54 -32.47 23.32
C SER C 152 23.18 -33.38 22.26
N ALA C 153 22.39 -33.81 21.28
CA ALA C 153 22.90 -34.68 20.21
C ALA C 153 23.75 -33.92 19.18
N ILE C 154 23.62 -32.59 19.17
CA ILE C 154 24.41 -31.78 18.27
C ILE C 154 25.85 -31.95 18.70
N PRO C 155 26.75 -32.27 17.77
CA PRO C 155 28.16 -32.46 18.13
C PRO C 155 28.88 -31.19 18.58
N TYR C 156 29.77 -31.35 19.55
CA TYR C 156 30.58 -30.27 20.12
C TYR C 156 29.83 -29.28 21.00
N ILE C 157 28.97 -28.48 20.39
CA ILE C 157 28.21 -27.49 21.15
C ILE C 157 26.98 -28.06 21.87
N GLY C 158 26.63 -29.31 21.58
CA GLY C 158 25.47 -29.94 22.19
C GLY C 158 25.25 -29.81 23.69
N HIS C 159 26.18 -30.35 24.47
CA HIS C 159 26.07 -30.31 25.93
C HIS C 159 26.01 -28.88 26.41
N THR C 160 26.85 -28.05 25.82
CA THR C 160 26.93 -26.64 26.16
C THR C 160 25.60 -25.93 25.95
N LEU C 161 24.95 -26.15 24.80
CA LEU C 161 23.65 -25.51 24.53
C LEU C 161 22.57 -25.95 25.47
N VAL C 162 22.49 -27.25 25.73
CA VAL C 162 21.47 -27.75 26.62
C VAL C 162 21.59 -27.15 28.00
N GLU C 163 22.77 -27.21 28.60
CA GLU C 163 22.93 -26.64 29.93
C GLU C 163 22.64 -25.15 29.95
N TRP C 164 22.89 -24.50 28.82
CA TRP C 164 22.64 -23.08 28.71
C TRP C 164 21.13 -22.87 28.76
N ALA C 165 20.43 -23.52 27.84
CA ALA C 165 18.97 -23.43 27.78
C ALA C 165 18.33 -23.73 29.13
N TRP C 166 18.86 -24.72 29.85
CA TRP C 166 18.34 -25.11 31.17
C TRP C 166 18.57 -24.09 32.26
N GLY C 167 19.67 -23.35 32.15
CA GLY C 167 20.01 -22.37 33.18
C GLY C 167 20.59 -23.12 34.37
N GLY C 168 20.99 -24.37 34.14
CA GLY C 168 21.54 -25.18 35.19
C GLY C 168 21.97 -26.54 34.68
N PHE C 169 22.00 -27.52 35.57
CA PHE C 169 22.45 -28.84 35.19
C PHE C 169 21.34 -29.80 34.84
N SER C 170 20.11 -29.31 34.81
CA SER C 170 18.97 -30.15 34.47
C SER C 170 17.75 -29.26 34.40
N VAL C 171 16.64 -29.81 33.91
CA VAL C 171 15.41 -29.05 33.84
C VAL C 171 15.07 -28.71 35.28
N ASP C 172 14.95 -27.43 35.58
CA ASP C 172 14.65 -27.00 36.95
C ASP C 172 13.95 -25.65 36.94
N ASN C 173 13.90 -24.98 38.09
CA ASN C 173 13.20 -23.71 38.18
C ASN C 173 13.59 -22.63 37.17
N PRO C 174 14.88 -22.46 36.92
CA PRO C 174 15.16 -21.42 35.94
C PRO C 174 14.69 -21.80 34.54
N THR C 175 14.42 -23.09 34.35
CA THR C 175 13.96 -23.55 33.06
C THR C 175 12.50 -23.18 33.05
N LEU C 176 11.82 -23.44 34.15
CA LEU C 176 10.42 -23.15 34.23
C LEU C 176 10.10 -21.69 34.06
N THR C 177 10.79 -20.81 34.79
CA THR C 177 10.49 -19.38 34.66
C THR C 177 10.83 -18.87 33.28
N ARG C 178 11.91 -19.35 32.67
CA ARG C 178 12.20 -18.85 31.32
C ARG C 178 11.20 -19.41 30.31
N PHE C 179 10.69 -20.61 30.58
CA PHE C 179 9.71 -21.23 29.66
C PHE C 179 8.39 -20.47 29.69
N PHE C 180 8.02 -19.98 30.86
CA PHE C 180 6.79 -19.21 30.99
C PHE C 180 6.93 -17.96 30.12
N ALA C 181 8.02 -17.23 30.31
CA ALA C 181 8.25 -16.03 29.54
C ALA C 181 8.19 -16.33 28.05
N LEU C 182 8.87 -17.39 27.61
CA LEU C 182 8.84 -17.76 26.21
C LEU C 182 7.41 -18.08 25.75
N HIS C 183 6.71 -18.82 26.59
CA HIS C 183 5.38 -19.21 26.23
C HIS C 183 4.50 -18.00 26.09
N PHE C 184 4.76 -16.97 26.91
CA PHE C 184 3.97 -15.73 26.87
C PHE C 184 4.30 -14.95 25.60
N LEU C 185 5.57 -14.93 25.24
CA LEU C 185 6.03 -14.17 24.09
C LEU C 185 5.71 -14.71 22.73
N LEU C 186 6.11 -15.97 22.47
CA LEU C 186 5.94 -16.61 21.17
C LEU C 186 4.57 -16.47 20.49
N PRO C 187 3.48 -16.64 21.24
CA PRO C 187 2.18 -16.50 20.58
C PRO C 187 2.09 -15.17 19.81
N PHE C 188 2.72 -14.12 20.34
CA PHE C 188 2.70 -12.84 19.65
C PHE C 188 3.59 -12.85 18.40
N ALA C 189 4.65 -13.64 18.41
CA ALA C 189 5.48 -13.72 17.22
C ALA C 189 4.62 -14.45 16.19
N ILE C 190 3.79 -15.39 16.66
CA ILE C 190 2.96 -16.13 15.74
C ILE C 190 1.99 -15.16 15.10
N ALA C 191 1.37 -14.31 15.92
CA ALA C 191 0.44 -13.32 15.41
C ALA C 191 1.14 -12.41 14.38
N GLY C 192 2.30 -11.88 14.75
CA GLY C 192 3.01 -11.04 13.80
C GLY C 192 3.35 -11.72 12.47
N ILE C 193 3.95 -12.89 12.54
CA ILE C 193 4.31 -13.61 11.33
C ILE C 193 3.06 -13.99 10.54
N THR C 194 1.91 -14.07 11.20
CA THR C 194 0.68 -14.37 10.48
C THR C 194 0.46 -13.22 9.49
N ILE C 195 0.63 -11.98 9.95
CA ILE C 195 0.48 -10.81 9.08
C ILE C 195 1.40 -10.92 7.86
N ILE C 196 2.65 -11.34 8.08
CA ILE C 196 3.58 -11.50 6.94
C ILE C 196 3.02 -12.59 5.97
N HIS C 197 2.48 -13.65 6.56
CA HIS C 197 1.93 -14.79 5.84
C HIS C 197 0.85 -14.25 4.90
N LEU C 198 -0.15 -13.58 5.48
CA LEU C 198 -1.24 -13.03 4.70
C LEU C 198 -0.78 -11.91 3.76
N THR C 199 0.32 -11.26 4.10
CA THR C 199 0.82 -10.20 3.24
C THR C 199 1.37 -10.80 1.96
N PHE C 200 2.17 -11.84 2.07
CA PHE C 200 2.73 -12.48 0.88
C PHE C 200 1.57 -13.06 0.08
N LEU C 201 0.63 -13.69 0.78
CA LEU C 201 -0.53 -14.28 0.12
C LEU C 201 -1.30 -13.32 -0.77
N HIS C 202 -1.56 -12.12 -0.26
CA HIS C 202 -2.32 -11.17 -1.05
C HIS C 202 -1.62 -10.70 -2.31
N GLU C 203 -0.33 -10.99 -2.42
CA GLU C 203 0.40 -10.59 -3.62
C GLU C 203 -0.23 -11.30 -4.80
N SER C 204 -0.86 -12.44 -4.54
CA SER C 204 -1.48 -13.28 -5.56
C SER C 204 -2.91 -13.68 -5.28
N GLY C 205 -3.34 -13.49 -4.04
CA GLY C 205 -4.68 -13.92 -3.71
C GLY C 205 -4.64 -15.44 -3.63
N SER C 206 -5.76 -16.03 -3.23
CA SER C 206 -5.84 -17.47 -3.11
C SER C 206 -5.77 -18.28 -4.40
N ASN C 207 -5.38 -19.53 -4.22
CA ASN C 207 -5.31 -20.52 -5.28
C ASN C 207 -6.74 -21.12 -5.14
N ASN C 208 -7.08 -22.14 -5.92
CA ASN C 208 -8.40 -22.75 -5.82
C ASN C 208 -8.31 -24.22 -6.21
N PRO C 209 -9.32 -25.03 -5.82
CA PRO C 209 -9.29 -26.46 -6.16
C PRO C 209 -8.96 -26.93 -7.60
N LEU C 210 -9.34 -26.20 -8.64
CA LEU C 210 -9.01 -26.62 -10.01
C LEU C 210 -7.60 -26.24 -10.45
N GLY C 211 -6.94 -25.41 -9.65
CA GLY C 211 -5.57 -25.01 -9.96
C GLY C 211 -5.40 -24.20 -11.24
N ILE C 212 -6.45 -23.55 -11.69
CA ILE C 212 -6.38 -22.72 -12.89
C ILE C 212 -6.78 -21.31 -12.46
N SER C 213 -6.33 -20.31 -13.21
CA SER C 213 -6.63 -18.93 -12.88
C SER C 213 -8.11 -18.68 -12.61
N SER C 214 -8.41 -17.94 -11.54
CA SER C 214 -9.78 -17.62 -11.21
C SER C 214 -10.10 -16.15 -11.44
N ASP C 215 -9.23 -15.45 -12.16
CA ASP C 215 -9.41 -14.02 -12.43
C ASP C 215 -10.72 -13.73 -13.18
N SER C 216 -11.20 -14.73 -13.90
CA SER C 216 -12.43 -14.61 -14.67
C SER C 216 -13.64 -14.75 -13.78
N ASP C 217 -13.44 -15.25 -12.56
CA ASP C 217 -14.55 -15.46 -11.66
C ASP C 217 -14.25 -15.15 -10.20
N LYS C 218 -13.92 -13.92 -9.87
CA LYS C 218 -13.65 -13.61 -8.48
C LYS C 218 -14.83 -12.95 -7.79
N ILE C 219 -14.87 -13.04 -6.47
CA ILE C 219 -15.97 -12.46 -5.70
C ILE C 219 -15.46 -11.77 -4.42
N PRO C 220 -16.17 -10.74 -3.96
CA PRO C 220 -15.73 -10.05 -2.74
C PRO C 220 -15.72 -11.00 -1.53
N PHE C 221 -14.67 -10.89 -0.71
CA PHE C 221 -14.55 -11.74 0.48
C PHE C 221 -15.83 -11.65 1.31
N HIS C 222 -16.38 -10.44 1.39
CA HIS C 222 -17.63 -10.21 2.12
C HIS C 222 -18.73 -9.98 1.10
N PRO C 223 -19.89 -10.64 1.29
CA PRO C 223 -20.19 -11.54 2.41
C PRO C 223 -19.96 -13.02 2.10
N TYR C 224 -19.45 -13.35 0.92
CA TYR C 224 -19.28 -14.76 0.60
C TYR C 224 -18.46 -15.61 1.56
N TYR C 225 -17.22 -15.21 1.78
CA TYR C 225 -16.38 -15.97 2.69
C TYR C 225 -16.46 -15.55 4.15
N SER C 226 -16.97 -14.37 4.42
CA SER C 226 -17.09 -13.98 5.83
C SER C 226 -18.17 -14.92 6.39
N PHE C 227 -19.27 -15.06 5.65
CA PHE C 227 -20.36 -15.96 6.03
C PHE C 227 -19.93 -17.42 6.01
N LYS C 228 -19.19 -17.81 4.97
CA LYS C 228 -18.73 -19.18 4.89
C LYS C 228 -17.78 -19.48 6.05
N ASP C 229 -16.91 -18.52 6.36
CA ASP C 229 -15.94 -18.68 7.45
C ASP C 229 -16.58 -18.78 8.83
N ILE C 230 -17.58 -17.95 9.09
CA ILE C 230 -18.29 -17.98 10.36
C ILE C 230 -19.00 -19.32 10.49
N LEU C 231 -19.45 -19.87 9.37
CA LEU C 231 -20.13 -21.15 9.41
C LEU C 231 -19.12 -22.23 9.78
N GLY C 232 -17.97 -22.21 9.10
CA GLY C 232 -16.92 -23.17 9.37
C GLY C 232 -16.49 -23.06 10.81
N LEU C 233 -16.53 -21.85 11.35
CA LEU C 233 -16.14 -21.65 12.73
C LEU C 233 -17.06 -22.42 13.66
N THR C 234 -18.37 -22.23 13.53
CA THR C 234 -19.31 -22.92 14.41
C THR C 234 -19.35 -24.44 14.20
N LEU C 235 -18.98 -24.91 13.00
CA LEU C 235 -18.97 -26.34 12.75
C LEU C 235 -17.83 -27.01 13.51
N MET C 236 -16.66 -26.39 13.53
CA MET C 236 -15.52 -26.94 14.25
C MET C 236 -15.62 -26.65 15.73
N LEU C 237 -16.36 -25.60 16.07
CA LEU C 237 -16.51 -25.22 17.46
C LEU C 237 -17.32 -26.23 18.27
N THR C 238 -18.18 -27.01 17.61
CA THR C 238 -18.98 -28.00 18.31
C THR C 238 -18.11 -29.13 18.88
N PRO C 239 -17.35 -29.84 18.03
CA PRO C 239 -16.49 -30.92 18.54
C PRO C 239 -15.58 -30.40 19.66
N PHE C 240 -14.96 -29.25 19.41
CA PHE C 240 -14.08 -28.60 20.39
C PHE C 240 -14.77 -28.49 21.72
N LEU C 241 -15.93 -27.84 21.74
CA LEU C 241 -16.68 -27.68 22.98
C LEU C 241 -17.20 -29.00 23.54
N THR C 242 -17.60 -29.91 22.66
CA THR C 242 -18.10 -31.22 23.08
C THR C 242 -16.98 -31.96 23.79
N LEU C 243 -15.78 -31.92 23.19
CA LEU C 243 -14.63 -32.56 23.79
C LEU C 243 -14.33 -31.88 25.12
N ALA C 244 -14.09 -30.59 25.08
CA ALA C 244 -13.78 -29.86 26.30
C ALA C 244 -14.83 -29.96 27.39
N LEU C 245 -16.10 -30.01 27.01
CA LEU C 245 -17.13 -30.05 28.04
C LEU C 245 -17.62 -31.43 28.44
N PHE C 246 -17.44 -32.43 27.58
CA PHE C 246 -17.92 -33.76 27.92
C PHE C 246 -16.81 -34.79 28.07
N SER C 247 -15.59 -34.43 27.66
CA SER C 247 -14.47 -35.34 27.73
C SER C 247 -13.16 -34.55 27.86
N PRO C 248 -13.08 -33.70 28.88
CA PRO C 248 -11.93 -32.84 29.18
C PRO C 248 -10.58 -33.52 29.14
N ASN C 249 -10.55 -34.77 29.57
CA ASN C 249 -9.28 -35.48 29.66
C ASN C 249 -9.07 -36.57 28.64
N LEU C 250 -9.88 -36.59 27.60
CA LEU C 250 -9.69 -37.62 26.62
C LEU C 250 -8.28 -37.59 26.04
N LEU C 251 -7.75 -36.40 25.78
CA LEU C 251 -6.43 -36.28 25.16
C LEU C 251 -5.18 -36.19 26.04
N GLY C 252 -5.34 -35.95 27.34
CA GLY C 252 -4.19 -35.82 28.21
C GLY C 252 -3.72 -37.08 28.91
N ASP C 253 -2.48 -37.06 29.37
CA ASP C 253 -1.91 -38.22 30.05
C ASP C 253 -2.18 -38.12 31.53
N PRO C 254 -2.86 -39.13 32.10
CA PRO C 254 -3.15 -39.09 33.55
C PRO C 254 -1.90 -38.83 34.37
N GLU C 255 -0.75 -39.12 33.78
CA GLU C 255 0.51 -38.94 34.45
C GLU C 255 0.74 -37.47 34.80
N ASN C 256 0.06 -36.56 34.10
CA ASN C 256 0.25 -35.15 34.36
C ASN C 256 -0.57 -34.61 35.49
N PHE C 257 -1.22 -35.52 36.22
CA PHE C 257 -1.99 -35.15 37.38
C PHE C 257 -1.15 -35.52 38.59
N THR C 258 0.12 -35.80 38.35
CA THR C 258 1.03 -36.15 39.41
C THR C 258 2.21 -35.19 39.38
N PRO C 259 2.42 -34.42 40.46
CA PRO C 259 3.54 -33.47 40.52
C PRO C 259 4.85 -34.09 40.04
N ALA C 260 5.55 -33.35 39.19
CA ALA C 260 6.84 -33.77 38.67
C ALA C 260 7.70 -34.33 39.79
N ASN C 261 8.35 -35.46 39.52
CA ASN C 261 9.26 -36.12 40.44
C ASN C 261 10.56 -36.37 39.69
N PRO C 262 11.61 -35.61 40.01
CA PRO C 262 12.93 -35.74 39.35
C PRO C 262 13.54 -37.13 39.41
N LEU C 263 13.19 -37.90 40.43
CA LEU C 263 13.76 -39.22 40.63
C LEU C 263 13.01 -40.39 40.04
N VAL C 264 11.74 -40.22 39.70
CA VAL C 264 10.97 -41.29 39.12
C VAL C 264 10.48 -40.93 37.73
N THR C 265 10.88 -41.70 36.72
CA THR C 265 10.42 -41.44 35.35
C THR C 265 9.23 -42.34 35.06
N PRO C 266 8.18 -41.80 34.46
CA PRO C 266 7.02 -42.64 34.17
C PRO C 266 7.37 -43.83 33.27
N PRO C 267 6.75 -44.98 33.52
CA PRO C 267 6.98 -46.20 32.76
C PRO C 267 6.80 -46.01 31.28
N HIS C 268 5.73 -45.33 30.89
CA HIS C 268 5.50 -45.10 29.47
C HIS C 268 5.33 -43.62 29.14
N ILE C 269 6.46 -43.01 28.84
CA ILE C 269 6.54 -41.62 28.49
C ILE C 269 5.98 -41.52 27.08
N LYS C 270 4.85 -40.86 26.93
CA LYS C 270 4.24 -40.73 25.62
C LYS C 270 3.83 -39.28 25.40
N PRO C 271 4.25 -38.68 24.28
CA PRO C 271 3.92 -37.29 23.94
C PRO C 271 2.48 -37.06 23.52
N GLU C 272 2.12 -35.77 23.48
CA GLU C 272 0.79 -35.37 23.08
C GLU C 272 0.56 -35.92 21.67
N TRP C 273 -0.70 -36.21 21.35
CA TRP C 273 -1.02 -36.79 20.04
C TRP C 273 -0.42 -36.12 18.85
N TYR C 274 -0.33 -34.80 18.86
CA TYR C 274 0.18 -34.10 17.68
C TYR C 274 1.69 -34.19 17.47
N PHE C 275 2.38 -34.86 18.38
CA PHE C 275 3.80 -35.00 18.24
C PHE C 275 4.17 -36.47 18.03
N LEU C 276 3.21 -37.37 18.17
CA LEU C 276 3.44 -38.81 18.02
C LEU C 276 4.15 -39.25 16.74
N PHE C 277 3.63 -38.85 15.57
CA PHE C 277 4.23 -39.23 14.30
C PHE C 277 5.70 -38.86 14.21
N ALA C 278 6.05 -37.68 14.73
CA ALA C 278 7.44 -37.24 14.70
C ALA C 278 8.24 -38.06 15.69
N TYR C 279 7.67 -38.30 16.87
CA TYR C 279 8.36 -39.08 17.88
C TYR C 279 8.67 -40.44 17.26
N ALA C 280 7.68 -41.01 16.57
CA ALA C 280 7.83 -42.31 15.93
C ALA C 280 9.06 -42.31 15.05
N ILE C 281 9.20 -41.26 14.27
CA ILE C 281 10.34 -41.14 13.38
C ILE C 281 11.65 -41.06 14.19
N LEU C 282 11.64 -40.25 15.25
CA LEU C 282 12.84 -40.11 16.07
C LEU C 282 13.36 -41.45 16.54
N ARG C 283 12.44 -42.34 16.91
CA ARG C 283 12.81 -43.65 17.42
C ARG C 283 13.19 -44.67 16.38
N SER C 284 12.81 -44.43 15.13
CA SER C 284 13.11 -45.39 14.06
C SER C 284 14.61 -45.61 13.91
N ILE C 285 15.38 -44.54 14.11
CA ILE C 285 16.82 -44.62 14.02
C ILE C 285 17.39 -44.84 15.41
N PRO C 286 17.86 -46.07 15.70
CA PRO C 286 18.44 -46.47 16.98
C PRO C 286 19.77 -45.78 17.35
N ASN C 287 20.07 -44.67 16.68
CA ASN C 287 21.29 -43.90 16.92
C ASN C 287 20.89 -42.49 17.35
N LYS C 288 21.34 -42.07 18.53
CA LYS C 288 20.98 -40.75 19.05
C LYS C 288 20.98 -39.63 18.01
N LEU C 289 22.16 -39.26 17.50
CA LEU C 289 22.22 -38.18 16.51
C LEU C 289 21.42 -38.48 15.25
N GLY C 290 21.49 -39.72 14.77
CA GLY C 290 20.75 -40.08 13.57
C GLY C 290 19.24 -39.89 13.74
N GLY C 291 18.74 -40.28 14.91
CA GLY C 291 17.33 -40.15 15.18
C GLY C 291 16.95 -38.69 15.26
N VAL C 292 17.82 -37.85 15.82
CA VAL C 292 17.51 -36.43 15.92
C VAL C 292 17.40 -35.80 14.54
N LEU C 293 18.34 -36.15 13.66
CA LEU C 293 18.34 -35.62 12.29
C LEU C 293 17.07 -36.07 11.57
N ALA C 294 16.68 -37.33 11.74
CA ALA C 294 15.48 -37.83 11.09
C ALA C 294 14.29 -36.98 11.56
N LEU C 295 14.27 -36.67 12.85
CA LEU C 295 13.20 -35.86 13.41
C LEU C 295 13.20 -34.48 12.80
N ALA C 296 14.35 -33.83 12.79
CA ALA C 296 14.46 -32.50 12.22
C ALA C 296 13.99 -32.51 10.77
N ALA C 297 14.53 -33.45 10.01
CA ALA C 297 14.19 -33.61 8.59
C ALA C 297 12.71 -33.89 8.36
N SER C 298 12.08 -34.58 9.31
CA SER C 298 10.68 -34.91 9.16
C SER C 298 9.81 -33.67 9.10
N VAL C 299 10.31 -32.55 9.60
CA VAL C 299 9.52 -31.32 9.57
C VAL C 299 10.07 -30.36 8.56
N LEU C 300 11.40 -30.24 8.53
CA LEU C 300 12.06 -29.35 7.58
C LEU C 300 11.90 -29.84 6.14
N ILE C 301 11.46 -31.07 5.97
CA ILE C 301 11.24 -31.61 4.63
C ILE C 301 10.22 -30.69 3.94
N LEU C 302 9.38 -30.01 4.72
CA LEU C 302 8.37 -29.11 4.19
C LEU C 302 8.94 -27.94 3.37
N PHE C 303 10.16 -27.53 3.67
CA PHE C 303 10.78 -26.44 2.92
C PHE C 303 11.17 -26.93 1.51
N LEU C 304 11.28 -28.24 1.36
CA LEU C 304 11.67 -28.82 0.08
C LEU C 304 10.55 -29.07 -0.90
N ILE C 305 9.31 -29.19 -0.41
CA ILE C 305 8.16 -29.49 -1.26
C ILE C 305 8.04 -28.68 -2.54
N PRO C 306 8.21 -27.34 -2.48
CA PRO C 306 8.09 -26.55 -3.70
C PRO C 306 9.05 -26.94 -4.82
N PHE C 307 10.16 -27.57 -4.46
CA PHE C 307 11.14 -27.99 -5.46
C PHE C 307 10.96 -29.41 -5.96
N LEU C 308 9.96 -30.12 -5.44
CA LEU C 308 9.74 -31.48 -5.87
C LEU C 308 8.48 -31.56 -6.70
N HIS C 309 8.08 -30.40 -7.23
CA HIS C 309 6.88 -30.32 -8.04
C HIS C 309 7.23 -30.46 -9.50
N LYS C 310 6.84 -31.57 -10.11
CA LYS C 310 7.15 -31.81 -11.51
C LYS C 310 5.91 -31.74 -12.37
N SER C 311 4.75 -31.83 -11.75
CA SER C 311 3.50 -31.80 -12.50
C SER C 311 3.31 -30.53 -13.33
N LYS C 312 2.72 -30.65 -14.51
CA LYS C 312 2.48 -29.48 -15.35
C LYS C 312 1.20 -28.81 -14.88
N GLN C 313 0.51 -29.47 -13.96
CA GLN C 313 -0.74 -29.01 -13.37
C GLN C 313 -0.51 -28.67 -11.90
N ARG C 314 -1.16 -27.62 -11.41
CA ARG C 314 -0.93 -27.22 -10.03
C ARG C 314 -1.49 -28.14 -8.96
N THR C 315 -2.75 -28.54 -9.07
CA THR C 315 -3.31 -29.39 -8.03
C THR C 315 -3.29 -30.86 -8.37
N MET C 316 -3.85 -31.66 -7.46
CA MET C 316 -3.89 -33.10 -7.69
C MET C 316 -5.27 -33.50 -8.13
N THR C 317 -6.13 -32.52 -8.34
CA THR C 317 -7.51 -32.78 -8.72
C THR C 317 -7.66 -33.68 -9.95
N PHE C 318 -6.81 -33.47 -10.95
CA PHE C 318 -6.90 -34.26 -12.19
C PHE C 318 -5.76 -35.25 -12.31
N ARG C 319 -5.14 -35.59 -11.18
CA ARG C 319 -4.02 -36.52 -11.15
C ARG C 319 -4.29 -37.71 -10.23
N PRO C 320 -5.04 -38.68 -10.72
CA PRO C 320 -5.39 -39.87 -9.94
C PRO C 320 -4.21 -40.63 -9.32
N LEU C 321 -3.09 -40.79 -10.03
CA LEU C 321 -1.96 -41.49 -9.44
C LEU C 321 -1.43 -40.73 -8.21
N SER C 322 -1.30 -39.41 -8.31
CA SER C 322 -0.82 -38.60 -7.17
C SER C 322 -1.80 -38.66 -6.01
N GLN C 323 -3.09 -38.67 -6.32
CA GLN C 323 -4.08 -38.74 -5.27
C GLN C 323 -3.88 -40.01 -4.44
N THR C 324 -3.53 -41.11 -5.07
CA THR C 324 -3.35 -42.34 -4.30
C THR C 324 -2.14 -42.14 -3.42
N LEU C 325 -1.07 -41.74 -4.08
CA LEU C 325 0.17 -41.46 -3.40
C LEU C 325 -0.12 -40.51 -2.23
N PHE C 326 -1.01 -39.55 -2.43
CA PHE C 326 -1.34 -38.59 -1.36
C PHE C 326 -1.97 -39.24 -0.13
N TRP C 327 -2.97 -40.07 -0.35
CA TRP C 327 -3.65 -40.74 0.77
C TRP C 327 -2.76 -41.79 1.38
N LEU C 328 -1.81 -42.30 0.61
CA LEU C 328 -0.92 -43.27 1.19
C LEU C 328 -0.16 -42.49 2.24
N LEU C 329 0.34 -41.31 1.85
CA LEU C 329 1.10 -40.49 2.77
C LEU C 329 0.27 -40.18 4.01
N VAL C 330 -0.99 -39.80 3.82
CA VAL C 330 -1.81 -39.51 4.99
C VAL C 330 -1.90 -40.71 5.90
N ALA C 331 -2.19 -41.88 5.33
CA ALA C 331 -2.30 -43.12 6.12
C ALA C 331 -0.95 -43.47 6.77
N ASN C 332 0.12 -43.14 6.07
CA ASN C 332 1.45 -43.38 6.58
C ASN C 332 1.60 -42.57 7.87
N LEU C 333 1.02 -41.37 7.86
CA LEU C 333 1.11 -40.52 9.03
C LEU C 333 0.32 -41.12 10.19
N LEU C 334 -0.85 -41.70 9.89
CA LEU C 334 -1.66 -42.35 10.92
C LEU C 334 -0.86 -43.47 11.54
N ILE C 335 -0.26 -44.29 10.69
CA ILE C 335 0.53 -45.40 11.16
C ILE C 335 1.61 -44.87 12.08
N LEU C 336 2.33 -43.83 11.67
CA LEU C 336 3.38 -43.29 12.52
C LEU C 336 2.79 -42.81 13.84
N THR C 337 1.67 -42.09 13.77
CA THR C 337 1.01 -41.61 14.98
C THR C 337 0.75 -42.78 15.92
N TRP C 338 0.12 -43.82 15.40
CA TRP C 338 -0.15 -45.00 16.20
C TRP C 338 1.14 -45.62 16.74
N ILE C 339 2.15 -45.76 15.87
CA ILE C 339 3.42 -46.34 16.29
C ILE C 339 4.08 -45.51 17.39
N GLY C 340 3.97 -44.19 17.29
CA GLY C 340 4.55 -43.35 18.30
C GLY C 340 3.95 -43.49 19.68
N SER C 341 2.78 -44.13 19.78
CA SER C 341 2.09 -44.31 21.08
C SER C 341 2.33 -45.69 21.68
N GLN C 342 3.05 -46.54 20.97
CA GLN C 342 3.35 -47.87 21.44
C GLN C 342 4.76 -47.97 21.93
N PRO C 343 5.08 -49.03 22.69
CA PRO C 343 6.43 -49.24 23.22
C PRO C 343 7.37 -49.75 22.14
N VAL C 344 8.66 -49.47 22.31
CA VAL C 344 9.68 -49.92 21.34
C VAL C 344 9.86 -51.44 21.45
N GLU C 345 9.07 -52.17 20.69
CA GLU C 345 9.15 -53.62 20.72
C GLU C 345 8.54 -54.20 19.46
N HIS C 346 8.97 -55.40 19.07
CA HIS C 346 8.42 -56.07 17.91
C HIS C 346 6.92 -56.19 18.15
N PRO C 347 6.09 -56.00 17.10
CA PRO C 347 6.41 -55.70 15.70
C PRO C 347 6.51 -54.19 15.44
N PHE C 348 6.14 -53.39 16.45
CA PHE C 348 6.18 -51.94 16.33
C PHE C 348 7.48 -51.42 15.73
N ILE C 349 8.60 -51.80 16.32
CA ILE C 349 9.91 -51.35 15.85
C ILE C 349 10.06 -51.44 14.33
N ILE C 350 9.78 -52.61 13.76
CA ILE C 350 9.93 -52.75 12.32
C ILE C 350 8.85 -51.96 11.58
N ILE C 351 7.60 -52.08 12.01
CA ILE C 351 6.51 -51.34 11.36
C ILE C 351 6.89 -49.88 11.35
N GLY C 352 7.40 -49.40 12.49
CA GLY C 352 7.82 -48.02 12.62
C GLY C 352 8.84 -47.59 11.57
N GLN C 353 9.93 -48.33 11.47
CA GLN C 353 10.99 -48.02 10.49
C GLN C 353 10.47 -48.07 9.06
N MET C 354 9.50 -48.93 8.80
CA MET C 354 8.90 -49.01 7.49
C MET C 354 8.23 -47.67 7.22
N ALA C 355 7.25 -47.35 8.05
CA ALA C 355 6.50 -46.11 7.93
C ALA C 355 7.43 -44.91 7.80
N SER C 356 8.46 -44.85 8.63
CA SER C 356 9.41 -43.75 8.56
C SER C 356 10.05 -43.68 7.19
N LEU C 357 10.57 -44.81 6.76
CA LEU C 357 11.23 -44.90 5.47
C LEU C 357 10.30 -44.55 4.31
N SER C 358 9.07 -45.02 4.34
CA SER C 358 8.16 -44.69 3.25
C SER C 358 7.70 -43.24 3.31
N TYR C 359 7.64 -42.65 4.50
CA TYR C 359 7.26 -41.25 4.61
C TYR C 359 8.21 -40.44 3.73
N PHE C 360 9.51 -40.57 3.97
CA PHE C 360 10.52 -39.84 3.20
C PHE C 360 10.59 -40.23 1.74
N THR C 361 10.32 -41.51 1.47
CA THR C 361 10.35 -42.01 0.10
C THR C 361 9.22 -41.40 -0.72
N ILE C 362 8.03 -41.28 -0.14
CA ILE C 362 6.91 -40.71 -0.89
C ILE C 362 7.20 -39.25 -1.22
N LEU C 363 7.68 -38.50 -0.24
CA LEU C 363 7.95 -37.10 -0.45
C LEU C 363 9.15 -36.78 -1.35
N LEU C 364 10.26 -37.51 -1.17
CA LEU C 364 11.47 -37.25 -1.95
C LEU C 364 11.60 -37.97 -3.29
N ILE C 365 10.93 -39.11 -3.45
CA ILE C 365 11.04 -39.84 -4.70
C ILE C 365 9.74 -40.06 -5.44
N LEU C 366 8.78 -40.70 -4.81
CA LEU C 366 7.55 -40.98 -5.51
C LEU C 366 6.80 -39.78 -6.04
N PHE C 367 6.61 -38.75 -5.24
CA PHE C 367 5.86 -37.60 -5.73
C PHE C 367 6.45 -36.93 -6.96
N PRO C 368 7.74 -36.61 -6.95
CA PRO C 368 8.26 -35.99 -8.17
C PRO C 368 8.28 -36.99 -9.33
N THR C 369 8.62 -38.24 -9.03
CA THR C 369 8.67 -39.26 -10.04
C THR C 369 7.30 -39.45 -10.70
N ILE C 370 6.27 -39.68 -9.90
CA ILE C 370 4.92 -39.88 -10.40
C ILE C 370 4.44 -38.64 -11.14
N GLY C 371 4.84 -37.46 -10.66
CA GLY C 371 4.42 -36.23 -11.31
C GLY C 371 4.89 -36.15 -12.74
N THR C 372 6.12 -36.60 -12.93
CA THR C 372 6.76 -36.65 -14.24
C THR C 372 6.07 -37.69 -15.09
N LEU C 373 5.80 -38.85 -14.49
CA LEU C 373 5.16 -39.95 -15.16
C LEU C 373 3.78 -39.51 -15.64
N GLU C 374 3.07 -38.80 -14.79
CA GLU C 374 1.75 -38.30 -15.18
C GLU C 374 1.85 -37.29 -16.34
N ASN C 375 2.88 -36.45 -16.35
CA ASN C 375 3.00 -35.49 -17.44
C ASN C 375 3.04 -36.23 -18.77
N LYS C 376 3.77 -37.34 -18.82
CA LYS C 376 3.88 -38.10 -20.04
C LYS C 376 2.58 -38.75 -20.46
N MET C 377 1.81 -39.23 -19.49
CA MET C 377 0.53 -39.84 -19.84
C MET C 377 -0.46 -38.83 -20.40
N LEU C 378 -0.12 -37.55 -20.27
CA LEU C 378 -0.96 -36.47 -20.79
C LEU C 378 -0.40 -36.03 -22.14
N ASN C 379 0.74 -36.61 -22.48
CA ASN C 379 1.45 -36.33 -23.72
C ASN C 379 2.16 -34.99 -23.71
N TYR C 380 2.78 -34.70 -22.56
CA TYR C 380 3.56 -33.50 -22.30
C TYR C 380 4.92 -34.03 -21.87
N GLY D 1 5.62 -61.13 31.82
CA GLY D 1 6.32 -59.93 32.34
C GLY D 1 5.59 -58.63 32.00
N GLU D 2 4.98 -58.59 30.82
CA GLU D 2 4.24 -57.40 30.35
C GLU D 2 2.73 -57.60 30.53
N LEU D 3 2.37 -58.51 31.43
CA LEU D 3 0.96 -58.81 31.66
C LEU D 3 0.31 -57.89 32.66
N GLU D 4 -0.89 -57.47 32.31
CA GLU D 4 -1.68 -56.60 33.16
C GLU D 4 -3.15 -56.89 32.93
N LEU D 5 -3.93 -56.71 33.99
CA LEU D 5 -5.36 -56.95 33.93
C LEU D 5 -6.06 -55.59 33.97
N HIS D 6 -6.88 -55.30 32.98
CA HIS D 6 -7.57 -54.01 32.98
C HIS D 6 -8.99 -54.12 33.52
N PRO D 7 -9.38 -53.18 34.40
CA PRO D 7 -10.71 -53.14 35.03
C PRO D 7 -11.90 -53.02 34.09
N PRO D 8 -13.04 -53.62 34.45
CA PRO D 8 -14.22 -53.55 33.59
C PRO D 8 -14.81 -52.16 33.73
N ALA D 9 -15.83 -51.86 32.94
CA ALA D 9 -16.45 -50.55 33.02
C ALA D 9 -17.75 -50.60 33.83
N PHE D 10 -17.74 -50.08 35.06
CA PHE D 10 -18.96 -50.10 35.85
C PHE D 10 -19.90 -48.95 35.45
N PRO D 11 -21.20 -49.20 35.47
CA PRO D 11 -22.19 -48.19 35.11
C PRO D 11 -22.42 -47.10 36.16
N TRP D 12 -21.38 -46.30 36.45
CA TRP D 12 -21.48 -45.23 37.45
C TRP D 12 -22.67 -44.32 37.10
N SER D 13 -23.42 -43.88 38.12
CA SER D 13 -24.54 -43.02 37.83
C SER D 13 -24.09 -41.63 37.36
N HIS D 14 -22.79 -41.39 37.28
CA HIS D 14 -22.34 -40.08 36.83
C HIS D 14 -21.56 -40.19 35.53
N GLY D 15 -21.62 -41.37 34.91
CA GLY D 15 -20.89 -41.60 33.67
C GLY D 15 -21.51 -40.98 32.43
N GLY D 16 -22.83 -40.87 32.40
CA GLY D 16 -23.49 -40.29 31.25
C GLY D 16 -23.10 -38.85 30.98
N PRO D 17 -23.11 -38.41 29.71
CA PRO D 17 -22.74 -37.02 29.44
C PRO D 17 -23.60 -35.97 30.13
N LEU D 18 -24.80 -36.34 30.56
CA LEU D 18 -25.66 -35.39 31.26
C LEU D 18 -25.97 -35.87 32.68
N SER D 19 -25.20 -36.85 33.14
CA SER D 19 -25.41 -37.42 34.45
C SER D 19 -24.57 -36.77 35.52
N ALA D 20 -25.26 -36.15 36.48
CA ALA D 20 -24.60 -35.49 37.59
C ALA D 20 -24.12 -36.60 38.51
N LEU D 21 -23.39 -36.20 39.55
CA LEU D 21 -22.89 -37.12 40.55
C LEU D 21 -24.05 -37.38 41.50
N ASP D 22 -24.05 -38.55 42.13
CA ASP D 22 -25.09 -38.89 43.12
C ASP D 22 -24.56 -38.33 44.42
N HIS D 23 -25.11 -37.22 44.87
CA HIS D 23 -24.59 -36.59 46.07
C HIS D 23 -24.74 -37.35 47.37
N SER D 24 -25.74 -38.22 47.44
CA SER D 24 -25.89 -39.04 48.63
C SER D 24 -24.67 -39.93 48.67
N SER D 25 -24.33 -40.48 47.51
CA SER D 25 -23.18 -41.35 47.37
C SER D 25 -21.90 -40.61 47.67
N VAL D 26 -21.81 -39.34 47.23
CA VAL D 26 -20.61 -38.54 47.48
C VAL D 26 -20.45 -38.22 48.96
N ARG D 27 -21.58 -37.98 49.63
CA ARG D 27 -21.57 -37.68 51.06
C ARG D 27 -21.03 -38.89 51.79
N ARG D 28 -21.62 -40.05 51.51
CA ARG D 28 -21.17 -41.29 52.13
C ARG D 28 -19.68 -41.51 51.83
N GLY D 29 -19.32 -41.37 50.55
CA GLY D 29 -17.93 -41.53 50.14
C GLY D 29 -16.98 -40.71 51.00
N PHE D 30 -17.42 -39.50 51.34
CA PHE D 30 -16.60 -38.62 52.16
C PHE D 30 -16.33 -39.25 53.52
N GLN D 31 -17.37 -39.85 54.09
CA GLN D 31 -17.24 -40.47 55.40
C GLN D 31 -16.21 -41.57 55.34
N VAL D 32 -16.20 -42.31 54.23
CA VAL D 32 -15.24 -43.39 54.06
C VAL D 32 -13.83 -42.84 54.03
N TYR D 33 -13.67 -41.71 53.33
CA TYR D 33 -12.36 -41.09 53.24
C TYR D 33 -11.91 -40.62 54.63
N LYS D 34 -12.82 -39.91 55.28
CA LYS D 34 -12.55 -39.36 56.58
C LYS D 34 -12.24 -40.41 57.64
N GLN D 35 -13.08 -41.43 57.73
CA GLN D 35 -12.91 -42.47 58.73
C GLN D 35 -11.94 -43.62 58.40
N VAL D 36 -11.61 -43.79 57.13
CA VAL D 36 -10.71 -44.89 56.76
C VAL D 36 -9.42 -44.48 56.04
N CYS D 37 -9.57 -43.92 54.84
CA CYS D 37 -8.44 -43.54 54.03
C CYS D 37 -7.55 -42.42 54.53
N SER D 38 -8.13 -41.45 55.21
CA SER D 38 -7.35 -40.31 55.65
C SER D 38 -6.31 -40.68 56.66
N ALA D 39 -6.38 -41.88 57.21
CA ALA D 39 -5.37 -42.29 58.17
C ALA D 39 -3.99 -42.36 57.50
N CYS D 40 -3.95 -42.62 56.21
CA CYS D 40 -2.68 -42.73 55.50
C CYS D 40 -2.63 -41.87 54.27
N HIS D 41 -3.79 -41.44 53.77
CA HIS D 41 -3.82 -40.64 52.54
C HIS D 41 -4.18 -39.20 52.79
N SER D 42 -3.43 -38.30 52.18
CA SER D 42 -3.73 -36.88 52.30
C SER D 42 -4.66 -36.51 51.13
N MET D 43 -5.26 -35.33 51.20
CA MET D 43 -6.13 -34.83 50.14
C MET D 43 -5.91 -33.33 50.18
N ASP D 44 -4.65 -32.97 49.95
CA ASP D 44 -4.20 -31.58 50.00
C ASP D 44 -5.07 -30.53 49.35
N TYR D 45 -5.77 -30.86 48.26
CA TYR D 45 -6.55 -29.85 47.57
C TYR D 45 -8.02 -29.62 47.91
N VAL D 46 -8.54 -30.26 48.94
CA VAL D 46 -9.94 -30.06 49.28
C VAL D 46 -10.08 -29.50 50.69
N ALA D 47 -10.89 -28.47 50.84
CA ALA D 47 -11.10 -27.84 52.12
C ALA D 47 -12.51 -28.15 52.61
N PHE D 48 -12.71 -28.05 53.92
CA PHE D 48 -14.03 -28.34 54.46
C PHE D 48 -15.13 -27.47 53.84
N ARG D 49 -14.80 -26.26 53.41
CA ARG D 49 -15.80 -25.37 52.81
C ARG D 49 -16.32 -25.93 51.48
N ASN D 50 -15.49 -26.68 50.77
CA ASN D 50 -15.92 -27.28 49.50
C ASN D 50 -17.12 -28.24 49.69
N LEU D 51 -17.31 -28.72 50.91
CA LEU D 51 -18.39 -29.64 51.19
C LEU D 51 -19.75 -28.94 51.18
N ILE D 52 -19.76 -27.72 51.68
CA ILE D 52 -20.99 -26.94 51.78
C ILE D 52 -21.78 -26.84 50.50
N GLY D 53 -23.08 -27.11 50.59
CA GLY D 53 -23.93 -27.00 49.42
C GLY D 53 -23.67 -28.04 48.37
N VAL D 54 -22.84 -29.02 48.71
CA VAL D 54 -22.52 -30.10 47.81
C VAL D 54 -22.94 -31.38 48.50
N THR D 55 -22.33 -31.65 49.66
CA THR D 55 -22.65 -32.85 50.42
C THR D 55 -23.09 -32.55 51.87
N HIS D 56 -22.71 -31.38 52.37
CA HIS D 56 -23.03 -31.01 53.74
C HIS D 56 -23.55 -29.59 53.83
N THR D 57 -24.19 -29.28 54.97
CA THR D 57 -24.69 -27.95 55.23
C THR D 57 -23.56 -27.18 55.88
N GLU D 58 -23.63 -25.86 55.86
CA GLU D 58 -22.59 -25.07 56.45
C GLU D 58 -22.36 -25.45 57.92
N ALA D 59 -23.45 -25.66 58.66
CA ALA D 59 -23.31 -26.02 60.07
C ALA D 59 -22.50 -27.30 60.22
N GLU D 60 -22.82 -28.31 59.39
CA GLU D 60 -22.10 -29.57 59.43
C GLU D 60 -20.63 -29.39 59.11
N ALA D 61 -20.35 -28.72 57.99
CA ALA D 61 -18.99 -28.50 57.54
C ALA D 61 -18.13 -27.87 58.64
N LYS D 62 -18.72 -26.92 59.36
CA LYS D 62 -17.98 -26.25 60.43
C LYS D 62 -17.62 -27.27 61.52
N ALA D 63 -18.59 -28.12 61.86
CA ALA D 63 -18.38 -29.16 62.86
C ALA D 63 -17.20 -30.01 62.40
N LEU D 64 -17.33 -30.61 61.23
CA LEU D 64 -16.25 -31.41 60.68
C LEU D 64 -14.89 -30.75 60.81
N ALA D 65 -14.79 -29.48 60.46
CA ALA D 65 -13.52 -28.78 60.54
C ALA D 65 -13.01 -28.61 61.96
N GLU D 66 -13.92 -28.40 62.90
CA GLU D 66 -13.52 -28.18 64.28
C GLU D 66 -13.04 -29.45 64.96
N GLU D 67 -13.39 -30.59 64.37
CA GLU D 67 -12.94 -31.87 64.90
C GLU D 67 -11.44 -32.00 64.77
N VAL D 68 -10.85 -31.20 63.89
CA VAL D 68 -9.42 -31.24 63.67
C VAL D 68 -8.67 -30.12 64.37
N GLU D 69 -7.44 -30.41 64.79
CA GLU D 69 -6.60 -29.40 65.43
C GLU D 69 -5.62 -29.00 64.34
N VAL D 70 -5.45 -27.71 64.11
CA VAL D 70 -4.51 -27.27 63.11
C VAL D 70 -3.46 -26.38 63.73
N GLN D 71 -2.29 -26.35 63.12
CA GLN D 71 -1.20 -25.54 63.62
C GLN D 71 -1.30 -24.16 63.01
N ASP D 72 -0.98 -23.15 63.80
CA ASP D 72 -1.05 -21.78 63.35
C ASP D 72 0.06 -21.00 64.05
N GLY D 73 0.12 -19.69 63.80
CA GLY D 73 1.14 -18.87 64.43
C GLY D 73 2.07 -18.30 63.40
N PRO D 74 3.21 -17.72 63.82
CA PRO D 74 3.63 -17.62 65.21
C PRO D 74 2.81 -16.59 65.99
N ASP D 75 2.75 -16.76 67.31
CA ASP D 75 2.01 -15.84 68.17
C ASP D 75 2.91 -14.68 68.58
N GLU D 76 2.57 -14.08 69.71
CA GLU D 76 3.31 -12.95 70.27
C GLU D 76 4.78 -13.27 70.61
N ASN D 77 5.04 -14.51 71.01
CA ASN D 77 6.39 -14.92 71.36
C ASN D 77 7.12 -15.56 70.19
N GLY D 78 6.44 -15.63 69.04
CA GLY D 78 7.03 -16.24 67.88
C GLY D 78 6.89 -17.75 68.00
N GLU D 79 5.86 -18.15 68.73
CA GLU D 79 5.60 -19.57 68.96
C GLU D 79 4.44 -20.07 68.11
N LEU D 80 4.53 -21.33 67.69
CA LEU D 80 3.47 -21.94 66.91
C LEU D 80 2.49 -22.55 67.89
N PHE D 81 1.20 -22.45 67.60
CA PHE D 81 0.21 -23.00 68.50
C PHE D 81 -0.85 -23.79 67.75
N MET D 82 -1.70 -24.50 68.49
CA MET D 82 -2.76 -25.29 67.90
C MET D 82 -4.08 -24.59 68.10
N ARG D 83 -5.02 -24.85 67.20
CA ARG D 83 -6.33 -24.24 67.27
C ARG D 83 -7.30 -25.19 66.60
N PRO D 84 -8.61 -24.97 66.81
CA PRO D 84 -9.60 -25.84 66.17
C PRO D 84 -9.75 -25.41 64.70
N GLY D 85 -10.06 -26.37 63.82
CA GLY D 85 -10.20 -26.06 62.41
C GLY D 85 -11.33 -25.12 62.01
N LYS D 86 -11.16 -24.52 60.83
CA LYS D 86 -12.12 -23.57 60.24
C LYS D 86 -12.49 -24.13 58.87
N ILE D 87 -13.70 -23.85 58.40
CA ILE D 87 -14.09 -24.37 57.11
C ILE D 87 -13.11 -24.01 55.98
N SER D 88 -12.31 -22.96 56.20
CA SER D 88 -11.34 -22.54 55.18
C SER D 88 -10.09 -23.40 55.20
N ASP D 89 -9.99 -24.30 56.17
CA ASP D 89 -8.83 -25.19 56.26
C ASP D 89 -8.98 -26.36 55.31
N TYR D 90 -7.85 -26.85 54.80
CA TYR D 90 -7.86 -28.00 53.92
C TYR D 90 -7.74 -29.26 54.77
N PHE D 91 -8.18 -30.40 54.22
CA PHE D 91 -8.08 -31.66 54.96
C PHE D 91 -6.65 -31.91 55.48
N PRO D 92 -6.55 -32.38 56.72
CA PRO D 92 -5.33 -32.69 57.46
C PRO D 92 -4.47 -33.73 56.82
N LYS D 93 -3.17 -33.48 56.75
CA LYS D 93 -2.27 -34.45 56.17
C LYS D 93 -1.99 -35.45 57.27
N PRO D 94 -1.93 -36.74 56.94
CA PRO D 94 -1.67 -37.75 57.96
C PRO D 94 -0.21 -37.71 58.43
N TYR D 95 0.67 -37.23 57.55
CA TYR D 95 2.09 -37.14 57.87
C TYR D 95 2.66 -35.79 57.45
N PRO D 96 3.78 -35.38 58.07
CA PRO D 96 4.48 -34.11 57.83
C PRO D 96 5.25 -34.06 56.51
N ASN D 97 5.59 -35.23 55.99
CA ASN D 97 6.34 -35.31 54.74
C ASN D 97 6.32 -36.76 54.26
N PRO D 98 6.58 -36.98 52.96
CA PRO D 98 6.56 -38.35 52.45
C PRO D 98 7.52 -39.29 53.17
N GLU D 99 8.63 -38.77 53.67
CA GLU D 99 9.58 -39.59 54.40
C GLU D 99 8.86 -40.23 55.60
N ALA D 100 8.15 -39.42 56.37
CA ALA D 100 7.42 -39.95 57.52
C ALA D 100 6.36 -40.95 57.04
N ALA D 101 5.70 -40.62 55.94
CA ALA D 101 4.66 -41.45 55.37
C ALA D 101 5.19 -42.84 55.08
N ARG D 102 6.29 -42.90 54.32
CA ARG D 102 6.91 -44.18 53.96
C ARG D 102 7.31 -44.90 55.22
N ALA D 103 7.90 -44.12 56.13
CA ALA D 103 8.36 -44.63 57.39
C ALA D 103 7.25 -45.36 58.14
N ALA D 104 6.01 -44.94 57.91
CA ALA D 104 4.87 -45.53 58.60
C ALA D 104 4.13 -46.51 57.71
N ASN D 105 4.71 -46.87 56.58
CA ASN D 105 4.06 -47.79 55.65
C ASN D 105 5.05 -48.70 54.95
N ASN D 106 6.09 -49.09 55.68
CA ASN D 106 7.10 -49.99 55.14
C ASN D 106 7.76 -49.51 53.88
N GLY D 107 8.14 -48.24 53.86
CA GLY D 107 8.83 -47.71 52.72
C GLY D 107 7.92 -47.35 51.57
N ALA D 108 6.64 -47.68 51.69
CA ALA D 108 5.69 -47.36 50.63
C ALA D 108 5.06 -46.00 50.91
N LEU D 109 4.77 -45.27 49.84
CA LEU D 109 4.18 -43.94 49.93
C LEU D 109 2.72 -43.86 49.45
N PRO D 110 1.76 -43.75 50.40
CA PRO D 110 0.37 -43.65 49.96
C PRO D 110 0.17 -42.30 49.30
N PRO D 111 -0.18 -42.29 48.01
CA PRO D 111 -0.38 -41.03 47.27
C PRO D 111 -1.56 -40.14 47.75
N ASP D 112 -1.42 -38.83 47.51
CA ASP D 112 -2.48 -37.89 47.85
C ASP D 112 -3.65 -38.30 46.95
N LEU D 113 -4.88 -38.22 47.42
CA LEU D 113 -5.99 -38.66 46.59
C LEU D 113 -6.81 -37.60 45.85
N SER D 114 -6.44 -36.33 45.99
CA SER D 114 -7.17 -35.25 45.34
C SER D 114 -7.44 -35.46 43.86
N TYR D 115 -6.44 -35.96 43.13
CA TYR D 115 -6.60 -36.18 41.70
C TYR D 115 -6.38 -37.66 41.32
N ILE D 116 -6.45 -38.55 42.29
CA ILE D 116 -6.16 -39.93 41.99
C ILE D 116 -6.98 -40.57 40.85
N VAL D 117 -8.28 -40.26 40.76
CA VAL D 117 -9.05 -40.87 39.67
C VAL D 117 -8.63 -40.32 38.32
N ASN D 118 -7.90 -39.22 38.28
CA ASN D 118 -7.44 -38.68 37.00
C ASN D 118 -5.99 -39.03 36.77
N ALA D 119 -5.29 -39.43 37.82
CA ALA D 119 -3.88 -39.78 37.74
C ALA D 119 -3.64 -41.25 37.46
N ARG D 120 -4.71 -41.99 37.23
CA ARG D 120 -4.63 -43.42 36.96
C ARG D 120 -5.53 -43.77 35.81
N HIS D 121 -5.00 -44.57 34.88
CA HIS D 121 -5.81 -45.00 33.75
C HIS D 121 -6.94 -45.80 34.34
N GLY D 122 -8.16 -45.58 33.86
CA GLY D 122 -9.29 -46.34 34.38
C GLY D 122 -10.11 -45.60 35.43
N GLY D 123 -9.56 -44.51 35.96
CA GLY D 123 -10.26 -43.73 36.95
C GLY D 123 -10.94 -44.53 38.05
N GLU D 124 -12.19 -44.21 38.36
CA GLU D 124 -12.89 -44.94 39.41
C GLU D 124 -13.05 -46.41 39.05
N ASP D 125 -13.07 -46.73 37.76
CA ASP D 125 -13.19 -48.14 37.38
C ASP D 125 -11.97 -48.89 37.92
N TYR D 126 -10.83 -48.22 37.89
CA TYR D 126 -9.61 -48.84 38.37
C TYR D 126 -9.54 -48.81 39.87
N VAL D 127 -9.94 -47.70 40.50
CA VAL D 127 -9.86 -47.62 41.96
C VAL D 127 -10.84 -48.63 42.57
N PHE D 128 -12.00 -48.78 41.95
CA PHE D 128 -12.98 -49.74 42.44
C PHE D 128 -12.47 -51.18 42.30
N SER D 129 -11.95 -51.52 41.13
CA SER D 129 -11.42 -52.85 40.91
C SER D 129 -10.27 -53.19 41.85
N LEU D 130 -9.45 -52.20 42.17
CA LEU D 130 -8.33 -52.45 43.06
C LEU D 130 -8.81 -52.69 44.49
N LEU D 131 -9.75 -51.86 44.96
CA LEU D 131 -10.23 -51.99 46.33
C LEU D 131 -10.96 -53.28 46.61
N THR D 132 -11.70 -53.76 45.62
CA THR D 132 -12.46 -54.99 45.79
C THR D 132 -11.79 -56.22 45.16
N GLY D 133 -10.64 -56.04 44.52
CA GLY D 133 -10.01 -57.17 43.87
C GLY D 133 -8.82 -57.87 44.50
N TYR D 134 -8.65 -57.79 45.82
CA TYR D 134 -7.52 -58.50 46.40
C TYR D 134 -7.78 -60.01 46.39
N CYS D 135 -6.70 -60.78 46.25
CA CYS D 135 -6.78 -62.24 46.22
C CYS D 135 -5.40 -62.86 46.35
N ASP D 136 -5.35 -64.19 46.52
CA ASP D 136 -4.06 -64.87 46.68
C ASP D 136 -3.29 -64.96 45.37
N PRO D 137 -1.96 -64.92 45.45
CA PRO D 137 -1.21 -65.01 44.20
C PRO D 137 -1.43 -66.32 43.47
N PRO D 138 -1.33 -66.30 42.14
CA PRO D 138 -1.49 -67.51 41.32
C PRO D 138 -0.24 -68.38 41.44
N ALA D 139 -0.37 -69.65 41.11
CA ALA D 139 0.76 -70.57 41.21
C ALA D 139 2.01 -70.06 40.53
N GLY D 140 3.12 -70.14 41.26
CA GLY D 140 4.39 -69.70 40.69
C GLY D 140 4.75 -68.27 40.98
N VAL D 141 3.87 -67.58 41.69
CA VAL D 141 4.10 -66.18 42.00
C VAL D 141 4.18 -65.96 43.49
N VAL D 142 5.27 -65.35 43.96
CA VAL D 142 5.39 -65.08 45.39
C VAL D 142 5.54 -63.59 45.64
N VAL D 143 4.74 -63.10 46.58
CA VAL D 143 4.75 -61.69 46.95
C VAL D 143 5.75 -61.50 48.10
N ARG D 144 6.62 -60.48 48.00
CA ARG D 144 7.59 -60.26 49.07
C ARG D 144 6.89 -59.75 50.30
N GLU D 145 7.52 -59.96 51.45
CA GLU D 145 6.95 -59.55 52.72
C GLU D 145 6.60 -58.07 52.82
N GLY D 146 5.37 -57.78 53.21
CA GLY D 146 4.97 -56.40 53.32
C GLY D 146 4.04 -56.02 52.20
N LEU D 147 4.14 -56.73 51.08
CA LEU D 147 3.28 -56.45 49.94
C LEU D 147 2.10 -57.41 49.93
N HIS D 148 1.07 -57.05 49.16
CA HIS D 148 -0.12 -57.88 49.06
C HIS D 148 -0.49 -58.10 47.60
N TYR D 149 -0.93 -59.30 47.28
CA TYR D 149 -1.27 -59.60 45.92
C TYR D 149 -2.55 -58.88 45.52
N ASN D 150 -2.49 -58.24 44.36
CA ASN D 150 -3.63 -57.56 43.80
C ASN D 150 -3.42 -57.60 42.30
N PRO D 151 -4.27 -58.35 41.60
CA PRO D 151 -4.12 -58.47 40.15
C PRO D 151 -4.31 -57.16 39.38
N TYR D 152 -5.02 -56.20 39.97
CA TYR D 152 -5.27 -54.94 39.30
C TYR D 152 -4.12 -53.92 39.40
N PHE D 153 -3.28 -54.06 40.41
CA PHE D 153 -2.16 -53.16 40.58
C PHE D 153 -1.05 -53.57 39.64
N PRO D 154 -0.39 -52.60 38.98
CA PRO D 154 0.69 -53.02 38.08
C PRO D 154 1.78 -53.73 38.87
N GLY D 155 2.22 -54.87 38.34
CA GLY D 155 3.24 -55.65 39.01
C GLY D 155 2.57 -56.62 39.94
N GLN D 156 1.32 -56.28 40.30
CA GLN D 156 0.44 -57.07 41.18
C GLN D 156 0.77 -57.14 42.67
N ALA D 157 1.89 -56.56 43.09
CA ALA D 157 2.25 -56.57 44.52
C ALA D 157 2.16 -55.14 45.06
N ILE D 158 1.08 -54.83 45.76
CA ILE D 158 0.86 -53.50 46.29
C ILE D 158 1.26 -53.36 47.75
N GLY D 159 1.61 -52.14 48.16
CA GLY D 159 2.00 -51.91 49.53
C GLY D 159 0.81 -51.51 50.39
N MET D 160 -0.38 -51.53 49.82
CA MET D 160 -1.54 -51.18 50.63
C MET D 160 -2.37 -52.44 50.95
N ALA D 161 -2.51 -52.74 52.25
CA ALA D 161 -3.31 -53.88 52.67
C ALA D 161 -4.77 -53.52 52.37
N PRO D 162 -5.61 -54.54 52.13
CA PRO D 162 -7.01 -54.23 51.83
C PRO D 162 -7.56 -53.25 52.88
N PRO D 163 -7.86 -52.02 52.46
CA PRO D 163 -8.37 -50.98 53.35
C PRO D 163 -9.80 -51.12 53.82
N ILE D 164 -10.65 -51.76 53.03
CA ILE D 164 -12.04 -51.88 53.44
C ILE D 164 -12.63 -53.27 53.41
N TYR D 165 -13.47 -53.55 54.42
CA TYR D 165 -14.17 -54.83 54.53
C TYR D 165 -15.58 -54.53 55.06
N ASN D 166 -16.48 -55.52 55.01
CA ASN D 166 -17.85 -55.31 55.49
C ASN D 166 -17.93 -54.68 56.86
N GLU D 167 -18.86 -53.74 57.01
CA GLU D 167 -19.09 -53.05 58.28
C GLU D 167 -17.87 -52.44 58.95
N ILE D 168 -16.84 -52.09 58.19
CA ILE D 168 -15.65 -51.51 58.78
C ILE D 168 -16.06 -50.15 59.32
N LEU D 169 -17.28 -49.76 59.00
CA LEU D 169 -17.83 -48.49 59.47
C LEU D 169 -19.35 -48.51 59.32
N GLU D 170 -20.03 -47.54 59.89
CA GLU D 170 -21.48 -47.45 59.77
C GLU D 170 -21.91 -46.12 59.13
N TYR D 171 -22.60 -46.20 58.00
CA TYR D 171 -23.08 -45.00 57.34
C TYR D 171 -24.20 -44.43 58.20
N ASP D 172 -24.10 -43.17 58.60
CA ASP D 172 -25.16 -42.65 59.41
C ASP D 172 -26.48 -42.43 58.69
N ASP D 173 -26.55 -42.85 57.43
CA ASP D 173 -27.78 -42.70 56.68
C ASP D 173 -28.40 -44.08 56.58
N GLY D 174 -27.80 -45.02 57.31
CA GLY D 174 -28.31 -46.39 57.34
C GLY D 174 -28.04 -47.28 56.14
N THR D 175 -27.28 -46.82 55.16
CA THR D 175 -27.00 -47.69 54.03
C THR D 175 -26.18 -48.90 54.49
N PRO D 176 -26.53 -50.10 54.01
CA PRO D 176 -25.79 -51.30 54.41
C PRO D 176 -24.30 -51.21 54.01
N ALA D 177 -23.45 -50.99 55.00
CA ALA D 177 -22.02 -50.88 54.75
C ALA D 177 -21.30 -52.17 54.28
N THR D 178 -21.55 -52.59 53.05
CA THR D 178 -20.85 -53.75 52.52
C THR D 178 -19.60 -53.25 51.80
N MET D 179 -18.55 -54.08 51.73
CA MET D 179 -17.30 -53.69 51.09
C MET D 179 -17.48 -53.01 49.75
N SER D 180 -18.17 -53.67 48.83
CA SER D 180 -18.39 -53.09 47.52
C SER D 180 -19.19 -51.80 47.59
N GLN D 181 -20.17 -51.74 48.49
CA GLN D 181 -20.95 -50.53 48.64
C GLN D 181 -20.04 -49.34 49.03
N ILE D 182 -19.10 -49.62 49.94
CA ILE D 182 -18.17 -48.65 50.45
C ILE D 182 -17.20 -48.19 49.38
N ALA D 183 -16.70 -49.14 48.60
CA ALA D 183 -15.78 -48.80 47.52
C ALA D 183 -16.47 -47.91 46.52
N LYS D 184 -17.67 -48.32 46.11
CA LYS D 184 -18.46 -47.58 45.13
C LYS D 184 -18.69 -46.15 45.59
N ASP D 185 -18.98 -45.96 46.86
CA ASP D 185 -19.17 -44.61 47.36
C ASP D 185 -17.86 -43.80 47.38
N VAL D 186 -16.84 -44.29 48.05
CA VAL D 186 -15.58 -43.55 48.12
C VAL D 186 -15.05 -43.22 46.73
N CYS D 187 -15.32 -44.09 45.76
CA CYS D 187 -14.86 -43.83 44.41
C CYS D 187 -15.64 -42.65 43.84
N THR D 188 -16.94 -42.61 44.12
CA THR D 188 -17.78 -41.52 43.65
C THR D 188 -17.23 -40.25 44.28
N PHE D 189 -16.90 -40.34 45.58
CA PHE D 189 -16.34 -39.20 46.29
C PHE D 189 -15.04 -38.72 45.64
N LEU D 190 -14.19 -39.68 45.25
CA LEU D 190 -12.92 -39.35 44.62
C LEU D 190 -13.17 -38.62 43.30
N ARG D 191 -14.17 -39.06 42.55
CA ARG D 191 -14.49 -38.39 41.30
C ARG D 191 -14.78 -36.93 41.61
N TRP D 192 -15.64 -36.71 42.58
CA TRP D 192 -15.96 -35.35 42.96
C TRP D 192 -14.71 -34.59 43.40
N ALA D 193 -13.91 -35.19 44.27
CA ALA D 193 -12.70 -34.52 44.75
C ALA D 193 -11.79 -34.05 43.62
N ALA D 194 -11.71 -34.85 42.57
CA ALA D 194 -10.84 -34.54 41.45
C ALA D 194 -11.43 -33.46 40.56
N GLU D 195 -12.74 -33.52 40.32
CA GLU D 195 -13.34 -32.50 39.49
C GLU D 195 -14.64 -31.99 40.06
N PRO D 196 -14.53 -31.14 41.09
CA PRO D 196 -15.63 -30.51 41.80
C PRO D 196 -16.59 -29.82 40.82
N GLU D 197 -16.10 -29.43 39.65
CA GLU D 197 -16.94 -28.76 38.67
C GLU D 197 -17.69 -29.76 37.82
N HIS D 198 -17.50 -31.05 38.09
CA HIS D 198 -18.17 -32.08 37.31
C HIS D 198 -19.58 -31.69 36.87
N ASP D 199 -20.49 -31.59 37.83
CA ASP D 199 -21.88 -31.26 37.55
C ASP D 199 -22.12 -30.00 36.73
N GLN D 200 -21.53 -28.88 37.13
CA GLN D 200 -21.72 -27.64 36.37
C GLN D 200 -21.25 -27.81 34.92
N ARG D 201 -20.10 -28.48 34.75
CA ARG D 201 -19.55 -28.71 33.43
C ARG D 201 -20.60 -29.35 32.54
N LYS D 202 -21.25 -30.38 33.06
CA LYS D 202 -22.25 -31.07 32.25
C LYS D 202 -23.50 -30.24 31.96
N ARG D 203 -23.89 -29.38 32.88
CA ARG D 203 -25.05 -28.53 32.64
C ARG D 203 -24.67 -27.59 31.50
N MET D 204 -23.46 -27.03 31.54
CA MET D 204 -23.00 -26.15 30.46
C MET D 204 -22.99 -26.92 29.12
N GLY D 205 -22.43 -28.13 29.15
CA GLY D 205 -22.38 -28.95 27.96
C GLY D 205 -23.76 -29.10 27.34
N LEU D 206 -24.79 -29.19 28.17
CA LEU D 206 -26.16 -29.31 27.68
C LEU D 206 -26.53 -28.08 26.88
N LYS D 207 -26.40 -26.91 27.51
CA LYS D 207 -26.71 -25.66 26.84
C LYS D 207 -25.85 -25.48 25.59
N MET D 208 -24.56 -25.82 25.69
CA MET D 208 -23.66 -25.70 24.54
C MET D 208 -24.22 -26.47 23.36
N LEU D 209 -24.70 -27.68 23.63
CA LEU D 209 -25.26 -28.50 22.56
C LEU D 209 -26.49 -27.88 21.95
N LEU D 210 -27.35 -27.32 22.78
CA LEU D 210 -28.55 -26.74 22.24
C LEU D 210 -28.24 -25.49 21.43
N ILE D 211 -27.57 -24.52 22.04
CA ILE D 211 -27.21 -23.28 21.34
C ILE D 211 -26.48 -23.59 20.04
N SER D 212 -25.58 -24.56 20.09
CA SER D 212 -24.83 -24.97 18.92
C SER D 212 -25.72 -25.52 17.81
N ALA D 213 -26.68 -26.37 18.18
CA ALA D 213 -27.57 -26.97 17.18
C ALA D 213 -28.29 -25.86 16.45
N LEU D 214 -28.85 -24.95 17.24
CA LEU D 214 -29.61 -23.83 16.76
C LEU D 214 -28.74 -22.89 15.89
N LEU D 215 -27.69 -22.37 16.49
CA LEU D 215 -26.81 -21.46 15.77
C LEU D 215 -26.24 -22.06 14.50
N THR D 216 -25.77 -23.29 14.55
CA THR D 216 -25.23 -23.90 13.35
C THR D 216 -26.30 -23.91 12.24
N SER D 217 -27.52 -24.29 12.60
CA SER D 217 -28.58 -24.31 11.60
C SER D 217 -28.86 -22.95 10.98
N LEU D 218 -29.04 -21.95 11.82
CA LEU D 218 -29.33 -20.62 11.34
C LEU D 218 -28.23 -20.10 10.42
N LEU D 219 -26.97 -20.32 10.81
CA LEU D 219 -25.83 -19.86 10.02
C LEU D 219 -25.70 -20.66 8.75
N TYR D 220 -26.14 -21.90 8.77
CA TYR D 220 -26.09 -22.71 7.58
C TYR D 220 -27.05 -22.10 6.57
N TYR D 221 -28.23 -21.71 7.05
CA TYR D 221 -29.24 -21.10 6.19
C TYR D 221 -28.72 -19.80 5.58
N MET D 222 -28.20 -18.93 6.43
CA MET D 222 -27.68 -17.65 6.00
C MET D 222 -26.61 -17.78 4.94
N LYS D 223 -25.73 -18.74 5.12
CA LYS D 223 -24.67 -18.96 4.15
C LYS D 223 -25.30 -19.39 2.83
N ARG D 224 -26.23 -20.33 2.91
CA ARG D 224 -26.91 -20.81 1.71
C ARG D 224 -27.69 -19.68 1.04
N HIS D 225 -28.36 -18.87 1.85
CA HIS D 225 -29.13 -17.74 1.36
C HIS D 225 -28.28 -16.81 0.49
N LYS D 226 -27.17 -16.32 1.05
CA LYS D 226 -26.30 -15.42 0.33
C LYS D 226 -25.67 -16.09 -0.87
N TRP D 227 -25.25 -17.34 -0.70
CA TRP D 227 -24.61 -18.04 -1.81
C TRP D 227 -25.55 -18.50 -2.92
N SER D 228 -26.87 -18.54 -2.65
CA SER D 228 -27.85 -18.96 -3.64
C SER D 228 -27.65 -18.17 -4.92
N VAL D 229 -27.22 -16.91 -4.77
CA VAL D 229 -26.97 -16.04 -5.90
C VAL D 229 -26.01 -16.75 -6.87
N LEU D 230 -24.88 -17.25 -6.37
CA LEU D 230 -23.91 -17.93 -7.23
C LEU D 230 -24.28 -19.38 -7.55
N LYS D 231 -24.90 -20.06 -6.58
CA LYS D 231 -25.26 -21.44 -6.77
C LYS D 231 -26.21 -21.67 -7.93
N SER D 232 -27.22 -20.81 -8.09
CA SER D 232 -28.16 -21.00 -9.19
C SER D 232 -27.81 -20.16 -10.42
N ARG D 233 -26.71 -19.39 -10.31
CA ARG D 233 -26.30 -18.53 -11.41
C ARG D 233 -26.05 -19.29 -12.70
N LYS D 234 -26.51 -18.72 -13.81
CA LYS D 234 -26.33 -19.32 -15.14
C LYS D 234 -25.51 -18.40 -16.03
N MET D 235 -24.90 -18.95 -17.06
CA MET D 235 -24.08 -18.15 -17.96
C MET D 235 -24.01 -18.75 -19.36
N ALA D 236 -23.64 -17.94 -20.34
CA ALA D 236 -23.54 -18.39 -21.72
C ALA D 236 -22.42 -17.64 -22.44
N TYR D 237 -21.96 -18.22 -23.53
CA TYR D 237 -20.91 -17.62 -24.31
C TYR D 237 -21.50 -17.23 -25.66
N ARG D 238 -21.73 -15.93 -25.86
CA ARG D 238 -22.31 -15.46 -27.11
C ARG D 238 -21.32 -14.67 -27.93
N PRO D 239 -20.38 -15.35 -28.59
CA PRO D 239 -19.42 -14.60 -29.41
C PRO D 239 -20.15 -14.06 -30.63
N PRO D 240 -19.63 -12.97 -31.20
CA PRO D 240 -20.17 -12.29 -32.38
C PRO D 240 -20.25 -13.12 -33.65
N LYS D 241 -21.06 -12.60 -34.56
CA LYS D 241 -21.33 -13.12 -35.90
C LYS D 241 -20.62 -14.42 -36.36
N VAL E 1 -27.71 -10.75 -32.19
CA VAL E 1 -28.02 -9.41 -31.62
C VAL E 1 -28.67 -9.64 -30.26
N HIS E 2 -28.59 -8.64 -29.39
CA HIS E 2 -29.14 -8.75 -28.04
C HIS E 2 -30.62 -9.09 -27.99
N ASN E 3 -31.33 -8.84 -29.08
CA ASN E 3 -32.76 -9.12 -29.12
C ASN E 3 -32.98 -10.63 -28.93
N ASP E 4 -32.00 -11.41 -29.37
CA ASP E 4 -32.05 -12.87 -29.27
C ASP E 4 -31.63 -13.40 -27.91
N VAL E 5 -31.55 -12.51 -26.93
CA VAL E 5 -31.14 -12.91 -25.59
C VAL E 5 -32.32 -12.89 -24.65
N THR E 6 -32.44 -13.95 -23.85
CA THR E 6 -33.52 -14.06 -22.88
C THR E 6 -33.01 -14.73 -21.63
N VAL E 7 -33.51 -14.31 -20.49
CA VAL E 7 -33.09 -14.89 -19.24
C VAL E 7 -33.60 -16.31 -19.16
N PRO E 8 -32.74 -17.24 -18.75
CA PRO E 8 -33.15 -18.64 -18.63
C PRO E 8 -34.29 -18.81 -17.64
N ASP E 9 -34.70 -20.05 -17.48
CA ASP E 9 -35.78 -20.35 -16.57
C ASP E 9 -35.23 -20.82 -15.22
N PHE E 10 -35.60 -20.09 -14.15
CA PHE E 10 -35.15 -20.37 -12.80
C PHE E 10 -36.24 -21.00 -11.93
N SER E 11 -37.04 -21.88 -12.53
CA SER E 11 -38.12 -22.51 -11.79
C SER E 11 -37.64 -23.58 -10.84
N ALA E 12 -36.50 -24.17 -11.17
CA ALA E 12 -35.93 -25.20 -10.35
C ALA E 12 -35.34 -24.57 -9.11
N TYR E 13 -35.39 -23.24 -9.03
CA TYR E 13 -34.82 -22.52 -7.89
C TYR E 13 -35.71 -21.52 -7.20
N ARG E 14 -36.70 -21.01 -7.93
CA ARG E 14 -37.59 -20.01 -7.36
C ARG E 14 -38.34 -20.46 -6.12
N ARG E 15 -38.57 -19.51 -5.21
CA ARG E 15 -39.37 -19.81 -4.03
C ARG E 15 -40.79 -20.04 -4.54
N GLU E 16 -41.55 -20.89 -3.87
CA GLU E 16 -42.92 -21.19 -4.29
C GLU E 16 -43.77 -19.97 -4.70
N ASP E 17 -43.78 -18.92 -3.89
CA ASP E 17 -44.59 -17.73 -4.17
C ASP E 17 -44.27 -16.85 -5.37
N VAL E 18 -43.15 -17.10 -6.04
CA VAL E 18 -42.80 -16.27 -7.20
C VAL E 18 -42.55 -17.19 -8.40
N MET E 19 -43.16 -18.37 -8.32
CA MET E 19 -43.03 -19.38 -9.35
C MET E 19 -43.89 -19.02 -10.57
N ASP E 20 -45.05 -18.43 -10.30
CA ASP E 20 -46.00 -18.02 -11.34
C ASP E 20 -45.71 -16.64 -11.90
N ALA E 21 -45.40 -16.63 -13.19
CA ALA E 21 -45.04 -15.42 -13.94
C ALA E 21 -46.13 -14.36 -14.08
N THR E 22 -47.39 -14.76 -13.89
CA THR E 22 -48.48 -13.80 -14.04
C THR E 22 -48.99 -13.25 -12.72
N THR E 23 -48.22 -13.45 -11.66
CA THR E 23 -48.60 -12.95 -10.34
C THR E 23 -47.59 -11.95 -9.84
N SER E 24 -48.06 -10.83 -9.28
CA SER E 24 -47.16 -9.83 -8.75
C SER E 24 -46.26 -10.52 -7.73
N SER E 25 -44.97 -10.21 -7.75
CA SER E 25 -44.05 -10.83 -6.80
C SER E 25 -43.96 -9.99 -5.54
N GLN E 26 -44.51 -8.78 -5.58
CA GLN E 26 -44.48 -7.90 -4.42
C GLN E 26 -45.35 -8.42 -3.25
N THR E 27 -46.46 -9.05 -3.58
CA THR E 27 -47.35 -9.53 -2.54
C THR E 27 -46.71 -10.55 -1.61
N SER E 28 -45.71 -11.28 -2.07
CA SER E 28 -45.07 -12.25 -1.20
C SER E 28 -43.70 -11.76 -0.74
N SER E 29 -43.30 -10.59 -1.18
CA SER E 29 -41.99 -10.06 -0.82
C SER E 29 -41.76 -9.92 0.66
N GLU E 30 -42.69 -9.28 1.37
CA GLU E 30 -42.53 -9.10 2.81
C GLU E 30 -42.41 -10.41 3.57
N ASP E 31 -43.11 -11.44 3.12
CA ASP E 31 -43.01 -12.75 3.75
C ASP E 31 -41.64 -13.34 3.44
N ARG E 32 -41.27 -13.32 2.17
CA ARG E 32 -39.98 -13.86 1.75
C ARG E 32 -38.81 -13.23 2.50
N LYS E 33 -38.91 -11.93 2.76
CA LYS E 33 -37.84 -11.24 3.48
C LYS E 33 -38.02 -11.40 4.96
N GLY E 34 -39.26 -11.40 5.41
CA GLY E 34 -39.52 -11.55 6.83
C GLY E 34 -38.89 -12.84 7.30
N PHE E 35 -39.11 -13.91 6.55
CA PHE E 35 -38.56 -15.20 6.92
C PHE E 35 -37.05 -15.19 6.98
N SER E 36 -36.42 -14.83 5.87
CA SER E 36 -34.97 -14.79 5.82
C SER E 36 -34.37 -13.95 6.93
N TYR E 37 -34.91 -12.74 7.14
CA TYR E 37 -34.43 -11.89 8.22
C TYR E 37 -34.78 -12.48 9.58
N LEU E 38 -35.82 -13.31 9.64
CA LEU E 38 -36.16 -13.90 10.93
C LEU E 38 -35.05 -14.82 11.34
N VAL E 39 -34.52 -15.58 10.38
CA VAL E 39 -33.41 -16.49 10.64
C VAL E 39 -32.19 -15.69 11.15
N THR E 40 -31.87 -14.62 10.42
CA THR E 40 -30.75 -13.77 10.78
C THR E 40 -30.93 -13.17 12.17
N ALA E 41 -32.12 -12.66 12.45
CA ALA E 41 -32.37 -12.05 13.76
C ALA E 41 -32.23 -13.10 14.86
N THR E 42 -32.67 -14.32 14.59
CA THR E 42 -32.57 -15.37 15.59
C THR E 42 -31.10 -15.77 15.83
N ALA E 43 -30.34 -15.85 14.75
CA ALA E 43 -28.92 -16.19 14.85
C ALA E 43 -28.21 -15.12 15.70
N CYS E 44 -28.63 -13.87 15.56
CA CYS E 44 -28.04 -12.80 16.34
C CYS E 44 -28.41 -12.96 17.82
N VAL E 45 -29.62 -13.44 18.09
CA VAL E 45 -30.04 -13.65 19.48
C VAL E 45 -29.20 -14.77 20.09
N ALA E 46 -29.14 -15.93 19.43
CA ALA E 46 -28.34 -17.06 19.91
C ALA E 46 -26.90 -16.59 20.14
N THR E 47 -26.39 -15.81 19.20
CA THR E 47 -25.03 -15.31 19.31
C THR E 47 -24.85 -14.37 20.49
N ALA E 48 -25.79 -13.45 20.68
CA ALA E 48 -25.70 -12.52 21.78
C ALA E 48 -25.71 -13.32 23.09
N TYR E 49 -26.62 -14.27 23.17
CA TYR E 49 -26.74 -15.11 24.36
C TYR E 49 -25.38 -15.73 24.67
N ALA E 50 -24.79 -16.37 23.66
CA ALA E 50 -23.50 -17.01 23.83
C ALA E 50 -22.43 -16.00 24.23
N ALA E 51 -22.42 -14.84 23.57
CA ALA E 51 -21.41 -13.84 23.87
C ALA E 51 -21.53 -13.33 25.30
N LYS E 52 -22.77 -13.00 25.72
CA LYS E 52 -23.00 -12.51 27.06
C LYS E 52 -22.50 -13.49 28.11
N ASN E 53 -22.72 -14.77 27.89
CA ASN E 53 -22.24 -15.73 28.86
C ASN E 53 -20.71 -15.85 28.87
N VAL E 54 -20.09 -16.09 27.72
CA VAL E 54 -18.62 -16.19 27.67
C VAL E 54 -17.91 -14.95 28.24
N VAL E 55 -18.41 -13.76 27.90
CA VAL E 55 -17.81 -12.54 28.40
C VAL E 55 -18.02 -12.42 29.90
N THR E 56 -19.20 -12.84 30.36
CA THR E 56 -19.50 -12.81 31.79
C THR E 56 -18.55 -13.75 32.55
N GLN E 57 -18.36 -14.95 32.01
CA GLN E 57 -17.49 -15.92 32.63
C GLN E 57 -16.06 -15.39 32.70
N PHE E 58 -15.54 -14.94 31.56
CA PHE E 58 -14.18 -14.42 31.58
C PHE E 58 -14.04 -13.24 32.50
N ILE E 59 -14.98 -12.29 32.45
CA ILE E 59 -14.89 -11.15 33.35
C ILE E 59 -14.78 -11.63 34.80
N SER E 60 -15.72 -12.44 35.25
CA SER E 60 -15.71 -12.90 36.63
C SER E 60 -14.51 -13.72 37.06
N SER E 61 -13.76 -14.26 36.10
CA SER E 61 -12.59 -15.03 36.47
C SER E 61 -11.55 -14.10 37.07
N LEU E 62 -11.81 -12.80 37.02
CA LEU E 62 -10.87 -11.83 37.55
C LEU E 62 -11.31 -11.25 38.88
N SER E 63 -12.49 -11.64 39.34
CA SER E 63 -12.97 -11.17 40.62
C SER E 63 -12.68 -12.26 41.66
N ALA E 64 -12.60 -11.86 42.92
CA ALA E 64 -12.32 -12.77 44.05
C ALA E 64 -12.62 -14.24 43.86
N SER E 65 -11.60 -15.07 44.04
CA SER E 65 -11.78 -16.51 43.90
C SER E 65 -12.25 -17.14 45.21
N ALA E 66 -12.82 -18.34 45.10
CA ALA E 66 -13.36 -19.07 46.24
C ALA E 66 -12.49 -19.06 47.47
N ASP E 67 -11.18 -19.24 47.34
CA ASP E 67 -10.34 -19.23 48.53
C ASP E 67 -10.37 -17.87 49.24
N VAL E 68 -10.39 -16.79 48.47
CA VAL E 68 -10.42 -15.44 49.02
C VAL E 68 -11.75 -15.11 49.68
N LEU E 69 -12.85 -15.47 49.04
CA LEU E 69 -14.16 -15.21 49.62
C LEU E 69 -14.40 -16.04 50.88
N ALA E 70 -13.52 -17.01 51.14
CA ALA E 70 -13.67 -17.85 52.32
C ALA E 70 -13.17 -17.04 53.50
N LEU E 71 -14.11 -16.37 54.16
CA LEU E 71 -13.76 -15.39 55.17
C LEU E 71 -14.13 -15.84 56.58
N SER E 72 -13.16 -15.75 57.48
CA SER E 72 -13.38 -16.16 58.87
C SER E 72 -13.33 -14.96 59.81
N LYS E 73 -13.51 -15.23 61.09
CA LYS E 73 -13.49 -14.21 62.13
C LYS E 73 -12.26 -14.38 62.99
N ILE E 74 -11.91 -13.34 63.75
CA ILE E 74 -10.77 -13.46 64.65
C ILE E 74 -11.13 -12.95 66.03
N GLU E 75 -10.77 -13.73 67.04
CA GLU E 75 -11.04 -13.42 68.43
C GLU E 75 -9.86 -12.70 69.03
N ILE E 76 -10.14 -11.65 69.80
CA ILE E 76 -9.08 -10.86 70.42
C ILE E 76 -9.38 -10.67 71.92
N LYS E 77 -8.47 -11.13 72.77
CA LYS E 77 -8.66 -10.98 74.21
C LYS E 77 -8.40 -9.54 74.63
N LEU E 78 -9.38 -8.96 75.32
CA LEU E 78 -9.31 -7.59 75.78
C LEU E 78 -8.40 -7.43 77.00
N SER E 79 -7.47 -8.37 77.15
CA SER E 79 -6.54 -8.35 78.26
C SER E 79 -5.26 -7.66 77.82
N ASP E 80 -4.83 -7.94 76.58
CA ASP E 80 -3.61 -7.34 76.04
C ASP E 80 -3.85 -5.90 75.62
N ILE E 81 -4.99 -5.34 76.00
CA ILE E 81 -5.31 -3.97 75.63
C ILE E 81 -5.63 -3.08 76.82
N PRO E 82 -4.60 -2.39 77.36
CA PRO E 82 -4.84 -1.51 78.50
C PRO E 82 -5.71 -0.33 78.05
N GLU E 83 -6.33 0.37 79.00
CA GLU E 83 -7.20 1.50 78.67
C GLU E 83 -6.44 2.68 78.06
N GLY E 84 -6.82 3.07 76.85
CA GLY E 84 -6.17 4.18 76.18
C GLY E 84 -5.28 3.78 75.01
N LYS E 85 -4.96 2.49 74.95
CA LYS E 85 -4.09 1.95 73.91
C LYS E 85 -4.85 1.52 72.64
N ASN E 86 -4.10 1.40 71.55
CA ASN E 86 -4.64 1.01 70.24
C ASN E 86 -3.79 -0.12 69.67
N VAL E 87 -4.35 -1.31 69.56
CA VAL E 87 -3.61 -2.43 69.00
C VAL E 87 -4.16 -2.79 67.62
N ALA E 88 -3.26 -2.97 66.66
CA ALA E 88 -3.65 -3.32 65.30
C ALA E 88 -3.39 -4.79 64.99
N PHE E 89 -4.37 -5.43 64.37
CA PHE E 89 -4.26 -6.83 64.01
C PHE E 89 -4.55 -7.00 62.53
N LYS E 90 -3.66 -7.69 61.81
CA LYS E 90 -3.85 -7.93 60.39
C LYS E 90 -5.15 -8.71 60.30
N TRP E 91 -5.95 -8.50 59.27
CA TRP E 91 -7.20 -9.23 59.17
C TRP E 91 -7.87 -8.97 57.84
N ARG E 92 -8.28 -10.05 57.18
CA ARG E 92 -8.91 -9.97 55.87
C ARG E 92 -8.16 -8.95 55.03
N GLY E 93 -6.84 -9.10 55.02
CA GLY E 93 -5.97 -8.23 54.24
C GLY E 93 -5.67 -6.87 54.84
N LYS E 94 -6.71 -6.21 55.35
CA LYS E 94 -6.58 -4.88 55.95
C LYS E 94 -6.27 -4.92 57.45
N PRO E 95 -5.90 -3.75 58.04
CA PRO E 95 -5.59 -3.70 59.47
C PRO E 95 -6.88 -3.66 60.31
N LEU E 96 -6.91 -4.40 61.41
CA LEU E 96 -8.08 -4.39 62.30
C LEU E 96 -7.72 -3.59 63.54
N PHE E 97 -8.46 -2.51 63.75
CA PHE E 97 -8.21 -1.65 64.90
C PHE E 97 -9.15 -1.94 66.07
N VAL E 98 -8.56 -2.29 67.21
CA VAL E 98 -9.32 -2.56 68.42
C VAL E 98 -8.73 -1.64 69.49
N ARG E 99 -9.48 -0.61 69.85
CA ARG E 99 -9.02 0.40 70.82
C ARG E 99 -9.80 0.47 72.12
N HIS E 100 -9.06 0.64 73.21
CA HIS E 100 -9.62 0.75 74.55
C HIS E 100 -9.57 2.23 74.89
N ARG E 101 -10.73 2.88 74.95
CA ARG E 101 -10.78 4.31 75.24
C ARG E 101 -10.94 4.63 76.73
N THR E 102 -10.12 5.54 77.25
CA THR E 102 -10.21 5.94 78.66
C THR E 102 -11.60 6.52 78.86
N GLN E 103 -11.99 6.71 80.11
CA GLN E 103 -13.31 7.28 80.37
C GLN E 103 -13.31 8.75 79.93
N ALA E 104 -12.12 9.35 79.93
CA ALA E 104 -11.96 10.73 79.51
C ALA E 104 -12.31 10.80 78.03
N GLU E 105 -11.76 9.87 77.26
CA GLU E 105 -12.00 9.78 75.83
C GLU E 105 -13.47 9.55 75.50
N ILE E 106 -14.07 8.53 76.11
CA ILE E 106 -15.46 8.20 75.87
C ILE E 106 -16.40 9.39 76.03
N ASN E 107 -15.95 10.39 76.78
CA ASN E 107 -16.76 11.59 77.01
C ASN E 107 -16.60 12.58 75.86
N GLN E 108 -15.35 12.91 75.54
CA GLN E 108 -15.06 13.85 74.45
C GLN E 108 -15.72 13.46 73.14
N GLU E 109 -16.10 12.18 73.02
CA GLU E 109 -16.75 11.67 71.82
C GLU E 109 -18.26 11.86 71.92
N ALA E 110 -18.75 11.98 73.16
CA ALA E 110 -20.17 12.19 73.38
C ALA E 110 -20.46 13.65 73.05
N GLU E 111 -19.40 14.47 73.13
CA GLU E 111 -19.44 15.91 72.84
C GLU E 111 -18.96 16.18 71.42
N VAL E 112 -19.83 16.01 70.44
CA VAL E 112 -19.46 16.25 69.04
C VAL E 112 -20.68 16.71 68.25
N ASP E 113 -20.60 17.89 67.64
CA ASP E 113 -21.73 18.34 66.86
C ASP E 113 -21.85 17.38 65.67
N VAL E 114 -22.88 16.53 65.73
CA VAL E 114 -23.13 15.55 64.68
C VAL E 114 -23.65 16.19 63.40
N SER E 115 -24.61 17.10 63.55
CA SER E 115 -25.20 17.77 62.40
C SER E 115 -24.14 18.51 61.59
N LYS E 116 -23.00 18.80 62.24
CA LYS E 116 -21.91 19.50 61.57
C LYS E 116 -20.70 18.59 61.34
N LEU E 117 -20.98 17.38 60.85
CA LEU E 117 -19.95 16.38 60.53
C LEU E 117 -20.18 15.87 59.12
N ARG E 118 -19.11 15.46 58.45
CA ARG E 118 -19.18 14.96 57.09
C ARG E 118 -20.07 13.71 57.03
N ASP E 119 -19.75 12.75 57.88
CA ASP E 119 -20.51 11.49 57.98
C ASP E 119 -21.33 11.60 59.27
N PRO E 120 -22.58 12.10 59.18
CA PRO E 120 -23.51 12.28 60.30
C PRO E 120 -23.76 11.03 61.11
N GLN E 121 -22.87 10.78 62.07
CA GLN E 121 -22.99 9.60 62.91
C GLN E 121 -22.64 9.91 64.37
N HIS E 122 -23.43 9.33 65.27
CA HIS E 122 -23.24 9.53 66.70
C HIS E 122 -22.26 8.48 67.21
N ASP E 123 -21.34 8.89 68.08
CA ASP E 123 -20.34 7.97 68.64
C ASP E 123 -20.88 6.70 69.26
N LEU E 124 -22.19 6.63 69.48
CA LEU E 124 -22.78 5.45 70.08
C LEU E 124 -23.47 4.57 69.03
N ASP E 125 -23.27 4.91 67.76
CA ASP E 125 -23.83 4.15 66.64
C ASP E 125 -22.69 3.30 66.08
N ARG E 126 -21.49 3.55 66.57
CA ARG E 126 -20.30 2.85 66.12
C ARG E 126 -19.75 1.84 67.12
N VAL E 127 -20.32 1.80 68.32
CA VAL E 127 -19.84 0.87 69.33
C VAL E 127 -20.96 0.12 70.05
N LYS E 128 -20.56 -0.91 70.82
CA LYS E 128 -21.50 -1.72 71.60
C LYS E 128 -21.15 -1.55 73.07
N LYS E 129 -19.90 -1.17 73.30
CA LYS E 129 -19.36 -0.95 74.64
C LYS E 129 -18.46 0.29 74.52
N PRO E 130 -18.82 1.39 75.20
CA PRO E 130 -18.09 2.66 75.20
C PRO E 130 -16.56 2.61 75.25
N GLU E 131 -16.00 1.78 76.13
CA GLU E 131 -14.55 1.70 76.24
C GLU E 131 -13.90 0.84 75.14
N TRP E 132 -14.72 0.30 74.25
CA TRP E 132 -14.23 -0.53 73.15
C TRP E 132 -14.72 -0.08 71.78
N VAL E 133 -13.80 0.49 71.00
CA VAL E 133 -14.08 0.97 69.64
C VAL E 133 -13.25 0.13 68.65
N ILE E 134 -13.93 -0.66 67.82
CA ILE E 134 -13.26 -1.50 66.85
C ILE E 134 -13.45 -0.93 65.44
N LEU E 135 -12.35 -0.71 64.74
CA LEU E 135 -12.38 -0.14 63.39
C LEU E 135 -11.48 -0.86 62.40
N VAL E 136 -11.69 -0.54 61.12
CA VAL E 136 -10.88 -1.10 60.04
C VAL E 136 -9.92 0.02 59.65
N GLY E 137 -8.72 -0.05 60.20
CA GLY E 137 -7.70 0.96 59.96
C GLY E 137 -7.27 1.28 58.55
N VAL E 138 -8.22 1.63 57.69
CA VAL E 138 -7.88 1.98 56.33
C VAL E 138 -8.55 3.32 56.04
N CYS E 139 -7.76 4.29 55.62
CA CYS E 139 -8.28 5.61 55.31
C CYS E 139 -9.29 5.52 54.17
N THR E 140 -10.51 6.00 54.41
CA THR E 140 -11.56 5.95 53.40
C THR E 140 -11.26 6.75 52.14
N HIS E 141 -10.13 7.46 52.12
CA HIS E 141 -9.75 8.25 50.96
C HIS E 141 -9.15 7.31 49.90
N LEU E 142 -7.81 7.24 49.88
CA LEU E 142 -7.12 6.40 48.92
C LEU E 142 -6.48 5.15 49.51
N GLY E 143 -7.02 4.70 50.66
CA GLY E 143 -6.55 3.47 51.28
C GLY E 143 -5.34 3.33 52.19
N CYS E 144 -4.67 4.42 52.56
CA CYS E 144 -3.52 4.29 53.45
C CYS E 144 -3.95 3.92 54.86
N VAL E 145 -2.99 3.53 55.69
CA VAL E 145 -3.31 3.15 57.04
C VAL E 145 -3.08 4.30 58.00
N PRO E 146 -4.14 4.73 58.72
CA PRO E 146 -4.12 5.82 59.70
C PRO E 146 -3.24 5.48 60.90
N ILE E 147 -2.45 6.46 61.35
CA ILE E 147 -1.59 6.26 62.52
C ILE E 147 -2.41 6.41 63.80
N ALA E 148 -2.27 5.44 64.69
CA ALA E 148 -2.99 5.45 65.96
C ALA E 148 -2.49 6.59 66.84
N ASN E 149 -3.40 7.10 67.67
CA ASN E 149 -3.12 8.20 68.61
C ASN E 149 -2.42 9.39 67.97
N SER E 150 -3.02 9.95 66.92
CA SER E 150 -2.47 11.11 66.24
C SER E 150 -3.59 11.97 65.65
N GLY E 151 -3.24 13.14 65.14
CA GLY E 151 -4.23 14.04 64.57
C GLY E 151 -4.73 15.07 65.57
N ASP E 152 -5.34 16.13 65.07
CA ASP E 152 -5.85 17.18 65.94
C ASP E 152 -7.16 16.78 66.61
N PHE E 153 -7.47 15.49 66.61
CA PHE E 153 -8.71 15.02 67.23
C PHE E 153 -8.48 13.80 68.13
N GLY E 154 -7.23 13.59 68.52
CA GLY E 154 -6.87 12.49 69.40
C GLY E 154 -7.29 11.10 68.94
N GLY E 155 -7.64 10.96 67.67
CA GLY E 155 -8.05 9.66 67.13
C GLY E 155 -6.96 9.07 66.25
N TYR E 156 -7.05 9.33 64.94
CA TYR E 156 -6.05 8.84 63.99
C TYR E 156 -5.77 9.89 62.93
N TYR E 157 -4.60 9.77 62.31
CA TYR E 157 -4.16 10.67 61.24
C TYR E 157 -3.54 9.88 60.07
N CYS E 158 -4.05 10.06 58.86
CA CYS E 158 -3.52 9.36 57.68
C CYS E 158 -2.39 10.18 57.06
N PRO E 159 -1.16 9.66 57.10
CA PRO E 159 0.02 10.34 56.55
C PRO E 159 0.01 10.62 55.05
N CYS E 160 -0.81 9.92 54.28
CA CYS E 160 -0.85 10.12 52.84
C CYS E 160 -1.31 11.50 52.36
N HIS E 161 -2.49 11.93 52.78
CA HIS E 161 -2.96 13.25 52.36
C HIS E 161 -3.52 14.08 53.50
N GLY E 162 -3.33 13.61 54.73
CA GLY E 162 -3.78 14.35 55.90
C GLY E 162 -5.22 14.22 56.36
N SER E 163 -5.76 13.01 56.38
CA SER E 163 -7.14 12.83 56.84
C SER E 163 -7.14 12.60 58.35
N HIS E 164 -7.91 13.42 59.07
CA HIS E 164 -8.01 13.36 60.51
C HIS E 164 -9.25 12.60 61.00
N TYR E 165 -9.05 11.74 62.00
CA TYR E 165 -10.14 10.96 62.56
C TYR E 165 -10.08 11.09 64.08
N ASP E 166 -11.25 11.10 64.71
CA ASP E 166 -11.31 11.20 66.17
C ASP E 166 -11.17 9.82 66.78
N ALA E 167 -11.13 9.74 68.11
CA ALA E 167 -10.98 8.47 68.80
C ALA E 167 -12.13 7.49 68.51
N SER E 168 -13.14 7.98 67.79
CA SER E 168 -14.29 7.15 67.42
C SER E 168 -14.08 6.65 65.99
N GLY E 169 -13.08 7.22 65.33
CA GLY E 169 -12.76 6.84 63.97
C GLY E 169 -13.54 7.60 62.91
N ARG E 170 -14.20 8.69 63.29
CA ARG E 170 -14.97 9.47 62.32
C ARG E 170 -14.07 10.48 61.61
N ILE E 171 -14.46 10.83 60.39
CA ILE E 171 -13.71 11.78 59.60
C ILE E 171 -14.06 13.20 60.04
N ARG E 172 -13.04 13.91 60.50
CA ARG E 172 -13.21 15.28 60.97
C ARG E 172 -12.59 16.29 60.02
N LYS E 173 -11.37 16.01 59.60
CA LYS E 173 -10.65 16.91 58.72
C LYS E 173 -9.86 16.14 57.66
N GLY E 174 -9.77 16.68 56.44
CA GLY E 174 -9.01 16.00 55.40
C GLY E 174 -9.81 15.64 54.16
N PRO E 175 -9.28 14.77 53.29
CA PRO E 175 -10.01 14.39 52.07
C PRO E 175 -10.98 13.22 52.25
N ALA E 176 -10.64 12.29 53.15
CA ALA E 176 -11.47 11.13 53.41
C ALA E 176 -12.97 11.44 53.45
N PRO E 177 -13.75 10.79 52.57
CA PRO E 177 -15.20 10.94 52.44
C PRO E 177 -16.03 10.49 53.63
N TYR E 178 -15.84 9.22 54.02
CA TYR E 178 -16.59 8.66 55.13
C TYR E 178 -15.72 8.34 56.35
N ASN E 179 -16.37 7.80 57.37
CA ASN E 179 -15.66 7.44 58.60
C ASN E 179 -15.02 6.05 58.49
N LEU E 180 -13.99 5.80 59.30
CA LEU E 180 -13.34 4.50 59.29
C LEU E 180 -14.40 3.44 59.51
N GLU E 181 -14.45 2.48 58.60
CA GLU E 181 -15.44 1.41 58.67
C GLU E 181 -15.51 0.70 60.02
N VAL E 182 -16.72 0.41 60.45
CA VAL E 182 -16.93 -0.28 61.69
C VAL E 182 -17.35 -1.69 61.32
N PRO E 183 -16.43 -2.65 61.45
CA PRO E 183 -16.71 -4.05 61.12
C PRO E 183 -17.81 -4.62 62.01
N THR E 184 -18.56 -5.58 61.50
CA THR E 184 -19.63 -6.19 62.26
C THR E 184 -19.08 -7.20 63.28
N TYR E 185 -19.21 -6.89 64.57
CA TYR E 185 -18.71 -7.76 65.65
C TYR E 185 -19.62 -7.87 66.87
N GLN E 186 -19.48 -8.98 67.60
CA GLN E 186 -20.28 -9.21 68.81
C GLN E 186 -19.31 -9.37 69.98
N PHE E 187 -19.74 -8.93 71.15
CA PHE E 187 -18.91 -9.01 72.35
C PHE E 187 -19.02 -10.31 73.13
N VAL E 188 -20.12 -11.03 72.92
CA VAL E 188 -20.37 -12.30 73.60
C VAL E 188 -19.09 -13.16 73.73
N GLY E 189 -18.46 -13.06 74.89
CA GLY E 189 -17.24 -13.81 75.15
C GLY E 189 -16.39 -13.11 76.20
N ASP E 190 -16.65 -13.41 77.47
CA ASP E 190 -15.92 -12.87 78.61
C ASP E 190 -14.96 -11.71 78.30
N ASP E 191 -13.69 -12.07 78.10
CA ASP E 191 -12.62 -11.13 77.78
C ASP E 191 -12.22 -11.47 76.34
N LEU E 192 -13.20 -11.49 75.46
CA LEU E 192 -13.00 -11.81 74.06
C LEU E 192 -13.97 -11.03 73.18
N VAL E 193 -13.63 -10.94 71.90
CA VAL E 193 -14.46 -10.24 70.92
C VAL E 193 -14.37 -10.96 69.56
N VAL E 194 -15.51 -11.48 69.12
CA VAL E 194 -15.58 -12.19 67.84
C VAL E 194 -15.97 -11.24 66.72
N VAL E 195 -14.98 -10.82 65.95
CA VAL E 195 -15.21 -9.91 64.84
C VAL E 195 -15.28 -10.65 63.51
N GLY E 196 -16.26 -10.32 62.69
CA GLY E 196 -16.41 -10.99 61.40
C GLY E 196 -17.86 -11.18 61.03
N GLY F 10 2.23 -51.89 -29.32
CA GLY F 10 1.13 -51.90 -30.37
C GLY F 10 0.31 -50.66 -30.15
N ARG F 11 -0.81 -50.78 -29.46
CA ARG F 11 -1.62 -49.59 -29.13
C ARG F 11 -1.62 -49.44 -27.61
N LEU F 12 -0.53 -49.84 -26.97
CA LEU F 12 -0.42 -49.77 -25.53
C LEU F 12 -0.41 -48.36 -25.02
N MET F 13 0.55 -47.56 -25.54
CA MET F 13 0.66 -46.16 -25.15
C MET F 13 -0.65 -45.47 -25.40
N ASP F 14 -1.24 -45.69 -26.57
CA ASP F 14 -2.50 -45.06 -26.87
C ASP F 14 -3.56 -45.47 -25.86
N ARG F 15 -3.55 -46.76 -25.49
CA ARG F 15 -4.50 -47.27 -24.53
C ARG F 15 -4.33 -46.60 -23.19
N ILE F 16 -3.08 -46.52 -22.75
CA ILE F 16 -2.75 -45.90 -21.48
C ILE F 16 -3.14 -44.44 -21.44
N ARG F 17 -2.73 -43.68 -22.44
CA ARG F 17 -3.08 -42.27 -22.50
C ARG F 17 -4.58 -42.05 -22.43
N LYS F 18 -5.34 -42.87 -23.14
CA LYS F 18 -6.77 -42.72 -23.17
C LYS F 18 -7.38 -43.04 -21.80
N TRP F 19 -6.79 -44.00 -21.12
CA TRP F 19 -7.26 -44.37 -19.80
C TRP F 19 -6.99 -43.20 -18.87
N TYR F 20 -5.76 -42.69 -18.87
CA TYR F 20 -5.39 -41.58 -18.01
C TYR F 20 -6.29 -40.38 -18.23
N TYR F 21 -6.41 -39.97 -19.49
CA TYR F 21 -7.25 -38.84 -19.84
C TYR F 21 -8.55 -39.00 -19.12
N ASN F 22 -9.19 -40.15 -19.34
CA ASN F 22 -10.46 -40.39 -18.70
C ASN F 22 -10.39 -40.42 -17.19
N ALA F 23 -9.33 -41.01 -16.65
CA ALA F 23 -9.17 -41.08 -15.21
C ALA F 23 -8.97 -39.68 -14.64
N ALA F 24 -8.16 -38.85 -15.31
CA ALA F 24 -7.90 -37.49 -14.85
C ALA F 24 -9.21 -36.78 -14.60
N GLY F 25 -10.09 -36.79 -15.58
CA GLY F 25 -11.38 -36.16 -15.38
C GLY F 25 -11.62 -34.69 -15.65
N PHE F 26 -10.61 -33.95 -16.11
CA PHE F 26 -10.85 -32.53 -16.35
C PHE F 26 -11.87 -32.38 -17.45
N ASN F 27 -12.04 -33.43 -18.25
CA ASN F 27 -13.01 -33.39 -19.33
C ASN F 27 -14.46 -33.35 -18.80
N LYS F 28 -14.68 -33.77 -17.56
CA LYS F 28 -16.02 -33.71 -16.98
C LYS F 28 -16.46 -32.26 -16.75
N TYR F 29 -15.50 -31.33 -16.72
CA TYR F 29 -15.80 -29.91 -16.54
C TYR F 29 -15.83 -29.19 -17.89
N GLY F 30 -15.59 -29.93 -18.97
CA GLY F 30 -15.57 -29.32 -20.29
C GLY F 30 -14.22 -28.73 -20.63
N LEU F 31 -13.21 -28.99 -19.79
CA LEU F 31 -11.88 -28.44 -20.01
C LEU F 31 -11.01 -29.27 -20.93
N MET F 32 -10.22 -28.59 -21.77
CA MET F 32 -9.29 -29.27 -22.64
C MET F 32 -8.05 -29.48 -21.77
N ARG F 33 -7.20 -30.41 -22.16
CA ARG F 33 -5.99 -30.66 -21.40
C ARG F 33 -5.28 -29.32 -21.22
N ASP F 34 -5.09 -28.58 -22.32
CA ASP F 34 -4.40 -27.31 -22.23
C ASP F 34 -5.02 -26.27 -21.31
N ASP F 35 -6.33 -26.35 -21.08
CA ASP F 35 -6.96 -25.40 -20.19
C ASP F 35 -6.48 -25.63 -18.76
N THR F 36 -5.98 -26.83 -18.48
CA THR F 36 -5.54 -27.15 -17.11
C THR F 36 -4.10 -26.88 -16.74
N LEU F 37 -3.28 -26.40 -17.66
CA LEU F 37 -1.88 -26.15 -17.36
C LEU F 37 -1.64 -25.05 -16.34
N TYR F 38 -0.71 -25.28 -15.42
CA TYR F 38 -0.35 -24.28 -14.41
C TYR F 38 0.31 -23.16 -15.19
N GLU F 39 -0.15 -21.93 -14.94
CA GLU F 39 0.39 -20.77 -15.64
C GLU F 39 1.73 -20.28 -15.13
N ASP F 40 2.81 -20.96 -15.49
CA ASP F 40 4.11 -20.48 -15.10
C ASP F 40 4.49 -19.43 -16.14
N ASP F 41 5.76 -19.05 -16.20
CA ASP F 41 6.16 -18.02 -17.14
C ASP F 41 5.93 -18.38 -18.60
N ASP F 42 6.41 -19.55 -18.99
CA ASP F 42 6.27 -20.03 -20.36
C ASP F 42 4.81 -20.05 -20.79
N VAL F 43 3.94 -20.59 -19.95
CA VAL F 43 2.55 -20.64 -20.32
C VAL F 43 1.95 -19.25 -20.44
N LYS F 44 2.28 -18.36 -19.51
CA LYS F 44 1.74 -17.00 -19.55
C LYS F 44 2.09 -16.33 -20.86
N GLU F 45 3.33 -16.49 -21.29
CA GLU F 45 3.76 -15.91 -22.55
C GLU F 45 2.99 -16.50 -23.73
N ALA F 46 2.89 -17.82 -23.78
CA ALA F 46 2.16 -18.50 -24.86
C ALA F 46 0.73 -18.02 -24.95
N LEU F 47 0.06 -17.89 -23.80
CA LEU F 47 -1.33 -17.42 -23.78
C LEU F 47 -1.49 -16.08 -24.49
N LYS F 48 -0.53 -15.17 -24.29
CA LYS F 48 -0.57 -13.86 -24.92
C LYS F 48 -0.50 -13.91 -26.43
N ARG F 49 -0.02 -15.03 -26.98
CA ARG F 49 0.10 -15.19 -28.42
C ARG F 49 -1.11 -15.86 -29.06
N LEU F 50 -2.02 -16.36 -28.25
CA LEU F 50 -3.23 -17.00 -28.77
C LEU F 50 -4.14 -16.02 -29.49
N PRO F 51 -4.74 -16.46 -30.59
CA PRO F 51 -5.66 -15.63 -31.38
C PRO F 51 -6.86 -15.29 -30.48
N GLU F 52 -7.44 -14.12 -30.69
CA GLU F 52 -8.60 -13.65 -29.93
C GLU F 52 -9.65 -14.72 -29.60
N ASP F 53 -10.21 -15.33 -30.64
CA ASP F 53 -11.24 -16.33 -30.45
C ASP F 53 -10.80 -17.51 -29.59
N LEU F 54 -9.65 -18.10 -29.90
CA LEU F 54 -9.15 -19.22 -29.10
C LEU F 54 -9.02 -18.82 -27.64
N TYR F 55 -8.60 -17.57 -27.42
CA TYR F 55 -8.44 -17.02 -26.09
C TYR F 55 -9.80 -16.84 -25.41
N ASN F 56 -10.75 -16.20 -26.08
CA ASN F 56 -12.06 -16.00 -25.47
C ASN F 56 -12.75 -17.32 -25.18
N GLU F 57 -12.51 -18.32 -26.03
CA GLU F 57 -13.09 -19.63 -25.84
C GLU F 57 -12.51 -20.31 -24.62
N ARG F 58 -11.20 -20.19 -24.46
CA ARG F 58 -10.52 -20.78 -23.33
C ARG F 58 -11.09 -20.18 -22.05
N MET F 59 -11.27 -18.86 -22.06
CA MET F 59 -11.76 -18.16 -20.89
C MET F 59 -13.13 -18.62 -20.48
N PHE F 60 -14.01 -18.86 -21.44
CA PHE F 60 -15.35 -19.30 -21.12
C PHE F 60 -15.31 -20.69 -20.51
N ARG F 61 -14.53 -21.58 -21.12
CA ARG F 61 -14.42 -22.94 -20.62
C ARG F 61 -13.96 -22.93 -19.18
N ILE F 62 -12.99 -22.07 -18.87
CA ILE F 62 -12.47 -21.96 -17.52
C ILE F 62 -13.47 -21.34 -16.54
N LYS F 63 -14.11 -20.24 -16.94
CA LYS F 63 -15.04 -19.62 -16.02
C LYS F 63 -16.13 -20.63 -15.72
N ARG F 64 -16.61 -21.28 -16.78
CA ARG F 64 -17.65 -22.28 -16.70
C ARG F 64 -17.30 -23.43 -15.73
N ALA F 65 -16.03 -23.85 -15.77
CA ALA F 65 -15.52 -24.92 -14.91
C ALA F 65 -15.46 -24.47 -13.47
N LEU F 66 -15.05 -23.23 -13.24
CA LEU F 66 -14.99 -22.73 -11.88
C LEU F 66 -16.40 -22.63 -11.30
N ASP F 67 -17.36 -22.34 -12.18
CA ASP F 67 -18.75 -22.24 -11.76
C ASP F 67 -19.20 -23.65 -11.39
N LEU F 68 -18.82 -24.63 -12.21
CA LEU F 68 -19.15 -26.00 -11.90
C LEU F 68 -18.46 -26.37 -10.56
N SER F 69 -17.18 -26.02 -10.43
CA SER F 69 -16.46 -26.32 -9.20
C SER F 69 -17.12 -25.74 -7.94
N LEU F 70 -17.61 -24.50 -8.00
CA LEU F 70 -18.23 -23.93 -6.82
C LEU F 70 -19.58 -24.61 -6.57
N LYS F 71 -20.29 -24.95 -7.65
CA LYS F 71 -21.58 -25.63 -7.53
C LYS F 71 -21.44 -27.10 -7.10
N HIS F 72 -20.24 -27.66 -7.22
CA HIS F 72 -20.01 -29.06 -6.88
C HIS F 72 -20.78 -29.98 -7.82
N ARG F 73 -20.86 -29.57 -9.08
CA ARG F 73 -21.53 -30.34 -10.11
C ARG F 73 -20.49 -30.56 -11.21
N ILE F 74 -20.81 -31.39 -12.19
CA ILE F 74 -19.93 -31.55 -13.32
C ILE F 74 -20.88 -31.46 -14.50
N LEU F 75 -20.36 -31.56 -15.70
CA LEU F 75 -21.23 -31.47 -16.85
C LEU F 75 -21.95 -32.78 -17.14
N PRO F 76 -23.06 -32.71 -17.88
CA PRO F 76 -23.79 -33.95 -18.21
C PRO F 76 -22.84 -34.77 -19.10
N LYS F 77 -22.76 -36.05 -18.82
CA LYS F 77 -21.87 -36.97 -19.55
C LYS F 77 -21.78 -36.74 -21.05
N GLU F 78 -22.84 -36.23 -21.67
CA GLU F 78 -22.85 -36.01 -23.12
C GLU F 78 -22.01 -34.82 -23.56
N GLN F 79 -21.64 -33.95 -22.61
CA GLN F 79 -20.85 -32.78 -22.94
C GLN F 79 -19.39 -32.91 -22.54
N TRP F 80 -19.03 -34.04 -21.93
CA TRP F 80 -17.64 -34.25 -21.54
C TRP F 80 -16.81 -34.26 -22.82
N VAL F 81 -15.64 -33.65 -22.78
CA VAL F 81 -14.79 -33.65 -23.98
C VAL F 81 -14.33 -35.09 -24.19
N LYS F 82 -14.15 -35.49 -25.44
CA LYS F 82 -13.70 -36.85 -25.72
C LYS F 82 -12.21 -36.85 -25.99
N TYR F 83 -11.53 -37.83 -25.44
CA TYR F 83 -10.09 -37.94 -25.60
C TYR F 83 -9.58 -37.56 -26.98
N GLU F 84 -10.21 -38.09 -28.02
CA GLU F 84 -9.75 -37.81 -29.38
C GLU F 84 -10.24 -36.48 -29.95
N GLU F 85 -11.06 -35.77 -29.20
CA GLU F 85 -11.54 -34.47 -29.66
C GLU F 85 -10.94 -33.35 -28.82
N ASP F 86 -9.99 -33.69 -27.96
CA ASP F 86 -9.37 -32.68 -27.13
C ASP F 86 -8.47 -31.89 -28.07
N LYS F 87 -8.59 -30.57 -28.07
CA LYS F 87 -7.76 -29.76 -28.94
C LYS F 87 -6.57 -29.15 -28.21
N PRO F 88 -5.34 -29.54 -28.58
CA PRO F 88 -4.06 -29.07 -27.99
C PRO F 88 -3.73 -27.68 -28.57
N TYR F 89 -4.64 -26.74 -28.31
CA TYR F 89 -4.53 -25.40 -28.84
C TYR F 89 -3.34 -24.55 -28.39
N LEU F 90 -2.79 -24.84 -27.24
CA LEU F 90 -1.69 -24.04 -26.74
C LEU F 90 -0.33 -24.67 -26.93
N GLU F 91 -0.28 -26.00 -26.94
CA GLU F 91 0.99 -26.74 -27.07
C GLU F 91 1.97 -26.21 -28.14
N PRO F 92 1.49 -25.94 -29.35
CA PRO F 92 2.36 -25.44 -30.41
C PRO F 92 3.03 -24.10 -30.03
N TYR F 93 2.22 -23.18 -29.49
CA TYR F 93 2.68 -21.90 -29.05
C TYR F 93 3.68 -22.07 -27.91
N LEU F 94 3.28 -22.84 -26.90
CA LEU F 94 4.12 -23.08 -25.73
C LEU F 94 5.50 -23.62 -26.10
N LYS F 95 5.54 -24.52 -27.08
CA LYS F 95 6.79 -25.11 -27.53
C LYS F 95 7.70 -24.08 -28.17
N GLU F 96 7.12 -23.20 -28.97
CA GLU F 96 7.92 -22.16 -29.59
C GLU F 96 8.51 -21.28 -28.48
N VAL F 97 7.66 -20.90 -27.53
CA VAL F 97 8.06 -20.07 -26.42
C VAL F 97 9.22 -20.66 -25.66
N ILE F 98 9.18 -21.96 -25.40
CA ILE F 98 10.26 -22.60 -24.66
C ILE F 98 11.50 -22.69 -25.53
N ARG F 99 11.27 -22.90 -26.82
CA ARG F 99 12.35 -23.03 -27.79
C ARG F 99 13.14 -21.73 -27.85
N GLU F 100 12.40 -20.62 -27.83
CA GLU F 100 13.01 -19.30 -27.87
C GLU F 100 13.79 -19.05 -26.58
N ARG F 101 13.16 -19.36 -25.45
CA ARG F 101 13.78 -19.14 -24.16
C ARG F 101 15.13 -19.88 -24.04
N LEU F 102 15.16 -21.14 -24.45
CA LEU F 102 16.38 -21.91 -24.39
C LEU F 102 17.45 -21.29 -25.29
N GLU F 103 17.03 -20.77 -26.45
CA GLU F 103 17.97 -20.15 -27.36
C GLU F 103 18.61 -18.93 -26.69
N ARG F 104 17.82 -18.10 -26.04
CA ARG F 104 18.36 -16.93 -25.37
C ARG F 104 19.33 -17.41 -24.30
N GLU F 105 18.86 -18.37 -23.51
CA GLU F 105 19.64 -18.94 -22.42
C GLU F 105 20.98 -19.49 -22.88
N ALA F 106 20.95 -20.29 -23.93
CA ALA F 106 22.18 -20.87 -24.45
C ALA F 106 23.10 -19.75 -24.91
N TRP F 107 22.53 -18.81 -25.63
CA TRP F 107 23.27 -17.69 -26.16
C TRP F 107 23.86 -16.77 -25.09
N ASN F 108 23.14 -16.54 -24.00
CA ASN F 108 23.67 -15.67 -22.96
C ASN F 108 24.74 -16.31 -22.11
N LYS F 109 25.03 -17.59 -22.37
CA LYS F 109 26.06 -18.31 -21.63
C LYS F 109 27.35 -18.22 -22.42
N LYS F 110 27.69 -17.00 -22.82
CA LYS F 110 28.90 -16.72 -23.60
C LYS F 110 28.68 -17.13 -25.06
N GLY G 1 -3.52 -5.01 -2.97
CA GLY G 1 -4.66 -4.66 -2.05
C GLY G 1 -5.97 -4.49 -2.80
N ILE G 2 -5.97 -3.59 -3.78
CA ILE G 2 -7.14 -3.30 -4.61
C ILE G 2 -6.96 -4.06 -5.94
N HIS G 3 -7.87 -4.98 -6.24
CA HIS G 3 -7.74 -5.77 -7.47
C HIS G 3 -8.92 -5.77 -8.45
N PHE G 4 -10.15 -5.66 -7.97
CA PHE G 4 -11.31 -5.65 -8.88
C PHE G 4 -11.26 -4.53 -9.94
N GLY G 5 -11.22 -4.95 -11.20
CA GLY G 5 -11.17 -4.00 -12.30
C GLY G 5 -9.98 -4.22 -13.20
N ASN G 6 -8.93 -4.84 -12.67
CA ASN G 6 -7.70 -5.11 -13.43
C ASN G 6 -7.31 -6.60 -13.43
N LEU G 7 -8.26 -7.48 -13.11
CA LEU G 7 -7.99 -8.91 -13.03
C LEU G 7 -7.78 -9.67 -14.33
N ALA G 8 -8.77 -9.67 -15.22
CA ALA G 8 -8.68 -10.40 -16.50
C ALA G 8 -9.35 -9.67 -17.67
N ARG G 9 -9.03 -10.10 -18.87
CA ARG G 9 -9.60 -9.50 -20.08
C ARG G 9 -10.66 -10.47 -20.54
N VAL G 10 -11.92 -10.18 -20.24
CA VAL G 10 -13.01 -11.08 -20.60
C VAL G 10 -13.99 -10.56 -21.64
N ARG G 11 -14.40 -11.42 -22.57
CA ARG G 11 -15.34 -11.02 -23.62
C ARG G 11 -16.47 -11.97 -23.96
N HIS G 12 -17.64 -11.40 -24.24
CA HIS G 12 -18.82 -12.16 -24.66
C HIS G 12 -19.39 -13.20 -23.73
N ILE G 13 -19.36 -12.91 -22.43
CA ILE G 13 -19.92 -13.84 -21.48
C ILE G 13 -21.06 -13.18 -20.74
N ILE G 14 -22.23 -13.81 -20.77
CA ILE G 14 -23.40 -13.27 -20.10
C ILE G 14 -23.67 -14.18 -18.92
N THR G 15 -24.14 -13.60 -17.81
CA THR G 15 -24.46 -14.39 -16.63
C THR G 15 -25.80 -13.87 -16.14
N TYR G 16 -26.57 -14.75 -15.50
CA TYR G 16 -27.86 -14.38 -14.97
C TYR G 16 -27.99 -14.88 -13.54
N SER G 17 -28.47 -14.03 -12.65
CA SER G 17 -28.64 -14.42 -11.25
C SER G 17 -29.93 -13.87 -10.69
N LEU G 18 -30.40 -14.43 -9.58
CA LEU G 18 -31.61 -13.93 -8.94
C LEU G 18 -31.24 -13.51 -7.54
N SER G 19 -32.01 -12.56 -7.01
CA SER G 19 -31.83 -12.11 -5.66
C SER G 19 -31.97 -13.37 -4.78
N PRO G 20 -31.36 -13.37 -3.58
CA PRO G 20 -31.46 -14.52 -2.68
C PRO G 20 -32.88 -14.66 -2.16
N PHE G 21 -33.66 -13.59 -2.29
CA PHE G 21 -35.01 -13.61 -1.79
C PHE G 21 -36.03 -14.15 -2.79
N GLU G 22 -35.61 -14.33 -4.03
CA GLU G 22 -36.51 -14.85 -5.03
C GLU G 22 -36.32 -16.36 -5.11
N GLN G 23 -35.30 -16.88 -4.45
CA GLN G 23 -35.04 -18.31 -4.54
C GLN G 23 -34.92 -19.05 -3.23
N ARG G 24 -34.87 -20.37 -3.35
CA ARG G 24 -34.75 -21.28 -2.22
C ARG G 24 -33.29 -21.45 -1.83
N ALA G 25 -33.02 -21.45 -0.53
CA ALA G 25 -31.68 -21.57 -0.01
C ALA G 25 -31.06 -22.93 -0.24
N ILE G 26 -31.85 -23.99 -0.06
CA ILE G 26 -31.36 -25.34 -0.24
C ILE G 26 -32.37 -26.09 -1.07
N PRO G 27 -32.41 -25.85 -2.38
CA PRO G 27 -33.32 -26.47 -3.33
C PRO G 27 -32.91 -27.81 -3.91
N ASN G 28 -33.91 -28.58 -4.34
CA ASN G 28 -33.72 -29.88 -4.98
C ASN G 28 -32.83 -30.85 -4.21
N ILE G 29 -33.02 -30.91 -2.89
CA ILE G 29 -32.24 -31.79 -2.04
C ILE G 29 -32.24 -33.23 -2.54
N PHE G 30 -33.42 -33.73 -2.86
CA PHE G 30 -33.54 -35.10 -3.35
C PHE G 30 -33.30 -35.29 -4.83
N SER G 31 -33.71 -34.35 -5.68
CA SER G 31 -33.46 -34.56 -7.09
C SER G 31 -32.06 -34.21 -7.54
N ASP G 32 -31.37 -33.38 -6.75
CA ASP G 32 -30.03 -32.93 -7.12
C ASP G 32 -28.91 -33.07 -6.09
N ALA G 33 -29.12 -32.50 -4.91
CA ALA G 33 -28.11 -32.55 -3.87
C ALA G 33 -27.58 -33.95 -3.58
N LEU G 34 -28.39 -34.78 -2.92
CA LEU G 34 -28.00 -36.15 -2.56
C LEU G 34 -27.49 -36.96 -3.74
N PRO G 35 -28.20 -36.94 -4.87
CA PRO G 35 -27.69 -37.71 -6.01
C PRO G 35 -26.23 -37.34 -6.26
N ASN G 36 -25.93 -36.04 -6.17
CA ASN G 36 -24.56 -35.55 -6.37
C ASN G 36 -23.61 -35.94 -5.23
N VAL G 37 -24.11 -35.95 -3.99
CA VAL G 37 -23.27 -36.34 -2.88
C VAL G 37 -22.84 -37.76 -3.14
N TRP G 38 -23.78 -38.58 -3.62
CA TRP G 38 -23.46 -39.97 -3.92
C TRP G 38 -22.41 -40.02 -5.03
N ARG G 39 -22.62 -39.25 -6.08
CA ARG G 39 -21.68 -39.20 -7.21
C ARG G 39 -20.29 -38.90 -6.68
N ARG G 40 -20.19 -37.82 -5.92
CA ARG G 40 -18.93 -37.40 -5.36
C ARG G 40 -18.30 -38.47 -4.49
N PHE G 41 -19.10 -39.04 -3.60
CA PHE G 41 -18.60 -40.10 -2.72
C PHE G 41 -18.01 -41.23 -3.57
N SER G 42 -18.83 -41.73 -4.48
CA SER G 42 -18.47 -42.83 -5.35
C SER G 42 -17.20 -42.60 -6.12
N SER G 43 -17.07 -41.44 -6.74
CA SER G 43 -15.88 -41.14 -7.52
C SER G 43 -14.60 -41.00 -6.70
N GLN G 44 -14.69 -41.10 -5.38
CA GLN G 44 -13.49 -40.97 -4.56
C GLN G 44 -13.19 -42.11 -3.60
N VAL G 45 -14.19 -42.91 -3.24
CA VAL G 45 -13.99 -44.01 -2.31
C VAL G 45 -12.85 -44.97 -2.63
N PHE G 46 -12.71 -45.35 -3.90
CA PHE G 46 -11.64 -46.25 -4.26
C PHE G 46 -10.31 -45.53 -4.41
N LYS G 47 -10.28 -44.23 -4.13
CA LYS G 47 -9.03 -43.49 -4.19
C LYS G 47 -8.54 -43.33 -2.75
N VAL G 48 -9.47 -42.92 -1.89
CA VAL G 48 -9.18 -42.70 -0.48
C VAL G 48 -9.19 -44.01 0.33
N ALA G 49 -10.37 -44.58 0.55
CA ALA G 49 -10.54 -45.80 1.33
C ALA G 49 -9.40 -46.83 1.34
N PRO G 50 -8.98 -47.32 0.15
CA PRO G 50 -7.91 -48.30 0.10
C PRO G 50 -6.73 -48.12 1.06
N PRO G 51 -5.94 -47.05 0.91
CA PRO G 51 -4.82 -46.96 1.86
C PRO G 51 -5.22 -47.00 3.34
N PHE G 52 -6.35 -46.40 3.68
CA PHE G 52 -6.80 -46.41 5.06
C PHE G 52 -7.19 -47.83 5.48
N LEU G 53 -7.78 -48.58 4.55
CA LEU G 53 -8.14 -49.97 4.83
C LEU G 53 -6.84 -50.70 5.20
N GLY G 54 -5.82 -50.52 4.37
CA GLY G 54 -4.54 -51.15 4.63
C GLY G 54 -3.96 -50.71 5.98
N ALA G 55 -4.06 -49.43 6.30
CA ALA G 55 -3.52 -48.97 7.57
C ALA G 55 -4.24 -49.72 8.69
N TYR G 56 -5.56 -49.84 8.55
CA TYR G 56 -6.35 -50.54 9.53
C TYR G 56 -5.90 -51.98 9.73
N LEU G 57 -5.65 -52.68 8.63
CA LEU G 57 -5.20 -54.05 8.71
C LEU G 57 -3.89 -54.11 9.46
N LEU G 58 -2.86 -53.40 8.95
CA LEU G 58 -1.56 -53.38 9.61
C LEU G 58 -1.71 -53.11 11.11
N TYR G 59 -2.67 -52.26 11.46
CA TYR G 59 -2.92 -51.95 12.86
C TYR G 59 -3.44 -53.20 13.57
N SER G 60 -4.50 -53.78 13.04
CA SER G 60 -5.10 -55.00 13.61
C SER G 60 -4.04 -56.06 13.83
N TRP G 61 -3.28 -56.36 12.78
CA TRP G 61 -2.25 -57.36 12.89
C TRP G 61 -1.26 -57.02 14.00
N GLY G 62 -0.49 -55.98 13.76
CA GLY G 62 0.52 -55.55 14.72
C GLY G 62 0.01 -55.51 16.14
N THR G 63 -1.24 -55.17 16.35
CA THR G 63 -1.75 -55.13 17.70
C THR G 63 -1.87 -56.57 18.19
N GLN G 64 -2.60 -57.38 17.43
CA GLN G 64 -2.78 -58.77 17.80
C GLN G 64 -1.44 -59.48 17.96
N GLU G 65 -0.49 -59.19 17.08
CA GLU G 65 0.78 -59.87 17.18
C GLU G 65 1.48 -59.54 18.48
N PHE G 66 1.38 -58.29 18.90
CA PHE G 66 2.02 -57.84 20.12
C PHE G 66 1.49 -58.58 21.34
N GLU G 67 0.16 -58.69 21.41
CA GLU G 67 -0.50 -59.36 22.50
C GLU G 67 -0.24 -60.85 22.48
N ARG G 68 -0.13 -61.40 21.27
CA ARG G 68 0.11 -62.83 21.09
C ARG G 68 1.46 -63.20 21.69
N LEU G 69 2.44 -62.33 21.47
CA LEU G 69 3.77 -62.57 21.99
C LEU G 69 3.87 -62.37 23.49
N LYS G 70 2.77 -62.00 24.12
CA LYS G 70 2.75 -61.80 25.58
C LYS G 70 2.26 -63.09 26.22
N ARG G 71 1.54 -63.88 25.43
CA ARG G 71 1.00 -65.15 25.87
C ARG G 71 2.11 -66.15 26.19
N LYS G 72 1.75 -67.22 26.90
CA LYS G 72 2.74 -68.23 27.28
C LYS G 72 2.83 -69.29 26.19
N ASN G 73 4.04 -69.82 25.99
CA ASN G 73 4.26 -70.86 25.01
C ASN G 73 4.41 -72.17 25.79
N PRO G 74 3.32 -72.96 25.85
CA PRO G 74 3.32 -74.24 26.58
C PRO G 74 4.51 -75.13 26.31
N ALA G 75 5.08 -75.00 25.12
CA ALA G 75 6.24 -75.81 24.75
C ALA G 75 7.52 -75.33 25.42
N ASP G 76 7.40 -74.47 26.42
CA ASP G 76 8.58 -74.00 27.13
C ASP G 76 8.67 -74.70 28.48
N TYR G 77 7.61 -75.41 28.83
CA TYR G 77 7.55 -76.11 30.12
C TYR G 77 7.15 -77.59 30.02
N GLU G 78 7.03 -78.09 28.80
CA GLU G 78 6.63 -79.48 28.57
C GLU G 78 7.43 -80.49 29.40
N ASN G 79 8.75 -80.35 29.38
CA ASN G 79 9.62 -81.27 30.12
C ASN G 79 10.21 -80.51 31.28
N ASP G 80 9.38 -79.99 32.17
CA ASP G 80 9.90 -79.22 33.28
C ASP G 80 10.14 -79.90 34.62
N GLN G 81 9.28 -80.83 35.02
CA GLN G 81 9.48 -81.53 36.30
C GLN G 81 9.48 -80.61 37.56
CA GLU H 8 -33.69 -66.40 60.92
C GLU H 8 -34.01 -65.64 59.64
N GLU H 9 -33.71 -64.34 59.64
CA GLU H 9 -33.97 -63.47 58.48
C GLU H 9 -32.84 -62.46 58.24
N GLU H 10 -32.54 -61.67 59.28
CA GLU H 10 -31.49 -60.64 59.23
C GLU H 10 -30.10 -61.25 59.04
N GLU H 11 -29.29 -60.63 58.17
CA GLU H 11 -27.94 -61.10 57.89
C GLU H 11 -27.30 -60.24 56.79
N LEU H 12 -26.15 -59.62 57.09
CA LEU H 12 -25.49 -58.79 56.10
C LEU H 12 -24.59 -59.57 55.14
N VAL H 13 -24.90 -59.48 53.85
CA VAL H 13 -24.16 -60.14 52.79
C VAL H 13 -23.84 -59.16 51.66
N ASP H 14 -22.56 -59.11 51.29
CA ASP H 14 -22.13 -58.22 50.21
C ASP H 14 -22.59 -58.77 48.87
N PRO H 15 -23.40 -58.00 48.14
CA PRO H 15 -23.86 -58.49 46.84
C PRO H 15 -22.71 -58.90 45.93
N LEU H 16 -21.54 -58.35 46.15
CA LEU H 16 -20.39 -58.69 45.33
C LEU H 16 -20.11 -60.21 45.40
N THR H 17 -20.31 -60.78 46.58
CA THR H 17 -20.08 -62.21 46.79
C THR H 17 -21.11 -63.01 46.02
N THR H 18 -22.37 -62.61 46.19
CA THR H 18 -23.50 -63.24 45.53
C THR H 18 -23.25 -63.27 44.03
N ILE H 19 -23.14 -62.08 43.45
CA ILE H 19 -22.94 -61.92 42.04
C ILE H 19 -21.70 -62.66 41.52
N ARG H 20 -20.61 -62.56 42.25
CA ARG H 20 -19.39 -63.24 41.81
C ARG H 20 -19.61 -64.74 41.64
N GLU H 21 -20.36 -65.33 42.57
CA GLU H 21 -20.64 -66.76 42.54
C GLU H 21 -21.54 -67.09 41.37
N HIS H 22 -22.50 -66.22 41.09
CA HIS H 22 -23.37 -66.45 39.97
C HIS H 22 -22.59 -66.40 38.66
N CYS H 23 -21.79 -65.35 38.49
CA CYS H 23 -20.98 -65.18 37.28
C CYS H 23 -19.99 -66.30 37.02
N GLU H 24 -19.46 -66.89 38.09
CA GLU H 24 -18.48 -67.96 37.94
C GLU H 24 -19.11 -69.20 37.34
N GLN H 25 -20.42 -69.17 37.22
CA GLN H 25 -21.17 -70.27 36.64
C GLN H 25 -21.61 -69.86 35.25
N THR H 26 -20.71 -69.18 34.57
CA THR H 26 -20.92 -68.74 33.21
C THR H 26 -19.95 -69.53 32.37
N GLU H 27 -20.37 -69.88 31.16
CA GLU H 27 -19.54 -70.66 30.28
C GLU H 27 -18.10 -70.15 30.22
N LYS H 28 -17.94 -68.87 29.87
CA LYS H 28 -16.62 -68.24 29.76
C LYS H 28 -15.77 -68.40 31.03
N CYS H 29 -16.41 -68.18 32.19
CA CYS H 29 -15.73 -68.30 33.48
C CYS H 29 -15.37 -69.75 33.76
N VAL H 30 -16.36 -70.61 33.57
CA VAL H 30 -16.18 -72.04 33.79
C VAL H 30 -14.99 -72.54 32.97
N LYS H 31 -14.93 -72.15 31.70
CA LYS H 31 -13.83 -72.56 30.84
C LYS H 31 -12.51 -72.00 31.33
N ALA H 32 -12.51 -70.70 31.63
CA ALA H 32 -11.29 -70.03 32.11
C ALA H 32 -10.87 -70.66 33.42
N ARG H 33 -11.82 -70.82 34.32
CA ARG H 33 -11.54 -71.42 35.62
C ARG H 33 -10.85 -72.77 35.41
N GLU H 34 -11.44 -73.57 34.52
CA GLU H 34 -10.94 -74.89 34.18
C GLU H 34 -9.48 -74.86 33.76
N ARG H 35 -9.13 -73.97 32.83
CA ARG H 35 -7.73 -73.85 32.38
C ARG H 35 -6.81 -73.38 33.50
N LEU H 36 -7.35 -72.61 34.44
CA LEU H 36 -6.54 -72.12 35.54
C LEU H 36 -6.21 -73.28 36.49
N GLU H 37 -7.23 -74.04 36.86
CA GLU H 37 -7.02 -75.17 37.76
C GLU H 37 -6.00 -76.15 37.19
N LEU H 38 -6.02 -76.32 35.88
CA LEU H 38 -5.08 -77.20 35.22
C LEU H 38 -3.66 -76.65 35.35
N CYS H 39 -3.50 -75.35 35.11
CA CYS H 39 -2.19 -74.72 35.22
C CYS H 39 -1.70 -74.82 36.67
N ASP H 40 -2.57 -74.43 37.59
CA ASP H 40 -2.21 -74.45 39.00
C ASP H 40 -1.65 -75.82 39.39
N ALA H 41 -2.41 -76.85 39.03
CA ALA H 41 -2.05 -78.20 39.31
C ALA H 41 -0.65 -78.53 38.80
N ARG H 42 -0.41 -78.35 37.50
CA ARG H 42 0.92 -78.71 37.03
C ARG H 42 2.05 -77.87 37.60
N VAL H 43 1.81 -76.57 37.78
CA VAL H 43 2.86 -75.71 38.31
C VAL H 43 3.18 -76.09 39.77
N SER H 44 2.14 -76.36 40.54
CA SER H 44 2.30 -76.73 41.94
C SER H 44 3.03 -78.05 42.11
N SER H 45 2.82 -78.97 41.17
CA SER H 45 3.44 -80.27 41.26
C SER H 45 4.92 -80.29 40.85
N ARG H 46 5.41 -79.18 40.31
CA ARG H 46 6.79 -79.12 39.86
C ARG H 46 7.77 -78.37 40.76
N SER H 47 9.02 -78.83 40.78
CA SER H 47 10.02 -78.20 41.63
C SER H 47 11.07 -77.38 40.88
N HIS H 48 10.96 -77.33 39.55
CA HIS H 48 11.95 -76.59 38.77
C HIS H 48 11.33 -76.05 37.46
N THR H 49 10.32 -75.20 37.59
CA THR H 49 9.64 -74.65 36.43
C THR H 49 9.47 -73.12 36.57
N GLU H 50 9.69 -72.40 35.48
CA GLU H 50 9.53 -70.96 35.49
C GLU H 50 8.07 -70.55 35.32
N GLU H 51 7.24 -71.44 34.78
CA GLU H 51 5.84 -71.15 34.56
C GLU H 51 5.08 -70.53 35.75
N GLN H 52 4.05 -69.74 35.43
CA GLN H 52 3.20 -69.06 36.41
C GLN H 52 1.79 -69.06 35.83
N CYS H 53 0.76 -68.94 36.67
CA CYS H 53 -0.59 -68.95 36.12
C CYS H 53 -1.27 -67.60 36.05
N THR H 54 -0.48 -66.53 36.06
CA THR H 54 -1.01 -65.18 35.99
C THR H 54 -1.97 -65.05 34.81
N GLU H 55 -1.52 -65.44 33.62
CA GLU H 55 -2.35 -65.36 32.42
C GLU H 55 -3.73 -66.03 32.57
N GLU H 56 -3.75 -67.26 33.04
CA GLU H 56 -5.03 -67.93 33.20
C GLU H 56 -5.85 -67.24 34.28
N LEU H 57 -5.17 -66.76 35.33
CA LEU H 57 -5.88 -66.08 36.40
C LEU H 57 -6.53 -64.83 35.83
N PHE H 58 -5.77 -64.14 34.98
CA PHE H 58 -6.25 -62.93 34.35
C PHE H 58 -7.40 -63.22 33.41
N ASP H 59 -7.26 -64.24 32.56
CA ASP H 59 -8.36 -64.58 31.64
C ASP H 59 -9.62 -64.82 32.45
N PHE H 60 -9.45 -65.44 33.61
CA PHE H 60 -10.57 -65.76 34.46
C PHE H 60 -11.17 -64.52 35.12
N LEU H 61 -10.32 -63.79 35.83
CA LEU H 61 -10.75 -62.60 36.53
C LEU H 61 -11.36 -61.62 35.53
N HIS H 62 -10.76 -61.56 34.36
CA HIS H 62 -11.27 -60.68 33.35
C HIS H 62 -12.68 -61.03 32.92
N ALA H 63 -12.95 -62.31 32.73
CA ALA H 63 -14.28 -62.75 32.32
C ALA H 63 -15.31 -62.59 33.45
N ARG H 64 -14.92 -62.99 34.64
CA ARG H 64 -15.81 -62.90 35.79
C ARG H 64 -16.19 -61.47 36.09
N ASP H 65 -15.18 -60.65 36.32
CA ASP H 65 -15.40 -59.25 36.64
C ASP H 65 -16.16 -58.47 35.56
N HIS H 66 -15.98 -58.83 34.30
CA HIS H 66 -16.70 -58.12 33.25
C HIS H 66 -18.17 -58.39 33.50
N CYS H 67 -18.46 -59.62 33.88
CA CYS H 67 -19.82 -60.06 34.17
C CYS H 67 -20.36 -59.35 35.43
N VAL H 68 -19.52 -59.26 36.45
CA VAL H 68 -19.92 -58.61 37.68
C VAL H 68 -20.34 -57.15 37.45
N ALA H 69 -19.54 -56.43 36.66
CA ALA H 69 -19.78 -55.03 36.35
C ALA H 69 -21.20 -54.72 35.90
N HIS H 70 -21.81 -55.62 35.13
CA HIS H 70 -23.18 -55.42 34.63
C HIS H 70 -24.25 -55.53 35.69
N LYS H 71 -24.06 -56.41 36.67
CA LYS H 71 -25.07 -56.60 37.70
C LYS H 71 -24.85 -55.86 39.01
N LEU H 72 -23.60 -55.87 39.48
CA LEU H 72 -23.25 -55.28 40.76
C LEU H 72 -23.87 -53.97 41.21
N PHE H 73 -23.80 -52.93 40.40
CA PHE H 73 -24.35 -51.65 40.84
C PHE H 73 -25.87 -51.64 40.95
N ASN H 74 -26.53 -52.60 40.30
CA ASN H 74 -27.98 -52.67 40.36
C ASN H 74 -28.41 -52.96 41.78
N LYS H 75 -27.53 -53.63 42.52
CA LYS H 75 -27.81 -54.00 43.89
C LYS H 75 -27.23 -53.07 44.94
N LEU H 76 -26.35 -52.17 44.52
CA LEU H 76 -25.74 -51.24 45.46
C LEU H 76 -26.58 -49.97 45.50
N LYS H 77 -26.31 -49.12 46.48
CA LYS H 77 -27.07 -47.89 46.64
C LYS H 77 -26.27 -46.68 46.14
N UNK I 1 -32.54 22.34 -20.46
CA UNK I 1 -32.47 21.60 -19.17
C UNK I 1 -33.76 20.85 -18.88
N UNK I 2 -34.04 19.86 -19.73
CA UNK I 2 -35.23 19.02 -19.60
C UNK I 2 -35.26 18.09 -20.82
N UNK I 3 -34.11 17.97 -21.48
CA UNK I 3 -33.96 17.12 -22.66
C UNK I 3 -32.49 17.11 -23.08
N UNK I 4 -32.00 15.97 -23.56
CA UNK I 4 -30.62 15.91 -24.00
C UNK I 4 -29.96 14.55 -24.11
N UNK I 5 -29.16 14.19 -23.10
CA UNK I 5 -28.44 12.92 -23.07
C UNK I 5 -27.16 12.95 -23.89
N UNK I 6 -26.02 13.20 -23.25
CA UNK I 6 -24.75 13.29 -23.98
C UNK I 6 -23.83 12.08 -23.86
N UNK I 7 -23.33 11.64 -25.01
CA UNK I 7 -22.43 10.49 -25.07
C UNK I 7 -21.04 10.75 -24.47
N UNK I 8 -20.05 9.96 -24.89
CA UNK I 8 -18.67 10.09 -24.41
C UNK I 8 -17.65 9.47 -25.35
N UNK I 9 -16.44 10.01 -25.34
CA UNK I 9 -15.40 9.50 -26.21
C UNK I 9 -14.03 9.44 -25.56
N UNK I 10 -13.03 9.14 -26.37
CA UNK I 10 -11.66 9.03 -25.91
C UNK I 10 -10.99 10.40 -25.83
N UNK I 11 -9.67 10.38 -25.72
CA UNK I 11 -8.89 11.59 -25.64
C UNK I 11 -7.43 11.23 -25.81
N UNK I 12 -6.54 12.07 -25.27
CA UNK I 12 -5.10 11.87 -25.36
C UNK I 12 -4.74 11.14 -26.64
N UNK I 13 -5.41 11.53 -27.72
CA UNK I 13 -5.20 10.91 -29.02
C UNK I 13 -6.32 9.93 -29.30
N UNK I 14 -5.97 8.77 -29.86
CA UNK I 14 -6.95 7.75 -30.18
C UNK I 14 -6.60 6.39 -29.64
N UNK I 15 -7.48 5.42 -29.88
CA UNK I 15 -7.24 4.06 -29.40
C UNK I 15 -8.50 3.23 -29.33
CA ARG I 16 -25.03 3.58 -33.27
C ARG I 16 -24.58 4.06 -34.65
N PRO I 17 -24.40 3.11 -35.60
CA PRO I 17 -23.97 3.40 -36.98
C PRO I 17 -25.11 3.42 -38.00
N LEU I 18 -24.74 3.51 -39.27
CA LEU I 18 -25.70 3.53 -40.38
C LEU I 18 -25.44 2.35 -41.31
N LEU I 19 -26.46 1.54 -41.55
CA LEU I 19 -26.32 0.38 -42.43
C LEU I 19 -27.45 0.25 -43.45
N CYS I 20 -28.38 1.21 -43.44
CA CYS I 20 -29.51 1.21 -44.38
C CYS I 20 -29.92 2.61 -44.80
N ARG I 21 -30.48 2.75 -45.99
CA ARG I 21 -30.92 4.04 -46.49
C ARG I 21 -31.81 4.73 -45.47
N GLU I 22 -32.83 4.02 -45.00
CA GLU I 22 -33.79 4.53 -44.03
C GLU I 22 -33.18 5.31 -42.86
N SER I 23 -32.21 4.71 -42.17
CA SER I 23 -31.56 5.35 -41.04
C SER I 23 -30.73 6.57 -41.44
N MET I 24 -30.04 6.44 -42.56
CA MET I 24 -29.20 7.53 -43.07
C MET I 24 -30.00 8.76 -43.45
N SER I 25 -31.24 8.57 -43.91
CA SER I 25 -32.08 9.70 -44.32
C SER I 25 -32.23 10.74 -43.21
N GLY I 26 -31.72 11.94 -43.49
CA GLY I 26 -31.77 13.03 -42.53
C GLY I 26 -30.39 13.36 -42.00
N ARG I 27 -29.45 12.44 -42.18
CA ARG I 27 -28.10 12.64 -41.68
C ARG I 27 -27.28 13.55 -42.59
N SER I 28 -27.75 13.76 -43.82
CA SER I 28 -27.04 14.64 -44.75
C SER I 28 -27.13 16.08 -44.25
N ALA I 29 -26.06 16.85 -44.44
CA ALA I 29 -26.03 18.23 -43.99
C ALA I 29 -27.21 18.99 -44.57
N ARG I 30 -27.95 19.66 -43.70
CA ARG I 30 -29.11 20.42 -44.12
C ARG I 30 -28.79 21.89 -44.35
N ARG I 31 -28.19 22.52 -43.35
CA ARG I 31 -27.85 23.94 -43.45
C ARG I 31 -26.59 24.34 -42.65
N ASP I 32 -26.64 25.53 -42.07
CA ASP I 32 -25.53 26.05 -41.28
C ASP I 32 -25.35 25.25 -40.00
N LEU I 33 -24.12 24.86 -39.71
CA LEU I 33 -23.86 24.09 -38.50
C LEU I 33 -23.98 25.00 -37.29
N VAL I 34 -24.73 24.58 -36.29
CA VAL I 34 -24.87 25.38 -35.07
C VAL I 34 -24.27 24.62 -33.91
N ALA I 35 -23.96 25.31 -32.83
CA ALA I 35 -23.36 24.68 -31.65
C ALA I 35 -24.01 25.22 -30.39
N GLY I 36 -24.50 24.34 -29.54
CA GLY I 36 -25.13 24.77 -28.32
C GLY I 36 -24.44 24.21 -27.09
N ILE I 37 -24.46 24.99 -26.01
CA ILE I 37 -23.87 24.59 -24.75
C ILE I 37 -24.83 25.04 -23.67
N SER I 38 -25.16 24.14 -22.76
CA SER I 38 -26.10 24.50 -21.73
C SER I 38 -25.47 24.53 -20.35
N LEU I 39 -26.24 25.07 -19.40
CA LEU I 39 -25.82 25.19 -18.01
C LEU I 39 -26.17 23.91 -17.29
N ASN I 40 -27.35 23.37 -17.59
CA ASN I 40 -27.80 22.14 -16.96
C ASN I 40 -28.52 21.18 -17.91
N ALA I 41 -27.92 20.97 -19.09
CA ALA I 41 -28.45 20.08 -20.11
C ALA I 41 -27.29 19.76 -21.07
N PRO I 42 -27.49 18.81 -22.01
CA PRO I 42 -26.43 18.44 -22.96
C PRO I 42 -25.95 19.54 -23.89
N ALA I 43 -24.84 19.28 -24.57
CA ALA I 43 -24.30 20.23 -25.54
C ALA I 43 -24.94 19.71 -26.83
N SER I 44 -24.99 20.53 -27.87
CA SER I 44 -25.60 20.09 -29.13
C SER I 44 -24.89 20.55 -30.39
N VAL I 45 -25.49 20.21 -31.53
CA VAL I 45 -24.94 20.56 -32.84
C VAL I 45 -25.95 20.20 -33.95
N ARG I 46 -26.04 21.05 -34.98
CA ARG I 46 -26.95 20.83 -36.12
C ARG I 46 -26.14 20.62 -37.39
N ALA J 1 -50.12 -13.64 8.81
CA ALA J 1 -49.17 -12.69 8.20
C ALA J 1 -48.11 -12.28 9.22
N LEU J 2 -47.67 -13.21 10.05
CA LEU J 2 -46.66 -12.88 11.06
C LEU J 2 -45.34 -12.46 10.43
N LEU J 3 -44.95 -13.21 9.40
CA LEU J 3 -43.70 -12.93 8.71
C LEU J 3 -43.78 -11.54 8.13
N ARG J 4 -44.94 -11.22 7.55
CA ARG J 4 -45.19 -9.93 6.96
C ARG J 4 -45.20 -8.84 8.04
N GLN J 5 -45.94 -9.08 9.11
CA GLN J 5 -46.04 -8.12 10.20
C GLN J 5 -44.67 -7.91 10.84
N ALA J 6 -43.98 -9.02 11.07
CA ALA J 6 -42.66 -9.00 11.69
C ALA J 6 -41.69 -8.20 10.83
N TYR J 7 -41.75 -8.41 9.52
CA TYR J 7 -40.87 -7.69 8.59
C TYR J 7 -41.01 -6.18 8.70
N SER J 8 -42.24 -5.68 8.58
CA SER J 8 -42.54 -4.25 8.63
C SER J 8 -42.19 -3.56 9.94
N ALA J 9 -42.65 -4.16 11.03
CA ALA J 9 -42.45 -3.60 12.35
C ALA J 9 -41.06 -3.82 12.95
N LEU J 10 -40.50 -5.01 12.77
CA LEU J 10 -39.22 -5.32 13.36
C LEU J 10 -38.01 -5.38 12.44
N PHE J 11 -38.12 -6.13 11.35
CA PHE J 11 -37.00 -6.32 10.44
C PHE J 11 -36.65 -5.29 9.39
N ARG J 12 -37.58 -4.43 9.02
CA ARG J 12 -37.29 -3.43 7.99
C ARG J 12 -36.22 -2.39 8.42
N ARG J 13 -36.56 -1.54 9.38
CA ARG J 13 -35.62 -0.53 9.84
C ARG J 13 -34.51 -1.16 10.65
N THR J 14 -33.27 -0.90 10.26
CA THR J 14 -32.13 -1.46 10.97
C THR J 14 -32.21 -1.16 12.47
N SER J 15 -32.70 0.01 12.83
CA SER J 15 -32.83 0.37 14.24
C SER J 15 -33.74 -0.58 15.01
N THR J 16 -34.94 -0.82 14.47
CA THR J 16 -35.90 -1.72 15.11
C THR J 16 -35.39 -3.16 15.12
N PHE J 17 -34.58 -3.49 14.11
CA PHE J 17 -34.01 -4.83 14.03
C PHE J 17 -33.05 -5.03 15.21
N ALA J 18 -32.32 -3.98 15.56
CA ALA J 18 -31.40 -4.05 16.68
C ALA J 18 -32.12 -4.18 18.02
N LEU J 19 -33.22 -3.45 18.20
CA LEU J 19 -33.99 -3.53 19.44
C LEU J 19 -34.62 -4.89 19.58
N THR J 20 -35.02 -5.47 18.45
CA THR J 20 -35.66 -6.78 18.43
C THR J 20 -34.66 -7.84 18.86
N VAL J 21 -33.41 -7.66 18.51
CA VAL J 21 -32.38 -8.61 18.87
C VAL J 21 -32.07 -8.49 20.36
N VAL J 22 -32.01 -7.26 20.87
CA VAL J 22 -31.73 -7.07 22.28
C VAL J 22 -32.82 -7.68 23.15
N LEU J 23 -34.07 -7.35 22.87
CA LEU J 23 -35.18 -7.91 23.64
C LEU J 23 -35.29 -9.41 23.39
N GLY J 24 -35.05 -9.82 22.16
CA GLY J 24 -35.12 -11.23 21.85
C GLY J 24 -34.13 -11.99 22.71
N ALA J 25 -32.94 -11.44 22.85
CA ALA J 25 -31.92 -12.10 23.65
C ALA J 25 -32.39 -12.18 25.09
N VAL J 26 -32.81 -11.04 25.64
CA VAL J 26 -33.30 -10.98 27.00
C VAL J 26 -34.36 -12.03 27.26
N LEU J 27 -35.33 -12.12 26.38
CA LEU J 27 -36.38 -13.12 26.55
C LEU J 27 -35.83 -14.52 26.40
N PHE J 28 -35.04 -14.73 25.36
CA PHE J 28 -34.46 -16.03 25.09
C PHE J 28 -33.66 -16.56 26.29
N GLU J 29 -32.79 -15.73 26.85
CA GLU J 29 -31.95 -16.13 27.97
C GLU J 29 -32.77 -16.64 29.15
N ARG J 30 -33.71 -15.82 29.58
CA ARG J 30 -34.57 -16.18 30.70
C ARG J 30 -35.20 -17.54 30.45
N ALA J 31 -35.82 -17.71 29.29
CA ALA J 31 -36.48 -18.98 28.98
C ALA J 31 -35.51 -20.13 28.78
N PHE J 32 -34.47 -19.91 27.98
CA PHE J 32 -33.49 -20.96 27.71
C PHE J 32 -32.82 -21.46 28.98
N ASP J 33 -32.41 -20.55 29.86
CA ASP J 33 -31.76 -21.00 31.07
C ASP J 33 -32.70 -21.87 31.87
N GLN J 34 -33.89 -21.35 32.16
CA GLN J 34 -34.86 -22.09 32.94
C GLN J 34 -35.18 -23.46 32.35
N GLY J 35 -35.45 -23.50 31.05
CA GLY J 35 -35.75 -24.77 30.41
C GLY J 35 -34.56 -25.71 30.50
N ALA J 36 -33.36 -25.17 30.29
CA ALA J 36 -32.12 -25.95 30.32
C ALA J 36 -31.92 -26.55 31.71
N ASP J 37 -31.95 -25.69 32.72
CA ASP J 37 -31.77 -26.12 34.09
C ASP J 37 -32.82 -27.16 34.44
N ALA J 38 -34.04 -26.99 33.95
CA ALA J 38 -35.11 -27.93 34.23
C ALA J 38 -34.77 -29.29 33.64
N ILE J 39 -34.45 -29.31 32.34
CA ILE J 39 -34.10 -30.55 31.67
C ILE J 39 -32.96 -31.26 32.41
N PHE J 40 -31.99 -30.49 32.86
CA PHE J 40 -30.84 -31.07 33.55
C PHE J 40 -31.24 -31.69 34.88
N GLU J 41 -31.91 -30.92 35.71
CA GLU J 41 -32.33 -31.41 37.00
C GLU J 41 -33.29 -32.59 36.89
N HIS J 42 -34.11 -32.58 35.85
CA HIS J 42 -35.04 -33.67 35.66
C HIS J 42 -34.30 -34.98 35.38
N LEU J 43 -33.26 -34.92 34.56
CA LEU J 43 -32.47 -36.09 34.23
C LEU J 43 -31.64 -36.55 35.43
N ASN J 44 -31.62 -35.75 36.48
CA ASN J 44 -30.83 -36.10 37.65
C ASN J 44 -31.62 -36.08 38.95
N GLU J 45 -32.92 -36.28 38.85
CA GLU J 45 -33.78 -36.27 40.03
C GLU J 45 -33.23 -37.09 41.18
N GLY J 46 -33.18 -36.47 42.35
CA GLY J 46 -32.71 -37.15 43.53
C GLY J 46 -31.23 -37.20 43.79
N LYS J 47 -30.43 -36.71 42.84
CA LYS J 47 -28.97 -36.73 43.01
C LYS J 47 -28.34 -35.44 43.46
N LEU J 48 -28.97 -34.32 43.16
CA LEU J 48 -28.38 -33.03 43.52
C LEU J 48 -28.59 -32.62 44.97
N TRP J 49 -27.77 -31.70 45.46
CA TRP J 49 -27.90 -31.23 46.83
C TRP J 49 -29.28 -30.61 47.00
N LYS J 50 -29.81 -30.07 45.90
CA LYS J 50 -31.12 -29.44 45.91
C LYS J 50 -32.15 -30.49 46.39
N HIS J 51 -31.99 -31.71 45.89
CA HIS J 51 -32.86 -32.84 46.19
C HIS J 51 -32.62 -33.46 47.58
N ILE J 52 -31.37 -33.45 48.02
CA ILE J 52 -30.96 -34.04 49.28
C ILE J 52 -31.13 -33.08 50.46
N LYS J 53 -30.70 -31.85 50.26
CA LYS J 53 -30.75 -30.80 51.27
C LYS J 53 -31.74 -30.90 52.42
N HIS J 54 -33.02 -31.10 52.12
CA HIS J 54 -34.06 -31.18 53.17
C HIS J 54 -33.77 -32.13 54.32
N LYS J 55 -33.03 -33.21 54.05
CA LYS J 55 -32.68 -34.18 55.08
C LYS J 55 -31.81 -33.61 56.20
N TYR J 56 -30.85 -32.76 55.87
CA TYR J 56 -29.95 -32.23 56.88
C TYR J 56 -30.17 -30.76 57.16
N GLU J 57 -30.93 -30.10 56.28
CA GLU J 57 -31.21 -28.67 56.40
C GLU J 57 -32.04 -28.43 57.65
N ALA J 58 -31.42 -28.67 58.81
CA ALA J 58 -32.08 -28.50 60.11
C ALA J 58 -33.13 -29.59 60.35
N SER J 59 -32.69 -30.77 60.78
CA SER J 59 -33.60 -31.89 61.05
C SER J 59 -33.27 -32.71 62.31
N GLU J 60 -32.02 -32.68 62.76
CA GLU J 60 -31.64 -33.46 63.94
C GLU J 60 -31.19 -32.65 65.18
N GLU J 61 -31.03 -33.37 66.29
CA GLU J 61 -30.63 -32.82 67.59
C GLU J 61 -31.42 -31.59 68.06
N THR K 3 41.42 -10.06 -46.95
CA THR K 3 41.01 -10.03 -45.50
C THR K 3 41.04 -8.65 -44.85
N TYR K 4 40.56 -8.61 -43.62
CA TYR K 4 40.50 -7.38 -42.83
C TYR K 4 41.89 -6.79 -42.65
N ALA K 5 42.73 -7.50 -41.91
CA ALA K 5 44.11 -7.07 -41.64
C ALA K 5 44.75 -6.42 -42.85
N GLN K 6 44.87 -7.19 -43.93
CA GLN K 6 45.46 -6.70 -45.16
C GLN K 6 44.94 -5.34 -45.57
N THR K 7 43.64 -5.12 -45.47
CA THR K 7 43.07 -3.83 -45.84
C THR K 7 43.56 -2.71 -44.95
N LEU K 8 43.86 -3.04 -43.70
CA LEU K 8 44.35 -2.03 -42.76
C LEU K 8 45.78 -1.62 -43.08
N GLN K 9 46.58 -2.61 -43.49
CA GLN K 9 47.97 -2.37 -43.83
C GLN K 9 48.11 -1.65 -45.16
N ASN K 10 47.23 -1.95 -46.10
CA ASN K 10 47.29 -1.33 -47.41
C ASN K 10 46.75 0.08 -47.49
N ILE K 11 46.36 0.66 -46.35
CA ILE K 11 45.85 2.01 -46.40
C ILE K 11 47.00 2.98 -46.56
N PRO K 12 46.87 3.94 -47.50
CA PRO K 12 47.94 4.90 -47.72
C PRO K 12 48.34 5.57 -46.41
N GLU K 13 49.66 5.72 -46.22
CA GLU K 13 50.19 6.33 -45.03
C GLU K 13 49.91 7.83 -44.99
N THR K 14 49.95 8.43 -43.80
CA THR K 14 49.69 9.85 -43.67
C THR K 14 51.02 10.61 -43.65
N ASN K 15 51.21 11.49 -44.63
CA ASN K 15 52.46 12.25 -44.72
C ASN K 15 52.43 13.54 -43.92
N VAL K 16 53.55 13.84 -43.27
CA VAL K 16 53.67 15.05 -42.47
C VAL K 16 54.98 15.78 -42.76
N THR K 17 54.91 17.10 -42.73
CA THR K 17 56.07 17.95 -42.95
C THR K 17 55.85 19.24 -42.17
N THR K 18 56.95 19.84 -41.71
CA THR K 18 56.85 21.07 -40.93
C THR K 18 57.56 22.27 -41.58
N LEU K 19 56.80 23.31 -41.88
CA LEU K 19 57.36 24.53 -42.46
C LEU K 19 57.98 25.26 -41.28
N ASP K 20 59.30 25.16 -41.13
CA ASP K 20 60.04 25.77 -40.01
C ASP K 20 59.48 27.03 -39.33
N ASN K 21 58.45 27.64 -39.91
CA ASN K 21 57.83 28.81 -39.31
C ASN K 21 56.94 28.32 -38.16
N GLY K 22 56.83 27.00 -38.05
CA GLY K 22 56.04 26.39 -36.99
C GLY K 22 54.86 25.52 -37.41
N LEU K 23 54.42 25.65 -38.65
CA LEU K 23 53.26 24.91 -39.10
C LEU K 23 53.52 23.50 -39.59
N ARG K 24 52.53 22.64 -39.41
CA ARG K 24 52.60 21.25 -39.83
C ARG K 24 51.61 20.95 -40.94
N VAL K 25 52.07 20.28 -41.99
CA VAL K 25 51.21 19.94 -43.09
C VAL K 25 51.16 18.43 -43.22
N ALA K 26 49.95 17.89 -43.07
CA ALA K 26 49.75 16.45 -43.17
C ALA K 26 48.58 16.16 -44.09
N SER K 27 48.61 15.00 -44.72
CA SER K 27 47.55 14.61 -45.64
C SER K 27 47.58 13.13 -45.96
N GLU K 28 46.42 12.58 -46.28
CA GLU K 28 46.29 11.17 -46.66
C GLU K 28 45.80 11.17 -48.10
N GLU K 29 46.54 10.46 -48.95
CA GLU K 29 46.24 10.40 -50.37
C GLU K 29 45.37 9.24 -50.85
N SER K 30 44.38 9.58 -51.67
CA SER K 30 43.47 8.59 -52.25
C SER K 30 43.34 8.95 -53.72
N SER K 31 42.44 8.27 -54.43
CA SER K 31 42.23 8.55 -55.84
C SER K 31 40.87 9.23 -56.08
N GLN K 32 40.50 10.12 -55.17
CA GLN K 32 39.22 10.80 -55.30
C GLN K 32 39.26 12.19 -55.90
N PRO K 33 38.48 12.40 -56.95
CA PRO K 33 38.38 13.67 -57.67
C PRO K 33 37.93 14.80 -56.74
N THR K 34 37.44 14.40 -55.57
CA THR K 34 36.97 15.37 -54.59
C THR K 34 37.86 15.27 -53.35
N CYS K 35 37.95 16.35 -52.58
CA CYS K 35 38.80 16.35 -51.39
C CYS K 35 38.38 17.41 -50.37
N THR K 36 39.00 17.33 -49.20
CA THR K 36 38.75 18.27 -48.11
C THR K 36 40.10 18.71 -47.56
N VAL K 37 40.23 20.00 -47.29
CA VAL K 37 41.46 20.52 -46.71
C VAL K 37 41.05 21.63 -45.78
N GLY K 38 41.81 21.78 -44.70
CA GLY K 38 41.50 22.82 -43.74
C GLY K 38 42.61 22.93 -42.73
N VAL K 39 42.50 23.93 -41.86
CA VAL K 39 43.50 24.14 -40.83
C VAL K 39 42.88 23.93 -39.45
N TRP K 40 43.48 23.00 -38.70
CA TRP K 40 43.05 22.67 -37.35
C TRP K 40 43.94 23.40 -36.35
N ILE K 41 43.34 24.38 -35.67
CA ILE K 41 44.06 25.18 -34.70
C ILE K 41 43.87 24.67 -33.28
N GLY K 42 44.95 24.69 -32.51
CA GLY K 42 44.88 24.28 -31.11
C GLY K 42 44.46 25.50 -30.32
N ALA K 43 43.21 25.92 -30.48
CA ALA K 43 42.69 27.06 -29.75
C ALA K 43 41.24 26.76 -29.36
N GLY K 44 40.72 27.55 -28.42
CA GLY K 44 39.36 27.37 -27.96
C GLY K 44 39.06 28.14 -26.69
N SER K 45 37.85 27.97 -26.18
CA SER K 45 37.38 28.65 -24.97
C SER K 45 38.30 28.44 -23.79
N ARG K 46 38.99 27.29 -23.74
CA ARG K 46 39.87 27.03 -22.61
C ARG K 46 41.03 28.05 -22.59
N TYR K 47 41.41 28.52 -23.78
CA TYR K 47 42.48 29.50 -23.87
C TYR K 47 42.00 30.91 -23.55
N GLU K 48 40.69 31.11 -23.50
CA GLU K 48 40.14 32.42 -23.19
C GLU K 48 40.14 32.61 -21.68
N ASN K 49 39.69 33.78 -21.24
CA ASN K 49 39.61 34.10 -19.83
C ASN K 49 38.32 34.86 -19.58
N GLU K 50 38.15 35.32 -18.35
CA GLU K 50 36.94 36.03 -17.95
C GLU K 50 36.54 37.20 -18.83
N LYS K 51 37.52 37.89 -19.40
CA LYS K 51 37.24 39.06 -20.22
C LYS K 51 36.97 38.79 -21.70
N ASN K 52 37.67 37.80 -22.27
CA ASN K 52 37.50 37.47 -23.68
C ASN K 52 36.81 36.13 -23.93
N ASN K 53 35.94 35.70 -23.02
CA ASN K 53 35.23 34.44 -23.20
C ASN K 53 34.23 34.65 -24.33
N GLY K 54 34.28 33.76 -25.32
CA GLY K 54 33.37 33.87 -26.44
C GLY K 54 33.98 34.61 -27.61
N ALA K 55 35.28 34.87 -27.51
CA ALA K 55 35.98 35.58 -28.57
C ALA K 55 36.18 34.61 -29.72
N GLY K 56 36.86 33.50 -29.46
CA GLY K 56 37.10 32.52 -30.50
C GLY K 56 35.84 32.14 -31.27
N TYR K 57 34.69 32.26 -30.60
CA TYR K 57 33.41 31.95 -31.21
C TYR K 57 33.02 33.13 -32.07
N PHE K 58 33.21 34.33 -31.53
CA PHE K 58 32.90 35.57 -32.23
C PHE K 58 33.74 35.61 -33.51
N VAL K 59 34.96 35.11 -33.41
CA VAL K 59 35.86 35.05 -34.55
C VAL K 59 35.31 34.04 -35.56
N GLU K 60 34.94 32.86 -35.08
CA GLU K 60 34.41 31.83 -35.96
C GLU K 60 33.30 32.38 -36.86
N HIS K 61 32.60 33.41 -36.38
CA HIS K 61 31.52 34.04 -37.14
C HIS K 61 32.01 34.99 -38.22
N LEU K 62 33.19 35.57 -38.03
CA LEU K 62 33.76 36.50 -39.00
C LEU K 62 34.73 35.83 -39.96
N ALA K 63 35.29 34.69 -39.55
CA ALA K 63 36.25 33.99 -40.38
C ALA K 63 35.73 33.68 -41.78
N PHE K 64 34.45 33.94 -42.02
CA PHE K 64 33.85 33.66 -43.32
C PHE K 64 33.21 34.87 -43.96
N LYS K 65 33.24 36.01 -43.27
CA LYS K 65 32.65 37.22 -43.79
C LYS K 65 33.65 38.09 -44.56
N GLY K 66 34.75 37.49 -45.03
CA GLY K 66 35.72 38.24 -45.79
C GLY K 66 37.05 38.63 -45.17
N THR K 67 38.07 38.73 -46.03
CA THR K 67 39.43 39.09 -45.64
C THR K 67 39.81 40.46 -46.19
N LYS K 68 41.09 40.84 -46.05
CA LYS K 68 41.57 42.12 -46.52
C LYS K 68 41.69 42.07 -48.04
N LYS K 69 42.36 41.05 -48.54
CA LYS K 69 42.53 40.88 -49.98
C LYS K 69 41.19 40.82 -50.70
N ARG K 70 40.16 40.28 -50.03
CA ARG K 70 38.85 40.16 -50.66
C ARG K 70 37.67 40.30 -49.73
N PRO K 71 36.94 41.42 -49.83
CA PRO K 71 35.77 41.69 -49.00
C PRO K 71 34.70 40.60 -49.09
N CYS K 72 33.72 40.68 -48.21
CA CYS K 72 32.64 39.68 -48.13
C CYS K 72 32.15 39.07 -49.44
N ALA K 73 31.32 39.83 -50.16
CA ALA K 73 30.73 39.38 -51.42
C ALA K 73 31.75 38.68 -52.33
N ALA K 74 32.92 39.28 -52.46
CA ALA K 74 33.97 38.72 -53.29
C ALA K 74 34.42 37.37 -52.76
N PHE K 75 34.61 37.29 -51.44
CA PHE K 75 35.05 36.06 -50.81
C PHE K 75 34.06 34.92 -51.01
N GLU K 76 32.79 35.21 -50.74
CA GLU K 76 31.74 34.21 -50.88
C GLU K 76 31.57 33.75 -52.32
N LYS K 77 31.36 34.69 -53.22
CA LYS K 77 31.18 34.39 -54.63
C LYS K 77 32.27 33.45 -55.14
N GLU K 78 33.51 33.78 -54.87
CA GLU K 78 34.63 32.96 -55.31
C GLU K 78 34.53 31.51 -54.85
N VAL K 79 34.18 31.32 -53.59
CA VAL K 79 34.05 29.98 -53.02
C VAL K 79 32.81 29.31 -53.54
N GLU K 80 31.69 30.02 -53.49
CA GLU K 80 30.43 29.47 -53.97
C GLU K 80 30.56 29.01 -55.42
N SER K 81 30.99 29.93 -56.29
CA SER K 81 31.14 29.68 -57.71
C SER K 81 32.06 28.52 -58.09
N MET K 82 32.80 27.97 -57.13
CA MET K 82 33.66 26.84 -57.48
C MET K 82 33.10 25.55 -56.90
N GLY K 83 31.90 25.64 -56.34
CA GLY K 83 31.21 24.50 -55.77
C GLY K 83 31.84 23.96 -54.49
N ALA K 84 32.69 24.77 -53.85
CA ALA K 84 33.36 24.36 -52.62
C ALA K 84 32.49 24.68 -51.42
N HIS K 85 32.68 23.92 -50.34
CA HIS K 85 31.92 24.10 -49.13
C HIS K 85 32.81 24.62 -48.02
N PHE K 86 32.39 25.71 -47.38
CA PHE K 86 33.19 26.25 -46.32
C PHE K 86 32.53 26.14 -44.97
N ASN K 87 33.06 25.25 -44.14
CA ASN K 87 32.51 25.05 -42.81
C ASN K 87 33.63 25.12 -41.79
N GLY K 88 33.25 25.02 -40.52
CA GLY K 88 34.21 25.06 -39.44
C GLY K 88 33.53 25.11 -38.08
N TYR K 89 34.33 24.98 -37.03
CA TYR K 89 33.79 25.00 -35.68
C TYR K 89 34.83 25.42 -34.67
N THR K 90 34.35 25.79 -33.49
CA THR K 90 35.22 26.19 -32.39
C THR K 90 34.74 25.45 -31.14
N SER K 91 35.66 24.78 -30.42
CA SER K 91 35.29 24.04 -29.21
C SER K 91 36.04 24.55 -27.98
N ARG K 92 36.33 23.67 -27.02
CA ARG K 92 37.03 24.09 -25.80
C ARG K 92 38.56 24.06 -25.91
N GLU K 93 39.09 23.12 -26.67
CA GLU K 93 40.53 23.02 -26.86
C GLU K 93 40.91 22.94 -28.34
N GLN K 94 39.92 23.03 -29.22
CA GLN K 94 40.21 22.89 -30.64
C GLN K 94 39.26 23.66 -31.57
N THR K 95 39.85 24.28 -32.59
CA THR K 95 39.11 25.05 -33.58
C THR K 95 39.47 24.50 -34.97
N ALA K 96 38.61 24.74 -35.95
CA ALA K 96 38.89 24.26 -37.29
C ALA K 96 38.10 25.02 -38.35
N PHE K 97 38.73 25.17 -39.51
CA PHE K 97 38.14 25.84 -40.67
C PHE K 97 38.56 24.96 -41.82
N TYR K 98 37.59 24.34 -42.48
CA TYR K 98 37.91 23.46 -43.58
C TYR K 98 37.02 23.64 -44.80
N ILE K 99 37.54 23.21 -45.94
CA ILE K 99 36.85 23.34 -47.21
C ILE K 99 36.77 22.02 -47.98
N LYS K 100 35.58 21.76 -48.53
CA LYS K 100 35.34 20.57 -49.34
C LYS K 100 35.30 21.08 -50.77
N ALA K 101 36.11 20.46 -51.63
CA ALA K 101 36.15 20.90 -53.01
C ALA K 101 36.80 19.85 -53.91
N LEU K 102 36.98 20.22 -55.17
CA LEU K 102 37.57 19.35 -56.17
C LEU K 102 39.07 19.32 -55.97
N SER K 103 39.66 18.13 -55.93
CA SER K 103 41.11 17.99 -55.75
C SER K 103 41.82 18.97 -56.68
N LYS K 104 41.19 19.19 -57.84
CA LYS K 104 41.70 20.10 -58.86
C LYS K 104 41.88 21.53 -58.33
N ASP K 105 41.37 21.81 -57.14
CA ASP K 105 41.51 23.15 -56.60
C ASP K 105 42.23 23.20 -55.25
N MET K 106 42.78 22.07 -54.84
CA MET K 106 43.51 22.00 -53.57
C MET K 106 44.38 23.23 -53.34
N PRO K 107 45.15 23.67 -54.36
CA PRO K 107 46.02 24.84 -54.21
C PRO K 107 45.28 26.16 -53.99
N LYS K 108 44.27 26.47 -54.79
CA LYS K 108 43.54 27.72 -54.58
C LYS K 108 42.89 27.74 -53.19
N VAL K 109 42.44 26.58 -52.74
CA VAL K 109 41.81 26.45 -51.43
C VAL K 109 42.80 26.80 -50.33
N VAL K 110 43.97 26.16 -50.37
CA VAL K 110 45.02 26.41 -49.39
C VAL K 110 45.25 27.91 -49.28
N GLU K 111 45.23 28.60 -50.42
CA GLU K 111 45.44 30.04 -50.43
C GLU K 111 44.29 30.69 -49.65
N LEU K 112 43.08 30.25 -49.94
CA LEU K 112 41.89 30.76 -49.30
C LEU K 112 41.92 30.56 -47.78
N LEU K 113 42.35 29.37 -47.36
CA LEU K 113 42.43 29.05 -45.94
C LEU K 113 43.36 30.03 -45.25
N ALA K 114 44.59 30.07 -45.77
CA ALA K 114 45.63 30.95 -45.26
C ALA K 114 45.12 32.38 -45.15
N ASP K 115 44.42 32.85 -46.18
CA ASP K 115 43.89 34.19 -46.18
C ASP K 115 42.86 34.41 -45.06
N VAL K 116 42.11 33.36 -44.73
CA VAL K 116 41.09 33.44 -43.69
C VAL K 116 41.68 33.53 -42.29
N VAL K 117 42.61 32.62 -42.00
CA VAL K 117 43.25 32.57 -40.69
C VAL K 117 44.21 33.73 -40.43
N GLN K 118 44.75 34.31 -41.49
CA GLN K 118 45.72 35.40 -41.37
C GLN K 118 45.18 36.81 -41.56
N ASN K 119 44.38 37.01 -42.60
CA ASN K 119 43.88 38.34 -42.91
C ASN K 119 42.38 38.56 -42.79
N CYS K 120 41.78 38.17 -41.68
CA CYS K 120 40.34 38.38 -41.51
C CYS K 120 40.04 39.88 -41.41
N ALA K 121 39.15 40.35 -42.30
CA ALA K 121 38.79 41.76 -42.33
C ALA K 121 38.29 42.32 -41.00
N LEU K 122 37.59 41.52 -40.22
CA LEU K 122 37.06 41.99 -38.96
C LEU K 122 36.35 43.32 -39.16
N GLU K 123 35.52 43.37 -40.20
CA GLU K 123 34.77 44.56 -40.52
C GLU K 123 34.08 45.11 -39.29
N GLU K 124 34.42 46.33 -38.91
CA GLU K 124 33.84 46.98 -37.74
C GLU K 124 32.31 46.92 -37.71
N SER K 125 31.69 47.03 -38.88
CA SER K 125 30.24 47.02 -39.00
C SER K 125 29.67 45.59 -38.94
N GLN K 126 30.45 44.63 -39.45
CA GLN K 126 30.04 43.24 -39.46
C GLN K 126 30.01 42.75 -38.01
N ILE K 127 31.00 43.18 -37.22
CA ILE K 127 31.10 42.81 -35.82
C ILE K 127 29.83 43.13 -35.06
N GLU K 128 29.31 44.35 -35.21
CA GLU K 128 28.08 44.73 -34.51
C GLU K 128 26.90 43.92 -35.02
N LYS K 129 26.99 43.51 -36.28
CA LYS K 129 25.93 42.74 -36.91
C LYS K 129 25.91 41.30 -36.37
N GLU K 130 27.10 40.69 -36.25
CA GLU K 130 27.23 39.32 -35.75
C GLU K 130 26.98 39.27 -34.24
N ARG K 131 27.13 40.41 -33.60
CA ARG K 131 26.91 40.53 -32.16
C ARG K 131 25.46 40.18 -31.87
N GLY K 132 24.57 40.58 -32.77
CA GLY K 132 23.16 40.31 -32.58
C GLY K 132 22.77 38.91 -33.00
N VAL K 133 23.49 38.36 -33.98
CA VAL K 133 23.26 37.01 -34.48
C VAL K 133 23.65 36.02 -33.38
N ILE K 134 24.84 36.23 -32.82
CA ILE K 134 25.33 35.36 -31.77
C ILE K 134 24.36 35.38 -30.59
N LEU K 135 23.85 36.55 -30.24
CA LEU K 135 22.91 36.62 -29.12
C LEU K 135 21.65 35.80 -29.38
N GLN K 136 21.29 35.65 -30.66
CA GLN K 136 20.11 34.86 -31.02
C GLN K 136 20.46 33.38 -30.95
N GLU K 137 21.69 33.03 -31.32
CA GLU K 137 22.11 31.64 -31.28
C GLU K 137 22.22 31.13 -29.85
N LEU K 138 22.38 32.04 -28.90
CA LEU K 138 22.49 31.62 -27.50
C LEU K 138 21.12 31.30 -26.98
N LYS K 139 20.09 31.94 -27.51
CA LYS K 139 18.72 31.68 -27.08
C LYS K 139 18.22 30.40 -27.73
N GLU K 140 18.71 30.13 -28.93
CA GLU K 140 18.33 28.93 -29.66
C GLU K 140 18.91 27.72 -28.91
N MET K 141 20.19 27.81 -28.55
CA MET K 141 20.87 26.74 -27.86
C MET K 141 20.43 26.53 -26.41
N ASP K 142 19.79 27.55 -25.84
CA ASP K 142 19.34 27.49 -24.47
C ASP K 142 18.16 26.53 -24.35
N ASN K 143 17.61 26.15 -25.50
CA ASN K 143 16.50 25.23 -25.54
C ASN K 143 16.99 23.83 -25.87
N ASP K 144 18.30 23.70 -26.08
CA ASP K 144 18.88 22.41 -26.38
C ASP K 144 19.38 21.84 -25.06
N MET K 145 18.48 21.18 -24.34
CA MET K 145 18.75 20.54 -23.05
C MET K 145 20.05 19.75 -23.03
N THR K 146 20.24 18.90 -24.04
CA THR K 146 21.43 18.08 -24.09
C THR K 146 22.68 18.93 -23.99
N ASN K 147 22.69 20.05 -24.70
CA ASN K 147 23.85 20.92 -24.66
C ASN K 147 23.89 21.79 -23.40
N VAL K 148 22.72 22.19 -22.91
CA VAL K 148 22.66 22.98 -21.68
C VAL K 148 23.22 22.07 -20.58
N THR K 149 22.89 20.78 -20.68
CA THR K 149 23.33 19.82 -19.69
C THR K 149 24.84 19.57 -19.74
N PHE K 150 25.41 19.43 -20.94
CA PHE K 150 26.85 19.22 -20.98
C PHE K 150 27.63 20.47 -20.56
N ASP K 151 27.05 21.63 -20.80
CA ASP K 151 27.70 22.87 -20.39
C ASP K 151 27.75 22.86 -18.87
N TYR K 152 26.59 22.62 -18.27
CA TYR K 152 26.49 22.57 -16.82
C TYR K 152 27.42 21.49 -16.25
N LEU K 153 27.56 20.38 -16.97
CA LEU K 153 28.43 19.30 -16.50
C LEU K 153 29.84 19.86 -16.40
N HIS K 154 30.26 20.65 -17.40
CA HIS K 154 31.60 21.22 -17.36
C HIS K 154 31.65 22.35 -16.33
N ALA K 155 30.58 23.13 -16.29
CA ALA K 155 30.52 24.24 -15.37
C ALA K 155 30.80 23.82 -13.92
N THR K 156 30.40 22.61 -13.53
CA THR K 156 30.59 22.15 -12.17
C THR K 156 31.77 21.18 -12.06
N ALA K 157 31.90 20.30 -13.04
CA ALA K 157 32.98 19.32 -13.02
C ALA K 157 34.34 20.00 -12.93
N PHE K 158 34.44 21.15 -13.59
CA PHE K 158 35.66 21.93 -13.63
C PHE K 158 35.42 23.35 -13.10
N GLN K 159 34.54 23.48 -12.11
CA GLN K 159 34.24 24.78 -11.53
C GLN K 159 35.52 25.46 -11.09
N GLY K 160 35.53 26.79 -11.20
CA GLY K 160 36.68 27.57 -10.81
C GLY K 160 37.78 27.62 -11.84
N THR K 161 37.78 26.71 -12.81
CA THR K 161 38.82 26.69 -13.83
C THR K 161 38.35 27.16 -15.22
N ALA K 162 39.19 26.90 -16.23
CA ALA K 162 38.90 27.34 -17.59
C ALA K 162 37.90 26.45 -18.33
N LEU K 163 37.98 25.15 -18.11
CA LEU K 163 37.09 24.23 -18.77
C LEU K 163 35.64 24.43 -18.31
N ALA K 164 35.47 25.24 -17.27
CA ALA K 164 34.13 25.51 -16.75
C ALA K 164 33.33 26.41 -17.67
N ARG K 165 34.05 27.20 -18.48
CA ARG K 165 33.40 28.12 -19.40
C ARG K 165 32.86 27.43 -20.63
N THR K 166 31.82 28.01 -21.20
CA THR K 166 31.18 27.47 -22.40
C THR K 166 31.94 27.98 -23.63
N VAL K 167 31.76 27.33 -24.77
CA VAL K 167 32.44 27.75 -25.98
C VAL K 167 31.90 29.07 -26.52
N GLU K 168 30.58 29.20 -26.55
CA GLU K 168 29.94 30.40 -27.05
C GLU K 168 30.26 31.67 -26.26
N GLY K 169 30.54 31.55 -24.97
CA GLY K 169 30.84 32.73 -24.17
C GLY K 169 29.66 33.32 -23.39
N THR K 170 29.93 34.38 -22.65
CA THR K 170 28.91 35.04 -21.83
C THR K 170 28.09 36.08 -22.59
N THR K 171 26.96 36.49 -22.00
CA THR K 171 26.11 37.50 -22.61
C THR K 171 26.84 38.85 -22.52
N GLU K 172 27.51 39.10 -21.39
CA GLU K 172 28.24 40.35 -21.21
C GLU K 172 29.41 40.48 -22.17
N ASN K 173 30.14 39.39 -22.38
CA ASN K 173 31.27 39.40 -23.29
C ASN K 173 30.81 39.71 -24.71
N ILE K 174 29.81 38.96 -25.17
CA ILE K 174 29.29 39.15 -26.51
C ILE K 174 28.74 40.57 -26.71
N LYS K 175 28.24 41.18 -25.64
CA LYS K 175 27.70 42.52 -25.75
C LYS K 175 28.78 43.59 -25.74
N HIS K 176 29.99 43.21 -25.32
CA HIS K 176 31.08 44.17 -25.23
C HIS K 176 32.41 43.77 -25.84
N LEU K 177 32.46 42.68 -26.58
CA LEU K 177 33.73 42.30 -27.17
C LEU K 177 34.10 43.33 -28.24
N THR K 178 35.34 43.80 -28.18
CA THR K 178 35.85 44.82 -29.11
C THR K 178 36.60 44.29 -30.32
N ARG K 179 36.52 45.07 -31.39
CA ARG K 179 37.19 44.74 -32.64
C ARG K 179 38.65 44.42 -32.33
N ALA K 180 39.18 45.08 -31.31
CA ALA K 180 40.57 44.88 -30.90
C ALA K 180 40.76 43.54 -30.20
N ASP K 181 39.76 43.14 -29.41
CA ASP K 181 39.78 41.89 -28.66
C ASP K 181 39.82 40.70 -29.61
N LEU K 182 38.96 40.72 -30.62
CA LEU K 182 38.91 39.65 -31.60
C LEU K 182 40.26 39.61 -32.29
N ALA K 183 40.74 40.79 -32.65
CA ALA K 183 42.03 40.95 -33.33
C ALA K 183 43.11 40.34 -32.45
N SER K 184 43.11 40.74 -31.17
CA SER K 184 44.09 40.23 -30.24
C SER K 184 44.01 38.71 -30.17
N TYR K 185 42.77 38.20 -30.09
CA TYR K 185 42.57 36.76 -30.03
C TYR K 185 43.26 36.07 -31.20
N ILE K 186 42.93 36.51 -32.40
CA ILE K 186 43.51 35.92 -33.60
C ILE K 186 45.03 35.89 -33.61
N ASP K 187 45.65 37.03 -33.30
CA ASP K 187 47.11 37.11 -33.30
C ASP K 187 47.73 36.26 -32.21
N THR K 188 47.08 36.26 -31.06
CA THR K 188 47.57 35.50 -29.92
C THR K 188 47.51 33.98 -30.14
N HIS K 189 46.42 33.51 -30.75
CA HIS K 189 46.22 32.08 -30.94
C HIS K 189 46.42 31.45 -32.31
N PHE K 190 45.92 32.09 -33.36
CA PHE K 190 46.09 31.49 -34.69
C PHE K 190 47.53 31.64 -35.12
N LYS K 191 48.38 30.74 -34.61
CA LYS K 191 49.81 30.77 -34.91
C LYS K 191 50.38 29.45 -35.43
N ALA K 192 51.16 29.56 -36.50
CA ALA K 192 51.79 28.43 -37.18
C ALA K 192 52.10 27.18 -36.36
N PRO K 193 52.95 27.32 -35.32
CA PRO K 193 53.25 26.11 -34.53
C PRO K 193 52.05 25.42 -33.88
N ARG K 194 50.97 26.17 -33.69
CA ARG K 194 49.74 25.66 -33.07
C ARG K 194 48.67 25.30 -34.10
N MET K 195 49.04 25.27 -35.38
CA MET K 195 48.08 24.95 -36.44
C MET K 195 48.53 23.75 -37.24
N VAL K 196 47.57 23.11 -37.91
CA VAL K 196 47.85 21.96 -38.74
C VAL K 196 47.08 22.05 -40.06
N LEU K 197 47.81 21.97 -41.17
CA LEU K 197 47.17 22.00 -42.49
C LEU K 197 46.97 20.54 -42.82
N ALA K 198 45.70 20.14 -42.82
CA ALA K 198 45.34 18.78 -43.11
C ALA K 198 44.55 18.70 -44.40
N ALA K 199 44.73 17.59 -45.10
CA ALA K 199 44.03 17.38 -46.36
C ALA K 199 43.89 15.90 -46.67
N ALA K 200 42.79 15.55 -47.32
CA ALA K 200 42.53 14.16 -47.68
C ALA K 200 41.76 14.11 -48.99
N GLY K 201 42.04 13.09 -49.78
CA GLY K 201 41.39 12.92 -51.06
C GLY K 201 42.44 12.68 -52.12
N GLY K 202 42.18 13.17 -53.33
CA GLY K 202 43.13 13.02 -54.42
C GLY K 202 44.04 14.23 -54.51
N ILE K 203 45.01 14.29 -53.60
CA ILE K 203 45.94 15.41 -53.55
C ILE K 203 47.39 15.00 -53.38
N SER K 204 48.27 15.78 -54.00
CA SER K 204 49.69 15.54 -53.91
C SER K 204 50.18 16.17 -52.61
N HIS K 205 50.83 15.38 -51.77
CA HIS K 205 51.34 15.89 -50.51
C HIS K 205 52.31 17.06 -50.78
N LYS K 206 53.17 16.86 -51.78
CA LYS K 206 54.14 17.87 -52.16
C LYS K 206 53.47 19.10 -52.73
N GLU K 207 52.44 18.90 -53.56
CA GLU K 207 51.72 20.03 -54.12
C GLU K 207 50.99 20.77 -53.03
N LEU K 208 50.61 20.03 -52.00
CA LEU K 208 49.92 20.60 -50.85
C LEU K 208 50.92 21.43 -50.06
N VAL K 209 52.04 20.78 -49.69
CA VAL K 209 53.08 21.46 -48.93
C VAL K 209 53.66 22.66 -49.69
N ASP K 210 53.67 22.60 -51.02
CA ASP K 210 54.20 23.70 -51.82
C ASP K 210 53.34 24.93 -51.70
N ALA K 211 52.03 24.79 -51.94
CA ALA K 211 51.14 25.94 -51.82
C ALA K 211 51.18 26.41 -50.38
N ALA K 212 51.47 25.47 -49.48
CA ALA K 212 51.55 25.76 -48.05
C ALA K 212 52.70 26.72 -47.80
N ARG K 213 53.85 26.41 -48.40
CA ARG K 213 55.03 27.24 -48.25
C ARG K 213 54.76 28.62 -48.82
N GLN K 214 54.03 28.65 -49.94
CA GLN K 214 53.71 29.90 -50.60
C GLN K 214 52.77 30.84 -49.84
N HIS K 215 51.78 30.27 -49.14
CA HIS K 215 50.83 31.12 -48.41
C HIS K 215 51.01 31.13 -46.89
N PHE K 216 51.72 30.12 -46.39
CA PHE K 216 52.03 30.03 -44.97
C PHE K 216 53.55 30.14 -44.94
N SER K 217 54.05 31.35 -45.17
CA SER K 217 55.48 31.62 -45.24
C SER K 217 56.19 32.21 -44.01
N GLY K 218 55.62 33.28 -43.45
CA GLY K 218 56.22 33.93 -42.29
C GLY K 218 56.94 33.02 -41.29
N VAL K 219 58.27 32.99 -41.36
CA VAL K 219 59.08 32.17 -40.45
C VAL K 219 59.40 32.87 -39.13
N SER K 220 59.70 32.09 -38.09
CA SER K 220 60.02 32.65 -36.78
C SER K 220 61.53 32.66 -36.51
N PHE K 221 61.96 33.65 -35.72
CA PHE K 221 63.36 33.82 -35.39
C PHE K 221 63.74 33.29 -34.03
N THR K 222 63.01 33.73 -33.01
CA THR K 222 63.28 33.28 -31.64
C THR K 222 62.76 31.89 -31.38
N TYR K 223 63.13 31.33 -30.23
CA TYR K 223 62.70 29.99 -29.83
C TYR K 223 61.29 30.05 -29.25
N LYS K 224 60.94 31.18 -28.66
CA LYS K 224 59.62 31.36 -28.09
C LYS K 224 58.53 31.42 -29.15
N GLU K 225 58.90 31.66 -30.40
CA GLU K 225 57.93 31.73 -31.48
C GLU K 225 57.61 30.32 -31.98
N ASP K 226 58.40 29.38 -31.49
CA ASP K 226 58.22 27.98 -31.81
C ASP K 226 57.76 27.37 -30.51
N ALA K 227 57.19 28.21 -29.64
CA ALA K 227 56.74 27.73 -28.35
C ALA K 227 55.24 27.64 -28.19
N VAL K 228 54.77 26.42 -28.02
CA VAL K 228 53.36 26.13 -27.82
C VAL K 228 53.12 26.14 -26.30
N PRO K 229 52.39 27.16 -25.80
CA PRO K 229 52.08 27.32 -24.38
C PRO K 229 51.31 26.16 -23.76
N ILE K 230 51.81 25.64 -22.64
CA ILE K 230 51.15 24.53 -21.93
C ILE K 230 50.11 25.21 -21.04
N LEU K 231 48.86 24.79 -21.17
CA LEU K 231 47.81 25.39 -20.37
C LEU K 231 47.80 24.97 -18.92
N PRO K 232 47.33 25.85 -18.03
CA PRO K 232 47.30 25.47 -16.62
C PRO K 232 46.22 24.40 -16.35
N ARG K 233 46.53 23.47 -15.44
CA ARG K 233 45.63 22.39 -15.06
C ARG K 233 44.24 22.88 -14.69
N CYS K 234 43.25 22.03 -15.00
CA CYS K 234 41.87 22.30 -14.65
C CYS K 234 41.50 21.25 -13.61
N ARG K 235 41.22 21.72 -12.41
CA ARG K 235 40.88 20.86 -11.30
C ARG K 235 39.48 20.27 -11.42
N PHE K 236 39.39 18.96 -11.22
CA PHE K 236 38.11 18.27 -11.27
C PHE K 236 37.47 18.34 -9.89
N THR K 237 36.15 18.39 -9.85
CA THR K 237 35.46 18.46 -8.58
C THR K 237 34.21 17.60 -8.55
N GLY K 238 34.19 16.61 -7.65
CA GLY K 238 33.02 15.77 -7.51
C GLY K 238 31.96 16.72 -6.99
N SER K 239 30.91 16.95 -7.79
CA SER K 239 29.85 17.84 -7.36
C SER K 239 28.65 17.75 -8.27
N GLU K 240 27.67 18.62 -8.01
CA GLU K 240 26.45 18.62 -8.80
C GLU K 240 25.79 20.00 -8.95
N ILE K 241 25.14 20.19 -10.09
CA ILE K 241 24.43 21.41 -10.33
C ILE K 241 23.02 20.96 -10.72
N ARG K 242 22.02 21.47 -10.02
CA ARG K 242 20.65 21.08 -10.29
C ARG K 242 19.79 22.24 -10.75
N ALA K 243 19.45 22.24 -12.03
CA ALA K 243 18.62 23.28 -12.59
C ALA K 243 17.23 22.67 -12.76
N ARG K 244 16.32 23.04 -11.88
CA ARG K 244 14.99 22.48 -11.94
C ARG K 244 13.87 23.33 -12.55
N ASP K 245 13.15 22.71 -13.48
CA ASP K 245 12.03 23.37 -14.14
C ASP K 245 11.03 22.26 -14.46
N ASP K 246 10.07 22.07 -13.56
CA ASP K 246 9.06 21.04 -13.76
C ASP K 246 8.19 21.32 -14.97
N ALA K 247 8.34 22.50 -15.58
CA ALA K 247 7.56 22.84 -16.77
C ALA K 247 8.15 22.17 -18.00
N LEU K 248 9.36 21.64 -17.88
CA LEU K 248 9.97 20.96 -19.01
C LEU K 248 9.41 19.55 -19.08
N PRO K 249 9.13 19.06 -20.30
CA PRO K 249 8.58 17.72 -20.50
C PRO K 249 9.44 16.54 -20.02
N VAL K 250 10.72 16.55 -20.34
CA VAL K 250 11.58 15.46 -19.92
C VAL K 250 12.72 16.02 -19.10
N ALA K 251 13.51 15.15 -18.49
CA ALA K 251 14.63 15.58 -17.70
C ALA K 251 15.90 15.02 -18.32
N HIS K 252 16.98 15.79 -18.21
CA HIS K 252 18.29 15.38 -18.71
C HIS K 252 19.21 15.22 -17.52
N VAL K 253 20.00 14.16 -17.53
CA VAL K 253 20.94 13.92 -16.45
C VAL K 253 22.25 13.49 -17.06
N ALA K 254 23.34 13.99 -16.50
CA ALA K 254 24.69 13.65 -16.96
C ALA K 254 25.56 13.45 -15.74
N LEU K 255 26.23 12.32 -15.69
CA LEU K 255 27.09 11.99 -14.57
C LEU K 255 28.43 11.60 -15.14
N ALA K 256 29.51 12.07 -14.53
CA ALA K 256 30.86 11.74 -15.02
C ALA K 256 31.98 11.84 -13.99
N VAL K 257 33.05 11.12 -14.29
CA VAL K 257 34.24 11.09 -13.46
C VAL K 257 35.34 11.72 -14.31
N GLU K 258 36.47 12.09 -13.71
CA GLU K 258 37.57 12.68 -14.47
C GLU K 258 38.21 11.64 -15.39
N GLY K 259 38.51 12.04 -16.62
CA GLY K 259 39.14 11.15 -17.58
C GLY K 259 40.64 11.40 -17.64
N PRO K 260 41.43 10.47 -18.23
CA PRO K 260 42.88 10.64 -18.31
C PRO K 260 43.43 11.77 -19.18
N GLY K 261 42.94 11.90 -20.41
CA GLY K 261 43.47 12.94 -21.29
C GLY K 261 44.06 12.22 -22.50
N TRP K 262 43.93 12.85 -23.66
CA TRP K 262 44.39 12.26 -24.92
C TRP K 262 45.50 11.21 -24.90
N ALA K 263 46.73 11.65 -24.69
CA ALA K 263 47.90 10.75 -24.72
C ALA K 263 47.84 9.42 -23.97
N ASP K 264 46.95 9.31 -22.98
CA ASP K 264 46.86 8.08 -22.18
C ASP K 264 46.27 6.86 -22.89
N PRO K 265 47.03 5.77 -22.98
CA PRO K 265 46.62 4.51 -23.62
C PRO K 265 45.33 3.91 -23.03
N ASP K 266 45.09 4.14 -21.75
CA ASP K 266 43.89 3.63 -21.09
C ASP K 266 42.61 4.01 -21.85
N ASN K 267 42.67 5.12 -22.60
CA ASN K 267 41.51 5.58 -23.36
C ASN K 267 40.98 4.52 -24.31
N VAL K 268 41.85 3.63 -24.80
CA VAL K 268 41.38 2.59 -25.69
C VAL K 268 40.47 1.66 -24.92
N VAL K 269 40.81 1.42 -23.65
CA VAL K 269 40.03 0.54 -22.79
C VAL K 269 38.72 1.21 -22.39
N LEU K 270 38.77 2.49 -22.04
CA LEU K 270 37.55 3.20 -21.67
C LEU K 270 36.55 3.20 -22.82
N HIS K 271 37.04 3.32 -24.05
CA HIS K 271 36.19 3.32 -25.23
C HIS K 271 35.59 1.93 -25.46
N VAL K 272 36.29 0.89 -25.01
CA VAL K 272 35.78 -0.46 -25.15
C VAL K 272 34.68 -0.60 -24.11
N ALA K 273 34.99 -0.16 -22.90
CA ALA K 273 34.04 -0.19 -21.80
C ALA K 273 32.77 0.52 -22.21
N ASN K 274 32.89 1.74 -22.71
CA ASN K 274 31.71 2.49 -23.13
C ASN K 274 30.96 1.73 -24.21
N ALA K 275 31.70 0.92 -24.96
CA ALA K 275 31.09 0.13 -26.01
C ALA K 275 30.21 -0.97 -25.40
N ILE K 276 30.60 -1.52 -24.25
CA ILE K 276 29.80 -2.54 -23.62
C ILE K 276 28.44 -1.95 -23.24
N ILE K 277 28.47 -0.84 -22.52
CA ILE K 277 27.25 -0.16 -22.10
C ILE K 277 26.53 0.44 -23.29
N GLY K 278 27.29 0.83 -24.30
CA GLY K 278 26.72 1.41 -25.50
C GLY K 278 25.83 2.62 -25.34
N ARG K 279 24.73 2.62 -26.09
CA ARG K 279 23.76 3.71 -26.06
C ARG K 279 22.40 3.22 -26.55
N TYR K 280 21.43 4.11 -26.55
CA TYR K 280 20.10 3.73 -26.94
C TYR K 280 19.14 4.91 -27.06
N ASP K 281 18.07 4.69 -27.81
CA ASP K 281 17.00 5.66 -27.95
C ASP K 281 15.78 4.89 -28.45
N ARG K 282 14.60 5.41 -28.15
CA ARG K 282 13.34 4.78 -28.49
C ARG K 282 13.08 4.41 -29.93
N THR K 283 14.10 4.43 -30.78
CA THR K 283 13.88 4.05 -32.17
C THR K 283 14.84 2.96 -32.61
N PHE K 284 15.46 2.31 -31.64
CA PHE K 284 16.36 1.22 -31.94
C PHE K 284 15.52 -0.03 -32.14
N GLY K 285 15.19 -0.35 -33.39
CA GLY K 285 14.38 -1.52 -33.63
C GLY K 285 14.74 -2.74 -32.80
N GLY K 286 16.03 -2.92 -32.53
CA GLY K 286 16.51 -4.05 -31.75
C GLY K 286 15.69 -4.30 -30.49
N GLY K 287 15.22 -3.22 -29.87
CA GLY K 287 14.40 -3.32 -28.68
C GLY K 287 14.92 -4.14 -27.52
N LYS K 288 14.05 -4.96 -26.96
CA LYS K 288 14.39 -5.79 -25.81
C LYS K 288 15.44 -6.87 -26.03
N HIS K 289 16.03 -6.93 -27.22
CA HIS K 289 17.05 -7.94 -27.44
C HIS K 289 18.45 -7.38 -27.58
N LEU K 290 18.55 -6.04 -27.49
CA LEU K 290 19.82 -5.33 -27.59
C LEU K 290 20.85 -5.96 -26.67
N SER K 291 22.09 -6.03 -27.12
CA SER K 291 23.16 -6.62 -26.33
C SER K 291 23.49 -5.79 -25.07
N SER K 292 23.35 -4.48 -25.16
CA SER K 292 23.63 -3.63 -24.02
C SER K 292 22.60 -3.88 -22.93
N ARG K 293 23.06 -4.44 -21.81
CA ARG K 293 22.18 -4.71 -20.71
C ARG K 293 21.37 -3.50 -20.32
N LEU K 294 22.02 -2.34 -20.16
CA LEU K 294 21.31 -1.13 -19.78
C LEU K 294 20.23 -0.81 -20.81
N ALA K 295 20.56 -1.01 -22.08
CA ALA K 295 19.60 -0.76 -23.15
C ALA K 295 18.42 -1.72 -22.96
N ALA K 296 18.71 -2.99 -22.72
CA ALA K 296 17.66 -3.99 -22.52
C ALA K 296 16.68 -3.55 -21.42
N LEU K 297 17.23 -3.22 -20.25
CA LEU K 297 16.45 -2.78 -19.10
C LEU K 297 15.64 -1.53 -19.42
N ALA K 298 16.24 -0.62 -20.17
CA ALA K 298 15.57 0.62 -20.54
C ALA K 298 14.29 0.27 -21.29
N VAL K 299 14.40 -0.66 -22.24
CA VAL K 299 13.26 -1.11 -23.03
C VAL K 299 12.23 -1.82 -22.16
N GLU K 300 12.73 -2.79 -21.41
CA GLU K 300 11.86 -3.54 -20.54
C GLU K 300 11.10 -2.64 -19.57
N HIS K 301 11.83 -1.83 -18.80
CA HIS K 301 11.21 -0.97 -17.81
C HIS K 301 10.84 0.42 -18.25
N LYS K 302 11.09 0.71 -19.51
CA LYS K 302 10.78 2.03 -20.07
C LYS K 302 11.44 3.10 -19.20
N LEU K 303 12.72 2.89 -18.94
CA LEU K 303 13.51 3.77 -18.11
C LEU K 303 13.83 5.14 -18.67
N CYS K 304 14.00 5.23 -19.99
CA CYS K 304 14.33 6.51 -20.62
C CYS K 304 13.93 6.61 -22.08
N HIS K 305 14.10 7.81 -22.63
CA HIS K 305 13.80 8.10 -24.02
C HIS K 305 15.07 7.85 -24.80
N SER K 306 16.20 7.94 -24.09
CA SER K 306 17.51 7.73 -24.69
C SER K 306 18.58 7.86 -23.63
N PHE K 307 19.73 7.25 -23.91
CA PHE K 307 20.87 7.34 -23.01
C PHE K 307 22.11 7.13 -23.88
N GLN K 308 23.23 7.68 -23.43
CA GLN K 308 24.48 7.55 -24.17
C GLN K 308 25.69 7.66 -23.26
N THR K 309 26.71 6.87 -23.58
CA THR K 309 27.94 6.93 -22.79
C THR K 309 28.87 7.84 -23.56
N PHE K 310 29.90 8.33 -22.89
CA PHE K 310 30.89 9.17 -23.53
C PHE K 310 32.21 9.19 -22.79
N ASN K 311 33.29 9.40 -23.55
CA ASN K 311 34.64 9.50 -23.02
C ASN K 311 35.31 10.70 -23.67
N THR K 312 34.85 11.89 -23.31
CA THR K 312 35.40 13.13 -23.84
C THR K 312 36.81 13.39 -23.35
N SER K 313 37.75 13.52 -24.27
CA SER K 313 39.15 13.78 -23.92
C SER K 313 39.59 15.22 -24.11
N TYR K 314 40.73 15.53 -23.52
CA TYR K 314 41.36 16.83 -23.60
C TYR K 314 42.85 16.58 -23.44
N SER K 315 43.64 17.64 -23.47
CA SER K 315 45.08 17.52 -23.35
C SER K 315 45.53 16.79 -22.08
N ASP K 316 45.08 17.32 -20.93
CA ASP K 316 45.45 16.81 -19.61
C ASP K 316 44.30 16.24 -18.74
N THR K 317 43.09 16.14 -19.28
CA THR K 317 41.99 15.65 -18.49
C THR K 317 40.86 15.21 -19.42
N GLY K 318 39.72 14.85 -18.84
CA GLY K 318 38.60 14.43 -19.65
C GLY K 318 37.37 14.12 -18.82
N LEU K 319 36.26 13.86 -19.51
CA LEU K 319 35.03 13.50 -18.82
C LEU K 319 34.52 12.15 -19.33
N PHE K 320 34.51 11.17 -18.43
CA PHE K 320 34.03 9.83 -18.74
C PHE K 320 32.69 9.70 -18.01
N GLY K 321 31.59 9.52 -18.75
CA GLY K 321 30.31 9.38 -18.09
C GLY K 321 29.16 8.97 -19.00
N PHE K 322 27.96 9.34 -18.61
CA PHE K 322 26.80 8.99 -19.43
C PHE K 322 25.74 10.05 -19.28
N HIS K 323 24.83 10.08 -20.24
CA HIS K 323 23.74 11.05 -20.23
C HIS K 323 22.43 10.37 -20.65
N PHE K 324 21.34 10.74 -20.01
CA PHE K 324 20.05 10.19 -20.37
C PHE K 324 18.92 11.20 -20.25
N VAL K 325 17.84 10.90 -20.97
CA VAL K 325 16.66 11.74 -20.99
C VAL K 325 15.54 10.83 -20.53
N ALA K 326 14.81 11.22 -19.50
CA ALA K 326 13.74 10.38 -19.00
C ALA K 326 12.57 11.19 -18.50
N ASP K 327 11.42 10.52 -18.32
CA ASP K 327 10.24 11.21 -17.82
C ASP K 327 10.53 11.45 -16.36
N PRO K 328 9.96 12.51 -15.79
CA PRO K 328 10.20 12.82 -14.38
C PRO K 328 10.04 11.65 -13.42
N LEU K 329 9.17 10.69 -13.75
CA LEU K 329 8.94 9.56 -12.86
C LEU K 329 9.77 8.30 -13.07
N SER K 330 10.75 8.33 -13.96
CA SER K 330 11.56 7.14 -14.14
C SER K 330 13.06 7.43 -14.02
N ILE K 331 13.38 8.63 -13.54
CA ILE K 331 14.76 9.04 -13.39
C ILE K 331 15.54 8.15 -12.44
N ASP K 332 14.96 7.96 -11.25
CA ASP K 332 15.59 7.16 -10.20
C ASP K 332 15.95 5.74 -10.61
N ASP K 333 15.03 5.05 -11.27
CA ASP K 333 15.33 3.69 -11.69
C ASP K 333 16.42 3.68 -12.75
N MET K 334 16.37 4.65 -13.67
CA MET K 334 17.36 4.77 -14.73
C MET K 334 18.75 4.98 -14.12
N MET K 335 18.87 6.00 -13.27
CA MET K 335 20.14 6.28 -12.61
C MET K 335 20.62 5.03 -11.87
N PHE K 336 19.69 4.34 -11.22
CA PHE K 336 19.96 3.12 -10.48
C PHE K 336 20.61 2.04 -11.39
N CYS K 337 20.01 1.80 -12.55
CA CYS K 337 20.54 0.81 -13.48
C CYS K 337 21.82 1.31 -14.13
N ALA K 338 21.86 2.59 -14.48
CA ALA K 338 23.04 3.15 -15.10
C ALA K 338 24.22 2.96 -14.15
N GLN K 339 24.06 3.40 -12.91
CA GLN K 339 25.16 3.21 -11.97
C GLN K 339 25.47 1.74 -11.79
N GLY K 340 24.42 0.91 -11.79
CA GLY K 340 24.58 -0.51 -11.61
C GLY K 340 25.47 -1.10 -12.68
N GLU K 341 25.32 -0.61 -13.91
CA GLU K 341 26.12 -1.12 -15.01
C GLU K 341 27.58 -0.68 -14.92
N TRP K 342 27.80 0.52 -14.40
CA TRP K 342 29.16 1.00 -14.22
C TRP K 342 29.84 0.07 -13.22
N MET K 343 29.12 -0.30 -12.16
CA MET K 343 29.69 -1.19 -11.17
C MET K 343 30.02 -2.52 -11.81
N ARG K 344 29.10 -3.08 -12.59
CA ARG K 344 29.39 -4.34 -13.24
C ARG K 344 30.67 -4.24 -14.07
N LEU K 345 30.86 -3.12 -14.76
CA LEU K 345 32.06 -2.91 -15.56
C LEU K 345 33.32 -3.19 -14.75
N CYS K 346 33.48 -2.45 -13.65
CA CYS K 346 34.63 -2.56 -12.77
C CYS K 346 34.73 -3.93 -12.13
N THR K 347 33.59 -4.56 -11.92
CA THR K 347 33.59 -5.83 -11.19
C THR K 347 33.32 -7.16 -11.89
N SER K 348 32.43 -7.18 -12.86
CA SER K 348 32.12 -8.46 -13.48
C SER K 348 32.10 -8.57 -15.00
N THR K 349 32.85 -7.69 -15.66
CA THR K 349 32.94 -7.71 -17.12
C THR K 349 33.34 -9.12 -17.60
N THR K 350 32.82 -9.51 -18.75
CA THR K 350 33.05 -10.83 -19.33
C THR K 350 33.88 -10.79 -20.61
N GLU K 351 34.52 -11.91 -20.93
CA GLU K 351 35.30 -11.93 -22.15
C GLU K 351 34.37 -11.74 -23.34
N SER K 352 33.19 -12.35 -23.28
CA SER K 352 32.20 -12.23 -24.35
C SER K 352 31.82 -10.77 -24.54
N GLU K 353 31.61 -10.08 -23.41
CA GLU K 353 31.23 -8.67 -23.41
C GLU K 353 32.24 -7.80 -24.16
N VAL K 354 33.52 -8.04 -23.89
CA VAL K 354 34.55 -7.26 -24.54
C VAL K 354 34.71 -7.68 -25.98
N LYS K 355 34.64 -8.98 -26.25
CA LYS K 355 34.79 -9.44 -27.61
C LYS K 355 33.86 -8.62 -28.51
N ARG K 356 32.62 -8.47 -28.05
CA ARG K 356 31.61 -7.74 -28.78
C ARG K 356 31.95 -6.25 -28.82
N ALA K 357 32.23 -5.68 -27.66
CA ALA K 357 32.55 -4.27 -27.55
C ALA K 357 33.72 -3.89 -28.46
N LYS K 358 34.68 -4.81 -28.58
CA LYS K 358 35.85 -4.57 -29.42
C LYS K 358 35.45 -4.45 -30.88
N ASN K 359 34.69 -5.42 -31.37
CA ASN K 359 34.22 -5.39 -32.75
C ASN K 359 33.44 -4.09 -32.96
N HIS K 360 32.54 -3.80 -32.04
CA HIS K 360 31.74 -2.59 -32.15
C HIS K 360 32.64 -1.36 -32.24
N LEU K 361 33.71 -1.34 -31.45
CA LEU K 361 34.65 -0.22 -31.42
C LEU K 361 35.43 -0.09 -32.73
N ARG K 362 35.88 -1.22 -33.26
CA ARG K 362 36.60 -1.22 -34.53
C ARG K 362 35.73 -0.55 -35.61
N SER K 363 34.55 -1.11 -35.87
CA SER K 363 33.65 -0.54 -36.88
C SER K 363 33.27 0.92 -36.58
N ALA K 364 33.45 1.33 -35.34
CA ALA K 364 33.12 2.71 -34.98
C ALA K 364 34.25 3.64 -35.42
N MET K 365 35.49 3.17 -35.29
CA MET K 365 36.65 3.97 -35.66
C MET K 365 36.72 4.03 -37.18
N VAL K 366 36.39 2.92 -37.82
CA VAL K 366 36.39 2.86 -39.28
C VAL K 366 35.32 3.81 -39.84
N ALA K 367 34.24 3.99 -39.09
CA ALA K 367 33.15 4.87 -39.52
C ALA K 367 33.54 6.34 -39.43
N GLN K 368 34.46 6.68 -38.53
CA GLN K 368 34.89 8.07 -38.37
C GLN K 368 35.88 8.47 -39.45
N LEU K 369 36.01 7.60 -40.45
CA LEU K 369 36.89 7.81 -41.58
C LEU K 369 36.06 7.53 -42.83
N ASP K 370 34.82 8.01 -42.82
CA ASP K 370 33.91 7.78 -43.94
C ASP K 370 33.68 9.03 -44.79
N GLY K 371 34.66 9.35 -45.62
CA GLY K 371 34.56 10.53 -46.46
C GLY K 371 35.83 11.33 -46.30
N THR K 372 36.01 12.39 -47.08
CA THR K 372 37.24 13.18 -46.96
C THR K 372 37.22 14.11 -45.75
N THR K 373 36.07 14.68 -45.43
CA THR K 373 36.02 15.57 -44.27
C THR K 373 36.26 14.82 -42.97
N PRO K 374 35.55 13.69 -42.75
CA PRO K 374 35.82 13.00 -41.48
C PRO K 374 37.28 12.52 -41.35
N VAL K 375 37.88 12.10 -42.46
CA VAL K 375 39.27 11.63 -42.44
C VAL K 375 40.21 12.79 -42.19
N CYS K 376 39.90 13.91 -42.81
CA CYS K 376 40.70 15.10 -42.64
C CYS K 376 40.67 15.50 -41.15
N GLU K 377 39.49 15.47 -40.55
CA GLU K 377 39.28 15.80 -39.14
C GLU K 377 40.12 14.90 -38.24
N THR K 378 40.30 13.65 -38.64
CA THR K 378 41.09 12.73 -37.86
C THR K 378 42.53 13.22 -37.89
N ILE K 379 43.02 13.50 -39.10
CA ILE K 379 44.38 13.98 -39.26
C ILE K 379 44.62 15.24 -38.42
N GLY K 380 43.81 16.26 -38.65
CA GLY K 380 43.95 17.48 -37.89
C GLY K 380 44.04 17.21 -36.40
N SER K 381 43.02 16.51 -35.90
CA SER K 381 42.93 16.18 -34.47
C SER K 381 44.09 15.34 -33.97
N HIS K 382 44.46 14.30 -34.73
CA HIS K 382 45.56 13.42 -34.35
C HIS K 382 46.92 14.10 -34.15
N LEU K 383 47.31 14.97 -35.08
CA LEU K 383 48.59 15.65 -34.95
C LEU K 383 48.48 16.66 -33.82
N LEU K 384 47.34 17.32 -33.75
CA LEU K 384 47.11 18.31 -32.73
C LEU K 384 47.04 17.71 -31.31
N ASN K 385 46.65 16.44 -31.19
CA ASN K 385 46.54 15.78 -29.88
C ASN K 385 47.60 14.75 -29.58
N TYR K 386 48.03 14.02 -30.60
CA TYR K 386 49.05 12.99 -30.43
C TYR K 386 50.34 13.42 -31.13
N GLY K 387 50.26 14.53 -31.84
CA GLY K 387 51.43 15.03 -32.56
C GLY K 387 51.88 14.03 -33.60
N ARG K 388 50.92 13.29 -34.14
CA ARG K 388 51.20 12.28 -35.15
C ARG K 388 49.90 11.58 -35.46
N ARG K 389 49.81 11.01 -36.65
CA ARG K 389 48.60 10.29 -37.05
C ARG K 389 48.71 8.88 -36.51
N ILE K 390 47.58 8.32 -36.09
CA ILE K 390 47.56 6.95 -35.60
C ILE K 390 46.70 6.14 -36.56
N SER K 391 47.34 5.21 -37.27
CA SER K 391 46.64 4.37 -38.25
C SER K 391 45.51 3.54 -37.64
N LEU K 392 44.65 3.01 -38.51
CA LEU K 392 43.56 2.17 -38.06
C LEU K 392 44.20 0.85 -37.62
N GLU K 393 45.35 0.56 -38.20
CA GLU K 393 46.06 -0.66 -37.86
C GLU K 393 46.65 -0.60 -36.47
N GLU K 394 47.07 0.58 -36.05
CA GLU K 394 47.64 0.73 -34.72
C GLU K 394 46.47 0.56 -33.74
N TRP K 395 45.43 1.38 -33.93
CA TRP K 395 44.23 1.33 -33.09
C TRP K 395 43.77 -0.13 -32.95
N ASP K 396 43.61 -0.81 -34.09
CA ASP K 396 43.17 -2.19 -34.05
C ASP K 396 44.14 -3.03 -33.23
N SER K 397 45.42 -2.69 -33.31
CA SER K 397 46.44 -3.42 -32.56
C SER K 397 46.19 -3.27 -31.05
N ARG K 398 45.94 -2.04 -30.65
CA ARG K 398 45.68 -1.71 -29.25
C ARG K 398 44.35 -2.32 -28.80
N ILE K 399 43.31 -2.14 -29.62
CA ILE K 399 42.00 -2.68 -29.30
C ILE K 399 42.10 -4.19 -29.08
N SER K 400 42.84 -4.87 -29.97
CA SER K 400 42.99 -6.31 -29.87
C SER K 400 43.59 -6.82 -28.57
N ALA K 401 44.40 -5.98 -27.92
CA ALA K 401 45.06 -6.37 -26.68
C ALA K 401 44.14 -6.33 -25.46
N VAL K 402 43.04 -5.60 -25.58
CA VAL K 402 42.09 -5.46 -24.48
C VAL K 402 41.31 -6.72 -24.12
N ASP K 403 41.23 -7.02 -22.83
CA ASP K 403 40.45 -8.16 -22.35
C ASP K 403 39.60 -7.78 -21.13
N ALA K 404 38.74 -8.71 -20.70
CA ALA K 404 37.87 -8.45 -19.57
C ALA K 404 38.64 -7.93 -18.37
N ARG K 405 39.71 -8.63 -17.98
CA ARG K 405 40.50 -8.19 -16.83
C ARG K 405 40.98 -6.75 -16.95
N MET K 406 41.41 -6.38 -18.16
CA MET K 406 41.90 -5.05 -18.42
C MET K 406 40.81 -4.01 -18.26
N VAL K 407 39.61 -4.33 -18.76
CA VAL K 407 38.48 -3.41 -18.66
C VAL K 407 38.12 -3.16 -17.20
N ARG K 408 38.16 -4.24 -16.41
CA ARG K 408 37.86 -4.13 -15.00
C ARG K 408 38.88 -3.23 -14.27
N ASP K 409 40.17 -3.54 -14.41
CA ASP K 409 41.19 -2.74 -13.75
C ASP K 409 41.12 -1.29 -14.15
N VAL K 410 41.07 -1.01 -15.45
CA VAL K 410 41.01 0.37 -15.91
C VAL K 410 39.76 1.07 -15.39
N CYS K 411 38.60 0.42 -15.54
CA CYS K 411 37.33 0.98 -15.07
C CYS K 411 37.32 1.14 -13.55
N SER K 412 37.88 0.17 -12.85
CA SER K 412 37.94 0.26 -11.40
C SER K 412 38.78 1.48 -11.10
N LYS K 413 39.80 1.69 -11.94
CA LYS K 413 40.72 2.81 -11.79
C LYS K 413 40.07 4.18 -11.87
N TYR K 414 39.27 4.42 -12.91
CA TYR K 414 38.64 5.73 -13.06
C TYR K 414 37.25 5.87 -12.46
N ILE K 415 36.56 4.76 -12.21
CA ILE K 415 35.19 4.80 -11.70
C ILE K 415 34.93 4.42 -10.25
N TYR K 416 35.40 3.24 -9.85
CA TYR K 416 35.13 2.75 -8.52
C TYR K 416 35.41 3.68 -7.35
N ASP K 417 34.39 3.89 -6.54
CA ASP K 417 34.43 4.76 -5.35
C ASP K 417 34.96 6.16 -5.64
N LYS K 418 34.59 6.73 -6.78
CA LYS K 418 35.03 8.08 -7.12
C LYS K 418 33.91 9.06 -6.81
N CYS K 419 34.22 10.35 -6.74
CA CYS K 419 33.17 11.35 -6.50
C CYS K 419 32.86 11.89 -7.89
N PRO K 420 31.64 11.65 -8.36
CA PRO K 420 31.26 12.12 -9.69
C PRO K 420 30.83 13.57 -9.81
N ALA K 421 30.61 13.97 -11.05
CA ALA K 421 30.15 15.29 -11.35
C ALA K 421 28.76 15.06 -11.90
N LEU K 422 27.81 15.83 -11.41
CA LEU K 422 26.45 15.65 -11.83
C LEU K 422 25.76 16.91 -12.30
N ALA K 423 25.03 16.79 -13.40
CA ALA K 423 24.27 17.89 -13.95
C ALA K 423 22.85 17.39 -14.25
N ALA K 424 21.85 18.00 -13.65
CA ALA K 424 20.47 17.61 -13.88
C ALA K 424 19.62 18.82 -14.26
N VAL K 425 18.90 18.71 -15.37
CA VAL K 425 18.06 19.79 -15.84
C VAL K 425 16.63 19.33 -16.10
N GLY K 426 15.65 20.17 -15.80
CA GLY K 426 14.26 19.82 -16.03
C GLY K 426 13.47 19.44 -14.79
N PRO K 427 12.50 18.51 -14.91
CA PRO K 427 11.65 18.02 -13.81
C PRO K 427 12.40 16.90 -13.09
N ILE K 428 13.42 17.29 -12.33
CA ILE K 428 14.31 16.38 -11.63
C ILE K 428 14.06 16.06 -10.16
N GLU K 429 12.86 16.30 -9.66
CA GLU K 429 12.60 16.02 -8.24
C GLU K 429 12.82 14.58 -7.80
N GLN K 430 12.63 13.62 -8.70
CA GLN K 430 12.79 12.22 -8.32
C GLN K 430 14.26 11.78 -8.22
N LEU K 431 15.17 12.56 -8.79
CA LEU K 431 16.58 12.20 -8.73
C LEU K 431 17.07 12.38 -7.30
N LEU K 432 17.48 11.28 -6.66
CA LEU K 432 17.94 11.37 -5.27
C LEU K 432 19.21 12.18 -5.08
N ASP K 433 19.43 12.62 -3.85
CA ASP K 433 20.58 13.46 -3.52
C ASP K 433 21.95 12.89 -3.83
N TYR K 434 22.95 13.77 -3.82
CA TYR K 434 24.33 13.44 -4.11
C TYR K 434 24.84 12.26 -3.31
N ASN K 435 24.58 12.30 -1.99
CA ASN K 435 25.05 11.23 -1.13
C ASN K 435 24.55 9.88 -1.61
N ARG K 436 23.27 9.81 -1.96
CA ARG K 436 22.73 8.56 -2.46
C ARG K 436 23.44 8.17 -3.74
N ILE K 437 23.61 9.12 -4.65
CA ILE K 437 24.30 8.83 -5.91
C ILE K 437 25.73 8.42 -5.64
N ARG K 438 26.37 9.11 -4.70
CA ARG K 438 27.76 8.81 -4.36
C ARG K 438 27.92 7.35 -3.93
N SER K 439 26.89 6.81 -3.27
CA SER K 439 26.91 5.44 -2.81
C SER K 439 26.78 4.46 -3.96
N GLY K 440 26.18 4.92 -5.06
CA GLY K 440 26.05 4.07 -6.23
C GLY K 440 27.40 3.90 -6.90
N MET K 441 28.44 4.49 -6.32
CA MET K 441 29.77 4.41 -6.90
C MET K 441 30.59 3.24 -6.39
N TYR K 442 30.02 2.42 -5.50
CA TYR K 442 30.73 1.24 -5.00
C TYR K 442 29.84 0.04 -4.69
N TRP K 443 30.45 -1.14 -4.83
CA TRP K 443 29.83 -2.46 -4.59
C TRP K 443 28.73 -2.85 -5.58
N ILE K 444 29.00 -3.82 -6.45
CA ILE K 444 28.03 -4.34 -7.43
C ILE K 444 28.67 -4.84 -8.73
N CYS L 20 48.93 -7.71 -51.61
CA CYS L 20 48.93 -6.22 -51.48
C CYS L 20 48.06 -5.61 -52.59
N PRO L 21 46.76 -5.38 -52.28
CA PRO L 21 45.68 -4.81 -53.12
C PRO L 21 45.85 -3.46 -53.83
N GLY L 22 45.12 -3.29 -54.93
CA GLY L 22 45.18 -2.06 -55.69
C GLY L 22 43.84 -1.53 -56.18
N ALA L 23 43.68 -1.45 -57.51
CA ALA L 23 42.45 -0.96 -58.14
C ALA L 23 41.44 -2.09 -58.33
N GLU L 24 40.29 -1.78 -58.94
CA GLU L 24 39.26 -2.80 -59.15
C GLU L 24 38.12 -2.40 -60.09
N ASP L 25 37.43 -3.40 -60.63
CA ASP L 25 36.30 -3.17 -61.53
C ASP L 25 34.95 -3.25 -60.81
N LEU L 26 34.00 -2.48 -61.32
CA LEU L 26 32.65 -2.45 -60.77
C LEU L 26 31.76 -3.41 -61.55
N GLU L 27 31.97 -4.71 -61.33
CA GLU L 27 31.19 -5.74 -62.03
C GLU L 27 29.69 -5.56 -61.83
N ILE L 28 28.88 -6.37 -62.51
CA ILE L 28 27.44 -6.23 -62.39
C ILE L 28 26.66 -7.28 -63.21
N THR L 29 26.56 -8.48 -62.67
CA THR L 29 25.84 -9.59 -63.32
C THR L 29 24.34 -9.28 -63.35
N LYS L 30 23.54 -10.25 -63.78
CA LYS L 30 22.07 -10.10 -63.86
C LYS L 30 21.40 -11.43 -64.16
N LEU L 31 21.32 -12.28 -63.14
CA LEU L 31 20.70 -13.60 -63.25
C LEU L 31 19.47 -13.67 -64.15
N PRO L 32 19.17 -14.87 -64.67
CA PRO L 32 18.02 -15.11 -65.55
C PRO L 32 16.67 -14.69 -64.98
N ASN L 33 16.49 -14.78 -63.67
CA ASN L 33 15.22 -14.41 -63.06
C ASN L 33 15.00 -12.90 -62.96
N GLY L 34 16.00 -12.11 -63.38
CA GLY L 34 15.86 -10.67 -63.34
C GLY L 34 16.57 -10.00 -62.20
N LEU L 35 17.07 -10.79 -61.26
CA LEU L 35 17.79 -10.24 -60.12
C LEU L 35 19.10 -9.61 -60.61
N ILE L 36 19.34 -8.36 -60.22
CA ILE L 36 20.56 -7.67 -60.62
C ILE L 36 21.58 -7.70 -59.48
N ILE L 37 22.82 -8.01 -59.84
CA ILE L 37 23.91 -8.09 -58.87
C ILE L 37 25.06 -7.16 -59.23
N ALA L 38 25.28 -6.12 -58.43
CA ALA L 38 26.35 -5.16 -58.66
C ALA L 38 27.32 -5.14 -57.47
N SER L 39 28.59 -5.44 -57.70
CA SER L 39 29.57 -5.42 -56.63
C SER L 39 30.71 -4.46 -56.95
N LEU L 40 31.62 -4.29 -55.99
CA LEU L 40 32.76 -3.40 -56.16
C LEU L 40 33.74 -3.55 -55.02
N GLU L 41 34.96 -3.95 -55.33
CA GLU L 41 35.99 -4.10 -54.33
C GLU L 41 36.81 -2.82 -54.24
N ASN L 42 36.81 -2.20 -53.07
CA ASN L 42 37.56 -0.97 -52.85
C ASN L 42 38.55 -1.25 -51.74
N PHE L 43 38.64 -2.53 -51.38
CA PHE L 43 39.53 -3.01 -50.34
C PHE L 43 39.38 -2.30 -49.00
N SER L 44 38.25 -1.63 -48.82
CA SER L 44 37.98 -0.94 -47.56
C SER L 44 37.83 -2.00 -46.47
N PRO L 45 38.29 -1.70 -45.25
CA PRO L 45 38.17 -2.67 -44.16
C PRO L 45 36.71 -2.96 -43.79
N ALA L 46 35.80 -2.16 -44.31
CA ALA L 46 34.37 -2.33 -44.03
C ALA L 46 33.55 -2.56 -45.28
N SER L 47 32.70 -3.59 -45.23
CA SER L 47 31.83 -3.94 -46.34
C SER L 47 30.42 -3.39 -46.05
N ARG L 48 29.70 -3.03 -47.09
CA ARG L 48 28.35 -2.52 -46.92
C ARG L 48 27.43 -3.08 -48.00
N ILE L 49 26.82 -4.22 -47.70
CA ILE L 49 25.91 -4.86 -48.64
C ILE L 49 24.50 -4.31 -48.47
N GLY L 50 23.69 -4.46 -49.49
CA GLY L 50 22.32 -3.97 -49.43
C GLY L 50 21.41 -4.61 -50.46
N VAL L 51 20.12 -4.63 -50.14
CA VAL L 51 19.12 -5.20 -51.03
C VAL L 51 18.20 -4.04 -51.45
N PHE L 52 18.38 -3.56 -52.68
CA PHE L 52 17.56 -2.46 -53.19
C PHE L 52 16.32 -3.07 -53.79
N ILE L 53 15.19 -2.40 -53.63
CA ILE L 53 13.92 -2.92 -54.12
C ILE L 53 12.97 -1.80 -54.55
N LYS L 54 12.18 -2.08 -55.60
CA LYS L 54 11.20 -1.10 -56.07
C LYS L 54 9.91 -1.34 -55.30
N ALA L 55 9.82 -0.78 -54.09
CA ALA L 55 8.62 -0.94 -53.26
C ALA L 55 8.42 0.39 -52.54
N GLY L 56 7.30 0.56 -51.85
CA GLY L 56 7.07 1.82 -51.16
C GLY L 56 5.61 2.16 -51.01
N SER L 57 5.31 3.23 -50.29
CA SER L 57 3.92 3.64 -50.08
C SER L 57 3.21 3.88 -51.40
N ARG L 58 4.02 4.05 -52.45
CA ARG L 58 3.51 4.27 -53.79
C ARG L 58 2.59 3.13 -54.21
N TYR L 59 2.96 1.90 -53.87
CA TYR L 59 2.19 0.71 -54.22
C TYR L 59 1.04 0.38 -53.27
N GLU L 60 0.87 1.18 -52.22
CA GLU L 60 -0.23 0.93 -51.29
C GLU L 60 -1.50 1.50 -51.92
N THR L 61 -2.65 1.04 -51.46
CA THR L 61 -3.93 1.57 -51.92
C THR L 61 -4.61 1.96 -50.63
N THR L 62 -5.76 2.63 -50.74
CA THR L 62 -6.48 3.06 -49.56
C THR L 62 -6.53 1.96 -48.49
N ALA L 63 -6.90 0.76 -48.92
CA ALA L 63 -7.04 -0.40 -48.04
C ALA L 63 -5.84 -0.78 -47.18
N ASN L 64 -4.62 -0.63 -47.71
CA ASN L 64 -3.46 -1.01 -46.92
C ASN L 64 -2.47 0.12 -46.65
N LEU L 65 -2.97 1.36 -46.63
CA LEU L 65 -2.13 2.53 -46.37
C LEU L 65 -1.29 2.30 -45.14
N GLY L 66 -0.05 2.79 -45.19
CA GLY L 66 0.87 2.66 -44.07
C GLY L 66 1.54 1.32 -43.92
N THR L 67 1.07 0.32 -44.65
CA THR L 67 1.65 -1.01 -44.55
C THR L 67 3.17 -1.02 -44.85
N ALA L 68 3.60 -0.19 -45.79
CA ALA L 68 5.02 -0.13 -46.14
C ALA L 68 5.85 0.52 -45.01
N HIS L 69 5.24 1.45 -44.28
CA HIS L 69 5.95 2.08 -43.16
C HIS L 69 6.23 1.01 -42.10
N LEU L 70 5.18 0.30 -41.69
CA LEU L 70 5.30 -0.75 -40.68
C LEU L 70 6.27 -1.83 -41.11
N LEU L 71 6.28 -2.13 -42.40
CA LEU L 71 7.18 -3.14 -42.93
C LEU L 71 8.63 -2.70 -42.69
N ARG L 72 8.87 -1.40 -42.87
CA ARG L 72 10.18 -0.80 -42.66
C ARG L 72 10.63 -1.06 -41.21
N LEU L 73 9.71 -0.91 -40.26
CA LEU L 73 10.01 -1.13 -38.84
C LEU L 73 10.06 -2.59 -38.44
N ALA L 74 9.53 -3.46 -39.30
CA ALA L 74 9.46 -4.89 -39.01
C ALA L 74 10.73 -5.65 -39.29
N SER L 75 11.76 -4.95 -39.73
CA SER L 75 13.02 -5.59 -40.04
C SER L 75 13.58 -6.49 -38.93
N PRO L 76 13.35 -6.14 -37.65
CA PRO L 76 13.89 -6.98 -36.57
C PRO L 76 13.04 -8.18 -36.12
N LEU L 77 11.86 -8.36 -36.71
CA LEU L 77 10.96 -9.47 -36.35
C LEU L 77 11.51 -10.83 -36.75
N THR L 78 11.02 -11.90 -36.15
CA THR L 78 11.57 -13.22 -36.48
C THR L 78 11.29 -13.65 -37.91
N THR L 79 12.20 -14.46 -38.43
CA THR L 79 12.10 -14.98 -39.79
C THR L 79 12.11 -16.50 -39.73
N LYS L 80 12.07 -17.15 -40.88
CA LYS L 80 12.07 -18.61 -40.90
C LYS L 80 13.46 -19.11 -40.54
N GLY L 81 14.46 -18.28 -40.77
CA GLY L 81 15.82 -18.68 -40.51
C GLY L 81 16.43 -18.16 -39.23
N ALA L 82 15.97 -17.01 -38.77
CA ALA L 82 16.53 -16.46 -37.56
C ALA L 82 15.45 -15.86 -36.70
N SER L 83 15.62 -15.94 -35.39
CA SER L 83 14.64 -15.36 -34.50
C SER L 83 14.97 -13.90 -34.25
N SER L 84 13.94 -13.14 -33.91
CA SER L 84 14.06 -11.72 -33.61
C SER L 84 15.28 -11.53 -32.71
N PHE L 85 15.40 -12.42 -31.73
CA PHE L 85 16.49 -12.39 -30.78
C PHE L 85 17.85 -12.57 -31.45
N ARG L 86 17.99 -13.60 -32.27
CA ARG L 86 19.28 -13.83 -32.91
C ARG L 86 19.64 -12.80 -33.97
N ILE L 87 18.64 -12.23 -34.63
CA ILE L 87 18.92 -11.23 -35.64
C ILE L 87 19.64 -10.05 -34.97
N THR L 88 19.12 -9.59 -33.84
CA THR L 88 19.72 -8.46 -33.14
C THR L 88 21.02 -8.85 -32.45
N ARG L 89 21.02 -9.95 -31.72
CA ARG L 89 22.21 -10.40 -31.04
C ARG L 89 23.31 -10.78 -32.04
N GLY L 90 22.92 -11.49 -33.08
CA GLY L 90 23.88 -11.94 -34.09
C GLY L 90 24.62 -10.81 -34.76
N ILE L 91 23.88 -9.83 -35.26
CA ILE L 91 24.50 -8.69 -35.92
C ILE L 91 25.36 -7.88 -34.97
N GLU L 92 24.93 -7.73 -33.72
CA GLU L 92 25.70 -6.97 -32.75
C GLU L 92 26.92 -7.75 -32.31
N ALA L 93 26.84 -9.08 -32.38
CA ALA L 93 27.95 -9.93 -31.96
C ALA L 93 29.24 -9.56 -32.67
N VAL L 94 29.11 -9.11 -33.91
CA VAL L 94 30.27 -8.75 -34.70
C VAL L 94 30.28 -7.28 -35.11
N GLY L 95 29.92 -6.41 -34.18
CA GLY L 95 29.91 -4.98 -34.44
C GLY L 95 29.20 -4.55 -35.71
N GLY L 96 28.26 -5.37 -36.18
CA GLY L 96 27.56 -5.01 -37.39
C GLY L 96 26.35 -4.12 -37.14
N SER L 97 25.69 -3.72 -38.22
CA SER L 97 24.49 -2.90 -38.11
C SER L 97 23.48 -3.34 -39.20
N LEU L 98 22.22 -3.00 -38.99
CA LEU L 98 21.16 -3.35 -39.93
C LEU L 98 20.17 -2.22 -39.95
N SER L 99 19.91 -1.66 -41.12
CA SER L 99 18.96 -0.57 -41.20
C SER L 99 18.16 -0.64 -42.50
N VAL L 100 17.08 0.13 -42.58
CA VAL L 100 16.24 0.11 -43.77
C VAL L 100 15.83 1.53 -44.13
N TYR L 101 16.18 1.97 -45.33
CA TYR L 101 15.80 3.31 -45.76
C TYR L 101 14.80 3.16 -46.87
N SER L 102 13.89 4.12 -46.98
CA SER L 102 12.89 4.03 -48.04
C SER L 102 12.32 5.38 -48.48
N THR L 103 11.86 5.42 -49.73
CA THR L 103 11.24 6.61 -50.31
C THR L 103 9.86 6.13 -50.70
N ARG L 104 9.06 7.01 -51.30
CA ARG L 104 7.72 6.62 -51.70
C ARG L 104 7.79 5.48 -52.68
N GLU L 105 8.92 5.31 -53.36
CA GLU L 105 9.02 4.24 -54.34
C GLU L 105 10.18 3.27 -54.30
N LYS L 106 10.99 3.31 -53.25
CA LYS L 106 12.08 2.33 -53.16
C LYS L 106 12.46 2.04 -51.72
N MET L 107 12.81 0.78 -51.45
CA MET L 107 13.20 0.35 -50.12
C MET L 107 14.57 -0.31 -50.13
N THR L 108 15.46 0.16 -49.26
CA THR L 108 16.81 -0.37 -49.21
C THR L 108 17.14 -0.95 -47.84
N TYR L 109 17.54 -2.23 -47.84
CA TYR L 109 17.91 -2.95 -46.62
C TYR L 109 19.40 -3.17 -46.69
N CYS L 110 20.16 -2.41 -45.91
CA CYS L 110 21.60 -2.59 -45.93
C CYS L 110 22.20 -2.93 -44.58
N VAL L 111 23.31 -3.63 -44.62
CA VAL L 111 24.05 -4.04 -43.43
C VAL L 111 25.51 -3.64 -43.60
N GLU L 112 26.13 -3.15 -42.53
CA GLU L 112 27.54 -2.77 -42.56
C GLU L 112 28.27 -3.56 -41.51
N CYS L 113 29.50 -3.95 -41.79
CA CYS L 113 30.29 -4.69 -40.83
C CYS L 113 31.72 -4.81 -41.35
N LEU L 114 32.61 -5.31 -40.51
CA LEU L 114 34.00 -5.47 -40.91
C LEU L 114 34.08 -6.65 -41.88
N ARG L 115 34.91 -6.48 -42.90
CA ARG L 115 35.11 -7.48 -43.94
C ARG L 115 34.98 -8.94 -43.51
N ASP L 116 35.75 -9.33 -42.50
CA ASP L 116 35.75 -10.72 -42.06
C ASP L 116 34.43 -11.25 -41.52
N HIS L 117 33.36 -10.47 -41.59
CA HIS L 117 32.09 -10.92 -41.07
C HIS L 117 30.96 -10.90 -42.07
N VAL L 118 31.26 -10.54 -43.30
CA VAL L 118 30.24 -10.46 -44.32
C VAL L 118 29.36 -11.72 -44.37
N ASP L 119 29.96 -12.90 -44.25
CA ASP L 119 29.21 -14.15 -44.27
C ASP L 119 28.15 -14.20 -43.17
N THR L 120 28.58 -13.85 -41.98
CA THR L 120 27.73 -13.83 -40.80
C THR L 120 26.54 -12.92 -41.04
N VAL L 121 26.82 -11.62 -41.14
CA VAL L 121 25.80 -10.60 -41.36
C VAL L 121 24.87 -10.90 -42.55
N MET L 122 25.39 -11.57 -43.56
CA MET L 122 24.58 -11.86 -44.74
C MET L 122 23.35 -12.73 -44.47
N GLU L 123 23.52 -13.77 -43.66
CA GLU L 123 22.42 -14.67 -43.33
C GLU L 123 21.21 -13.87 -42.87
N TYR L 124 21.47 -12.86 -42.05
CA TYR L 124 20.40 -12.03 -41.53
C TYR L 124 19.76 -11.19 -42.61
N LEU L 125 20.57 -10.46 -43.38
CA LEU L 125 20.04 -9.62 -44.44
C LEU L 125 19.13 -10.45 -45.34
N LEU L 126 19.57 -11.66 -45.62
CA LEU L 126 18.83 -12.59 -46.46
C LEU L 126 17.46 -12.89 -45.85
N ASN L 127 17.48 -13.48 -44.65
CA ASN L 127 16.27 -13.85 -43.91
C ASN L 127 15.24 -12.74 -43.78
N VAL L 128 15.70 -11.55 -43.47
CA VAL L 128 14.82 -10.42 -43.31
C VAL L 128 14.08 -10.03 -44.59
N THR L 129 14.77 -10.07 -45.72
CA THR L 129 14.14 -9.68 -46.99
C THR L 129 13.41 -10.79 -47.73
N THR L 130 13.73 -12.04 -47.43
CA THR L 130 13.08 -13.11 -48.16
C THR L 130 12.31 -14.13 -47.31
N ALA L 131 12.59 -14.19 -46.02
CA ALA L 131 11.92 -15.16 -45.17
C ALA L 131 11.24 -14.61 -43.93
N PRO L 132 10.56 -13.46 -44.04
CA PRO L 132 9.88 -12.90 -42.86
C PRO L 132 8.68 -13.76 -42.45
N GLU L 133 8.42 -13.87 -41.15
CA GLU L 133 7.29 -14.65 -40.68
C GLU L 133 6.10 -13.81 -40.22
N PHE L 134 6.35 -12.52 -40.00
CA PHE L 134 5.32 -11.57 -39.55
C PHE L 134 4.35 -12.19 -38.57
N ARG L 135 4.88 -12.85 -37.54
CA ARG L 135 4.07 -13.49 -36.50
C ARG L 135 3.07 -12.48 -35.98
N PRO L 136 1.79 -12.87 -35.92
CA PRO L 136 0.71 -11.98 -35.44
C PRO L 136 1.06 -11.22 -34.17
N TRP L 137 1.50 -11.92 -33.13
CA TRP L 137 1.80 -11.24 -31.88
C TRP L 137 2.95 -10.24 -31.98
N GLU L 138 4.04 -10.61 -32.67
CA GLU L 138 5.16 -9.70 -32.81
C GLU L 138 4.69 -8.42 -33.52
N VAL L 139 3.84 -8.59 -34.52
CA VAL L 139 3.31 -7.47 -35.28
C VAL L 139 2.42 -6.57 -34.43
N THR L 140 1.56 -7.17 -33.62
CA THR L 140 0.67 -6.40 -32.77
C THR L 140 1.48 -5.51 -31.82
N ASP L 141 2.55 -6.11 -31.28
CA ASP L 141 3.44 -5.43 -30.35
C ASP L 141 4.20 -4.26 -30.96
N LEU L 142 4.55 -4.42 -32.23
CA LEU L 142 5.29 -3.41 -32.95
C LEU L 142 4.52 -2.19 -33.41
N GLN L 143 3.26 -2.38 -33.81
CA GLN L 143 2.49 -1.28 -34.32
C GLN L 143 2.44 -0.03 -33.49
N PRO L 144 2.38 -0.15 -32.16
CA PRO L 144 2.36 1.15 -31.46
C PRO L 144 3.61 1.99 -31.73
N GLN L 145 4.65 1.34 -32.23
CA GLN L 145 5.91 2.02 -32.55
C GLN L 145 5.71 3.06 -33.67
N LEU L 146 4.80 2.75 -34.58
CA LEU L 146 4.51 3.66 -35.68
C LEU L 146 4.21 5.04 -35.12
N LYS L 147 3.49 5.10 -33.99
CA LYS L 147 3.19 6.40 -33.39
C LYS L 147 4.46 7.12 -33.01
N VAL L 148 5.35 6.42 -32.32
CA VAL L 148 6.61 7.00 -31.86
C VAL L 148 7.48 7.43 -33.03
N ASP L 149 7.77 6.49 -33.92
CA ASP L 149 8.62 6.75 -35.06
C ASP L 149 8.16 7.99 -35.79
N LYS L 150 6.85 8.07 -35.99
CA LYS L 150 6.21 9.18 -36.68
C LYS L 150 6.27 10.47 -35.88
N ALA L 151 6.11 10.38 -34.56
CA ALA L 151 6.17 11.58 -33.73
C ALA L 151 7.55 12.24 -33.78
N VAL L 152 8.62 11.44 -33.81
CA VAL L 152 9.95 12.04 -33.85
C VAL L 152 10.22 12.61 -35.22
N ALA L 153 9.75 11.92 -36.26
CA ALA L 153 9.96 12.39 -37.63
C ALA L 153 9.32 13.75 -37.83
N PHE L 154 8.08 13.89 -37.37
CA PHE L 154 7.34 15.14 -37.52
C PHE L 154 7.82 16.33 -36.69
N GLN L 155 8.94 16.18 -35.99
CA GLN L 155 9.45 17.30 -35.20
C GLN L 155 10.04 18.34 -36.16
N SER L 156 10.43 17.86 -37.35
CA SER L 156 10.97 18.72 -38.40
C SER L 156 9.73 19.14 -39.20
N PRO L 157 9.43 20.45 -39.29
CA PRO L 157 8.23 20.88 -40.06
C PRO L 157 8.36 20.43 -41.51
N GLN L 158 9.61 20.38 -41.96
CA GLN L 158 9.98 19.95 -43.30
C GLN L 158 9.13 18.73 -43.67
N VAL L 159 9.25 17.66 -42.89
CA VAL L 159 8.52 16.40 -43.13
C VAL L 159 6.99 16.53 -43.30
N GLY L 160 6.36 17.33 -42.45
CA GLY L 160 4.93 17.51 -42.54
C GLY L 160 4.45 18.12 -43.85
N VAL L 161 5.10 19.20 -44.28
CA VAL L 161 4.71 19.88 -45.51
C VAL L 161 5.01 19.04 -46.76
N LEU L 162 6.09 18.27 -46.73
CA LEU L 162 6.39 17.43 -47.89
C LEU L 162 5.32 16.33 -48.02
N GLU L 163 4.80 15.87 -46.88
CA GLU L 163 3.75 14.86 -46.89
C GLU L 163 2.53 15.49 -47.55
N ASN L 164 2.13 16.65 -47.06
CA ASN L 164 0.99 17.35 -47.63
C ASN L 164 1.24 17.73 -49.08
N LEU L 165 2.49 18.07 -49.38
CA LEU L 165 2.85 18.45 -50.74
C LEU L 165 2.48 17.33 -51.69
N HIS L 166 3.06 16.15 -51.50
CA HIS L 166 2.75 15.03 -52.38
C HIS L 166 1.24 14.73 -52.41
N ALA L 167 0.54 15.09 -51.33
CA ALA L 167 -0.90 14.85 -51.26
C ALA L 167 -1.64 15.86 -52.11
N ALA L 168 -1.03 17.02 -52.31
CA ALA L 168 -1.62 18.07 -53.14
C ALA L 168 -1.16 17.92 -54.58
N ALA L 169 0.06 17.42 -54.75
CA ALA L 169 0.63 17.23 -56.08
C ALA L 169 -0.03 16.12 -56.86
N TYR L 170 -0.39 15.05 -56.17
CA TYR L 170 -1.01 13.90 -56.84
C TYR L 170 -2.37 13.49 -56.31
N LYS L 171 -3.04 12.63 -57.05
CA LYS L 171 -4.34 12.12 -56.65
C LYS L 171 -4.14 10.69 -56.22
N THR L 172 -3.03 10.09 -56.69
CA THR L 172 -2.74 8.70 -56.37
C THR L 172 -1.25 8.36 -56.27
N ALA L 173 -0.98 7.08 -56.00
CA ALA L 173 0.38 6.53 -55.86
C ALA L 173 1.36 7.38 -55.05
N LEU L 174 1.97 8.36 -55.71
CA LEU L 174 2.93 9.22 -55.03
C LEU L 174 2.25 10.12 -54.02
N ALA L 175 0.93 10.20 -54.08
CA ALA L 175 0.21 11.03 -53.14
C ALA L 175 0.21 10.39 -51.75
N ASN L 176 0.38 9.06 -51.73
CA ASN L 176 0.40 8.32 -50.48
C ASN L 176 1.50 8.82 -49.55
N PRO L 177 1.18 9.01 -48.26
CA PRO L 177 2.14 9.50 -47.27
C PRO L 177 3.25 8.49 -47.00
N LEU L 178 4.42 8.98 -46.59
CA LEU L 178 5.56 8.10 -46.32
C LEU L 178 5.47 7.47 -44.91
N TYR L 179 4.66 8.09 -44.06
CA TYR L 179 4.46 7.62 -42.69
C TYR L 179 3.01 7.22 -42.50
N CYS L 180 2.82 6.03 -41.95
CA CYS L 180 1.49 5.48 -41.69
C CYS L 180 0.48 6.44 -41.09
N PRO L 181 -0.64 6.67 -41.78
CA PRO L 181 -1.63 7.58 -41.22
C PRO L 181 -2.11 7.10 -39.84
N ASP L 182 -2.50 8.03 -38.99
CA ASP L 182 -2.95 7.71 -37.64
C ASP L 182 -4.11 6.72 -37.54
N TYR L 183 -5.18 6.93 -38.29
CA TYR L 183 -6.31 6.01 -38.22
C TYR L 183 -5.94 4.55 -38.50
N ARG L 184 -4.75 4.31 -39.06
CA ARG L 184 -4.36 2.93 -39.34
C ARG L 184 -3.32 2.32 -38.42
N ILE L 185 -2.82 3.10 -37.48
CA ILE L 185 -1.83 2.58 -36.53
C ILE L 185 -2.61 1.53 -35.74
N GLY L 186 -2.14 0.29 -35.78
CA GLY L 186 -2.82 -0.77 -35.06
C GLY L 186 -3.74 -1.62 -35.92
N LYS L 187 -4.05 -1.16 -37.13
CA LYS L 187 -4.94 -1.90 -38.01
C LYS L 187 -4.27 -2.66 -39.14
N ILE L 188 -2.97 -2.46 -39.33
CA ILE L 188 -2.27 -3.18 -40.38
C ILE L 188 -2.21 -4.64 -39.93
N THR L 189 -2.28 -5.57 -40.86
CA THR L 189 -2.27 -6.98 -40.50
C THR L 189 -1.07 -7.73 -41.04
N SER L 190 -0.81 -8.92 -40.47
CA SER L 190 0.28 -9.75 -40.92
C SER L 190 0.04 -10.16 -42.35
N GLU L 191 -1.24 -10.38 -42.69
CA GLU L 191 -1.58 -10.76 -44.05
C GLU L 191 -1.22 -9.63 -45.00
N GLN L 192 -1.47 -8.40 -44.56
CA GLN L 192 -1.13 -7.27 -45.42
C GLN L 192 0.38 -7.17 -45.60
N LEU L 193 1.13 -7.42 -44.55
CA LEU L 193 2.59 -7.36 -44.66
C LEU L 193 3.06 -8.47 -45.59
N HIS L 194 2.52 -9.67 -45.42
CA HIS L 194 2.90 -10.78 -46.28
C HIS L 194 2.57 -10.51 -47.73
N HIS L 195 1.32 -10.13 -48.01
CA HIS L 195 0.93 -9.86 -49.38
C HIS L 195 1.75 -8.74 -50.00
N PHE L 196 2.14 -7.77 -49.19
CA PHE L 196 2.96 -6.66 -49.71
C PHE L 196 4.31 -7.21 -50.13
N VAL L 197 4.96 -7.95 -49.25
CA VAL L 197 6.24 -8.54 -49.56
C VAL L 197 6.16 -9.46 -50.78
N GLN L 198 5.12 -10.29 -50.84
CA GLN L 198 4.93 -11.24 -51.94
C GLN L 198 4.69 -10.57 -53.28
N ASN L 199 3.88 -9.52 -53.30
CA ASN L 199 3.57 -8.84 -54.55
C ASN L 199 4.54 -7.69 -54.90
N ASN L 200 5.62 -7.52 -54.15
CA ASN L 200 6.55 -6.43 -54.42
C ASN L 200 8.02 -6.83 -54.30
N PHE L 201 8.34 -7.70 -53.35
CA PHE L 201 9.73 -8.14 -53.19
C PHE L 201 9.99 -9.31 -54.11
N THR L 202 9.94 -9.03 -55.41
CA THR L 202 10.17 -10.06 -56.44
C THR L 202 11.56 -9.89 -57.05
N SER L 203 12.17 -11.00 -57.46
CA SER L 203 13.52 -10.99 -58.05
C SER L 203 13.77 -9.98 -59.17
N ALA L 204 12.72 -9.64 -59.91
CA ALA L 204 12.84 -8.69 -61.01
C ALA L 204 12.67 -7.23 -60.59
N ARG L 205 12.42 -7.01 -59.29
CA ARG L 205 12.24 -5.66 -58.75
C ARG L 205 13.30 -5.41 -57.70
N MET L 206 14.14 -6.41 -57.47
CA MET L 206 15.21 -6.35 -56.48
C MET L 206 16.60 -6.31 -57.08
N ALA L 207 17.56 -5.87 -56.26
CA ALA L 207 18.97 -5.79 -56.66
C ALA L 207 19.84 -5.96 -55.41
N LEU L 208 20.79 -6.88 -55.51
CA LEU L 208 21.71 -7.16 -54.41
C LEU L 208 23.04 -6.45 -54.67
N VAL L 209 23.17 -5.24 -54.12
CA VAL L 209 24.39 -4.45 -54.32
C VAL L 209 25.35 -4.54 -53.13
N GLY L 210 26.66 -4.52 -53.39
CA GLY L 210 27.61 -4.61 -52.30
C GLY L 210 28.94 -3.87 -52.52
N ILE L 211 29.55 -3.43 -51.42
CA ILE L 211 30.84 -2.73 -51.48
C ILE L 211 31.83 -3.41 -50.54
N GLY L 212 33.09 -3.49 -50.93
CA GLY L 212 34.07 -4.12 -50.09
C GLY L 212 33.93 -5.62 -50.18
N VAL L 213 33.37 -6.08 -51.29
CA VAL L 213 33.18 -7.51 -51.53
C VAL L 213 33.63 -7.90 -52.93
N LYS L 214 33.72 -9.21 -53.18
CA LYS L 214 34.11 -9.72 -54.50
C LYS L 214 32.88 -10.27 -55.21
N HIS L 215 32.64 -9.76 -56.43
CA HIS L 215 31.50 -10.16 -57.23
C HIS L 215 31.14 -11.64 -57.17
N SER L 216 32.14 -12.50 -57.36
CA SER L 216 31.91 -13.94 -57.31
C SER L 216 31.24 -14.37 -56.00
N ASP L 217 31.62 -13.72 -54.91
CA ASP L 217 31.05 -14.04 -53.60
C ASP L 217 29.61 -13.55 -53.49
N LEU L 218 29.41 -12.26 -53.72
CA LEU L 218 28.08 -11.67 -53.65
C LEU L 218 27.18 -12.39 -54.64
N LYS L 219 27.67 -12.55 -55.86
CA LYS L 219 26.91 -13.23 -56.90
C LYS L 219 26.46 -14.60 -56.43
N GLN L 220 27.34 -15.29 -55.70
CA GLN L 220 27.03 -16.62 -55.20
C GLN L 220 25.90 -16.59 -54.18
N VAL L 221 26.00 -15.68 -53.23
CA VAL L 221 24.98 -15.55 -52.19
C VAL L 221 23.60 -15.41 -52.81
N ALA L 222 23.45 -14.45 -53.72
CA ALA L 222 22.19 -14.19 -54.38
C ALA L 222 21.51 -15.46 -54.89
N GLU L 223 22.05 -16.01 -55.97
CA GLU L 223 21.49 -17.20 -56.59
C GLU L 223 21.24 -18.40 -55.68
N GLN L 224 22.21 -18.77 -54.86
CA GLN L 224 22.03 -19.93 -54.00
C GLN L 224 21.13 -19.70 -52.79
N PHE L 225 20.75 -18.46 -52.53
CA PHE L 225 19.91 -18.19 -51.37
C PHE L 225 18.58 -17.50 -51.64
N LEU L 226 18.57 -16.54 -52.55
CA LEU L 226 17.32 -15.81 -52.84
C LEU L 226 16.26 -16.67 -53.50
N ASN L 227 15.18 -16.95 -52.75
CA ASN L 227 14.09 -17.78 -53.26
C ASN L 227 12.75 -17.09 -53.57
N ILE L 228 12.31 -16.12 -52.76
CA ILE L 228 11.05 -15.44 -53.10
C ILE L 228 11.32 -15.14 -54.56
N ARG L 229 10.51 -15.73 -55.43
CA ARG L 229 10.78 -15.59 -56.85
C ARG L 229 10.27 -14.47 -57.74
N SER L 230 10.63 -14.68 -58.99
CA SER L 230 10.38 -13.81 -60.13
C SER L 230 9.05 -13.16 -60.27
N GLY L 231 8.97 -12.37 -61.34
CA GLY L 231 7.76 -11.64 -61.66
C GLY L 231 8.05 -10.17 -61.50
N ALA L 232 7.07 -9.34 -61.84
CA ALA L 232 7.22 -7.89 -61.71
C ALA L 232 6.31 -7.50 -60.57
N GLY L 233 5.65 -8.52 -60.00
CA GLY L 233 4.72 -8.32 -58.92
C GLY L 233 3.67 -7.29 -59.31
N THR L 234 2.86 -6.89 -58.35
CA THR L 234 1.83 -5.90 -58.63
C THR L 234 2.52 -4.60 -59.03
N SER L 235 2.09 -4.04 -60.15
CA SER L 235 2.66 -2.80 -60.63
C SER L 235 1.91 -1.65 -60.00
N SER L 236 2.61 -0.55 -59.77
CA SER L 236 1.97 0.61 -59.17
C SER L 236 1.12 1.36 -60.20
N ALA L 237 0.13 2.08 -59.71
CA ALA L 237 -0.73 2.87 -60.58
C ALA L 237 0.09 4.07 -61.04
N LYS L 238 -0.26 4.64 -62.19
CA LYS L 238 0.47 5.78 -62.71
C LYS L 238 0.21 6.99 -61.81
N ALA L 239 1.19 7.87 -61.71
CA ALA L 239 1.04 9.05 -60.87
C ALA L 239 0.26 10.12 -61.64
N THR L 240 -0.89 10.50 -61.10
CA THR L 240 -1.74 11.52 -61.73
C THR L 240 -1.57 12.84 -61.00
N TYR L 241 -1.27 13.90 -61.74
CA TYR L 241 -1.07 15.21 -61.13
C TYR L 241 -2.39 15.87 -60.72
N TRP L 242 -2.41 16.49 -59.55
CA TRP L 242 -3.62 17.15 -59.06
C TRP L 242 -3.46 18.67 -58.97
N GLY L 243 -2.33 19.12 -58.44
CA GLY L 243 -2.11 20.55 -58.31
C GLY L 243 -3.03 21.14 -57.26
N GLY L 244 -3.12 20.45 -56.13
CA GLY L 244 -3.97 20.89 -55.04
C GLY L 244 -3.25 21.84 -54.11
N GLU L 245 -3.93 22.22 -53.04
CA GLU L 245 -3.38 23.16 -52.08
C GLU L 245 -3.85 22.84 -50.64
N ILE L 246 -2.90 22.44 -49.80
CA ILE L 246 -3.20 22.09 -48.41
C ILE L 246 -2.56 23.08 -47.44
N ARG L 247 -3.36 23.64 -46.54
CA ARG L 247 -2.84 24.60 -45.59
C ARG L 247 -3.11 24.16 -44.16
N GLU L 248 -2.04 23.99 -43.39
CA GLU L 248 -2.17 23.58 -42.01
C GLU L 248 -1.95 24.75 -41.06
N GLN L 249 -3.05 25.30 -40.54
CA GLN L 249 -2.99 26.41 -39.61
C GLN L 249 -2.70 25.83 -38.22
N ASN L 250 -1.45 25.95 -37.77
CA ASN L 250 -1.06 25.41 -36.48
C ASN L 250 -0.44 26.45 -35.55
N GLY L 251 -0.45 27.69 -35.97
CA GLY L 251 0.07 28.78 -35.14
C GLY L 251 1.57 28.99 -34.94
N HIS L 252 2.43 28.18 -35.54
CA HIS L 252 3.88 28.37 -35.36
C HIS L 252 4.40 29.72 -35.86
N SER L 253 5.34 30.29 -35.12
CA SER L 253 5.94 31.58 -35.46
C SER L 253 6.57 31.57 -36.85
N LEU L 254 7.03 30.39 -37.28
CA LEU L 254 7.61 30.25 -38.59
C LEU L 254 6.64 29.59 -39.55
N VAL L 255 6.62 30.06 -40.80
CA VAL L 255 5.75 29.49 -41.80
C VAL L 255 6.58 28.82 -42.88
N HIS L 256 6.37 27.52 -43.05
CA HIS L 256 7.07 26.75 -44.07
C HIS L 256 6.11 26.65 -45.24
N ALA L 257 6.60 26.89 -46.44
CA ALA L 257 5.73 26.81 -47.60
C ALA L 257 6.51 26.27 -48.77
N ALA L 258 5.83 25.52 -49.62
CA ALA L 258 6.46 24.95 -50.80
C ALA L 258 5.50 25.10 -51.97
N VAL L 259 6.02 25.57 -53.09
CA VAL L 259 5.21 25.72 -54.28
C VAL L 259 5.94 24.96 -55.36
N VAL L 260 5.22 24.07 -56.04
CA VAL L 260 5.83 23.27 -57.09
C VAL L 260 4.94 23.06 -58.28
N THR L 261 5.54 22.43 -59.28
CA THR L 261 4.90 22.13 -60.54
C THR L 261 5.45 20.79 -60.96
N GLU L 262 4.67 20.05 -61.74
CA GLU L 262 5.14 18.77 -62.21
C GLU L 262 6.53 19.05 -62.81
N GLY L 263 7.54 18.36 -62.30
CA GLY L 263 8.88 18.56 -62.80
C GLY L 263 9.21 17.43 -63.73
N ALA L 264 10.49 17.02 -63.76
CA ALA L 264 10.92 15.94 -64.64
C ALA L 264 10.95 14.60 -63.94
N ALA L 265 10.86 13.54 -64.74
CA ALA L 265 10.89 12.19 -64.19
C ALA L 265 12.34 11.70 -64.15
N VAL L 266 12.55 10.55 -63.50
CA VAL L 266 13.88 9.98 -63.39
C VAL L 266 14.36 9.60 -64.77
N GLY L 267 15.59 9.97 -65.10
CA GLY L 267 16.12 9.65 -66.40
C GLY L 267 15.60 10.56 -67.50
N SER L 268 14.55 11.32 -67.20
CA SER L 268 13.98 12.24 -68.17
C SER L 268 15.08 13.18 -68.60
N ALA L 269 15.29 13.34 -69.91
CA ALA L 269 16.33 14.23 -70.41
C ALA L 269 16.20 15.57 -69.72
N GLU L 270 14.96 16.03 -69.60
CA GLU L 270 14.64 17.30 -68.97
C GLU L 270 15.03 17.38 -67.48
N ALA L 271 15.64 16.32 -66.97
CA ALA L 271 16.06 16.27 -65.56
C ALA L 271 17.22 17.21 -65.28
N ASN L 272 18.32 17.01 -65.97
CA ASN L 272 19.51 17.85 -65.78
C ASN L 272 19.16 19.32 -65.89
N ALA L 273 18.25 19.66 -66.79
CA ALA L 273 17.84 21.05 -66.96
C ALA L 273 17.36 21.61 -65.61
N PHE L 274 16.45 20.88 -64.96
CA PHE L 274 15.94 21.33 -63.66
C PHE L 274 17.04 21.29 -62.60
N SER L 275 17.88 20.26 -62.63
CA SER L 275 18.97 20.16 -61.66
C SER L 275 19.79 21.46 -61.73
N VAL L 276 20.21 21.81 -62.94
CA VAL L 276 20.97 23.03 -63.15
C VAL L 276 20.17 24.26 -62.73
N LEU L 277 18.91 24.34 -63.14
CA LEU L 277 18.09 25.50 -62.75
C LEU L 277 17.99 25.54 -61.23
N GLN L 278 18.00 24.36 -60.61
CA GLN L 278 17.93 24.24 -59.17
C GLN L 278 19.13 24.95 -58.57
N HIS L 279 20.32 24.55 -59.01
CA HIS L 279 21.56 25.17 -58.52
C HIS L 279 21.68 26.63 -58.94
N VAL L 280 21.01 27.01 -60.01
CA VAL L 280 21.05 28.39 -60.48
C VAL L 280 20.20 29.27 -59.57
N LEU L 281 19.10 28.72 -59.08
CA LEU L 281 18.20 29.44 -58.20
C LEU L 281 18.68 29.45 -56.76
N GLY L 282 19.23 28.33 -56.33
CA GLY L 282 19.72 28.20 -54.96
C GLY L 282 19.37 26.83 -54.40
N ALA L 283 20.37 25.98 -54.27
CA ALA L 283 20.15 24.63 -53.75
C ALA L 283 20.88 24.35 -52.43
N GLY L 284 20.61 25.16 -51.42
CA GLY L 284 21.26 24.94 -50.13
C GLY L 284 22.52 25.76 -49.92
N PRO L 285 22.91 26.01 -48.66
CA PRO L 285 24.10 26.79 -48.31
C PRO L 285 25.42 26.06 -48.57
N LEU L 286 26.48 26.84 -48.77
CA LEU L 286 27.82 26.30 -49.03
C LEU L 286 28.83 26.91 -48.07
N ILE L 287 28.42 27.99 -47.42
CA ILE L 287 29.27 28.70 -46.46
C ILE L 287 28.55 28.78 -45.11
N LYS L 288 29.19 28.31 -44.05
CA LYS L 288 28.59 28.34 -42.73
C LYS L 288 28.22 29.76 -42.32
N ARG L 289 26.95 29.96 -41.97
CA ARG L 289 26.45 31.27 -41.57
C ARG L 289 26.64 32.29 -42.68
N GLY L 290 27.20 31.85 -43.79
CA GLY L 290 27.44 32.75 -44.90
C GLY L 290 26.22 32.91 -45.79
N SER L 291 26.13 34.08 -46.44
CA SER L 291 25.04 34.35 -47.36
C SER L 291 25.30 33.58 -48.65
N SER L 292 24.24 33.35 -49.42
CA SER L 292 24.41 32.64 -50.68
C SER L 292 24.23 33.67 -51.78
N VAL L 293 25.33 34.11 -52.36
CA VAL L 293 25.29 35.11 -53.42
C VAL L 293 24.94 34.45 -54.76
N THR L 294 25.51 33.28 -54.99
CA THR L 294 25.29 32.50 -56.21
C THR L 294 23.86 31.97 -56.25
N SER L 295 23.04 32.43 -55.31
CA SER L 295 21.66 31.98 -55.23
C SER L 295 20.68 33.07 -55.63
N LYS L 296 20.18 32.97 -56.86
CA LYS L 296 19.22 33.93 -57.38
C LYS L 296 18.06 34.06 -56.42
N LEU L 297 17.48 32.92 -56.10
CA LEU L 297 16.32 32.84 -55.22
C LEU L 297 16.54 33.42 -53.82
N TYR L 298 17.62 33.01 -53.16
CA TYR L 298 17.92 33.48 -51.81
C TYR L 298 18.14 34.99 -51.84
N GLN L 299 19.05 35.43 -52.71
CA GLN L 299 19.38 36.82 -52.87
C GLN L 299 18.15 37.68 -53.10
N GLY L 300 17.20 37.13 -53.86
CA GLY L 300 15.98 37.87 -54.14
C GLY L 300 15.12 38.03 -52.92
N VAL L 301 14.89 36.94 -52.19
CA VAL L 301 14.07 36.99 -50.98
C VAL L 301 14.72 37.92 -49.96
N ALA L 302 16.05 37.83 -49.88
CA ALA L 302 16.81 38.65 -48.95
C ALA L 302 16.52 40.14 -49.18
N LYS L 303 16.42 40.54 -50.44
CA LYS L 303 16.16 41.93 -50.79
C LYS L 303 14.75 42.34 -50.36
N ALA L 304 13.85 41.38 -50.27
CA ALA L 304 12.46 41.65 -49.91
C ALA L 304 12.15 41.74 -48.43
N THR L 305 12.76 40.88 -47.62
CA THR L 305 12.51 40.88 -46.19
C THR L 305 13.74 41.14 -45.35
N THR L 306 13.52 41.76 -44.19
CA THR L 306 14.60 42.11 -43.27
C THR L 306 14.85 41.01 -42.24
N GLN L 307 13.80 40.23 -41.97
CA GLN L 307 13.88 39.16 -40.99
C GLN L 307 14.48 37.84 -41.45
N PRO L 308 14.85 36.98 -40.50
CA PRO L 308 15.44 35.67 -40.78
C PRO L 308 14.50 34.85 -41.65
N PHE L 309 15.09 34.18 -42.64
CA PHE L 309 14.30 33.37 -43.55
C PHE L 309 15.19 32.33 -44.21
N ASP L 310 14.58 31.59 -45.13
CA ASP L 310 15.31 30.60 -45.89
C ASP L 310 14.49 30.22 -47.11
N ALA L 311 15.15 30.23 -48.28
CA ALA L 311 14.49 29.88 -49.53
C ALA L 311 15.41 28.94 -50.30
N SER L 312 14.81 27.99 -51.00
CA SER L 312 15.58 27.04 -51.78
C SER L 312 14.79 26.49 -52.96
N ALA L 313 15.52 25.99 -53.94
CA ALA L 313 14.91 25.40 -55.10
C ALA L 313 14.63 23.97 -54.69
N PHE L 314 13.38 23.56 -54.84
CA PHE L 314 12.98 22.21 -54.50
C PHE L 314 13.02 21.40 -55.79
N ASN L 315 13.34 20.12 -55.70
CA ASN L 315 13.40 19.31 -56.90
C ASN L 315 13.38 17.80 -56.59
N VAL L 316 12.42 17.07 -57.17
CA VAL L 316 12.34 15.63 -56.96
C VAL L 316 12.10 14.88 -58.24
N ASN L 317 12.79 13.76 -58.41
CA ASN L 317 12.62 12.95 -59.61
C ASN L 317 12.15 11.53 -59.30
N TYR L 318 10.93 11.21 -59.72
CA TYR L 318 10.40 9.88 -59.50
C TYR L 318 10.34 9.11 -60.82
N SER L 319 10.14 7.80 -60.72
CA SER L 319 10.07 6.92 -61.88
C SER L 319 9.17 7.42 -63.01
N ASP L 320 7.94 7.81 -62.68
CA ASP L 320 7.01 8.26 -63.72
C ASP L 320 6.55 9.71 -63.55
N SER L 321 7.33 10.51 -62.84
CA SER L 321 6.98 11.90 -62.63
C SER L 321 8.03 12.58 -61.79
N GLY L 322 7.76 13.81 -61.37
CA GLY L 322 8.71 14.55 -60.56
C GLY L 322 8.09 15.85 -60.12
N LEU L 323 8.72 16.54 -59.18
CA LEU L 323 8.18 17.82 -58.73
C LEU L 323 9.30 18.85 -58.70
N PHE L 324 8.97 20.09 -59.08
CA PHE L 324 9.96 21.16 -59.08
C PHE L 324 9.35 22.49 -58.63
N GLY L 325 10.09 23.19 -57.78
CA GLY L 325 9.60 24.47 -57.30
C GLY L 325 10.54 25.00 -56.24
N PHE L 326 9.98 25.71 -55.27
CA PHE L 326 10.80 26.26 -54.22
C PHE L 326 10.16 26.05 -52.85
N TYR L 327 11.02 25.96 -51.83
CA TYR L 327 10.58 25.77 -50.45
C TYR L 327 11.04 26.97 -49.61
N THR L 328 10.13 27.60 -48.89
CA THR L 328 10.54 28.71 -48.05
C THR L 328 10.28 28.43 -46.58
N ILE L 329 10.79 29.32 -45.73
CA ILE L 329 10.65 29.25 -44.28
C ILE L 329 10.82 30.70 -43.86
N SER L 330 9.80 31.29 -43.24
CA SER L 330 9.90 32.69 -42.86
C SER L 330 9.03 33.02 -41.67
N GLN L 331 9.26 34.18 -41.08
CA GLN L 331 8.43 34.59 -39.95
C GLN L 331 7.02 34.66 -40.51
N ALA L 332 6.03 34.50 -39.66
CA ALA L 332 4.65 34.52 -40.13
C ALA L 332 4.23 35.81 -40.83
N ALA L 333 4.57 36.94 -40.23
CA ALA L 333 4.20 38.24 -40.80
C ALA L 333 4.82 38.56 -42.15
N HIS L 334 5.98 38.00 -42.44
CA HIS L 334 6.64 38.28 -43.71
C HIS L 334 6.55 37.15 -44.72
N ALA L 335 5.73 36.15 -44.44
CA ALA L 335 5.56 35.01 -45.32
C ALA L 335 5.08 35.47 -46.69
N GLY L 336 4.11 36.38 -46.70
CA GLY L 336 3.58 36.88 -47.94
C GLY L 336 4.65 37.35 -48.89
N GLU L 337 5.39 38.39 -48.48
CA GLU L 337 6.45 38.94 -49.30
C GLU L 337 7.54 37.93 -49.64
N VAL L 338 7.91 37.08 -48.70
CA VAL L 338 8.95 36.09 -48.94
C VAL L 338 8.58 35.09 -50.02
N ILE L 339 7.32 34.69 -50.03
CA ILE L 339 6.86 33.73 -51.01
C ILE L 339 6.75 34.37 -52.37
N ARG L 340 6.19 35.58 -52.41
CA ARG L 340 6.03 36.30 -53.67
C ARG L 340 7.40 36.61 -54.28
N ALA L 341 8.34 37.03 -53.44
CA ALA L 341 9.68 37.33 -53.89
C ALA L 341 10.29 36.11 -54.58
N ALA L 342 10.08 34.94 -53.98
CA ALA L 342 10.59 33.70 -54.55
C ALA L 342 9.97 33.39 -55.92
N MET L 343 8.71 33.78 -56.08
CA MET L 343 7.98 33.58 -57.33
C MET L 343 8.57 34.42 -58.47
N ASN L 344 8.83 35.69 -58.18
CA ASN L 344 9.38 36.61 -59.17
C ASN L 344 10.74 36.13 -59.67
N GLN L 345 11.49 35.50 -58.78
CA GLN L 345 12.80 34.99 -59.13
C GLN L 345 12.67 33.87 -60.14
N LEU L 346 11.50 33.24 -60.14
CA LEU L 346 11.25 32.16 -61.08
C LEU L 346 10.79 32.72 -62.42
N LYS L 347 9.92 33.73 -62.37
CA LYS L 347 9.44 34.36 -63.59
C LYS L 347 10.67 35.00 -64.23
N ALA L 348 11.27 35.95 -63.50
CA ALA L 348 12.47 36.65 -63.95
C ALA L 348 13.48 35.70 -64.61
N ALA L 349 13.47 34.43 -64.21
CA ALA L 349 14.39 33.46 -64.78
C ALA L 349 13.81 32.85 -66.05
N ALA L 350 12.50 32.73 -66.07
CA ALA L 350 11.78 32.18 -67.22
C ALA L 350 11.88 33.15 -68.38
N GLN L 351 12.11 34.42 -68.03
CA GLN L 351 12.24 35.47 -69.03
C GLN L 351 13.71 35.76 -69.30
N GLY L 352 14.43 34.73 -69.74
CA GLY L 352 15.85 34.87 -70.06
C GLY L 352 16.77 35.47 -69.01
N GLY L 353 16.24 35.85 -67.86
CA GLY L 353 17.07 36.44 -66.81
C GLY L 353 18.10 35.49 -66.20
N VAL L 354 18.73 34.68 -67.06
CA VAL L 354 19.74 33.71 -66.65
C VAL L 354 21.02 33.91 -67.45
N THR L 355 22.08 34.35 -66.77
CA THR L 355 23.38 34.57 -67.42
C THR L 355 23.91 33.26 -67.96
N GLU L 356 24.88 33.35 -68.87
CA GLU L 356 25.47 32.16 -69.46
C GLU L 356 26.54 31.67 -68.50
N GLU L 357 26.98 32.57 -67.63
CA GLU L 357 27.99 32.26 -66.63
C GLU L 357 27.30 31.60 -65.45
N ASP L 358 26.05 32.02 -65.20
CA ASP L 358 25.25 31.45 -64.12
C ASP L 358 25.15 29.95 -64.35
N VAL L 359 24.82 29.58 -65.58
CA VAL L 359 24.69 28.18 -65.97
C VAL L 359 26.03 27.45 -65.86
N THR L 360 27.12 28.19 -65.98
CA THR L 360 28.46 27.60 -65.89
C THR L 360 28.78 27.26 -64.45
N LYS L 361 28.51 28.22 -63.56
CA LYS L 361 28.77 28.04 -62.14
C LYS L 361 27.91 26.91 -61.57
N ALA L 362 26.60 26.99 -61.80
CA ALA L 362 25.67 25.97 -61.33
C ALA L 362 26.15 24.58 -61.76
N LYS L 363 26.65 24.47 -62.98
CA LYS L 363 27.14 23.18 -63.48
C LYS L 363 28.30 22.66 -62.66
N ASN L 364 29.03 23.56 -62.01
CA ASN L 364 30.15 23.15 -61.18
C ASN L 364 29.63 22.60 -59.87
N GLN L 365 28.79 23.41 -59.22
CA GLN L 365 28.19 23.03 -57.95
C GLN L 365 27.49 21.68 -58.11
N LEU L 366 26.85 21.48 -59.25
CA LEU L 366 26.16 20.23 -59.53
C LEU L 366 27.17 19.09 -59.67
N LYS L 367 28.19 19.28 -60.49
CA LYS L 367 29.20 18.25 -60.67
C LYS L 367 29.89 17.96 -59.34
N ALA L 368 30.17 19.04 -58.59
CA ALA L 368 30.83 18.92 -57.30
C ALA L 368 29.97 18.10 -56.35
N THR L 369 28.76 18.61 -56.07
CA THR L 369 27.80 17.94 -55.21
C THR L 369 27.77 16.45 -55.53
N TYR L 370 27.36 16.10 -56.74
CA TYR L 370 27.33 14.71 -57.13
C TYR L 370 28.60 13.98 -56.69
N LEU L 371 29.76 14.55 -57.02
CA LEU L 371 31.04 13.94 -56.69
C LEU L 371 31.31 13.76 -55.21
N MET L 372 30.81 14.69 -54.40
CA MET L 372 31.00 14.60 -52.96
C MET L 372 30.05 13.55 -52.39
N SER L 373 28.82 13.55 -52.89
CA SER L 373 27.78 12.60 -52.47
C SER L 373 28.30 11.18 -52.33
N VAL L 374 29.26 10.80 -53.16
CA VAL L 374 29.81 9.46 -53.14
C VAL L 374 31.04 9.22 -52.28
N GLU L 375 31.38 10.17 -51.42
CA GLU L 375 32.53 10.05 -50.53
C GLU L 375 32.29 9.00 -49.43
N THR L 376 31.09 9.02 -48.85
CA THR L 376 30.68 8.11 -47.78
C THR L 376 30.15 6.77 -48.30
N ALA L 377 30.41 5.70 -47.57
CA ALA L 377 29.97 4.37 -47.97
C ALA L 377 28.46 4.35 -48.27
N GLN L 378 27.68 5.05 -47.44
CA GLN L 378 26.23 5.10 -47.62
C GLN L 378 25.87 5.75 -48.95
N GLY L 379 26.61 6.79 -49.32
CA GLY L 379 26.33 7.48 -50.56
C GLY L 379 26.79 6.71 -51.79
N LEU L 380 27.98 6.12 -51.72
CA LEU L 380 28.48 5.35 -52.84
C LEU L 380 27.55 4.19 -53.13
N LEU L 381 27.26 3.41 -52.11
CA LEU L 381 26.38 2.26 -52.26
C LEU L 381 25.02 2.66 -52.83
N ASN L 382 24.47 3.76 -52.33
CA ASN L 382 23.18 4.20 -52.80
C ASN L 382 23.23 4.58 -54.26
N GLU L 383 24.32 5.23 -54.68
CA GLU L 383 24.44 5.62 -56.07
C GLU L 383 24.49 4.38 -56.96
N ILE L 384 25.38 3.45 -56.63
CA ILE L 384 25.49 2.23 -57.39
C ILE L 384 24.12 1.55 -57.51
N GLY L 385 23.64 1.02 -56.39
CA GLY L 385 22.35 0.34 -56.37
C GLY L 385 21.18 1.06 -57.02
N SER L 386 21.04 2.36 -56.77
CA SER L 386 19.94 3.12 -57.34
C SER L 386 19.84 2.93 -58.85
N GLU L 387 20.97 3.10 -59.50
CA GLU L 387 21.05 2.95 -60.95
C GLU L 387 21.00 1.48 -61.33
N ALA L 388 21.79 0.66 -60.63
CA ALA L 388 21.81 -0.77 -60.90
C ALA L 388 20.44 -1.40 -60.73
N LEU L 389 19.47 -0.61 -60.26
CA LEU L 389 18.13 -1.11 -60.05
C LEU L 389 17.19 -0.65 -61.15
N LEU L 390 17.29 0.62 -61.52
CA LEU L 390 16.43 1.19 -62.55
C LEU L 390 16.97 1.02 -63.97
N SER L 391 17.96 0.15 -64.16
CA SER L 391 18.51 -0.06 -65.50
C SER L 391 19.71 -1.00 -65.50
N GLY L 392 19.85 -1.81 -64.46
CA GLY L 392 20.95 -2.75 -64.38
C GLY L 392 22.25 -2.34 -65.05
N THR L 393 22.62 -1.07 -64.93
CA THR L 393 23.86 -0.56 -65.53
C THR L 393 24.58 0.40 -64.59
N HIS L 394 25.61 1.04 -65.12
CA HIS L 394 26.38 2.00 -64.34
C HIS L 394 27.07 3.03 -65.22
N THR L 395 26.56 4.26 -65.17
CA THR L 395 27.11 5.36 -65.95
C THR L 395 28.43 5.84 -65.32
N ALA L 396 29.46 6.03 -66.16
CA ALA L 396 30.76 6.49 -65.70
C ALA L 396 30.60 7.92 -65.18
N PRO L 397 31.27 8.24 -64.06
CA PRO L 397 31.17 9.60 -63.49
C PRO L 397 31.56 10.69 -64.48
N SER L 398 32.06 10.27 -65.64
CA SER L 398 32.47 11.20 -66.70
C SER L 398 31.31 11.42 -67.67
N VAL L 399 30.54 10.35 -67.91
CA VAL L 399 29.39 10.41 -68.80
C VAL L 399 28.31 11.24 -68.11
N VAL L 400 28.19 11.08 -66.80
CA VAL L 400 27.20 11.84 -66.05
C VAL L 400 27.57 13.32 -66.07
N ALA L 401 28.87 13.59 -65.98
CA ALA L 401 29.35 14.98 -66.01
C ALA L 401 29.18 15.48 -67.46
N GLN L 402 29.51 14.61 -68.40
CA GLN L 402 29.39 14.90 -69.83
C GLN L 402 27.95 15.26 -70.18
N LYS L 403 27.02 14.56 -69.54
CA LYS L 403 25.60 14.79 -69.76
C LYS L 403 25.11 16.07 -69.10
N ILE L 404 25.67 16.38 -67.93
CA ILE L 404 25.25 17.57 -67.20
C ILE L 404 25.65 18.88 -67.84
N ASP L 405 26.94 19.12 -68.03
CA ASP L 405 27.39 20.38 -68.62
C ASP L 405 26.84 20.57 -70.03
N SER L 406 26.54 19.46 -70.71
CA SER L 406 25.98 19.54 -72.06
C SER L 406 24.50 19.90 -71.93
N VAL L 407 24.24 21.01 -71.26
CA VAL L 407 22.90 21.52 -71.02
C VAL L 407 22.91 23.02 -71.31
N THR L 408 22.33 23.41 -72.44
CA THR L 408 22.30 24.82 -72.84
C THR L 408 21.57 25.76 -71.88
N SER L 409 21.89 27.05 -72.01
CA SER L 409 21.27 28.08 -71.20
C SER L 409 19.79 28.15 -71.56
N ALA L 410 19.47 27.70 -72.78
CA ALA L 410 18.10 27.69 -73.23
C ALA L 410 17.33 26.70 -72.35
N ASP L 411 17.78 25.45 -72.35
CA ASP L 411 17.17 24.39 -71.56
C ASP L 411 16.69 24.90 -70.21
N VAL L 412 17.63 25.45 -69.46
CA VAL L 412 17.34 26.00 -68.14
C VAL L 412 16.18 26.97 -68.17
N VAL L 413 16.28 27.99 -69.01
CA VAL L 413 15.23 29.00 -69.11
C VAL L 413 13.88 28.33 -69.41
N ASN L 414 13.92 27.25 -70.20
CA ASN L 414 12.71 26.51 -70.55
C ASN L 414 12.14 25.86 -69.32
N ALA L 415 13.01 25.15 -68.60
CA ALA L 415 12.59 24.50 -67.36
C ALA L 415 11.87 25.55 -66.54
N ALA L 416 12.51 26.72 -66.39
CA ALA L 416 11.95 27.84 -65.64
C ALA L 416 10.58 28.23 -66.15
N LYS L 417 10.40 28.18 -67.48
CA LYS L 417 9.12 28.54 -68.06
C LYS L 417 8.07 27.48 -67.73
N LYS L 418 8.45 26.22 -67.90
CA LYS L 418 7.54 25.11 -67.63
C LYS L 418 6.92 25.25 -66.26
N PHE L 419 7.65 25.88 -65.34
CA PHE L 419 7.17 26.09 -63.98
C PHE L 419 6.13 27.20 -63.90
N VAL L 420 6.48 28.36 -64.46
CA VAL L 420 5.58 29.51 -64.40
C VAL L 420 4.26 29.27 -65.12
N SER L 421 4.28 28.40 -66.12
CA SER L 421 3.08 28.09 -66.90
C SER L 421 2.32 26.87 -66.40
N GLY L 422 3.05 25.89 -65.87
CA GLY L 422 2.42 24.67 -65.37
C GLY L 422 1.50 24.89 -64.19
N LYS L 423 0.58 23.95 -63.97
CA LYS L 423 -0.36 24.04 -62.85
C LYS L 423 0.43 23.73 -61.60
N LYS L 424 0.29 24.57 -60.60
CA LYS L 424 1.03 24.42 -59.38
C LYS L 424 0.24 23.87 -58.21
N SER L 425 0.93 23.19 -57.31
CA SER L 425 0.32 22.65 -56.10
C SER L 425 1.11 23.27 -54.97
N MET L 426 0.46 23.54 -53.86
CA MET L 426 1.14 24.17 -52.75
C MET L 426 0.77 23.58 -51.40
N ALA L 427 1.70 23.69 -50.45
CA ALA L 427 1.51 23.19 -49.11
C ALA L 427 2.23 24.12 -48.14
N ALA L 428 1.54 24.57 -47.11
CA ALA L 428 2.11 25.47 -46.10
C ALA L 428 1.56 25.17 -44.70
N SER L 429 2.37 25.37 -43.68
CA SER L 429 1.96 25.13 -42.31
C SER L 429 2.55 26.22 -41.40
N GLY L 430 1.82 26.57 -40.34
CA GLY L 430 2.28 27.60 -39.43
C GLY L 430 1.15 28.58 -39.22
N ASP L 431 1.47 29.79 -38.79
CA ASP L 431 0.45 30.83 -38.61
C ASP L 431 0.25 31.44 -40.01
N LEU L 432 -0.54 30.76 -40.82
CA LEU L 432 -0.80 31.17 -42.20
C LEU L 432 -1.65 32.42 -42.40
N GLY L 433 -1.83 33.22 -41.36
CA GLY L 433 -2.63 34.42 -41.48
C GLY L 433 -2.18 35.38 -42.58
N SER L 434 -0.89 35.34 -42.94
CA SER L 434 -0.36 36.23 -43.98
C SER L 434 0.18 35.44 -45.16
N THR L 435 -0.04 34.13 -45.17
CA THR L 435 0.45 33.31 -46.25
C THR L 435 -0.56 33.36 -47.39
N PRO L 436 -0.10 33.71 -48.59
CA PRO L 436 -0.99 33.79 -49.76
C PRO L 436 -1.46 32.45 -50.31
N PHE L 437 -2.62 32.46 -50.97
CA PHE L 437 -3.16 31.26 -51.58
C PHE L 437 -2.58 31.14 -52.98
N LEU L 438 -2.43 29.90 -53.45
CA LEU L 438 -1.86 29.62 -54.75
C LEU L 438 -2.38 30.51 -55.87
N ASP L 439 -3.64 30.95 -55.78
CA ASP L 439 -4.23 31.79 -56.81
C ASP L 439 -3.96 33.28 -56.62
N GLU L 440 -2.97 33.61 -55.81
CA GLU L 440 -2.62 35.00 -55.59
C GLU L 440 -1.15 35.12 -55.89
N LEU L 441 -0.58 34.06 -56.46
CA LEU L 441 0.83 34.03 -56.81
C LEU L 441 1.00 34.27 -58.31
N ALA M 2 9.44 -4.23 -11.66
CA ALA M 2 10.41 -3.30 -11.00
C ALA M 2 11.86 -3.77 -11.15
N PRO M 3 12.78 -2.84 -11.48
CA PRO M 3 14.20 -3.17 -11.65
C PRO M 3 15.00 -3.46 -10.37
N ASN M 4 14.66 -2.80 -9.27
CA ASN M 4 15.39 -3.05 -8.02
C ASN M 4 14.51 -3.51 -6.87
N ILE M 5 14.93 -4.63 -6.26
CA ILE M 5 14.24 -5.25 -5.14
C ILE M 5 13.79 -4.33 -4.00
N ARG M 6 14.62 -3.35 -3.66
CA ARG M 6 14.30 -2.45 -2.57
C ARG M 6 12.88 -1.88 -2.71
N LYS M 7 12.35 -1.89 -3.94
CA LYS M 7 11.01 -1.36 -4.22
C LYS M 7 9.93 -2.40 -4.55
N SER M 8 10.30 -3.48 -5.22
CA SER M 8 9.30 -4.49 -5.58
C SER M 8 8.90 -5.47 -4.47
N HIS M 9 9.90 -6.02 -3.78
CA HIS M 9 9.66 -6.98 -2.69
C HIS M 9 8.60 -6.42 -1.73
N PRO M 10 7.58 -7.22 -1.38
CA PRO M 10 6.52 -6.77 -0.48
C PRO M 10 6.94 -6.39 0.95
N LEU M 11 8.10 -6.86 1.41
CA LEU M 11 8.57 -6.53 2.75
C LEU M 11 9.58 -5.39 2.73
N LEU M 12 10.56 -5.46 1.83
CA LEU M 12 11.56 -4.41 1.73
C LEU M 12 10.87 -3.12 1.33
N LYS M 13 9.93 -3.25 0.40
CA LYS M 13 9.13 -2.13 -0.08
C LYS M 13 8.71 -1.29 1.13
N MET M 14 8.32 -1.97 2.20
CA MET M 14 7.88 -1.31 3.42
C MET M 14 9.03 -0.65 4.17
N ILE M 15 10.20 -1.28 4.17
CA ILE M 15 11.35 -0.70 4.86
C ILE M 15 11.82 0.50 4.07
N ASN M 16 11.83 0.36 2.74
CA ASN M 16 12.24 1.42 1.86
C ASN M 16 11.34 2.65 1.99
N ASN M 17 10.04 2.43 2.06
CA ASN M 17 9.10 3.55 2.16
C ASN M 17 8.99 4.18 3.55
N SER M 18 9.75 3.68 4.51
CA SER M 18 9.67 4.25 5.85
C SER M 18 11.02 4.55 6.48
N LEU M 19 12.09 4.02 5.89
CA LEU M 19 13.40 4.26 6.46
C LEU M 19 14.52 4.43 5.45
N ILE M 20 14.20 4.52 4.17
CA ILE M 20 15.26 4.69 3.19
C ILE M 20 14.93 5.78 2.18
N ASP M 21 13.83 5.61 1.45
CA ASP M 21 13.43 6.61 0.46
C ASP M 21 12.39 7.57 1.01
N LEU M 22 12.01 7.37 2.27
CA LEU M 22 11.02 8.21 2.91
C LEU M 22 11.40 9.69 2.78
N PRO M 23 10.49 10.51 2.22
CA PRO M 23 10.79 11.94 2.07
C PRO M 23 10.71 12.62 3.43
N ALA M 24 11.78 13.31 3.80
CA ALA M 24 11.80 14.01 5.07
C ALA M 24 12.14 15.48 4.87
N PRO M 25 11.60 16.35 5.73
CA PRO M 25 11.92 17.77 5.57
C PRO M 25 13.43 17.90 5.79
N SER M 26 14.06 18.80 5.03
CA SER M 26 15.49 19.03 5.14
C SER M 26 15.91 19.78 6.41
N ASN M 27 14.97 20.52 7.01
CA ASN M 27 15.27 21.33 8.19
C ASN M 27 14.76 20.91 9.57
N ILE M 28 14.39 19.64 9.78
CA ILE M 28 13.91 19.28 11.12
C ILE M 28 15.09 19.23 12.07
N SER M 29 14.87 19.71 13.28
CA SER M 29 15.91 19.79 14.29
C SER M 29 16.04 18.59 15.23
N ALA M 30 16.77 18.81 16.32
CA ALA M 30 17.00 17.77 17.30
C ALA M 30 15.69 17.39 17.95
N TRP M 31 14.71 18.29 17.93
CA TRP M 31 13.41 17.99 18.54
C TRP M 31 12.66 16.92 17.77
N TRP M 32 13.16 16.53 16.62
CA TRP M 32 12.51 15.50 15.81
C TRP M 32 13.24 14.17 15.99
N ASN M 33 14.19 14.14 16.91
CA ASN M 33 14.98 12.94 17.20
C ASN M 33 14.33 12.01 18.23
N PHE M 34 13.43 12.56 19.05
CA PHE M 34 12.80 11.78 20.10
C PHE M 34 11.81 10.71 19.66
N GLY M 35 11.41 10.76 18.39
CA GLY M 35 10.51 9.75 17.90
C GLY M 35 11.29 8.46 17.83
N SER M 36 12.44 8.50 17.16
CA SER M 36 13.27 7.31 17.06
C SER M 36 13.80 6.90 18.42
N LEU M 37 14.12 7.87 19.28
CA LEU M 37 14.62 7.49 20.59
C LEU M 37 13.53 6.73 21.34
N LEU M 38 12.28 7.17 21.21
CA LEU M 38 11.20 6.51 21.90
C LEU M 38 11.09 5.08 21.38
N ALA M 39 11.27 4.92 20.07
CA ALA M 39 11.21 3.60 19.48
C ALA M 39 12.29 2.70 20.09
N VAL M 40 13.50 3.23 20.21
CA VAL M 40 14.58 2.44 20.78
C VAL M 40 14.34 2.12 22.26
N CYS M 41 13.70 3.02 23.00
CA CYS M 41 13.46 2.73 24.42
C CYS M 41 12.56 1.52 24.45
N LEU M 42 11.56 1.56 23.59
CA LEU M 42 10.59 0.48 23.52
C LEU M 42 11.27 -0.85 23.25
N MET M 43 12.15 -0.88 22.25
CA MET M 43 12.83 -2.12 21.93
C MET M 43 13.75 -2.51 23.05
N THR M 44 14.39 -1.50 23.64
CA THR M 44 15.30 -1.74 24.75
C THR M 44 14.58 -2.27 26.00
N GLN M 45 13.49 -1.60 26.37
CA GLN M 45 12.71 -2.01 27.52
C GLN M 45 12.20 -3.45 27.41
N ILE M 46 11.64 -3.78 26.23
CA ILE M 46 11.12 -5.11 25.97
C ILE M 46 12.20 -6.16 26.12
N LEU M 47 13.34 -5.89 25.50
CA LEU M 47 14.46 -6.82 25.57
C LEU M 47 14.96 -7.01 27.01
N THR M 48 15.07 -5.93 27.79
CA THR M 48 15.57 -6.09 29.15
C THR M 48 14.47 -6.67 30.03
N GLY M 49 13.24 -6.32 29.73
CA GLY M 49 12.12 -6.85 30.49
C GLY M 49 12.02 -8.37 30.36
N LEU M 50 12.14 -8.89 29.14
CA LEU M 50 12.12 -10.34 28.94
C LEU M 50 13.21 -10.98 29.78
N LEU M 51 14.43 -10.48 29.62
CA LEU M 51 15.54 -11.00 30.38
C LEU M 51 15.28 -11.00 31.89
N LEU M 52 14.60 -9.99 32.39
CA LEU M 52 14.30 -9.95 33.83
C LEU M 52 13.18 -10.92 34.13
N ALA M 53 12.16 -10.94 33.28
CA ALA M 53 11.03 -11.84 33.48
C ALA M 53 11.48 -13.30 33.58
N MET M 54 12.60 -13.63 32.98
CA MET M 54 13.07 -15.00 33.03
C MET M 54 13.65 -15.46 34.36
N HIS M 55 13.62 -14.57 35.34
CA HIS M 55 14.12 -14.87 36.67
C HIS M 55 13.18 -14.31 37.72
N TYR M 56 12.12 -13.66 37.27
CA TYR M 56 11.15 -13.08 38.17
C TYR M 56 10.14 -14.13 38.62
N THR M 57 9.49 -13.89 39.75
CA THR M 57 8.49 -14.81 40.26
C THR M 57 7.36 -13.98 40.84
N ALA M 58 6.21 -13.99 40.17
CA ALA M 58 5.06 -13.22 40.63
C ALA M 58 4.27 -13.90 41.74
N ASP M 59 4.69 -13.67 42.97
CA ASP M 59 4.02 -14.20 44.14
C ASP M 59 4.51 -13.32 45.27
N THR M 60 3.59 -12.80 46.07
CA THR M 60 3.97 -11.92 47.17
C THR M 60 5.05 -12.48 48.06
N SER M 61 5.10 -13.78 48.24
CA SER M 61 6.13 -14.34 49.11
C SER M 61 7.48 -14.48 48.39
N LEU M 62 7.50 -14.37 47.07
CA LEU M 62 8.75 -14.52 46.33
C LEU M 62 9.17 -13.37 45.43
N ALA M 63 8.27 -12.41 45.19
CA ALA M 63 8.58 -11.28 44.30
C ALA M 63 9.87 -10.56 44.67
N PHE M 64 9.85 -9.90 45.84
CA PHE M 64 10.99 -9.14 46.33
C PHE M 64 12.30 -9.91 46.27
N SER M 65 12.30 -11.15 46.74
CA SER M 65 13.53 -11.91 46.73
C SER M 65 13.94 -12.41 45.35
N SER M 66 12.99 -12.60 44.43
CA SER M 66 13.35 -13.08 43.09
C SER M 66 14.09 -11.98 42.36
N VAL M 67 13.76 -10.73 42.73
CA VAL M 67 14.41 -9.59 42.13
C VAL M 67 15.79 -9.51 42.78
N ALA M 68 15.82 -9.75 44.09
CA ALA M 68 17.11 -9.78 44.80
C ALA M 68 17.96 -10.88 44.20
N HIS M 69 17.35 -12.05 43.97
CA HIS M 69 18.06 -13.17 43.38
C HIS M 69 18.61 -12.78 42.03
N THR M 70 17.82 -12.04 41.27
CA THR M 70 18.26 -11.60 39.94
C THR M 70 19.51 -10.72 40.02
N CYS M 71 19.46 -9.67 40.84
CA CYS M 71 20.55 -8.71 41.00
C CYS M 71 21.78 -9.34 41.65
N ARG M 72 21.58 -10.27 42.57
CA ARG M 72 22.70 -10.90 43.25
C ARG M 72 23.30 -12.15 42.60
N ASN M 73 22.48 -12.98 41.95
CA ASN M 73 22.99 -14.24 41.38
C ASN M 73 23.07 -14.37 39.85
N VAL M 74 22.17 -13.71 39.15
CA VAL M 74 22.14 -13.81 37.71
C VAL M 74 23.29 -13.04 37.10
N GLN M 75 24.03 -13.69 36.21
CA GLN M 75 25.15 -13.01 35.53
C GLN M 75 24.59 -11.71 34.99
N TYR M 76 25.23 -10.59 35.30
CA TYR M 76 24.80 -9.27 34.86
C TYR M 76 23.35 -8.98 35.16
N GLY M 77 22.79 -9.69 36.13
CA GLY M 77 21.41 -9.48 36.48
C GLY M 77 21.24 -8.06 36.97
N TRP M 78 22.12 -7.63 37.88
CA TRP M 78 22.05 -6.28 38.41
C TRP M 78 22.09 -5.24 37.28
N LEU M 79 22.95 -5.47 36.30
CA LEU M 79 23.07 -4.53 35.21
C LEU M 79 21.77 -4.43 34.42
N ILE M 80 21.22 -5.59 34.11
CA ILE M 80 19.99 -5.66 33.34
C ILE M 80 18.86 -4.99 34.12
N ARG M 81 18.87 -5.13 35.43
CA ARG M 81 17.82 -4.49 36.18
C ARG M 81 17.98 -2.98 36.15
N ASN M 82 19.22 -2.51 36.27
CA ASN M 82 19.45 -1.07 36.25
C ASN M 82 19.00 -0.50 34.93
N LEU M 83 19.41 -1.17 33.85
CA LEU M 83 19.02 -0.71 32.54
C LEU M 83 17.51 -0.66 32.38
N HIS M 84 16.79 -1.62 32.95
CA HIS M 84 15.35 -1.63 32.82
C HIS M 84 14.74 -0.51 33.65
N ALA M 85 15.11 -0.43 34.92
CA ALA M 85 14.54 0.59 35.81
C ALA M 85 14.81 2.02 35.31
N ASN M 86 16.04 2.27 34.87
CA ASN M 86 16.38 3.60 34.40
C ASN M 86 15.86 3.87 33.01
N GLY M 87 15.77 2.80 32.21
CA GLY M 87 15.24 2.91 30.87
C GLY M 87 13.84 3.48 30.94
N ALA M 88 13.09 3.09 31.96
CA ALA M 88 11.73 3.60 32.11
C ALA M 88 11.70 5.11 32.25
N SER M 89 12.72 5.65 32.93
CA SER M 89 12.85 7.09 33.14
C SER M 89 13.20 7.77 31.83
N PHE M 90 14.19 7.20 31.17
CA PHE M 90 14.67 7.67 29.87
C PHE M 90 13.46 7.72 28.91
N PHE M 91 12.58 6.75 29.06
CA PHE M 91 11.37 6.65 28.24
C PHE M 91 10.48 7.87 28.49
N PHE M 92 10.31 8.23 29.76
CA PHE M 92 9.47 9.38 30.09
C PHE M 92 10.13 10.70 29.74
N ILE M 93 11.45 10.78 29.92
CA ILE M 93 12.13 12.02 29.56
C ILE M 93 11.86 12.26 28.09
N CYS M 94 12.12 11.25 27.27
CA CYS M 94 11.90 11.35 25.84
C CYS M 94 10.44 11.57 25.46
N ILE M 95 9.50 10.96 26.16
CA ILE M 95 8.13 11.18 25.76
C ILE M 95 7.70 12.61 26.05
N PHE M 96 8.18 13.17 27.16
CA PHE M 96 7.84 14.55 27.53
C PHE M 96 8.41 15.57 26.53
N LEU M 97 9.67 15.36 26.13
CA LEU M 97 10.28 16.26 25.15
C LEU M 97 9.56 16.12 23.80
N HIS M 98 9.17 14.89 23.43
CA HIS M 98 8.48 14.60 22.18
C HIS M 98 7.17 15.40 22.21
N ILE M 99 6.48 15.34 23.34
CA ILE M 99 5.24 16.06 23.49
C ILE M 99 5.45 17.56 23.39
N GLY M 100 6.46 18.06 24.11
CA GLY M 100 6.78 19.48 24.08
C GLY M 100 6.99 19.97 22.66
N ARG M 101 7.82 19.25 21.92
CA ARG M 101 8.10 19.57 20.54
C ARG M 101 6.77 19.62 19.79
N GLY M 102 5.90 18.67 20.06
CA GLY M 102 4.63 18.65 19.36
C GLY M 102 3.78 19.87 19.57
N LEU M 103 3.66 20.30 20.82
CA LEU M 103 2.87 21.48 21.19
C LEU M 103 3.49 22.75 20.62
N TYR M 104 4.81 22.87 20.76
CA TYR M 104 5.49 24.04 20.27
C TYR M 104 5.36 24.20 18.76
N TYR M 105 5.65 23.14 18.01
CA TYR M 105 5.59 23.24 16.56
C TYR M 105 4.23 22.94 15.94
N GLY M 106 3.23 22.81 16.80
CA GLY M 106 1.88 22.53 16.33
C GLY M 106 1.79 21.26 15.52
N SER M 107 2.56 20.25 15.93
CA SER M 107 2.56 18.96 15.27
C SER M 107 1.20 18.32 15.48
N TYR M 108 0.48 18.78 16.49
CA TYR M 108 -0.82 18.26 16.80
C TYR M 108 -1.85 18.59 15.72
N LEU M 109 -1.46 19.35 14.71
CA LEU M 109 -2.44 19.63 13.68
C LEU M 109 -2.61 18.37 12.85
N TYR M 110 -1.73 17.38 13.09
CA TYR M 110 -1.83 16.06 12.47
C TYR M 110 -2.63 15.30 13.52
N LYS M 111 -3.93 15.57 13.56
CA LYS M 111 -4.82 14.98 14.55
C LYS M 111 -4.73 13.49 14.86
N GLU M 112 -4.66 12.64 13.84
CA GLU M 112 -4.59 11.21 14.11
C GLU M 112 -3.25 10.81 14.68
N THR M 113 -2.20 11.40 14.18
CA THR M 113 -0.89 11.08 14.69
C THR M 113 -0.87 11.55 16.14
N TRP M 114 -1.45 12.71 16.40
CA TRP M 114 -1.47 13.22 17.75
C TRP M 114 -2.28 12.33 18.67
N ASN M 115 -3.56 12.12 18.35
CA ASN M 115 -4.44 11.31 19.18
C ASN M 115 -3.88 9.94 19.56
N THR M 116 -3.32 9.23 18.59
CA THR M 116 -2.72 7.93 18.89
C THR M 116 -1.54 8.22 19.78
N GLY M 117 -0.90 9.36 19.56
CA GLY M 117 0.22 9.77 20.39
C GLY M 117 -0.23 9.80 21.84
N VAL M 118 -1.40 10.34 22.10
CA VAL M 118 -1.89 10.39 23.47
C VAL M 118 -2.20 8.98 23.98
N ILE M 119 -2.74 8.11 23.12
CA ILE M 119 -3.05 6.74 23.52
C ILE M 119 -1.75 6.10 23.93
N LEU M 120 -0.71 6.32 23.15
CA LEU M 120 0.60 5.77 23.48
C LEU M 120 1.04 6.21 24.87
N LEU M 121 0.83 7.49 25.19
CA LEU M 121 1.25 8.01 26.50
C LEU M 121 0.48 7.29 27.60
N LEU M 122 -0.84 7.27 27.47
CA LEU M 122 -1.68 6.59 28.44
C LEU M 122 -1.23 5.15 28.67
N THR M 123 -1.00 4.43 27.58
CA THR M 123 -0.55 3.05 27.66
C THR M 123 0.79 2.96 28.36
N LEU M 124 1.74 3.82 27.99
CA LEU M 124 3.05 3.80 28.65
C LEU M 124 2.89 4.03 30.16
N MET M 125 1.94 4.89 30.54
CA MET M 125 1.71 5.15 31.95
C MET M 125 1.25 3.88 32.67
N ALA M 126 0.21 3.24 32.14
CA ALA M 126 -0.28 2.01 32.74
C ALA M 126 0.85 0.98 32.84
N THR M 127 1.68 0.90 31.80
CA THR M 127 2.77 -0.06 31.78
C THR M 127 3.71 0.20 32.94
N ALA M 128 4.17 1.45 33.05
CA ALA M 128 5.10 1.85 34.10
C ALA M 128 4.52 1.54 35.48
N PHE M 129 3.24 1.86 35.64
CA PHE M 129 2.58 1.60 36.90
C PHE M 129 2.58 0.14 37.30
N VAL M 130 2.00 -0.75 36.46
CA VAL M 130 1.98 -2.17 36.83
C VAL M 130 3.37 -2.75 36.95
N GLY M 131 4.31 -2.22 36.18
CA GLY M 131 5.67 -2.71 36.25
C GLY M 131 6.33 -2.33 37.56
N TYR M 132 6.07 -1.10 38.00
CA TYR M 132 6.65 -0.57 39.23
C TYR M 132 6.23 -1.37 40.45
N VAL M 133 5.02 -1.91 40.40
CA VAL M 133 4.49 -2.68 41.51
C VAL M 133 5.14 -4.05 41.71
N LEU M 134 5.65 -4.65 40.64
CA LEU M 134 6.26 -5.98 40.68
C LEU M 134 7.33 -6.31 41.74
N PRO M 135 8.34 -5.46 41.92
CA PRO M 135 9.37 -5.77 42.94
C PRO M 135 8.78 -5.93 44.34
N TRP M 136 7.58 -5.41 44.51
CA TRP M 136 6.84 -5.55 45.76
C TRP M 136 7.50 -4.98 47.02
N GLY M 137 8.04 -3.77 46.90
CA GLY M 137 8.66 -3.11 48.04
C GLY M 137 7.56 -2.30 48.72
N GLN M 138 7.94 -1.49 49.69
CA GLN M 138 6.96 -0.67 50.39
C GLN M 138 6.34 0.36 49.44
N MET M 139 7.17 0.94 48.59
CA MET M 139 6.65 1.94 47.68
C MET M 139 5.80 1.28 46.59
N SER M 140 6.22 0.10 46.12
CA SER M 140 5.47 -0.62 45.09
C SER M 140 4.06 -0.91 45.65
N PHE M 141 4.02 -1.38 46.89
CA PHE M 141 2.76 -1.72 47.50
C PHE M 141 1.82 -0.56 47.74
N TRP M 142 2.32 0.48 48.39
CA TRP M 142 1.46 1.59 48.70
C TRP M 142 1.08 2.42 47.49
N GLY M 143 2.02 2.59 46.57
CA GLY M 143 1.70 3.32 45.36
C GLY M 143 0.57 2.59 44.67
N ALA M 144 0.66 1.26 44.64
CA ALA M 144 -0.35 0.43 44.03
C ALA M 144 -1.66 0.62 44.76
N THR M 145 -1.57 0.88 46.07
CA THR M 145 -2.78 1.10 46.88
C THR M 145 -3.42 2.45 46.57
N VAL M 146 -2.60 3.50 46.56
CA VAL M 146 -3.08 4.84 46.27
C VAL M 146 -3.70 4.87 44.87
N ILE M 147 -2.90 4.50 43.87
CA ILE M 147 -3.37 4.50 42.49
C ILE M 147 -4.64 3.72 42.26
N THR M 148 -4.69 2.46 42.69
CA THR M 148 -5.91 1.70 42.45
C THR M 148 -7.10 2.31 43.17
N ASN M 149 -6.88 2.87 44.35
CA ASN M 149 -8.00 3.47 45.08
C ASN M 149 -8.51 4.74 44.40
N LEU M 150 -7.75 5.27 43.44
CA LEU M 150 -8.22 6.45 42.76
C LEU M 150 -9.56 6.14 42.09
N PHE M 151 -9.64 4.95 41.49
CA PHE M 151 -10.84 4.52 40.80
C PHE M 151 -12.06 4.33 41.68
N SER M 152 -11.83 4.20 42.97
CA SER M 152 -12.97 4.04 43.88
C SER M 152 -13.75 5.36 43.95
N ALA M 153 -13.14 6.43 43.46
CA ALA M 153 -13.77 7.75 43.46
C ALA M 153 -14.92 7.84 42.48
N ILE M 154 -14.92 6.96 41.48
CA ILE M 154 -16.00 6.95 40.50
C ILE M 154 -17.28 6.63 41.24
N PRO M 155 -18.34 7.40 41.02
CA PRO M 155 -19.60 7.12 41.72
C PRO M 155 -20.32 5.85 41.33
N TYR M 156 -20.91 5.19 42.31
CA TYR M 156 -21.67 3.95 42.11
C TYR M 156 -20.84 2.71 41.82
N ILE M 157 -20.24 2.65 40.63
CA ILE M 157 -19.42 1.51 40.24
C ILE M 157 -18.00 1.51 40.84
N GLY M 158 -17.61 2.62 41.45
CA GLY M 158 -16.27 2.74 42.01
C GLY M 158 -15.72 1.64 42.90
N HIS M 159 -16.39 1.35 44.00
CA HIS M 159 -15.94 0.32 44.92
C HIS M 159 -15.90 -1.02 44.20
N THR M 160 -16.94 -1.28 43.41
CA THR M 160 -17.07 -2.52 42.65
C THR M 160 -15.91 -2.73 41.68
N LEU M 161 -15.49 -1.68 40.97
CA LEU M 161 -14.40 -1.79 40.01
C LEU M 161 -13.06 -2.06 40.68
N VAL M 162 -12.84 -1.39 41.79
CA VAL M 162 -11.59 -1.54 42.50
C VAL M 162 -11.43 -2.95 43.01
N GLU M 163 -12.42 -3.45 43.71
CA GLU M 163 -12.32 -4.80 44.24
C GLU M 163 -12.19 -5.81 43.11
N TRP M 164 -12.77 -5.50 41.96
CA TRP M 164 -12.67 -6.38 40.81
C TRP M 164 -11.21 -6.35 40.39
N ALA M 165 -10.71 -5.19 40.02
CA ALA M 165 -9.33 -5.05 39.60
C ALA M 165 -8.34 -5.72 40.53
N TRP M 166 -8.63 -5.68 41.83
CA TRP M 166 -7.76 -6.28 42.84
C TRP M 166 -7.84 -7.79 42.89
N GLY M 167 -9.01 -8.32 42.59
CA GLY M 167 -9.18 -9.76 42.65
C GLY M 167 -9.46 -10.17 44.09
N GLY M 168 -9.75 -9.18 44.94
CA GLY M 168 -10.03 -9.44 46.33
C GLY M 168 -10.42 -8.17 47.06
N PHE M 169 -10.12 -8.10 48.35
CA PHE M 169 -10.47 -6.94 49.15
C PHE M 169 -9.37 -5.92 49.34
N SER M 170 -8.23 -6.15 48.70
CA SER M 170 -7.11 -5.23 48.80
C SER M 170 -6.04 -5.66 47.84
N VAL M 171 -5.03 -4.82 47.66
CA VAL M 171 -3.93 -5.16 46.79
C VAL M 171 -3.31 -6.37 47.44
N ASP M 172 -3.21 -7.46 46.70
CA ASP M 172 -2.64 -8.70 47.22
C ASP M 172 -2.08 -9.54 46.07
N ASN M 173 -1.81 -10.82 46.33
CA ASN M 173 -1.22 -11.71 45.32
C ASN M 173 -1.95 -11.80 43.97
N PRO M 174 -3.29 -11.86 43.98
CA PRO M 174 -3.91 -11.92 42.66
C PRO M 174 -3.73 -10.61 41.91
N THR M 175 -3.46 -9.55 42.65
CA THR M 175 -3.25 -8.26 42.03
C THR M 175 -1.88 -8.33 41.39
N LEU M 176 -0.91 -8.86 42.13
CA LEU M 176 0.45 -8.99 41.65
C LEU M 176 0.57 -9.87 40.44
N THR M 177 -0.02 -11.06 40.49
CA THR M 177 0.09 -11.92 39.33
C THR M 177 -0.59 -11.30 38.13
N ARG M 178 -1.77 -10.71 38.28
CA ARG M 178 -2.37 -10.11 37.10
C ARG M 178 -1.56 -8.90 36.61
N PHE M 179 -0.95 -8.16 37.53
CA PHE M 179 -0.15 -7.01 37.12
C PHE M 179 1.06 -7.45 36.31
N PHE M 180 1.61 -8.60 36.66
CA PHE M 180 2.76 -9.09 35.90
C PHE M 180 2.34 -9.36 34.45
N ALA M 181 1.22 -10.07 34.28
CA ALA M 181 0.70 -10.38 32.97
C ALA M 181 0.47 -9.11 32.18
N LEU M 182 -0.19 -8.13 32.79
CA LEU M 182 -0.45 -6.85 32.13
C LEU M 182 0.83 -6.17 31.77
N HIS M 183 1.81 -6.23 32.67
CA HIS M 183 3.06 -5.56 32.40
C HIS M 183 3.79 -6.22 31.23
N PHE M 184 3.59 -7.51 31.08
CA PHE M 184 4.22 -8.28 29.99
C PHE M 184 3.52 -7.96 28.67
N LEU M 185 2.20 -7.89 28.71
CA LEU M 185 1.40 -7.64 27.53
C LEU M 185 1.43 -6.21 26.95
N LEU M 186 1.15 -5.22 27.81
CA LEU M 186 1.10 -3.82 27.39
C LEU M 186 2.21 -3.30 26.51
N PRO M 187 3.47 -3.60 26.83
CA PRO M 187 4.55 -3.10 25.98
C PRO M 187 4.29 -3.44 24.52
N PHE M 188 3.74 -4.64 24.27
CA PHE M 188 3.47 -5.04 22.90
C PHE M 188 2.33 -4.26 22.27
N ALA M 189 1.39 -3.79 23.07
CA ALA M 189 0.29 -2.96 22.53
C ALA M 189 0.96 -1.63 22.16
N ILE M 190 1.92 -1.20 22.97
CA ILE M 190 2.61 0.04 22.68
C ILE M 190 3.31 -0.10 21.33
N ALA M 191 4.01 -1.22 21.14
CA ALA M 191 4.70 -1.46 19.87
C ALA M 191 3.72 -1.43 18.71
N GLY M 192 2.59 -2.11 18.87
CA GLY M 192 1.60 -2.14 17.81
C GLY M 192 1.06 -0.77 17.48
N ILE M 193 0.61 -0.05 18.51
CA ILE M 193 0.06 1.28 18.32
C ILE M 193 1.10 2.23 17.74
N THR M 194 2.38 1.94 17.96
CA THR M 194 3.41 2.79 17.40
C THR M 194 3.32 2.69 15.89
N ILE M 195 3.03 1.50 15.38
CA ILE M 195 2.91 1.31 13.94
C ILE M 195 1.75 2.16 13.40
N ILE M 196 0.64 2.18 14.12
CA ILE M 196 -0.51 2.99 13.72
C ILE M 196 -0.10 4.48 13.70
N HIS M 197 0.65 4.88 14.75
CA HIS M 197 1.16 6.24 14.94
C HIS M 197 1.96 6.63 13.69
N LEU M 198 2.99 5.84 13.36
CA LEU M 198 3.81 6.13 12.19
C LEU M 198 3.01 5.97 10.89
N THR M 199 1.97 5.16 10.91
CA THR M 199 1.18 5.00 9.68
C THR M 199 0.39 6.27 9.38
N PHE M 200 -0.24 6.83 10.40
CA PHE M 200 -0.97 8.06 10.22
C PHE M 200 -0.01 9.15 9.82
N LEU M 201 1.14 9.19 10.51
CA LEU M 201 2.16 10.19 10.22
C LEU M 201 2.63 10.23 8.76
N HIS M 202 2.87 9.08 8.16
CA HIS M 202 3.33 9.05 6.77
C HIS M 202 2.30 9.54 5.77
N GLU M 203 1.06 9.70 6.22
CA GLU M 203 0.02 10.18 5.32
C GLU M 203 0.42 11.58 4.87
N SER M 204 1.19 12.26 5.73
CA SER M 204 1.61 13.64 5.49
C SER M 204 3.10 13.88 5.64
N GLY M 205 3.82 12.93 6.19
CA GLY M 205 5.23 13.15 6.39
C GLY M 205 5.37 14.12 7.55
N SER M 206 6.62 14.39 7.95
CA SER M 206 6.86 15.28 9.07
C SER M 206 6.55 16.76 8.84
N ASN M 207 6.37 17.43 9.97
CA ASN M 207 6.15 18.87 10.02
C ASN M 207 7.60 19.35 10.17
N ASN M 208 7.84 20.66 10.24
CA ASN M 208 9.21 21.14 10.42
C ASN M 208 9.18 22.42 11.23
N PRO M 209 10.32 22.82 11.82
CA PRO M 209 10.38 24.04 12.63
C PRO M 209 9.74 25.33 12.09
N LEU M 210 9.83 25.61 10.79
CA LEU M 210 9.22 26.84 10.26
C LEU M 210 7.71 26.75 10.03
N GLY M 211 7.16 25.54 10.13
CA GLY M 211 5.73 25.37 9.96
C GLY M 211 5.19 25.71 8.59
N ILE M 212 6.06 25.64 7.59
CA ILE M 212 5.66 25.92 6.21
C ILE M 212 6.02 24.69 5.37
N SER M 213 5.24 24.44 4.34
CA SER M 213 5.47 23.28 3.47
C SER M 213 6.93 23.08 3.08
N SER M 214 7.42 21.85 3.24
CA SER M 214 8.80 21.53 2.90
C SER M 214 8.92 20.71 1.60
N ASP M 215 7.81 20.62 0.86
CA ASP M 215 7.76 19.86 -0.39
C ASP M 215 8.81 20.32 -1.38
N SER M 216 9.22 21.57 -1.25
CA SER M 216 10.23 22.17 -2.12
C SER M 216 11.63 21.78 -1.69
N ASP M 217 11.76 21.17 -0.52
CA ASP M 217 13.08 20.80 -0.05
C ASP M 217 13.11 19.53 0.81
N LYS M 218 12.78 18.39 0.23
CA LYS M 218 12.81 17.15 0.98
C LYS M 218 14.05 16.32 0.69
N ILE M 219 14.39 15.44 1.63
CA ILE M 219 15.58 14.61 1.47
C ILE M 219 15.32 13.21 1.97
N PRO M 220 16.02 12.22 1.38
CA PRO M 220 15.84 10.83 1.79
C PRO M 220 16.18 10.61 3.25
N PHE M 221 15.32 9.88 3.95
CA PHE M 221 15.55 9.59 5.36
C PHE M 221 16.97 9.05 5.56
N HIS M 222 17.41 8.21 4.63
CA HIS M 222 18.77 7.67 4.68
C HIS M 222 19.57 8.37 3.58
N PRO M 223 20.79 8.81 3.91
CA PRO M 223 21.44 8.68 5.21
C PRO M 223 21.32 9.91 6.11
N TYR M 224 20.53 10.89 5.69
CA TYR M 224 20.44 12.09 6.49
C TYR M 224 19.96 11.88 7.92
N TYR M 225 18.76 11.33 8.07
CA TYR M 225 18.24 11.13 9.41
C TYR M 225 18.61 9.82 10.06
N SER M 226 19.07 8.84 9.29
CA SER M 226 19.48 7.59 9.92
C SER M 226 20.73 7.95 10.71
N PHE M 227 21.63 8.70 10.08
CA PHE M 227 22.87 9.15 10.71
C PHE M 227 22.59 10.14 11.83
N LYS M 228 21.68 11.08 11.58
CA LYS M 228 21.38 12.06 12.61
C LYS M 228 20.73 11.35 13.80
N ASP M 229 19.88 10.37 13.52
CA ASP M 229 19.20 9.63 14.59
C ASP M 229 20.18 8.77 15.40
N ILE M 230 21.13 8.12 14.74
CA ILE M 230 22.11 7.31 15.44
C ILE M 230 22.97 8.20 16.33
N LEU M 231 23.19 9.43 15.90
CA LEU M 231 23.98 10.37 16.68
C LEU M 231 23.20 10.75 17.92
N GLY M 232 21.93 11.09 17.72
CA GLY M 232 21.06 11.46 18.83
C GLY M 232 20.96 10.33 19.82
N LEU M 233 21.03 9.10 19.32
CA LEU M 233 20.95 7.94 20.18
C LEU M 233 22.12 7.93 21.15
N THR M 234 23.35 7.98 20.62
CA THR M 234 24.53 7.96 21.48
C THR M 234 24.63 9.17 22.43
N LEU M 235 24.08 10.31 22.02
CA LEU M 235 24.16 11.47 22.88
C LEU M 235 23.30 11.26 24.13
N MET M 236 22.08 10.75 23.95
CA MET M 236 21.20 10.51 25.08
C MET M 236 21.61 9.26 25.85
N LEU M 237 22.33 8.37 25.17
CA LEU M 237 22.76 7.12 25.77
C LEU M 237 23.82 7.32 26.85
N THR M 238 24.58 8.41 26.77
CA THR M 238 25.62 8.71 27.76
C THR M 238 25.04 9.01 29.15
N PRO M 239 24.12 9.99 29.24
CA PRO M 239 23.52 10.31 30.54
C PRO M 239 22.87 9.05 31.11
N PHE M 240 22.09 8.35 30.28
CA PHE M 240 21.42 7.11 30.67
C PHE M 240 22.41 6.16 31.33
N LEU M 241 23.45 5.78 30.61
CA LEU M 241 24.44 4.86 31.17
C LEU M 241 25.19 5.47 32.36
N THR M 242 25.47 6.76 32.30
CA THR M 242 26.17 7.42 33.39
C THR M 242 25.33 7.33 34.65
N LEU M 243 24.05 7.59 34.49
CA LEU M 243 23.14 7.52 35.63
C LEU M 243 23.08 6.08 36.12
N ALA M 244 22.73 5.16 35.23
CA ALA M 244 22.62 3.76 35.60
C ALA M 244 23.89 3.14 36.15
N LEU M 245 25.04 3.55 35.63
CA LEU M 245 26.30 2.98 36.09
C LEU M 245 27.03 3.72 37.19
N PHE M 246 26.69 4.98 37.42
CA PHE M 246 27.38 5.75 38.46
C PHE M 246 26.45 6.27 39.54
N SER M 247 25.15 6.16 39.33
CA SER M 247 24.16 6.64 40.30
C SER M 247 22.86 5.86 40.10
N PRO M 248 22.94 4.53 40.18
CA PRO M 248 21.81 3.61 40.01
C PRO M 248 20.58 3.98 40.81
N ASN M 249 20.78 4.49 42.01
CA ASN M 249 19.65 4.82 42.87
C ASN M 249 19.30 6.28 43.03
N LEU M 250 19.81 7.14 42.15
CA LEU M 250 19.50 8.54 42.26
C LEU M 250 17.98 8.78 42.21
N LEU M 251 17.32 8.12 41.28
CA LEU M 251 15.90 8.31 41.08
C LEU M 251 14.90 7.48 41.92
N GLY M 252 15.37 6.42 42.57
CA GLY M 252 14.46 5.59 43.34
C GLY M 252 14.27 5.93 44.80
N ASP M 253 13.13 5.52 45.36
CA ASP M 253 12.86 5.77 46.77
C ASP M 253 13.48 4.63 47.58
N PRO M 254 14.32 4.97 48.57
CA PRO M 254 14.96 3.94 49.40
C PRO M 254 13.93 3.04 50.08
N GLU M 255 12.72 3.55 50.19
CA GLU M 255 11.64 2.82 50.81
C GLU M 255 11.36 1.50 50.05
N ASN M 256 11.68 1.46 48.76
CA ASN M 256 11.41 0.26 47.98
C ASN M 256 12.46 -0.81 48.14
N PHE M 257 13.32 -0.64 49.14
CA PHE M 257 14.34 -1.65 49.43
C PHE M 257 13.86 -2.37 50.68
N THR M 258 12.60 -2.13 51.02
CA THR M 258 12.01 -2.73 52.18
C THR M 258 10.75 -3.49 51.75
N PRO M 259 10.72 -4.81 52.00
CA PRO M 259 9.56 -5.62 51.64
C PRO M 259 8.26 -4.95 52.01
N ALA M 260 7.28 -5.00 51.12
CA ALA M 260 5.98 -4.42 51.36
C ALA M 260 5.41 -4.89 52.69
N ASN M 261 4.84 -3.96 53.45
CA ASN M 261 4.24 -4.23 54.74
C ASN M 261 2.83 -3.70 54.70
N PRO M 262 1.84 -4.59 54.67
CA PRO M 262 0.44 -4.18 54.62
C PRO M 262 -0.02 -3.29 55.77
N LEU M 263 0.64 -3.43 56.92
CA LEU M 263 0.25 -2.68 58.12
C LEU M 263 0.93 -1.34 58.37
N VAL M 264 2.06 -1.10 57.74
CA VAL M 264 2.78 0.15 57.94
C VAL M 264 2.92 0.90 56.63
N THR M 265 2.34 2.10 56.57
CA THR M 265 2.43 2.92 55.38
C THR M 265 3.61 3.87 55.56
N PRO M 266 4.47 4.00 54.56
CA PRO M 266 5.61 4.91 54.70
C PRO M 266 5.17 6.33 55.08
N PRO M 267 5.98 7.03 55.88
CA PRO M 267 5.67 8.40 56.31
C PRO M 267 5.48 9.34 55.13
N HIS M 268 6.37 9.26 54.15
CA HIS M 268 6.24 10.12 52.99
C HIS M 268 6.22 9.34 51.69
N ILE M 269 4.98 9.01 51.31
CA ILE M 269 4.67 8.30 50.11
C ILE M 269 4.86 9.28 48.97
N LYS M 270 5.91 9.08 48.17
CA LYS M 270 6.15 9.97 47.03
C LYS M 270 6.40 9.16 45.77
N PRO M 271 5.62 9.45 44.71
CA PRO M 271 5.71 8.78 43.40
C PRO M 271 6.98 9.05 42.63
N GLU M 272 7.21 8.26 41.59
CA GLU M 272 8.37 8.42 40.74
C GLU M 272 8.31 9.83 40.15
N TRP M 273 9.48 10.37 39.82
CA TRP M 273 9.53 11.72 39.30
C TRP M 273 8.58 12.07 38.16
N TYR M 274 8.41 11.16 37.21
CA TYR M 274 7.56 11.44 36.06
C TYR M 274 6.08 11.49 36.34
N PHE M 275 5.67 11.27 37.59
CA PHE M 275 4.26 11.34 37.92
C PHE M 275 3.97 12.47 38.92
N LEU M 276 5.03 13.08 39.44
CA LEU M 276 4.92 14.16 40.43
C LEU M 276 3.97 15.31 40.07
N PHE M 277 4.20 15.94 38.92
CA PHE M 277 3.35 17.03 38.48
C PHE M 277 1.85 16.67 38.49
N ALA M 278 1.53 15.44 38.12
CA ALA M 278 0.14 14.99 38.09
C ALA M 278 -0.34 14.75 39.51
N TYR M 279 0.55 14.21 40.34
CA TYR M 279 0.22 13.93 41.72
C TYR M 279 -0.13 15.26 42.37
N ALA M 280 0.72 16.27 42.11
CA ALA M 280 0.51 17.61 42.65
C ALA M 280 -0.89 18.08 42.30
N ILE M 281 -1.27 17.94 41.05
CA ILE M 281 -2.59 18.36 40.64
C ILE M 281 -3.69 17.60 41.38
N LEU M 282 -3.51 16.29 41.55
CA LEU M 282 -4.50 15.49 42.26
C LEU M 282 -4.76 16.03 43.66
N ARG M 283 -3.70 16.46 44.33
CA ARG M 283 -3.78 16.97 45.69
C ARG M 283 -4.32 18.38 45.83
N SER M 284 -4.20 19.18 44.77
CA SER M 284 -4.67 20.55 44.78
C SER M 284 -6.15 20.63 45.18
N ILE M 285 -6.96 19.68 44.71
CA ILE M 285 -8.38 19.65 45.06
C ILE M 285 -8.62 18.76 46.28
N PRO M 286 -8.84 19.37 47.45
CA PRO M 286 -9.09 18.68 48.72
C PRO M 286 -10.33 17.79 48.75
N ASN M 287 -10.90 17.48 47.59
CA ASN M 287 -12.09 16.62 47.51
C ASN M 287 -11.73 15.38 46.70
N LYS M 288 -11.96 14.20 47.28
CA LYS M 288 -11.62 12.95 46.62
C LYS M 288 -11.95 12.93 45.12
N LEU M 289 -13.24 12.86 44.78
CA LEU M 289 -13.65 12.83 43.39
C LEU M 289 -13.12 14.02 42.57
N GLY M 290 -13.20 15.20 43.16
CA GLY M 290 -12.74 16.39 42.46
C GLY M 290 -11.28 16.29 42.10
N GLY M 291 -10.49 15.77 43.02
CA GLY M 291 -9.06 15.61 42.79
C GLY M 291 -8.78 14.59 41.69
N VAL M 292 -9.59 13.54 41.63
CA VAL M 292 -9.41 12.52 40.61
C VAL M 292 -9.70 13.14 39.24
N LEU M 293 -10.82 13.83 39.12
CA LEU M 293 -11.17 14.47 37.86
C LEU M 293 -10.07 15.42 37.40
N ALA M 294 -9.50 16.19 38.33
CA ALA M 294 -8.44 17.13 37.98
C ALA M 294 -7.26 16.35 37.41
N LEU M 295 -6.96 15.21 38.03
CA LEU M 295 -5.86 14.37 37.56
C LEU M 295 -6.15 13.84 36.17
N ALA M 296 -7.35 13.30 35.98
CA ALA M 296 -7.76 12.76 34.69
C ALA M 296 -7.67 13.83 33.63
N ALA M 297 -8.21 15.01 33.95
CA ALA M 297 -8.21 16.13 33.02
C ALA M 297 -6.81 16.63 32.73
N SER M 298 -5.90 16.50 33.69
CA SER M 298 -4.54 16.99 33.51
C SER M 298 -3.84 16.28 32.36
N VAL M 299 -4.29 15.07 32.03
CA VAL M 299 -3.66 14.34 30.93
C VAL M 299 -4.54 14.33 29.71
N LEU M 300 -5.84 14.10 29.93
CA LEU M 300 -6.80 14.08 28.83
C LEU M 300 -6.95 15.45 28.17
N ILE M 301 -6.41 16.48 28.82
CA ILE M 301 -6.46 17.84 28.28
C ILE M 301 -5.74 17.81 26.93
N LEU M 302 -4.80 16.87 26.76
CA LEU M 302 -4.03 16.74 25.52
C LEU M 302 -4.90 16.47 24.27
N PHE M 303 -6.04 15.81 24.47
CA PHE M 303 -6.93 15.53 23.35
C PHE M 303 -7.57 16.83 22.86
N LEU M 304 -7.57 17.85 23.71
CA LEU M 304 -8.17 19.15 23.40
C LEU M 304 -7.28 20.14 22.67
N ILE M 305 -5.97 19.98 22.78
CA ILE M 305 -5.04 20.89 22.15
C ILE M 305 -5.34 21.25 20.70
N PRO M 306 -5.52 20.26 19.81
CA PRO M 306 -5.81 20.61 18.41
C PRO M 306 -6.99 21.56 18.19
N PHE M 307 -7.91 21.64 19.14
CA PHE M 307 -9.08 22.51 19.01
C PHE M 307 -8.92 23.88 19.64
N LEU M 308 -7.77 24.14 20.24
CA LEU M 308 -7.51 25.43 20.87
C LEU M 308 -6.46 26.20 20.07
N HIS M 309 -6.30 25.80 18.81
CA HIS M 309 -5.32 26.44 17.94
C HIS M 309 -6.01 27.54 17.16
N LYS M 310 -5.66 28.78 17.46
CA LYS M 310 -6.25 29.92 16.79
C LYS M 310 -5.28 30.60 15.85
N SER M 311 -3.99 30.38 16.09
CA SER M 311 -2.97 30.99 15.26
C SER M 311 -3.13 30.69 13.77
N LYS M 312 -2.77 31.65 12.93
CA LYS M 312 -2.85 31.49 11.47
C LYS M 312 -1.55 30.87 11.00
N GLN M 313 -0.64 30.70 11.96
CA GLN M 313 0.64 30.09 11.68
C GLN M 313 0.67 28.78 12.46
N ARG M 314 1.37 27.79 11.93
CA ARG M 314 1.42 26.49 12.59
C ARG M 314 2.29 26.45 13.85
N THR M 315 3.55 26.86 13.73
CA THR M 315 4.42 26.80 14.90
C THR M 315 4.45 28.08 15.74
N MET M 316 5.30 28.08 16.74
CA MET M 316 5.42 29.23 17.61
C MET M 316 6.73 29.94 17.27
N THR M 317 7.42 29.44 16.25
CA THR M 317 8.69 30.05 15.86
C THR M 317 8.62 31.55 15.66
N PHE M 318 7.54 32.03 15.05
CA PHE M 318 7.38 33.46 14.78
C PHE M 318 6.32 34.10 15.66
N ARG M 319 6.05 33.50 16.82
CA ARG M 319 5.05 34.00 17.75
C ARG M 319 5.65 34.21 19.13
N PRO M 320 6.36 35.33 19.33
CA PRO M 320 7.01 35.66 20.61
C PRO M 320 6.11 35.65 21.86
N LEU M 321 4.87 36.10 21.74
CA LEU M 321 3.99 36.07 22.90
C LEU M 321 3.68 34.63 23.31
N SER M 322 3.40 33.77 22.33
CA SER M 322 3.12 32.35 22.60
C SER M 322 4.36 31.68 23.19
N GLN M 323 5.53 32.01 22.67
CA GLN M 323 6.75 31.43 23.19
C GLN M 323 6.90 31.65 24.68
N THR M 324 6.53 32.84 25.15
CA THR M 324 6.65 33.13 26.57
C THR M 324 5.65 32.24 27.28
N LEU M 325 4.42 32.33 26.79
CA LEU M 325 3.33 31.54 27.36
C LEU M 325 3.76 30.07 27.43
N PHE M 326 4.55 29.62 26.45
CA PHE M 326 5.01 28.24 26.36
C PHE M 326 5.97 27.89 27.48
N TRP M 327 6.97 28.75 27.70
CA TRP M 327 7.94 28.49 28.75
C TRP M 327 7.35 28.69 30.13
N LEU M 328 6.29 29.48 30.20
CA LEU M 328 5.64 29.66 31.47
C LEU M 328 5.07 28.29 31.81
N LEU M 329 4.38 27.69 30.84
CA LEU M 329 3.78 26.37 31.02
C LEU M 329 4.84 25.36 31.43
N VAL M 330 5.98 25.35 30.76
CA VAL M 330 7.03 24.42 31.12
C VAL M 330 7.45 24.64 32.56
N ALA M 331 7.71 25.88 32.91
CA ALA M 331 8.10 26.21 34.28
C ALA M 331 7.00 25.80 35.25
N ASN M 332 5.76 26.01 34.83
CA ASN M 332 4.61 25.67 35.64
C ASN M 332 4.68 24.20 35.99
N LEU M 333 5.10 23.39 35.01
CA LEU M 333 5.22 21.95 35.21
C LEU M 333 6.34 21.62 36.19
N LEU M 334 7.45 22.36 36.12
CA LEU M 334 8.56 22.15 37.06
C LEU M 334 8.06 22.40 38.48
N ILE M 335 7.34 23.50 38.64
CA ILE M 335 6.81 23.86 39.94
C ILE M 335 5.92 22.72 40.42
N LEU M 336 5.02 22.24 39.56
CA LEU M 336 4.14 21.14 39.96
C LEU M 336 4.96 19.92 40.36
N THR M 337 5.98 19.60 39.57
CA THR M 337 6.84 18.47 39.87
C THR M 337 7.40 18.64 41.27
N TRP M 338 8.03 19.79 41.51
CA TRP M 338 8.58 20.09 42.82
C TRP M 338 7.51 20.02 43.93
N ILE M 339 6.37 20.66 43.70
CA ILE M 339 5.30 20.63 44.69
C ILE M 339 4.84 19.21 44.97
N GLY M 340 4.87 18.35 43.95
CA GLY M 340 4.43 16.98 44.13
C GLY M 340 5.35 16.15 45.01
N SER M 341 6.57 16.64 45.24
CA SER M 341 7.51 15.91 46.07
C SER M 341 7.54 16.41 47.52
N GLN M 342 6.74 17.43 47.81
CA GLN M 342 6.69 17.99 49.14
C GLN M 342 5.44 17.56 49.87
N PRO M 343 5.43 17.71 51.20
CA PRO M 343 4.27 17.34 52.02
C PRO M 343 3.13 18.36 51.88
N VAL M 344 1.90 17.93 52.13
CA VAL M 344 0.74 18.81 52.03
C VAL M 344 0.73 19.81 53.19
N GLU M 345 1.44 20.92 53.02
CA GLU M 345 1.51 21.93 54.07
C GLU M 345 1.87 23.29 53.47
N HIS M 346 1.50 24.36 54.19
CA HIS M 346 1.80 25.72 53.76
C HIS M 346 3.33 25.77 53.66
N PRO M 347 3.86 26.48 52.66
CA PRO M 347 3.20 27.25 51.60
C PRO M 347 2.86 26.39 50.38
N PHE M 348 3.38 25.17 50.38
CA PHE M 348 3.16 24.21 49.30
C PHE M 348 1.71 24.10 48.84
N ILE M 349 0.80 23.88 49.78
CA ILE M 349 -0.61 23.74 49.43
C ILE M 349 -1.09 24.86 48.50
N ILE M 350 -0.87 26.11 48.90
CA ILE M 350 -1.31 27.22 48.08
C ILE M 350 -0.52 27.30 46.77
N ILE M 351 0.81 27.20 46.85
CA ILE M 351 1.65 27.26 45.64
C ILE M 351 1.12 26.22 44.66
N GLY M 352 0.85 25.03 45.18
CA GLY M 352 0.33 23.96 44.37
C GLY M 352 -0.93 24.35 43.64
N GLN M 353 -1.97 24.72 44.38
CA GLN M 353 -3.25 25.10 43.77
C GLN M 353 -3.07 26.20 42.73
N MET M 354 -2.07 27.04 42.95
CA MET M 354 -1.78 28.11 42.03
C MET M 354 -1.36 27.45 40.73
N ALA M 355 -0.21 26.78 40.77
CA ALA M 355 0.34 26.08 39.60
C ALA M 355 -0.70 25.22 38.90
N SER M 356 -1.52 24.50 39.67
CA SER M 356 -2.56 23.66 39.08
C SER M 356 -3.48 24.57 38.29
N LEU M 357 -4.03 25.57 38.96
CA LEU M 357 -4.94 26.50 38.33
C LEU M 357 -4.37 27.17 37.08
N SER M 358 -3.10 27.57 37.13
CA SER M 358 -2.51 28.22 35.97
C SER M 358 -2.24 27.25 34.82
N TYR M 359 -1.96 25.99 35.17
CA TYR M 359 -1.71 24.96 34.17
C TYR M 359 -2.89 24.90 33.22
N PHE M 360 -4.09 24.69 33.78
CA PHE M 360 -5.30 24.63 32.96
C PHE M 360 -5.68 25.96 32.31
N THR M 361 -5.32 27.06 32.97
CA THR M 361 -5.62 28.39 32.45
C THR M 361 -4.76 28.68 31.22
N ILE M 362 -3.49 28.30 31.25
CA ILE M 362 -2.64 28.54 30.10
C ILE M 362 -3.13 27.75 28.88
N LEU M 363 -3.50 26.49 29.10
CA LEU M 363 -3.94 25.64 28.00
C LEU M 363 -5.34 25.93 27.49
N LEU M 364 -6.29 26.16 28.40
CA LEU M 364 -7.66 26.42 27.99
C LEU M 364 -8.06 27.85 27.63
N ILE M 365 -7.34 28.84 28.17
CA ILE M 365 -7.68 30.23 27.88
C ILE M 365 -6.57 31.06 27.24
N LEU M 366 -5.44 31.16 27.91
CA LEU M 366 -4.36 31.97 27.37
C LEU M 366 -3.87 31.59 25.99
N PHE M 367 -3.64 30.31 25.73
CA PHE M 367 -3.12 29.94 24.41
C PHE M 367 -4.02 30.27 23.25
N PRO M 368 -5.33 29.97 23.35
CA PRO M 368 -6.18 30.32 22.21
C PRO M 368 -6.37 31.83 22.13
N THR M 369 -6.49 32.46 23.28
CA THR M 369 -6.66 33.91 23.37
C THR M 369 -5.45 34.64 22.76
N ILE M 370 -4.25 34.32 23.22
CA ILE M 370 -3.05 34.95 22.69
C ILE M 370 -2.88 34.67 21.20
N GLY M 371 -3.27 33.48 20.77
CA GLY M 371 -3.14 33.12 19.37
C GLY M 371 -3.98 34.02 18.50
N THR M 372 -5.17 34.35 19.00
CA THR M 372 -6.10 35.24 18.31
C THR M 372 -5.53 36.66 18.32
N LEU M 373 -4.99 37.04 19.48
CA LEU M 373 -4.41 38.36 19.64
C LEU M 373 -3.23 38.50 18.68
N GLU M 374 -2.39 37.48 18.59
CA GLU M 374 -1.26 37.55 17.70
C GLU M 374 -1.69 37.67 16.23
N ASN M 375 -2.79 37.03 15.87
CA ASN M 375 -3.29 37.11 14.50
C ASN M 375 -3.57 38.55 14.12
N LYS M 376 -4.23 39.27 15.02
CA LYS M 376 -4.55 40.66 14.79
C LYS M 376 -3.32 41.55 14.67
N MET M 377 -2.28 41.27 15.47
CA MET M 377 -1.06 42.06 15.40
C MET M 377 -0.31 41.84 14.09
N LEU M 378 -0.76 40.84 13.33
CA LEU M 378 -0.16 40.54 12.03
C LEU M 378 -1.04 41.13 10.95
N ASN M 379 -2.19 41.64 11.39
CA ASN M 379 -3.19 42.27 10.53
C ASN M 379 -4.03 41.25 9.77
N TYR M 380 -4.36 40.18 10.49
CA TYR M 380 -5.19 39.08 10.00
C TYR M 380 -6.36 39.03 10.98
N GLY N 1 7.56 19.02 66.09
CA GLY N 1 6.91 17.74 65.70
C GLY N 1 7.75 16.91 64.73
N GLU N 2 7.86 17.39 63.50
CA GLU N 2 8.64 16.68 62.48
C GLU N 2 10.04 17.30 62.40
N LEU N 3 10.70 17.39 63.55
CA LEU N 3 12.04 17.94 63.62
C LEU N 3 13.01 16.81 63.35
N GLU N 4 13.92 17.01 62.41
CA GLU N 4 14.88 15.97 62.09
C GLU N 4 16.28 16.52 61.82
N LEU N 5 17.27 15.74 62.21
CA LEU N 5 18.66 16.11 62.02
C LEU N 5 19.23 15.20 60.93
N HIS N 6 19.75 15.79 59.85
CA HIS N 6 20.30 15.00 58.76
C HIS N 6 21.81 14.85 58.89
N PRO N 7 22.32 13.62 58.72
CA PRO N 7 23.74 13.30 58.80
C PRO N 7 24.64 14.05 57.83
N PRO N 8 25.90 14.27 58.22
CA PRO N 8 26.84 14.98 57.34
C PRO N 8 27.37 13.97 56.33
N ALA N 9 28.09 14.45 55.33
CA ALA N 9 28.62 13.55 54.33
C ALA N 9 30.06 13.19 54.59
N PHE N 10 30.30 11.96 55.03
CA PHE N 10 31.68 11.53 55.27
C PHE N 10 32.35 11.12 53.96
N PRO N 11 33.65 11.39 53.83
CA PRO N 11 34.42 11.06 52.64
C PRO N 11 34.83 9.59 52.54
N TRP N 12 33.85 8.71 52.39
CA TRP N 12 34.11 7.27 52.29
C TRP N 12 35.06 7.02 51.12
N SER N 13 35.98 6.07 51.26
CA SER N 13 36.92 5.81 50.18
C SER N 13 36.27 5.11 48.98
N HIS N 14 34.96 4.90 49.03
CA HIS N 14 34.28 4.25 47.93
C HIS N 14 33.19 5.18 47.36
N GLY N 15 33.21 6.43 47.78
CA GLY N 15 32.23 7.39 47.30
C GLY N 15 32.47 7.92 45.89
N GLY N 16 33.74 8.00 45.49
CA GLY N 16 34.05 8.50 44.16
C GLY N 16 33.51 7.63 43.04
N PRO N 17 33.14 8.22 41.91
CA PRO N 17 32.62 7.42 40.79
C PRO N 17 33.54 6.29 40.31
N LEU N 18 34.83 6.38 40.58
CA LEU N 18 35.74 5.30 40.16
C LEU N 18 36.37 4.65 41.38
N SER N 19 35.84 4.97 42.54
CA SER N 19 36.39 4.46 43.78
C SER N 19 35.81 3.14 44.24
N ALA N 20 36.65 2.11 44.23
CA ALA N 20 36.24 0.80 44.66
C ALA N 20 36.01 0.85 46.16
N LEU N 21 35.65 -0.29 46.74
CA LEU N 21 35.44 -0.39 48.17
C LEU N 21 36.80 -0.76 48.72
N ASP N 22 37.04 -0.39 49.99
CA ASP N 22 38.30 -0.74 50.64
C ASP N 22 38.03 -2.12 51.21
N HIS N 23 38.59 -3.15 50.59
CA HIS N 23 38.30 -4.50 51.04
C HIS N 23 38.82 -4.86 52.41
N SER N 24 39.90 -4.23 52.85
CA SER N 24 40.43 -4.49 54.17
C SER N 24 39.37 -4.02 55.15
N SER N 25 38.78 -2.87 54.84
CA SER N 25 37.73 -2.27 55.64
C SER N 25 36.46 -3.11 55.60
N VAL N 26 36.18 -3.73 54.45
CA VAL N 26 34.99 -4.58 54.31
C VAL N 26 35.17 -5.88 55.10
N ARG N 27 36.39 -6.41 55.09
CA ARG N 27 36.70 -7.64 55.82
C ARG N 27 36.45 -7.37 57.30
N ARG N 28 37.08 -6.31 57.80
CA ARG N 28 36.89 -5.94 59.20
C ARG N 28 35.40 -5.76 59.51
N GLY N 29 34.72 -4.93 58.71
CA GLY N 29 33.31 -4.68 58.88
C GLY N 29 32.50 -5.96 59.03
N PHE N 30 32.91 -7.01 58.32
CA PHE N 30 32.23 -8.29 58.38
C PHE N 30 32.31 -8.87 59.80
N GLN N 31 33.52 -8.82 60.36
CA GLN N 31 33.76 -9.31 61.70
C GLN N 31 32.85 -8.58 62.69
N VAL N 32 32.68 -7.28 62.49
CA VAL N 32 31.81 -6.51 63.38
C VAL N 32 30.38 -6.99 63.28
N TYR N 33 29.95 -7.34 62.06
CA TYR N 33 28.59 -7.83 61.86
C TYR N 33 28.49 -9.19 62.51
N LYS N 34 29.47 -10.03 62.22
CA LYS N 34 29.51 -11.38 62.75
C LYS N 34 29.55 -11.45 64.27
N GLN N 35 30.45 -10.68 64.88
CA GLN N 35 30.60 -10.70 66.33
C GLN N 35 29.71 -9.76 67.12
N VAL N 36 29.06 -8.81 66.48
CA VAL N 36 28.21 -7.90 67.23
C VAL N 36 26.74 -7.79 66.77
N CYS N 37 26.56 -7.32 65.53
CA CYS N 37 25.23 -7.10 64.97
C CYS N 37 24.39 -8.35 64.73
N SER N 38 25.01 -9.44 64.29
CA SER N 38 24.27 -10.66 63.99
C SER N 38 23.51 -11.25 65.17
N ALA N 39 23.81 -10.77 66.37
CA ALA N 39 23.12 -11.28 67.55
C ALA N 39 21.66 -10.92 67.48
N CYS N 40 21.33 -9.83 66.79
CA CYS N 40 19.94 -9.40 66.69
C CYS N 40 19.50 -9.10 65.26
N HIS N 41 20.47 -8.95 64.36
CA HIS N 41 20.18 -8.62 62.97
C HIS N 41 20.46 -9.74 61.99
N SER N 42 19.49 -10.01 61.13
CA SER N 42 19.66 -11.04 60.11
C SER N 42 20.25 -10.38 58.87
N MET N 43 20.75 -11.20 57.97
CA MET N 43 21.30 -10.72 56.72
C MET N 43 20.96 -11.80 55.72
N ASP N 44 19.66 -12.03 55.59
CA ASP N 44 19.14 -13.07 54.71
C ASP N 44 19.73 -13.21 53.32
N TYR N 45 20.12 -12.12 52.68
CA TYR N 45 20.63 -12.24 51.33
C TYR N 45 22.11 -12.47 51.08
N VAL N 46 22.91 -12.69 52.10
CA VAL N 46 24.33 -12.95 51.85
C VAL N 46 24.72 -14.31 52.35
N ALA N 47 25.48 -15.04 51.53
CA ALA N 47 25.92 -16.36 51.91
C ALA N 47 27.43 -16.33 52.11
N PHE N 48 27.94 -17.31 52.85
CA PHE N 48 29.38 -17.37 53.12
C PHE N 48 30.24 -17.44 51.86
N ARG N 49 29.69 -17.97 50.76
CA ARG N 49 30.45 -18.04 49.51
C ARG N 49 30.70 -16.65 48.90
N ASN N 50 29.78 -15.72 49.16
CA ASN N 50 29.91 -14.36 48.67
C ASN N 50 31.18 -13.69 49.17
N LEU N 51 31.70 -14.20 50.29
CA LEU N 51 32.92 -13.66 50.88
C LEU N 51 34.16 -14.00 50.05
N ILE N 52 34.21 -15.22 49.53
CA ILE N 52 35.35 -15.69 48.76
C ILE N 52 35.81 -14.74 47.68
N GLY N 53 37.13 -14.55 47.56
CA GLY N 53 37.66 -13.67 46.53
C GLY N 53 37.23 -12.23 46.66
N VAL N 54 36.60 -11.89 47.78
CA VAL N 54 36.15 -10.53 48.03
C VAL N 54 36.83 -10.05 49.31
N THR N 55 36.55 -10.73 50.42
CA THR N 55 37.13 -10.40 51.72
C THR N 55 37.85 -11.57 52.37
N HIS N 56 37.53 -12.80 51.93
CA HIS N 56 38.13 -14.00 52.49
C HIS N 56 38.56 -14.99 51.43
N THR N 57 39.38 -15.95 51.82
CA THR N 57 39.83 -16.99 50.90
C THR N 57 38.80 -18.08 51.04
N GLU N 58 38.81 -19.03 50.11
CA GLU N 58 37.86 -20.12 50.16
C GLU N 58 38.00 -20.90 51.47
N ALA N 59 39.24 -21.21 51.84
CA ALA N 59 39.50 -21.95 53.08
C ALA N 59 38.85 -21.26 54.27
N GLU N 60 39.05 -19.96 54.37
CA GLU N 60 38.49 -19.16 55.45
C GLU N 60 36.98 -19.19 55.45
N ALA N 61 36.40 -18.94 54.27
CA ALA N 61 34.95 -18.92 54.12
C ALA N 61 34.33 -20.21 54.62
N LYS N 62 34.92 -21.33 54.23
CA LYS N 62 34.44 -22.63 54.66
C LYS N 62 34.44 -22.70 56.18
N ALA N 63 35.55 -22.32 56.79
CA ALA N 63 35.67 -22.33 58.24
C ALA N 63 34.50 -21.54 58.83
N LEU N 64 34.38 -20.29 58.40
CA LEU N 64 33.32 -19.43 58.89
C LEU N 64 31.96 -20.11 58.84
N ALA N 65 31.68 -20.80 57.73
CA ALA N 65 30.40 -21.47 57.57
C ALA N 65 30.22 -22.65 58.53
N GLU N 66 31.29 -23.40 58.75
CA GLU N 66 31.23 -24.56 59.63
C GLU N 66 31.06 -24.20 61.09
N GLU N 67 31.34 -22.94 61.44
CA GLU N 67 31.18 -22.48 62.79
C GLU N 67 29.69 -22.48 63.16
N VAL N 68 28.85 -22.49 62.14
CA VAL N 68 27.40 -22.46 62.33
C VAL N 68 26.73 -23.83 62.18
N GLU N 69 25.67 -24.03 62.95
CA GLU N 69 24.91 -25.27 62.85
C GLU N 69 23.65 -24.88 62.09
N VAL N 70 23.32 -25.64 61.04
CA VAL N 70 22.14 -25.33 60.26
C VAL N 70 21.21 -26.53 60.25
N GLN N 71 19.92 -26.24 60.12
CA GLN N 71 18.92 -27.28 60.10
C GLN N 71 18.77 -27.80 58.69
N ASP N 72 18.55 -29.10 58.56
CA ASP N 72 18.38 -29.70 57.26
C ASP N 72 17.40 -30.86 57.42
N GLY N 73 17.18 -31.58 56.34
CA GLY N 73 16.25 -32.72 56.38
C GLY N 73 15.02 -32.49 55.51
N PRO N 74 13.98 -33.32 55.66
CA PRO N 74 13.91 -34.44 56.60
C PRO N 74 14.79 -35.61 56.20
N ASP N 75 15.19 -36.41 57.18
CA ASP N 75 16.02 -37.56 56.92
C ASP N 75 15.10 -38.72 56.55
N GLU N 76 15.58 -39.95 56.70
CA GLU N 76 14.79 -41.12 56.35
C GLU N 76 13.54 -41.27 57.22
N ASN N 77 13.63 -40.91 58.49
CA ASN N 77 12.47 -40.99 59.38
C ASN N 77 11.55 -39.78 59.23
N GLY N 78 11.92 -38.86 58.35
CA GLY N 78 11.12 -37.67 58.16
C GLY N 78 11.42 -36.70 59.29
N GLU N 79 12.62 -36.81 59.85
CA GLU N 79 13.06 -35.97 60.95
C GLU N 79 14.01 -34.88 60.48
N LEU N 80 13.94 -33.71 61.11
CA LEU N 80 14.85 -32.62 60.78
C LEU N 80 16.08 -32.81 61.66
N PHE N 81 17.26 -32.54 61.11
CA PHE N 81 18.49 -32.69 61.87
C PHE N 81 19.41 -31.49 61.69
N MET N 82 20.46 -31.44 62.49
CA MET N 82 21.41 -30.35 62.41
C MET N 82 22.65 -30.83 61.70
N ARG N 83 23.38 -29.89 61.11
CA ARG N 83 24.61 -30.19 60.40
C ARG N 83 25.47 -28.95 60.40
N PRO N 84 26.76 -29.11 60.10
CA PRO N 84 27.67 -27.95 60.06
C PRO N 84 27.46 -27.19 58.75
N GLY N 85 27.59 -25.88 58.80
CA GLY N 85 27.40 -25.07 57.61
C GLY N 85 28.30 -25.33 56.41
N LYS N 86 27.81 -24.92 55.23
CA LYS N 86 28.51 -25.05 53.96
C LYS N 86 28.57 -23.65 53.39
N ILE N 87 29.58 -23.36 52.56
CA ILE N 87 29.71 -22.02 51.99
C ILE N 87 28.46 -21.57 51.22
N SER N 88 27.66 -22.55 50.80
CA SER N 88 26.43 -22.25 50.07
C SER N 88 25.31 -21.78 51.00
N ASP N 89 25.56 -21.83 52.30
CA ASP N 89 24.55 -21.38 53.25
C ASP N 89 24.56 -19.89 53.44
N TYR N 90 23.41 -19.33 53.70
CA TYR N 90 23.30 -17.90 53.94
C TYR N 90 23.52 -17.64 55.43
N PHE N 91 23.85 -16.41 55.78
CA PHE N 91 24.07 -16.06 57.16
C PHE N 91 22.85 -16.40 58.02
N PRO N 92 23.09 -17.00 59.19
CA PRO N 92 22.12 -17.44 60.18
C PRO N 92 21.21 -16.34 60.68
N LYS N 93 19.93 -16.65 60.80
CA LYS N 93 18.97 -15.69 61.32
C LYS N 93 19.02 -15.80 62.84
N PRO N 94 19.02 -14.66 63.54
CA PRO N 94 19.07 -14.68 65.00
C PRO N 94 17.78 -15.21 65.59
N TYR N 95 16.68 -15.02 64.87
CA TYR N 95 15.38 -15.47 65.34
C TYR N 95 14.61 -16.19 64.24
N PRO N 96 13.66 -17.06 64.62
CA PRO N 96 12.81 -17.85 63.72
C PRO N 96 11.75 -17.02 62.98
N ASN N 97 11.41 -15.86 63.54
CA ASN N 97 10.40 -14.99 62.94
C ASN N 97 10.42 -13.66 63.66
N PRO N 98 9.91 -12.60 63.01
CA PRO N 98 9.91 -11.29 63.65
C PRO N 98 9.25 -11.29 65.03
N GLU N 99 8.21 -12.11 65.22
CA GLU N 99 7.55 -12.17 66.51
C GLU N 99 8.57 -12.46 67.61
N ALA N 100 9.38 -13.50 67.39
CA ALA N 100 10.41 -13.88 68.34
C ALA N 100 11.42 -12.75 68.51
N ALA N 101 11.81 -12.14 67.39
CA ALA N 101 12.75 -11.03 67.40
C ALA N 101 12.26 -9.91 68.32
N ARG N 102 11.05 -9.43 68.07
CA ARG N 102 10.47 -8.37 68.89
C ARG N 102 10.47 -8.83 70.33
N ALA N 103 10.01 -10.05 70.53
CA ALA N 103 9.93 -10.66 71.85
C ALA N 103 11.28 -10.61 72.60
N ALA N 104 12.37 -10.54 71.86
CA ALA N 104 13.68 -10.50 72.48
C ALA N 104 14.28 -9.10 72.40
N ASN N 105 13.44 -8.12 72.08
CA ASN N 105 13.92 -6.75 71.97
C ASN N 105 12.85 -5.74 72.38
N ASN N 106 12.07 -6.12 73.38
CA ASN N 106 11.04 -5.23 73.90
C ASN N 106 10.04 -4.74 72.88
N GLY N 107 9.56 -5.64 72.04
CA GLY N 107 8.57 -5.28 71.04
C GLY N 107 9.14 -4.60 69.83
N ALA N 108 10.44 -4.35 69.84
CA ALA N 108 11.11 -3.70 68.72
C ALA N 108 11.67 -4.75 67.77
N LEU N 109 11.63 -4.43 66.48
CA LEU N 109 12.12 -5.33 65.45
C LEU N 109 13.41 -4.88 64.75
N PRO N 110 14.52 -5.53 65.07
CA PRO N 110 15.77 -5.13 64.40
C PRO N 110 15.67 -5.58 62.95
N PRO N 111 15.72 -4.63 62.01
CA PRO N 111 15.62 -4.98 60.58
C PRO N 111 16.78 -5.82 60.01
N ASP N 112 16.49 -6.53 58.92
CA ASP N 112 17.50 -7.34 58.22
C ASP N 112 18.45 -6.27 57.66
N LEU N 113 19.74 -6.56 57.59
CA LEU N 113 20.66 -5.52 57.11
C LEU N 113 21.21 -5.65 55.71
N SER N 114 20.73 -6.63 54.96
CA SER N 114 21.20 -6.87 53.59
C SER N 114 21.11 -5.62 52.70
N TYR N 115 20.05 -4.85 52.84
CA TYR N 115 19.85 -3.67 52.01
C TYR N 115 19.63 -2.43 52.86
N ILE N 116 20.06 -2.48 54.11
CA ILE N 116 19.82 -1.34 54.99
C ILE N 116 20.40 0.02 54.51
N VAL N 117 21.61 0.05 53.97
CA VAL N 117 22.14 1.33 53.51
C VAL N 117 21.35 1.92 52.34
N ASN N 118 20.61 1.08 51.61
CA ASN N 118 19.81 1.56 50.49
C ASN N 118 18.36 1.79 50.93
N ALA N 119 17.99 1.21 52.07
CA ALA N 119 16.62 1.35 52.57
C ALA N 119 16.46 2.54 53.50
N ARG N 120 17.54 3.32 53.65
CA ARG N 120 17.53 4.50 54.52
C ARG N 120 18.13 5.69 53.78
N HIS N 121 17.47 6.83 53.88
CA HIS N 121 17.99 8.03 53.24
C HIS N 121 19.29 8.33 53.98
N GLY N 122 20.35 8.61 53.22
CA GLY N 122 21.62 8.90 53.84
C GLY N 122 22.59 7.73 53.79
N GLY N 123 22.08 6.53 53.53
CA GLY N 123 22.95 5.37 53.43
C GLY N 123 23.96 5.21 54.55
N GLU N 124 25.22 4.91 54.23
CA GLU N 124 26.21 4.74 55.29
C GLU N 124 26.39 6.01 56.10
N ASP N 125 26.19 7.16 55.48
CA ASP N 125 26.32 8.41 56.23
C ASP N 125 25.33 8.38 57.38
N TYR N 126 24.13 7.84 57.14
CA TYR N 126 23.11 7.77 58.18
C TYR N 126 23.35 6.66 59.18
N VAL N 127 23.86 5.53 58.71
CA VAL N 127 24.12 4.42 59.60
C VAL N 127 25.29 4.77 60.50
N PHE N 128 26.25 5.50 59.95
CA PHE N 128 27.41 5.91 60.74
C PHE N 128 27.04 6.92 61.81
N SER N 129 26.28 7.94 61.42
CA SER N 129 25.84 8.98 62.35
C SER N 129 24.97 8.42 63.48
N LEU N 130 24.16 7.41 63.17
CA LEU N 130 23.28 6.82 64.17
C LEU N 130 24.09 6.00 65.17
N LEU N 131 25.05 5.23 64.66
CA LEU N 131 25.88 4.39 65.51
C LEU N 131 26.78 5.15 66.47
N THR N 132 27.30 6.30 66.02
CA THR N 132 28.18 7.10 66.86
C THR N 132 27.49 8.32 67.47
N GLY N 133 26.22 8.53 67.15
CA GLY N 133 25.54 9.71 67.66
C GLY N 133 24.60 9.64 68.86
N TYR N 134 24.74 8.63 69.72
CA TYR N 134 23.86 8.56 70.88
C TYR N 134 24.25 9.63 71.90
N CYS N 135 23.25 10.17 72.60
CA CYS N 135 23.49 11.20 73.62
C CYS N 135 22.23 11.35 74.47
N ASP N 136 22.31 12.16 75.52
CA ASP N 136 21.16 12.38 76.40
C ASP N 136 20.12 13.31 75.79
N PRO N 137 18.83 13.06 76.10
CA PRO N 137 17.79 13.94 75.54
C PRO N 137 17.93 15.40 75.94
N PRO N 138 17.53 16.31 75.04
CA PRO N 138 17.60 17.73 75.33
C PRO N 138 16.52 18.09 76.34
N ALA N 139 16.65 19.24 76.98
CA ALA N 139 15.67 19.67 77.97
C ALA N 139 14.24 19.68 77.42
N GLY N 140 13.33 19.10 78.18
CA GLY N 140 11.93 19.06 77.78
C GLY N 140 11.52 17.82 77.02
N VAL N 141 12.50 16.94 76.77
CA VAL N 141 12.25 15.71 76.04
C VAL N 141 12.51 14.48 76.89
N VAL N 142 11.50 13.63 77.05
CA VAL N 142 11.68 12.41 77.83
C VAL N 142 11.46 11.17 76.98
N VAL N 143 12.44 10.27 77.04
CA VAL N 143 12.44 9.01 76.30
C VAL N 143 11.73 7.94 77.12
N ARG N 144 10.73 7.26 76.55
CA ARG N 144 10.02 6.23 77.32
C ARG N 144 10.96 5.07 77.62
N GLU N 145 10.63 4.30 78.66
CA GLU N 145 11.45 3.17 79.07
C GLU N 145 11.67 2.09 78.02
N GLY N 146 12.95 1.78 77.78
CA GLY N 146 13.28 0.78 76.78
C GLY N 146 13.90 1.41 75.55
N LEU N 147 13.54 2.67 75.32
CA LEU N 147 14.06 3.41 74.17
C LEU N 147 15.29 4.22 74.58
N HIS N 148 16.07 4.64 73.59
CA HIS N 148 17.28 5.42 73.85
C HIS N 148 17.30 6.65 72.98
N TYR N 149 17.80 7.75 73.52
CA TYR N 149 17.83 8.95 72.74
C TYR N 149 18.91 8.92 71.67
N ASN N 150 18.50 9.27 70.46
CA ASN N 150 19.41 9.35 69.34
C ASN N 150 18.81 10.42 68.44
N PRO N 151 19.53 11.54 68.29
CA PRO N 151 19.06 12.65 67.46
C PRO N 151 18.92 12.29 65.97
N TYR N 152 19.70 11.30 65.54
CA TYR N 152 19.67 10.89 64.14
C TYR N 152 18.51 9.97 63.75
N PHE N 153 17.96 9.24 64.70
CA PHE N 153 16.84 8.37 64.42
C PHE N 153 15.55 9.19 64.37
N PRO N 154 14.69 8.96 63.35
CA PRO N 154 13.46 9.75 63.33
C PRO N 154 12.68 9.55 64.61
N GLY N 155 12.17 10.64 65.18
CA GLY N 155 11.43 10.54 66.43
C GLY N 155 12.41 10.67 67.58
N GLN N 156 13.67 10.35 67.28
CA GLN N 156 14.78 10.42 68.22
C GLN N 156 14.86 9.36 69.33
N ALA N 157 13.81 8.54 69.47
CA ALA N 157 13.80 7.47 70.47
C ALA N 157 13.88 6.10 69.80
N ILE N 158 15.07 5.51 69.79
CA ILE N 158 15.28 4.23 69.13
C ILE N 158 15.26 3.07 70.11
N GLY N 159 14.86 1.89 69.63
CA GLY N 159 14.82 0.73 70.49
C GLY N 159 16.14 -0.03 70.49
N MET N 160 17.14 0.50 69.81
CA MET N 160 18.43 -0.19 69.80
C MET N 160 19.42 0.52 70.73
N ALA N 161 19.90 -0.20 71.73
CA ALA N 161 20.88 0.36 72.66
C ALA N 161 22.19 0.48 71.90
N PRO N 162 23.02 1.49 72.23
CA PRO N 162 24.30 1.64 71.53
C PRO N 162 24.97 0.29 71.38
N PRO N 163 25.05 -0.22 70.15
CA PRO N 163 25.67 -1.51 69.87
C PRO N 163 27.19 -1.59 69.98
N ILE N 164 27.88 -0.51 69.67
CA ILE N 164 29.34 -0.56 69.73
C ILE N 164 30.00 0.52 70.58
N TYR N 165 31.11 0.12 71.21
CA TYR N 165 31.93 0.98 72.06
C TYR N 165 33.38 0.54 71.89
N ASN N 166 34.32 1.37 72.31
CA ASN N 166 35.73 1.04 72.18
C ASN N 166 36.06 -0.37 72.62
N GLU N 167 36.95 -1.00 71.87
CA GLU N 167 37.40 -2.36 72.16
C GLU N 167 36.33 -3.41 72.44
N ILE N 168 35.11 -3.18 71.96
CA ILE N 168 34.06 -4.17 72.17
C ILE N 168 34.45 -5.46 71.45
N LEU N 169 35.54 -5.40 70.70
CA LEU N 169 36.06 -6.56 69.97
C LEU N 169 37.49 -6.26 69.55
N GLU N 170 38.20 -7.27 69.03
CA GLU N 170 39.57 -7.08 68.59
C GLU N 170 39.83 -7.52 67.16
N TYR N 171 40.06 -6.54 66.27
CA TYR N 171 40.33 -6.85 64.86
C TYR N 171 41.57 -7.73 64.78
N ASP N 172 41.46 -8.91 64.18
CA ASP N 172 42.64 -9.76 64.10
C ASP N 172 43.71 -9.24 63.16
N ASP N 173 43.51 -8.04 62.61
CA ASP N 173 44.49 -7.44 61.72
C ASP N 173 45.22 -6.33 62.49
N GLY N 174 44.93 -6.23 63.78
CA GLY N 174 45.56 -5.25 64.63
C GLY N 174 45.07 -3.81 64.58
N THR N 175 44.04 -3.54 63.79
CA THR N 175 43.55 -2.18 63.72
C THR N 175 42.97 -1.76 65.07
N PRO N 176 43.28 -0.53 65.51
CA PRO N 176 42.77 -0.03 66.80
C PRO N 176 41.24 0.02 66.82
N ALA N 177 40.64 -0.93 67.52
CA ALA N 177 39.18 -1.02 67.61
C ALA N 177 38.47 0.12 68.35
N THR N 178 38.48 1.32 67.77
CA THR N 178 37.78 2.42 68.42
C THR N 178 36.34 2.44 67.90
N MET N 179 35.42 2.98 68.69
CA MET N 179 34.01 3.02 68.29
C MET N 179 33.78 3.50 66.87
N SER N 180 34.30 4.68 66.54
CA SER N 180 34.14 5.22 65.20
C SER N 180 34.83 4.35 64.14
N GLN N 181 35.98 3.80 64.47
CA GLN N 181 36.69 2.93 63.53
C GLN N 181 35.81 1.74 63.18
N ILE N 182 35.15 1.20 64.20
CA ILE N 182 34.27 0.06 64.06
C ILE N 182 33.06 0.43 63.21
N ALA N 183 32.42 1.55 63.51
CA ALA N 183 31.24 1.99 62.77
C ALA N 183 31.60 2.18 61.30
N LYS N 184 32.71 2.86 61.06
CA LYS N 184 33.19 3.12 59.71
C LYS N 184 33.38 1.81 58.94
N ASP N 185 33.96 0.80 59.57
CA ASP N 185 34.15 -0.49 58.89
C ASP N 185 32.82 -1.22 58.61
N VAL N 186 32.02 -1.43 59.65
CA VAL N 186 30.76 -2.13 59.47
C VAL N 186 29.89 -1.42 58.44
N CYS N 187 29.98 -0.10 58.40
CA CYS N 187 29.19 0.64 57.42
C CYS N 187 29.70 0.29 56.03
N THR N 188 31.02 0.25 55.87
CA THR N 188 31.59 -0.10 54.58
C THR N 188 31.08 -1.49 54.22
N PHE N 189 31.13 -2.40 55.19
CA PHE N 189 30.66 -3.76 54.97
C PHE N 189 29.21 -3.74 54.51
N LEU N 190 28.39 -2.92 55.14
CA LEU N 190 26.99 -2.82 54.79
C LEU N 190 26.78 -2.34 53.36
N ARG N 191 27.65 -1.45 52.89
CA ARG N 191 27.57 -0.96 51.52
C ARG N 191 27.77 -2.16 50.62
N TRP N 192 28.83 -2.93 50.87
CA TRP N 192 29.09 -4.11 50.06
C TRP N 192 27.91 -5.08 50.12
N ALA N 193 27.43 -5.38 51.33
CA ALA N 193 26.32 -6.31 51.49
C ALA N 193 25.13 -5.93 50.65
N ALA N 194 24.91 -4.62 50.49
CA ALA N 194 23.78 -4.13 49.71
C ALA N 194 24.03 -4.17 48.20
N GLU N 195 25.25 -3.86 47.78
CA GLU N 195 25.52 -3.92 46.36
C GLU N 195 26.88 -4.52 46.05
N PRO N 196 26.96 -5.84 46.18
CA PRO N 196 28.16 -6.65 45.93
C PRO N 196 28.77 -6.33 44.57
N GLU N 197 27.97 -5.82 43.66
CA GLU N 197 28.47 -5.51 42.33
C GLU N 197 29.10 -4.13 42.29
N HIS N 198 29.03 -3.42 43.39
CA HIS N 198 29.60 -2.07 43.48
C HIS N 198 30.87 -1.88 42.64
N ASP N 199 31.94 -2.59 42.96
CA ASP N 199 33.18 -2.44 42.22
C ASP N 199 33.09 -2.66 40.72
N GLN N 200 32.60 -3.83 40.30
CA GLN N 200 32.46 -4.12 38.88
C GLN N 200 31.62 -3.06 38.17
N ARG N 201 30.59 -2.56 38.84
CA ARG N 201 29.74 -1.55 38.25
C ARG N 201 30.56 -0.34 37.84
N LYS N 202 31.47 0.07 38.73
CA LYS N 202 32.32 1.24 38.51
C LYS N 202 33.37 1.01 37.44
N ARG N 203 33.91 -0.20 37.34
CA ARG N 203 34.89 -0.49 36.32
C ARG N 203 34.17 -0.40 34.96
N MET N 204 32.93 -0.89 34.90
CA MET N 204 32.17 -0.83 33.67
C MET N 204 31.93 0.64 33.31
N GLY N 205 31.46 1.42 34.29
CA GLY N 205 31.21 2.83 34.08
C GLY N 205 32.40 3.54 33.44
N LEU N 206 33.60 3.15 33.86
CA LEU N 206 34.81 3.74 33.31
C LEU N 206 34.85 3.48 31.81
N LYS N 207 34.78 2.19 31.44
CA LYS N 207 34.80 1.81 30.02
C LYS N 207 33.66 2.50 29.27
N MET N 208 32.48 2.51 29.87
CA MET N 208 31.31 3.13 29.29
C MET N 208 31.66 4.56 28.88
N LEU N 209 32.25 5.29 29.81
CA LEU N 209 32.66 6.68 29.55
C LEU N 209 33.67 6.81 28.42
N LEU N 210 34.66 5.92 28.38
CA LEU N 210 35.66 6.01 27.33
C LEU N 210 35.06 5.69 25.97
N ILE N 211 34.40 4.54 25.88
CA ILE N 211 33.80 4.14 24.61
C ILE N 211 32.81 5.20 24.14
N SER N 212 32.03 5.73 25.08
CA SER N 212 31.05 6.75 24.74
C SER N 212 31.70 8.02 24.20
N ALA N 213 32.77 8.49 24.84
CA ALA N 213 33.46 9.69 24.40
C ALA N 213 33.92 9.50 22.96
N LEU N 214 34.62 8.39 22.74
CA LEU N 214 35.13 8.03 21.43
C LEU N 214 34.02 7.93 20.38
N LEU N 215 33.11 6.99 20.59
CA LEU N 215 32.01 6.77 19.67
C LEU N 215 31.18 8.03 19.38
N THR N 216 30.87 8.81 20.41
CA THR N 216 30.07 10.02 20.20
C THR N 216 30.81 10.96 19.26
N SER N 217 32.13 11.03 19.41
CA SER N 217 32.94 11.89 18.55
C SER N 217 32.91 11.43 17.09
N LEU N 218 33.24 10.17 16.87
CA LEU N 218 33.25 9.61 15.53
C LEU N 218 31.90 9.77 14.84
N LEU N 219 30.81 9.53 15.58
CA LEU N 219 29.48 9.64 14.98
C LEU N 219 29.14 11.09 14.68
N TYR N 220 29.65 11.99 15.50
CA TYR N 220 29.41 13.40 15.29
C TYR N 220 30.04 13.81 13.97
N TYR N 221 31.27 13.36 13.75
CA TYR N 221 31.96 13.66 12.52
C TYR N 221 31.18 13.14 11.32
N MET N 222 30.86 11.85 11.34
CA MET N 222 30.12 11.20 10.26
C MET N 222 28.81 11.90 9.93
N LYS N 223 28.11 12.36 10.95
CA LYS N 223 26.85 13.06 10.71
C LYS N 223 27.17 14.37 9.98
N ARG N 224 28.19 15.07 10.48
CA ARG N 224 28.63 16.33 9.90
C ARG N 224 29.12 16.10 8.48
N HIS N 225 29.88 15.03 8.29
CA HIS N 225 30.40 14.68 6.98
C HIS N 225 29.31 14.53 5.92
N LYS N 226 28.31 13.73 6.23
CA LYS N 226 27.22 13.49 5.29
C LYS N 226 26.37 14.73 5.09
N TRP N 227 26.11 15.44 6.18
CA TRP N 227 25.31 16.64 6.08
C TRP N 227 26.03 17.86 5.47
N SER N 228 27.35 17.80 5.37
CA SER N 228 28.09 18.92 4.80
C SER N 228 27.47 19.27 3.45
N VAL N 229 27.06 18.25 2.71
CA VAL N 229 26.43 18.46 1.42
C VAL N 229 25.32 19.51 1.49
N LEU N 230 24.44 19.40 2.49
CA LEU N 230 23.35 20.35 2.61
C LEU N 230 23.74 21.63 3.35
N LYS N 231 24.64 21.50 4.33
CA LYS N 231 25.07 22.66 5.12
C LYS N 231 25.75 23.76 4.30
N SER N 232 26.59 23.37 3.35
CA SER N 232 27.28 24.33 2.49
C SER N 232 26.57 24.56 1.16
N ARG N 233 25.47 23.86 0.94
CA ARG N 233 24.72 23.99 -0.30
C ARG N 233 24.25 25.41 -0.55
N LYS N 234 24.34 25.85 -1.80
CA LYS N 234 23.91 27.20 -2.20
C LYS N 234 22.83 27.10 -3.27
N MET N 235 22.01 28.14 -3.38
CA MET N 235 20.94 28.13 -4.38
C MET N 235 20.62 29.54 -4.86
N ALA N 236 19.99 29.64 -6.03
CA ALA N 236 19.61 30.92 -6.60
C ALA N 236 18.29 30.79 -7.37
N TYR N 237 17.59 31.90 -7.53
CA TYR N 237 16.33 31.93 -8.24
C TYR N 237 16.50 32.69 -9.55
N ARG N 238 16.67 31.97 -10.65
CA ARG N 238 16.86 32.62 -11.94
C ARG N 238 15.65 32.56 -12.86
N PRO N 239 14.62 33.37 -12.58
CA PRO N 239 13.45 33.33 -13.45
C PRO N 239 13.86 33.86 -14.82
N PRO N 240 13.19 33.41 -15.90
CA PRO N 240 13.50 33.83 -17.27
C PRO N 240 13.59 35.34 -17.45
N LYS N 241 12.55 36.06 -17.04
CA LYS N 241 12.51 37.52 -17.15
C LYS N 241 12.76 38.02 -18.59
N VAL O 1 20.44 33.35 -20.17
CA VAL O 1 20.75 32.02 -20.78
C VAL O 1 21.71 31.27 -19.88
N HIS O 2 21.74 29.94 -20.02
CA HIS O 2 22.59 29.12 -19.17
C HIS O 2 24.08 29.47 -19.26
N ASN O 3 24.47 30.14 -20.34
CA ASN O 3 25.87 30.53 -20.51
C ASN O 3 26.32 31.47 -19.38
N ASP O 4 25.35 32.22 -18.85
CA ASP O 4 25.55 33.16 -17.76
C ASP O 4 25.48 32.50 -16.38
N VAL O 5 25.60 31.18 -16.35
CA VAL O 5 25.55 30.48 -15.07
C VAL O 5 26.91 29.92 -14.74
N THR O 6 27.32 30.11 -13.50
CA THR O 6 28.60 29.60 -13.01
C THR O 6 28.46 29.11 -11.59
N VAL O 7 29.21 28.06 -11.26
CA VAL O 7 29.17 27.51 -9.92
C VAL O 7 29.83 28.47 -8.95
N PRO O 8 29.15 28.78 -7.84
CA PRO O 8 29.74 29.70 -6.86
C PRO O 8 31.09 29.22 -6.36
N ASP O 9 31.65 30.01 -5.46
CA ASP O 9 32.95 29.69 -4.90
C ASP O 9 32.78 29.01 -3.54
N PHE O 10 33.32 27.80 -3.44
CA PHE O 10 33.26 26.97 -2.23
C PHE O 10 34.60 26.88 -1.50
N SER O 11 35.31 28.00 -1.42
CA SER O 11 36.61 28.01 -0.75
C SER O 11 36.46 28.05 0.76
N ALA O 12 35.35 28.63 1.21
CA ALA O 12 35.06 28.72 2.63
C ALA O 12 34.70 27.33 3.18
N TYR O 13 34.68 26.33 2.30
CA TYR O 13 34.31 24.97 2.68
C TYR O 13 35.25 23.89 2.19
N ARG O 14 35.93 24.14 1.09
CA ARG O 14 36.82 23.12 0.53
C ARG O 14 37.88 22.64 1.48
N ARG O 15 38.24 21.36 1.34
CA ARG O 15 39.28 20.80 2.17
C ARG O 15 40.54 21.47 1.65
N GLU O 16 41.55 21.62 2.50
CA GLU O 16 42.81 22.26 2.12
C GLU O 16 43.40 21.79 0.78
N ASP O 17 43.51 20.47 0.59
CA ASP O 17 44.11 19.92 -0.63
C ASP O 17 43.41 20.12 -1.97
N VAL O 18 42.20 20.67 -1.97
CA VAL O 18 41.49 20.89 -3.23
C VAL O 18 41.05 22.36 -3.30
N MET O 19 41.81 23.19 -2.60
CA MET O 19 41.55 24.62 -2.52
C MET O 19 42.09 25.32 -3.77
N ASP O 20 43.17 24.76 -4.31
CA ASP O 20 43.81 25.31 -5.51
C ASP O 20 43.24 24.72 -6.81
N ALA O 21 42.63 25.61 -7.60
CA ALA O 21 41.99 25.27 -8.86
C ALA O 21 42.89 24.75 -9.97
N THR O 22 44.20 24.96 -9.85
CA THR O 22 45.11 24.52 -10.89
C THR O 22 45.86 23.25 -10.52
N THR O 23 45.39 22.58 -9.47
CA THR O 23 46.03 21.34 -9.04
C THR O 23 45.06 20.16 -9.18
N SER O 24 45.56 19.05 -9.70
CA SER O 24 44.71 17.86 -9.82
C SER O 24 44.14 17.55 -8.44
N SER O 25 42.84 17.21 -8.37
CA SER O 25 42.23 16.88 -7.09
C SER O 25 42.35 15.39 -6.83
N GLN O 26 42.76 14.64 -7.84
CA GLN O 26 42.91 13.19 -7.72
C GLN O 26 44.06 12.80 -6.80
N THR O 27 45.14 13.56 -6.83
CA THR O 27 46.29 13.26 -6.01
C THR O 27 45.98 13.26 -4.49
N SER O 28 44.99 14.05 -4.06
CA SER O 28 44.63 14.06 -2.65
C SER O 28 43.33 13.29 -2.32
N SER O 29 42.73 12.68 -3.35
CA SER O 29 41.48 11.92 -3.20
C SER O 29 41.63 10.74 -2.23
N GLU O 30 42.60 9.86 -2.47
CA GLU O 30 42.78 8.72 -1.58
C GLU O 30 42.97 9.12 -0.11
N ASP O 31 43.69 10.21 0.14
CA ASP O 31 43.87 10.67 1.50
C ASP O 31 42.58 11.20 2.06
N ARG O 32 41.88 12.01 1.26
CA ARG O 32 40.61 12.59 1.68
C ARG O 32 39.57 11.53 2.00
N LYS O 33 39.60 10.42 1.26
CA LYS O 33 38.67 9.32 1.48
C LYS O 33 39.22 8.40 2.55
N GLY O 34 40.53 8.14 2.51
CA GLY O 34 41.14 7.28 3.51
C GLY O 34 40.80 7.81 4.90
N PHE O 35 40.90 9.11 5.09
CA PHE O 35 40.60 9.69 6.39
C PHE O 35 39.15 9.52 6.79
N SER O 36 38.23 9.97 5.94
CA SER O 36 36.81 9.86 6.24
C SER O 36 36.37 8.43 6.52
N TYR O 37 36.83 7.49 5.68
CA TYR O 37 36.51 6.09 5.87
C TYR O 37 37.19 5.56 7.13
N LEU O 38 38.34 6.14 7.50
CA LEU O 38 39.03 5.68 8.71
C LEU O 38 38.13 5.97 9.90
N VAL O 39 37.50 7.14 9.90
CA VAL O 39 36.61 7.49 10.99
C VAL O 39 35.51 6.45 11.07
N THR O 40 34.88 6.19 9.93
CA THR O 40 33.81 5.22 9.84
C THR O 40 34.25 3.83 10.29
N ALA O 41 35.39 3.35 9.81
CA ALA O 41 35.88 2.03 10.19
C ALA O 41 36.14 1.97 11.70
N THR O 42 36.59 3.08 12.26
CA THR O 42 36.85 3.10 13.69
C THR O 42 35.54 3.07 14.47
N ALA O 43 34.55 3.83 14.01
CA ALA O 43 33.27 3.85 14.68
C ALA O 43 32.67 2.43 14.67
N CYS O 44 32.94 1.69 13.59
CA CYS O 44 32.44 0.33 13.46
C CYS O 44 33.14 -0.58 14.46
N VAL O 45 34.42 -0.31 14.70
CA VAL O 45 35.16 -1.11 15.68
C VAL O 45 34.63 -0.81 17.10
N ALA O 46 34.49 0.46 17.43
CA ALA O 46 33.97 0.83 18.76
C ALA O 46 32.58 0.23 18.97
N THR O 47 31.78 0.25 17.91
CA THR O 47 30.43 -0.30 17.96
C THR O 47 30.44 -1.82 18.13
N ALA O 48 31.27 -2.50 17.35
CA ALA O 48 31.34 -3.96 17.46
C ALA O 48 31.75 -4.32 18.89
N TYR O 49 32.76 -3.62 19.39
CA TYR O 49 33.24 -3.86 20.74
C TYR O 49 32.08 -3.76 21.72
N ALA O 50 31.33 -2.66 21.65
CA ALA O 50 30.20 -2.46 22.54
C ALA O 50 29.13 -3.54 22.33
N ALA O 51 28.87 -3.91 21.08
CA ALA O 51 27.87 -4.94 20.80
C ALA O 51 28.29 -6.30 21.33
N LYS O 52 29.53 -6.67 21.07
CA LYS O 52 30.01 -7.97 21.54
C LYS O 52 29.85 -8.10 23.06
N ASN O 53 30.14 -7.03 23.80
CA ASN O 53 30.01 -7.09 25.24
C ASN O 53 28.55 -7.17 25.68
N VAL O 54 27.71 -6.22 25.26
CA VAL O 54 26.32 -6.25 25.63
C VAL O 54 25.63 -7.59 25.29
N VAL O 55 25.89 -8.12 24.10
CA VAL O 55 25.29 -9.39 23.72
C VAL O 55 25.83 -10.53 24.58
N THR O 56 27.11 -10.46 24.93
CA THR O 56 27.72 -11.48 25.77
C THR O 56 27.10 -11.45 27.18
N GLN O 57 26.92 -10.26 27.71
CA GLN O 57 26.33 -10.09 29.03
C GLN O 57 24.92 -10.65 29.03
N PHE O 58 24.10 -10.20 28.09
CA PHE O 58 22.73 -10.69 28.01
C PHE O 58 22.68 -12.20 27.81
N ILE O 59 23.48 -12.72 26.88
CA ILE O 59 23.49 -14.16 26.69
C ILE O 59 23.75 -14.88 28.01
N SER O 60 24.86 -14.54 28.66
CA SER O 60 25.22 -15.19 29.92
C SER O 60 24.23 -15.05 31.07
N SER O 61 23.35 -14.05 30.98
CA SER O 61 22.36 -13.89 32.04
C SER O 61 21.42 -15.08 32.05
N LEU O 62 21.49 -15.91 31.02
CA LEU O 62 20.64 -17.08 30.94
C LEU O 62 21.35 -18.40 31.29
N SER O 63 22.64 -18.31 31.63
CA SER O 63 23.37 -19.50 32.02
C SER O 63 23.43 -19.53 33.54
N ALA O 64 23.65 -20.71 34.10
CA ALA O 64 23.70 -20.90 35.55
C ALA O 64 24.12 -19.71 36.40
N SER O 65 23.24 -19.33 37.31
CA SER O 65 23.52 -18.20 38.20
C SER O 65 24.36 -18.68 39.38
N ALA O 66 24.94 -17.72 40.11
CA ALA O 66 25.79 -18.01 41.26
C ALA O 66 25.23 -19.06 42.23
N ASP O 67 23.98 -18.91 42.63
CA ASP O 67 23.38 -19.86 43.56
C ASP O 67 23.37 -21.28 42.98
N VAL O 68 23.10 -21.40 41.69
CA VAL O 68 23.05 -22.71 41.05
C VAL O 68 24.43 -23.35 40.94
N LEU O 69 25.43 -22.56 40.58
CA LEU O 69 26.79 -23.07 40.44
C LEU O 69 27.38 -23.46 41.79
N ALA O 70 26.74 -23.02 42.86
CA ALA O 70 27.21 -23.32 44.20
C ALA O 70 26.99 -24.79 44.48
N LEU O 71 28.03 -25.58 44.24
CA LEU O 71 27.90 -27.03 44.28
C LEU O 71 28.63 -27.66 45.46
N SER O 72 27.90 -28.50 46.21
CA SER O 72 28.49 -29.18 47.37
C SER O 72 28.59 -30.69 47.14
N LYS O 73 29.08 -31.39 48.16
CA LYS O 73 29.25 -32.83 48.10
C LYS O 73 28.28 -33.46 49.11
N ILE O 74 27.90 -34.71 48.91
CA ILE O 74 27.00 -35.37 49.87
C ILE O 74 27.62 -36.69 50.33
N GLU O 75 27.63 -36.89 51.63
CA GLU O 75 28.18 -38.09 52.23
C GLU O 75 27.10 -39.14 52.37
N ILE O 76 27.45 -40.39 52.08
CA ILE O 76 26.50 -41.48 52.17
C ILE O 76 27.10 -42.67 52.91
N LYS O 77 26.51 -43.04 54.05
CA LYS O 77 27.02 -44.16 54.82
C LYS O 77 26.72 -45.47 54.13
N LEU O 78 27.76 -46.28 53.96
CA LEU O 78 27.66 -47.57 53.30
C LEU O 78 27.12 -48.68 54.19
N SER O 79 26.45 -48.31 55.28
CA SER O 79 25.89 -49.32 56.18
C SER O 79 24.35 -49.32 56.12
N ASP O 80 23.81 -48.64 55.13
CA ASP O 80 22.36 -48.53 54.94
C ASP O 80 21.98 -49.22 53.62
N ILE O 81 22.99 -49.78 52.95
CA ILE O 81 22.79 -50.45 51.67
C ILE O 81 23.25 -51.91 51.72
N PRO O 82 22.29 -52.85 51.82
CA PRO O 82 22.67 -54.27 51.86
C PRO O 82 23.48 -54.66 50.63
N GLU O 83 23.96 -55.90 50.59
CA GLU O 83 24.75 -56.36 49.47
C GLU O 83 23.85 -56.64 48.26
N GLY O 84 23.95 -55.78 47.24
CA GLY O 84 23.16 -55.95 46.04
C GLY O 84 22.16 -54.83 45.80
N LYS O 85 21.82 -54.12 46.87
CA LYS O 85 20.86 -53.03 46.80
C LYS O 85 21.36 -51.80 46.06
N ASN O 86 20.41 -51.00 45.57
CA ASN O 86 20.69 -49.76 44.84
C ASN O 86 19.86 -48.63 45.44
N VAL O 87 20.53 -47.68 46.08
CA VAL O 87 19.80 -46.56 46.66
C VAL O 87 20.05 -45.31 45.84
N ALA O 88 18.98 -44.56 45.56
CA ALA O 88 19.10 -43.33 44.78
C ALA O 88 18.98 -42.09 45.65
N PHE O 89 19.87 -41.13 45.42
CA PHE O 89 19.88 -39.88 46.16
C PHE O 89 19.86 -38.71 45.18
N LYS O 90 18.87 -37.83 45.27
CA LYS O 90 18.84 -36.68 44.38
C LYS O 90 20.16 -35.98 44.66
N TRP O 91 20.67 -35.23 43.69
CA TRP O 91 21.93 -34.55 43.87
C TRP O 91 22.24 -33.73 42.64
N ARG O 92 22.63 -32.47 42.84
CA ARG O 92 22.93 -31.58 41.74
C ARG O 92 21.88 -31.76 40.64
N GLY O 93 20.62 -31.75 41.06
CA GLY O 93 19.50 -31.88 40.13
C GLY O 93 19.18 -33.29 39.68
N LYS O 94 20.21 -34.04 39.31
CA LYS O 94 20.07 -35.41 38.81
C LYS O 94 20.10 -36.47 39.93
N PRO O 95 19.74 -37.72 39.61
CA PRO O 95 19.75 -38.79 40.61
C PRO O 95 21.17 -39.33 40.82
N LEU O 96 21.54 -39.58 42.08
CA LEU O 96 22.86 -40.13 42.40
C LEU O 96 22.69 -41.60 42.75
N PHE O 97 23.31 -42.46 41.95
CA PHE O 97 23.24 -43.89 42.19
C PHE O 97 24.45 -44.41 42.95
N VAL O 98 24.20 -45.03 44.11
CA VAL O 98 25.25 -45.63 44.93
C VAL O 98 24.80 -47.07 45.17
N ARG O 99 25.46 -48.00 44.48
CA ARG O 99 25.10 -49.41 44.57
C ARG O 99 26.12 -50.31 45.22
N HIS O 100 25.64 -51.26 46.01
CA HIS O 100 26.47 -52.23 46.70
C HIS O 100 26.37 -53.53 45.90
N ARG O 101 27.44 -53.89 45.22
CA ARG O 101 27.45 -55.11 44.41
C ARG O 101 27.86 -56.35 45.20
N THR O 102 27.38 -57.50 44.75
CA THR O 102 27.64 -58.78 45.38
C THR O 102 28.82 -59.51 44.72
N GLN O 103 28.65 -60.80 44.52
CA GLN O 103 29.68 -61.63 43.90
C GLN O 103 29.36 -61.80 42.41
N ALA O 104 28.07 -61.89 42.10
CA ALA O 104 27.63 -62.05 40.72
C ALA O 104 27.53 -60.68 40.05
N GLU O 105 27.96 -59.65 40.77
CA GLU O 105 27.95 -58.28 40.27
C GLU O 105 29.38 -57.78 40.04
N ILE O 106 30.36 -58.61 40.39
CA ILE O 106 31.77 -58.26 40.24
C ILE O 106 32.51 -59.14 39.25
N ASN O 107 32.24 -60.44 39.29
CA ASN O 107 32.89 -61.40 38.41
C ASN O 107 32.11 -61.52 37.11
N GLN O 108 30.79 -61.47 37.20
CA GLN O 108 29.94 -61.57 36.03
C GLN O 108 30.31 -60.42 35.09
N GLU O 109 30.88 -59.37 35.67
CA GLU O 109 31.29 -58.18 34.92
C GLU O 109 32.64 -58.40 34.22
N ALA O 110 33.69 -58.57 35.02
CA ALA O 110 35.02 -58.78 34.48
C ALA O 110 35.05 -59.95 33.50
N GLU O 111 33.94 -60.67 33.39
CA GLU O 111 33.84 -61.82 32.51
C GLU O 111 33.42 -61.53 31.06
N VAL O 112 32.52 -60.57 30.88
CA VAL O 112 32.05 -60.25 29.53
C VAL O 112 32.98 -59.27 28.80
N ASP O 113 33.57 -59.74 27.70
CA ASP O 113 34.49 -58.98 26.87
C ASP O 113 34.99 -57.65 27.41
N VAL O 114 36.26 -57.65 27.84
CA VAL O 114 36.92 -56.47 28.40
C VAL O 114 36.56 -55.19 27.65
N SER O 115 36.80 -55.18 26.34
CA SER O 115 36.49 -54.01 25.52
C SER O 115 35.70 -54.40 24.28
N LYS O 116 34.38 -54.34 24.40
CA LYS O 116 33.48 -54.67 23.30
C LYS O 116 32.12 -54.00 23.51
N LEU O 117 32.15 -52.71 23.88
CA LEU O 117 30.93 -51.95 24.11
C LEU O 117 31.01 -50.57 23.48
N ARG O 118 29.87 -49.88 23.40
CA ARG O 118 29.80 -48.54 22.84
C ARG O 118 31.05 -47.80 23.33
N ASP O 119 31.13 -47.65 24.64
CA ASP O 119 32.25 -47.00 25.29
C ASP O 119 33.03 -48.12 25.98
N PRO O 120 34.12 -48.59 25.36
CA PRO O 120 34.94 -49.68 25.92
C PRO O 120 35.65 -49.37 27.24
N GLN O 121 35.25 -50.09 28.29
CA GLN O 121 35.84 -49.93 29.62
C GLN O 121 35.70 -51.23 30.41
N HIS O 122 36.62 -51.44 31.34
CA HIS O 122 36.61 -52.64 32.16
C HIS O 122 35.85 -52.34 33.45
N ASP O 123 35.03 -53.29 33.89
CA ASP O 123 34.24 -53.10 35.11
C ASP O 123 35.07 -52.60 36.29
N LEU O 124 36.36 -52.86 36.26
CA LEU O 124 37.24 -52.43 37.33
C LEU O 124 37.85 -51.06 37.02
N ASP O 125 37.45 -50.50 35.88
CA ASP O 125 37.92 -49.19 35.44
C ASP O 125 37.32 -48.08 36.31
N ARG O 126 36.00 -48.05 36.37
CA ARG O 126 35.29 -47.05 37.14
C ARG O 126 34.94 -47.51 38.55
N VAL O 127 35.93 -48.03 39.27
CA VAL O 127 35.70 -48.51 40.64
C VAL O 127 36.91 -48.37 41.57
N LYS O 128 36.66 -47.94 42.81
CA LYS O 128 37.70 -47.80 43.82
C LYS O 128 37.58 -48.97 44.79
N LYS O 129 36.53 -49.77 44.58
CA LYS O 129 36.22 -50.97 45.36
C LYS O 129 35.19 -51.75 44.53
N PRO O 130 35.42 -53.05 44.33
CA PRO O 130 34.49 -53.89 43.56
C PRO O 130 33.02 -53.87 44.02
N GLU O 131 32.81 -53.80 45.33
CA GLU O 131 31.46 -53.80 45.89
C GLU O 131 30.73 -52.46 45.84
N TRP O 132 31.44 -51.38 45.50
CA TRP O 132 30.83 -50.05 45.46
C TRP O 132 30.91 -49.35 44.09
N VAL O 133 29.77 -49.27 43.42
CA VAL O 133 29.65 -48.63 42.10
C VAL O 133 28.72 -47.41 42.22
N ILE O 134 29.30 -46.22 42.05
CA ILE O 134 28.55 -44.97 42.15
C ILE O 134 28.35 -44.36 40.77
N LEU O 135 27.09 -44.14 40.40
CA LEU O 135 26.75 -43.59 39.09
C LEU O 135 25.73 -42.45 39.16
N VAL O 136 25.60 -41.76 38.03
CA VAL O 136 24.64 -40.67 37.88
C VAL O 136 23.49 -41.28 37.08
N GLY O 137 22.45 -41.69 37.80
CA GLY O 137 21.29 -42.32 37.20
C GLY O 137 20.56 -41.56 36.12
N VAL O 138 21.29 -41.23 35.05
CA VAL O 138 20.73 -40.52 33.92
C VAL O 138 21.17 -41.24 32.65
N CYS O 139 20.18 -41.64 31.86
CA CYS O 139 20.41 -42.33 30.60
C CYS O 139 21.08 -41.32 29.66
N THR O 140 22.25 -41.69 29.12
CA THR O 140 22.99 -40.79 28.23
C THR O 140 22.31 -40.54 26.87
N HIS O 141 21.12 -41.09 26.70
CA HIS O 141 20.37 -40.91 25.46
C HIS O 141 19.64 -39.56 25.54
N LEU O 142 18.43 -39.57 26.10
CA LEU O 142 17.65 -38.36 26.25
C LEU O 142 17.34 -38.01 27.69
N GLY O 143 18.30 -38.33 28.56
CA GLY O 143 18.19 -38.01 29.97
C GLY O 143 17.15 -38.59 30.90
N CYS O 144 16.60 -39.75 30.58
CA CYS O 144 15.60 -40.38 31.45
C CYS O 144 16.35 -41.13 32.53
N VAL O 145 15.60 -41.84 33.39
CA VAL O 145 16.21 -42.60 34.48
C VAL O 145 16.04 -44.11 34.32
N PRO O 146 17.14 -44.89 34.44
CA PRO O 146 17.15 -46.36 34.32
C PRO O 146 16.62 -47.04 35.59
N ILE O 147 15.61 -47.91 35.44
CA ILE O 147 15.00 -48.61 36.57
C ILE O 147 16.00 -49.22 37.55
N ALA O 148 15.52 -49.47 38.76
CA ALA O 148 16.34 -50.10 39.76
C ALA O 148 16.27 -51.60 39.44
N ASN O 149 17.43 -52.21 39.25
CA ASN O 149 17.55 -53.65 38.94
C ASN O 149 16.61 -54.21 37.88
N SER O 150 16.77 -53.74 36.64
CA SER O 150 15.95 -54.23 35.52
C SER O 150 16.71 -54.12 34.22
N GLY O 151 16.56 -55.13 33.37
CA GLY O 151 17.27 -55.13 32.10
C GLY O 151 17.97 -56.46 31.87
N ASP O 152 18.17 -56.80 30.61
CA ASP O 152 18.80 -58.07 30.26
C ASP O 152 20.29 -58.14 30.62
N PHE O 153 20.72 -57.35 31.60
CA PHE O 153 22.12 -57.37 32.03
C PHE O 153 22.24 -57.20 33.54
N GLY O 154 21.13 -57.41 34.25
CA GLY O 154 21.12 -57.29 35.70
C GLY O 154 21.56 -55.95 36.27
N GLY O 155 21.67 -54.93 35.42
CA GLY O 155 22.08 -53.61 35.88
C GLY O 155 20.90 -52.65 35.95
N TYR O 156 20.68 -51.90 34.88
CA TYR O 156 19.58 -50.95 34.80
C TYR O 156 18.95 -50.94 33.40
N TYR O 157 17.70 -50.49 33.35
CA TYR O 157 16.96 -50.42 32.08
C TYR O 157 16.21 -49.07 32.01
N CYS O 158 16.41 -48.33 30.92
CA CYS O 158 15.73 -47.04 30.76
C CYS O 158 14.39 -47.27 30.05
N PRO O 159 13.27 -46.97 30.73
CA PRO O 159 11.92 -47.15 30.19
C PRO O 159 11.55 -46.29 28.97
N CYS O 160 12.28 -45.19 28.76
CA CYS O 160 11.99 -44.29 27.64
C CYS O 160 12.16 -44.87 26.24
N HIS O 161 13.34 -45.41 25.92
CA HIS O 161 13.56 -46.00 24.61
C HIS O 161 14.26 -47.36 24.67
N GLY O 162 14.38 -47.90 25.87
CA GLY O 162 14.99 -49.21 26.06
C GLY O 162 16.49 -49.36 26.12
N SER O 163 17.17 -48.48 26.85
CA SER O 163 18.62 -48.58 26.98
C SER O 163 18.97 -49.52 28.15
N HIS O 164 19.76 -50.54 27.86
CA HIS O 164 20.19 -51.53 28.84
C HIS O 164 21.58 -51.25 29.42
N TYR O 165 21.69 -51.38 30.73
CA TYR O 165 22.97 -51.16 31.41
C TYR O 165 23.23 -52.33 32.35
N ASP O 166 24.49 -52.71 32.49
CA ASP O 166 24.87 -53.80 33.38
C ASP O 166 25.03 -53.27 34.80
N ALA O 167 25.33 -54.16 35.74
CA ALA O 167 25.50 -53.78 37.14
C ALA O 167 26.66 -52.81 37.35
N SER O 168 27.42 -52.57 36.29
CA SER O 168 28.55 -51.64 36.35
C SER O 168 28.09 -50.29 35.80
N GLY O 169 26.92 -50.30 35.17
CA GLY O 169 26.37 -49.08 34.61
C GLY O 169 26.78 -48.79 33.17
N ARG O 170 27.38 -49.78 32.51
CA ARG O 170 27.81 -49.59 31.13
C ARG O 170 26.68 -49.86 30.17
N ILE O 171 26.73 -49.18 29.01
CA ILE O 171 25.69 -49.34 28.00
C ILE O 171 25.96 -50.63 27.22
N ARG O 172 24.99 -51.54 27.27
CA ARG O 172 25.09 -52.83 26.59
C ARG O 172 24.17 -52.92 25.38
N LYS O 173 22.92 -52.49 25.55
CA LYS O 173 21.91 -52.54 24.50
C LYS O 173 21.03 -51.29 24.52
N GLY O 174 20.64 -50.79 23.34
CA GLY O 174 19.79 -49.60 23.29
C GLY O 174 20.39 -48.41 22.57
N PRO O 175 19.64 -47.29 22.45
CA PRO O 175 20.09 -46.06 21.79
C PRO O 175 21.19 -45.27 22.51
N ALA O 176 21.18 -45.35 23.84
CA ALA O 176 22.16 -44.64 24.66
C ALA O 176 23.58 -44.67 24.09
N PRO O 177 24.16 -43.49 23.82
CA PRO O 177 25.52 -43.39 23.26
C PRO O 177 26.68 -43.83 24.17
N TYR O 178 26.67 -43.39 25.43
CA TYR O 178 27.75 -43.74 26.37
C TYR O 178 27.24 -44.46 27.62
N ASN O 179 28.16 -44.73 28.55
CA ASN O 179 27.80 -45.41 29.79
C ASN O 179 27.33 -44.39 30.83
N LEU O 180 26.57 -44.85 31.82
CA LEU O 180 26.10 -43.97 32.88
C LEU O 180 27.30 -43.29 33.51
N GLU O 181 27.28 -41.97 33.53
CA GLU O 181 28.37 -41.20 34.09
C GLU O 181 28.83 -41.65 35.47
N VAL O 182 30.15 -41.66 35.66
CA VAL O 182 30.73 -42.02 36.93
C VAL O 182 31.24 -40.74 37.54
N PRO O 183 30.51 -40.20 38.52
CA PRO O 183 30.90 -38.96 39.18
C PRO O 183 32.25 -39.11 39.87
N THR O 184 32.98 -38.00 40.01
CA THR O 184 34.28 -38.03 40.66
C THR O 184 34.12 -38.12 42.18
N TYR O 185 34.42 -39.30 42.73
CA TYR O 185 34.30 -39.52 44.18
C TYR O 185 35.52 -40.17 44.81
CA GLN O 186 38.45 -37.84 49.72
C GLN O 186 37.89 -39.26 49.88
N PHE O 187 38.03 -39.81 51.08
CA PHE O 187 37.54 -41.15 51.36
C PHE O 187 37.63 -41.41 52.86
N VAL O 188 36.50 -41.30 53.55
CA VAL O 188 36.47 -41.52 54.99
C VAL O 188 36.66 -43.02 55.26
N GLY O 189 37.87 -43.51 55.02
CA GLY O 189 38.20 -44.92 55.22
C GLY O 189 37.15 -45.91 54.74
N ASP O 190 36.23 -46.26 55.62
CA ASP O 190 35.17 -47.20 55.29
C ASP O 190 33.94 -46.94 56.15
N ASP O 191 32.82 -46.67 55.48
CA ASP O 191 31.50 -46.38 56.08
C ASP O 191 30.91 -45.08 55.55
N LEU O 192 31.72 -44.30 54.84
CA LEU O 192 31.27 -43.04 54.26
C LEU O 192 31.88 -42.84 52.88
N VAL O 193 31.23 -42.02 52.06
CA VAL O 193 31.72 -41.71 50.71
C VAL O 193 31.39 -40.25 50.37
N VAL O 194 32.44 -39.45 50.17
CA VAL O 194 32.30 -38.03 49.84
C VAL O 194 32.29 -37.83 48.33
N VAL O 195 31.10 -37.66 47.77
CA VAL O 195 30.92 -37.47 46.33
C VAL O 195 30.75 -35.98 45.99
N GLY O 196 31.45 -35.52 44.97
CA GLY O 196 31.36 -34.13 44.58
C GLY O 196 32.68 -33.58 44.12
N GLY P 10 -5.49 57.55 17.23
CA GLY P 10 -4.02 57.72 17.08
C GLY P 10 -3.33 56.50 16.50
N ARG P 11 -2.20 56.72 15.83
CA ARG P 11 -1.44 55.64 15.21
C ARG P 11 -0.79 54.71 16.22
N LEU P 12 -1.61 54.01 17.00
CA LEU P 12 -1.09 53.08 18.00
C LEU P 12 -0.83 51.71 17.39
N MET P 13 -1.70 51.30 16.47
CA MET P 13 -1.56 50.02 15.81
C MET P 13 -0.19 50.00 15.15
N ASP P 14 0.02 50.89 14.19
CA ASP P 14 1.27 50.98 13.46
C ASP P 14 2.48 50.81 14.37
N ARG P 15 2.41 51.36 15.58
CA ARG P 15 3.50 51.25 16.54
C ARG P 15 3.64 49.78 16.92
N ILE P 16 2.51 49.20 17.33
CA ILE P 16 2.42 47.81 17.75
C ILE P 16 2.68 46.81 16.63
N ARG P 17 1.94 46.93 15.53
CA ARG P 17 2.09 46.04 14.39
C ARG P 17 3.50 46.04 13.80
N LYS P 18 4.21 47.15 13.94
CA LYS P 18 5.57 47.23 13.42
C LYS P 18 6.52 46.55 14.41
N TRP P 19 6.21 46.66 15.69
CA TRP P 19 7.01 46.04 16.73
C TRP P 19 6.88 44.52 16.61
N TYR P 20 5.64 44.05 16.52
CA TYR P 20 5.34 42.63 16.39
C TYR P 20 6.04 42.06 15.18
N TYR P 21 5.81 42.65 14.02
CA TYR P 21 6.44 42.20 12.79
C TYR P 21 7.91 41.94 13.03
N ASN P 22 8.59 42.92 13.61
CA ASN P 22 10.01 42.77 13.87
C ASN P 22 10.30 41.71 14.91
N ALA P 23 9.43 41.63 15.92
CA ALA P 23 9.58 40.65 16.99
C ALA P 23 9.39 39.23 16.43
N ALA P 24 8.38 39.06 15.60
CA ALA P 24 8.08 37.77 14.98
C ALA P 24 9.35 37.20 14.36
N GLY P 25 9.97 37.98 13.48
CA GLY P 25 11.22 37.56 12.87
C GLY P 25 11.22 36.73 11.60
N PHE P 26 10.06 36.47 11.00
CA PHE P 26 10.09 35.66 9.80
C PHE P 26 10.80 36.41 8.70
N ASN P 27 10.89 37.73 8.87
CA ASN P 27 11.57 38.58 7.90
C ASN P 27 13.09 38.34 7.90
N LYS P 28 13.60 37.68 8.93
CA LYS P 28 15.03 37.40 9.01
C LYS P 28 15.41 36.29 8.02
N TYR P 29 14.39 35.54 7.59
CA TYR P 29 14.57 34.45 6.63
C TYR P 29 14.23 34.89 5.22
N GLY P 30 13.76 36.12 5.09
CA GLY P 30 13.41 36.63 3.79
C GLY P 30 11.97 36.32 3.45
N LEU P 31 11.21 35.88 4.44
CA LEU P 31 9.81 35.53 4.21
C LEU P 31 8.83 36.67 4.40
N MET P 32 7.82 36.71 3.56
CA MET P 32 6.79 37.73 3.68
C MET P 32 5.83 37.15 4.71
N ARG P 33 4.95 37.99 5.22
CA ARG P 33 3.99 37.53 6.21
C ARG P 33 3.19 36.39 5.59
N ASP P 34 2.70 36.62 4.38
CA ASP P 34 1.91 35.60 3.70
C ASP P 34 2.64 34.28 3.44
N ASP P 35 3.97 34.33 3.34
CA ASP P 35 4.73 33.10 3.14
C ASP P 35 4.62 32.16 4.35
N THR P 36 4.31 32.71 5.51
CA THR P 36 4.25 31.92 6.73
C THR P 36 2.90 31.32 7.14
N LEU P 37 1.84 31.64 6.40
CA LEU P 37 0.52 31.11 6.73
C LEU P 37 0.42 29.59 6.69
N TYR P 38 -0.28 29.00 7.66
CA TYR P 38 -0.46 27.55 7.68
C TYR P 38 -1.39 27.24 6.52
N GLU P 39 -1.00 26.27 5.70
CA GLU P 39 -1.79 25.91 4.53
C GLU P 39 -3.03 25.08 4.82
N ASP P 40 -4.10 25.72 5.29
CA ASP P 40 -5.31 24.97 5.53
C ASP P 40 -6.03 24.93 4.18
N ASP P 41 -7.31 24.55 4.19
CA ASP P 41 -8.04 24.45 2.93
C ASP P 41 -8.13 25.77 2.16
N ASP P 42 -8.57 26.82 2.85
CA ASP P 42 -8.70 28.15 2.26
C ASP P 42 -7.40 28.64 1.64
N VAL P 43 -6.31 28.51 2.37
CA VAL P 43 -5.02 28.93 1.86
C VAL P 43 -4.60 28.12 0.64
N LYS P 44 -4.79 26.80 0.72
CA LYS P 44 -4.40 25.93 -0.40
C LYS P 44 -5.09 26.36 -1.66
N GLU P 45 -6.38 26.65 -1.56
CA GLU P 45 -7.16 27.08 -2.71
C GLU P 45 -6.61 28.39 -3.27
N ALA P 46 -6.39 29.36 -2.38
CA ALA P 46 -5.88 30.67 -2.77
C ALA P 46 -4.56 30.55 -3.52
N LEU P 47 -3.66 29.71 -3.00
CA LEU P 47 -2.37 29.52 -3.62
C LEU P 47 -2.49 29.08 -5.07
N LYS P 48 -3.50 28.27 -5.36
CA LYS P 48 -3.71 27.79 -6.74
C LYS P 48 -4.12 28.91 -7.69
N ARG P 49 -4.61 30.01 -7.13
CA ARG P 49 -5.05 31.14 -7.95
C ARG P 49 -3.94 32.18 -8.20
N LEU P 50 -2.82 32.04 -7.50
CA LEU P 50 -1.70 32.95 -7.67
C LEU P 50 -1.11 32.88 -9.06
N PRO P 51 -0.72 34.05 -9.61
CA PRO P 51 -0.11 34.08 -10.95
C PRO P 51 1.22 33.35 -10.90
N GLU P 52 1.60 32.73 -12.02
CA GLU P 52 2.83 31.96 -12.12
C GLU P 52 4.03 32.55 -11.39
N ASP P 53 4.41 33.76 -11.77
CA ASP P 53 5.57 34.43 -11.18
C ASP P 53 5.48 34.61 -9.66
N LEU P 54 4.33 35.09 -9.17
CA LEU P 54 4.10 35.28 -7.73
C LEU P 54 4.26 33.94 -7.02
N TYR P 55 3.81 32.88 -7.69
CA TYR P 55 3.89 31.53 -7.14
C TYR P 55 5.37 31.07 -7.11
N ASN P 56 6.05 31.14 -8.25
CA ASN P 56 7.43 30.71 -8.28
C ASN P 56 8.29 31.50 -7.32
N GLU P 57 7.97 32.77 -7.12
CA GLU P 57 8.71 33.63 -6.21
C GLU P 57 8.53 33.18 -4.77
N ARG P 58 7.28 32.89 -4.41
CA ARG P 58 6.94 32.43 -3.07
C ARG P 58 7.70 31.14 -2.78
N MET P 59 7.77 30.27 -3.79
CA MET P 59 8.46 28.99 -3.64
C MET P 59 9.92 29.18 -3.33
N PHE P 60 10.59 30.07 -4.06
CA PHE P 60 11.99 30.29 -3.81
C PHE P 60 12.24 30.82 -2.40
N ARG P 61 11.41 31.78 -2.00
CA ARG P 61 11.55 32.35 -0.68
C ARG P 61 11.44 31.28 0.39
N ILE P 62 10.49 30.36 0.20
CA ILE P 62 10.29 29.28 1.16
C ILE P 62 11.42 28.24 1.14
N LYS P 63 11.81 27.79 -0.04
CA LYS P 63 12.88 26.83 -0.12
C LYS P 63 14.11 27.41 0.52
N ARG P 64 14.38 28.67 0.20
CA ARG P 64 15.54 29.40 0.72
C ARG P 64 15.55 29.47 2.25
N ALA P 65 14.36 29.72 2.81
CA ALA P 65 14.19 29.81 4.25
C ALA P 65 14.39 28.46 4.91
N LEU P 66 13.96 27.38 4.26
CA LEU P 66 14.14 26.05 4.82
C LEU P 66 15.62 25.73 4.81
N ASP P 67 16.31 26.20 3.79
CA ASP P 67 17.75 25.97 3.70
C ASP P 67 18.43 26.76 4.80
N LEU P 68 17.88 27.92 5.11
CA LEU P 68 18.43 28.73 6.18
C LEU P 68 18.16 27.99 7.49
N SER P 69 16.92 27.55 7.67
CA SER P 69 16.53 26.83 8.88
C SER P 69 17.38 25.59 9.16
N LEU P 70 17.72 24.85 8.12
CA LEU P 70 18.53 23.66 8.30
C LEU P 70 19.96 24.06 8.63
N LYS P 71 20.46 25.11 7.97
CA LYS P 71 21.82 25.62 8.19
C LYS P 71 21.97 26.32 9.55
N HIS P 72 20.83 26.69 10.14
CA HIS P 72 20.81 27.38 11.42
C HIS P 72 21.39 28.78 11.31
N ARG P 73 21.19 29.38 10.15
CA ARG P 73 21.66 30.73 9.88
C ARG P 73 20.41 31.55 9.54
N ILE P 74 20.57 32.87 9.41
CA ILE P 74 19.48 33.70 8.97
C ILE P 74 20.11 34.56 7.90
N LEU P 75 19.33 35.43 7.29
CA LEU P 75 19.87 36.29 6.25
C LEU P 75 20.63 37.49 6.83
N PRO P 76 21.56 38.05 6.03
CA PRO P 76 22.30 39.22 6.54
C PRO P 76 21.24 40.33 6.75
N LYS P 77 21.38 41.05 7.85
CA LYS P 77 20.44 42.12 8.22
C LYS P 77 19.98 43.05 7.10
N GLU P 78 20.80 43.21 6.07
CA GLU P 78 20.47 44.06 4.94
C GLU P 78 19.44 43.45 4.02
N GLN P 79 19.22 42.14 4.15
CA GLN P 79 18.28 41.42 3.30
C GLN P 79 16.95 41.13 3.97
N TRP P 80 16.86 41.42 5.26
CA TRP P 80 15.62 41.19 5.98
C TRP P 80 14.54 42.05 5.33
N VAL P 81 13.35 41.50 5.18
CA VAL P 81 12.26 42.27 4.59
C VAL P 81 11.92 43.38 5.58
N LYS P 82 11.51 44.54 5.07
CA LYS P 82 11.14 45.64 5.95
C LYS P 82 9.63 45.72 6.12
N TYR P 83 9.21 45.91 7.37
CA TYR P 83 7.79 45.96 7.69
C TYR P 83 6.92 46.62 6.63
N GLU P 84 7.33 47.79 6.16
CA GLU P 84 6.55 48.51 5.15
C GLU P 84 6.76 48.04 3.70
N GLU P 85 7.67 47.09 3.50
CA GLU P 85 7.90 46.56 2.16
C GLU P 85 7.39 45.12 2.05
N ASP P 86 6.72 44.67 3.11
CA ASP P 86 6.19 43.31 3.10
C ASP P 86 4.99 43.29 2.17
N LYS P 87 4.97 42.32 1.27
CA LYS P 87 3.90 42.21 0.31
C LYS P 87 2.80 41.23 0.70
N PRO P 88 1.56 41.72 0.86
CA PRO P 88 0.42 40.87 1.22
C PRO P 88 -0.15 40.27 -0.06
N TYR P 89 0.72 39.59 -0.81
CA TYR P 89 0.35 39.01 -2.09
C TYR P 89 -0.80 38.01 -2.12
N LEU P 90 -1.03 37.30 -1.01
CA LEU P 90 -2.08 36.29 -0.99
C LEU P 90 -3.38 36.72 -0.34
N GLU P 91 -3.28 37.64 0.62
CA GLU P 91 -4.45 38.12 1.35
C GLU P 91 -5.69 38.44 0.51
N PRO P 92 -5.51 39.08 -0.65
CA PRO P 92 -6.66 39.43 -1.51
C PRO P 92 -7.34 38.17 -2.02
N TYR P 93 -6.53 37.22 -2.49
CA TYR P 93 -7.05 35.96 -3.00
C TYR P 93 -7.76 35.20 -1.89
N LEU P 94 -7.03 34.98 -0.80
CA LEU P 94 -7.55 34.27 0.34
C LEU P 94 -8.91 34.80 0.80
N LYS P 95 -9.06 36.12 0.77
CA LYS P 95 -10.32 36.74 1.21
C LYS P 95 -11.45 36.39 0.28
N GLU P 96 -11.17 36.38 -1.02
CA GLU P 96 -12.19 36.04 -1.99
C GLU P 96 -12.59 34.60 -1.74
N VAL P 97 -11.59 33.75 -1.56
CA VAL P 97 -11.80 32.33 -1.31
C VAL P 97 -12.72 32.09 -0.12
N ILE P 98 -12.44 32.75 1.00
CA ILE P 98 -13.26 32.59 2.19
C ILE P 98 -14.67 33.11 1.98
N ARG P 99 -14.77 34.24 1.28
CA ARG P 99 -16.06 34.85 1.02
C ARG P 99 -16.94 33.87 0.24
N GLU P 100 -16.38 33.31 -0.83
CA GLU P 100 -17.08 32.35 -1.68
C GLU P 100 -17.54 31.17 -0.85
N ARG P 101 -16.64 30.66 -0.02
CA ARG P 101 -16.95 29.52 0.82
C ARG P 101 -18.14 29.84 1.72
N LEU P 102 -18.09 30.99 2.38
CA LEU P 102 -19.17 31.37 3.26
C LEU P 102 -20.47 31.45 2.48
N GLU P 103 -20.41 31.96 1.25
CA GLU P 103 -21.60 32.08 0.42
C GLU P 103 -22.22 30.71 0.17
N ARG P 104 -21.37 29.74 -0.18
CA ARG P 104 -21.86 28.39 -0.43
C ARG P 104 -22.49 27.87 0.86
N GLU P 105 -21.74 27.98 1.95
CA GLU P 105 -22.21 27.52 3.26
C GLU P 105 -23.57 28.12 3.61
N ALA P 106 -23.68 29.44 3.55
CA ALA P 106 -24.94 30.08 3.88
C ALA P 106 -26.03 29.54 2.98
N TRP P 107 -25.72 29.47 1.70
CA TRP P 107 -26.68 29.00 0.72
C TRP P 107 -27.12 27.56 0.90
N ASN P 108 -26.21 26.69 1.34
CA ASN P 108 -26.56 25.29 1.51
C ASN P 108 -27.40 25.01 2.76
N LYS P 109 -27.62 26.03 3.59
CA LYS P 109 -28.46 25.88 4.77
C LYS P 109 -29.83 26.37 4.32
N LYS P 110 -29.81 27.49 3.59
CA LYS P 110 -30.97 28.16 3.02
C LYS P 110 -32.02 27.17 2.48
N ILE Q 2 5.94 6.17 -1.07
CA ILE Q 2 6.56 6.57 -2.37
C ILE Q 2 6.06 7.99 -2.73
N HIS Q 3 6.87 8.99 -2.38
CA HIS Q 3 6.48 10.38 -2.62
C HIS Q 3 7.38 11.21 -3.56
N PHE Q 4 8.68 10.92 -3.59
CA PHE Q 4 9.59 11.65 -4.46
C PHE Q 4 9.21 11.65 -5.96
N GLY Q 5 8.88 12.83 -6.47
CA GLY Q 5 8.48 12.95 -7.85
C GLY Q 5 7.14 13.62 -8.01
N ASN Q 6 6.32 13.57 -6.97
CA ASN Q 6 4.99 14.17 -7.02
C ASN Q 6 4.77 15.14 -5.85
N LEU Q 7 5.86 15.63 -5.27
CA LEU Q 7 5.76 16.52 -4.11
C LEU Q 7 5.33 17.96 -4.38
N ALA Q 8 6.06 18.66 -5.25
CA ALA Q 8 5.74 20.06 -5.54
C ALA Q 8 6.07 20.46 -6.97
N ARG Q 9 5.46 21.56 -7.42
CA ARG Q 9 5.65 22.12 -8.76
C ARG Q 9 6.69 23.22 -8.58
N VAL Q 10 7.93 22.95 -8.95
CA VAL Q 10 9.02 23.92 -8.77
C VAL Q 10 9.68 24.41 -10.06
N ARG Q 11 9.91 25.72 -10.15
CA ARG Q 11 10.56 26.28 -11.35
C ARG Q 11 11.65 27.29 -11.12
N HIS Q 12 12.65 27.25 -12.02
CA HIS Q 12 13.76 28.19 -12.03
C HIS Q 12 14.63 28.31 -10.78
N ILE Q 13 14.94 27.18 -10.17
CA ILE Q 13 15.80 27.20 -8.98
C ILE Q 13 17.01 26.34 -9.28
N ILE Q 14 18.19 26.90 -9.04
CA ILE Q 14 19.42 26.15 -9.28
C ILE Q 14 20.06 25.97 -7.92
N THR Q 15 20.72 24.84 -7.72
CA THR Q 15 21.38 24.58 -6.44
C THR Q 15 22.72 23.97 -6.80
N TYR Q 16 23.70 24.21 -5.93
CA TYR Q 16 25.06 23.71 -6.15
C TYR Q 16 25.53 23.05 -4.88
N SER Q 17 26.18 21.90 -5.03
CA SER Q 17 26.68 21.15 -3.88
C SER Q 17 28.01 20.51 -4.24
N LEU Q 18 28.79 20.16 -3.21
CA LEU Q 18 30.06 19.48 -3.42
C LEU Q 18 30.02 18.15 -2.72
N SER Q 19 30.80 17.21 -3.24
CA SER Q 19 30.91 15.90 -2.62
C SER Q 19 31.36 16.14 -1.17
N PRO Q 20 31.00 15.25 -0.24
CA PRO Q 20 31.42 15.43 1.14
C PRO Q 20 32.93 15.27 1.30
N PHE Q 21 33.58 14.73 0.28
CA PHE Q 21 35.01 14.50 0.32
C PHE Q 21 35.82 15.69 -0.19
N GLU Q 22 35.12 16.66 -0.78
CA GLU Q 22 35.79 17.84 -1.30
C GLU Q 22 35.73 18.92 -0.24
N GLN Q 23 34.91 18.72 0.79
CA GLN Q 23 34.79 19.75 1.81
C GLN Q 23 35.10 19.33 3.22
N ARG Q 24 35.08 20.31 4.11
CA ARG Q 24 35.38 20.13 5.52
C ARG Q 24 34.08 19.81 6.25
N ALA Q 25 34.15 18.84 7.17
CA ALA Q 25 33.01 18.41 7.96
C ALA Q 25 32.49 19.48 8.94
N ILE Q 26 33.41 20.14 9.62
CA ILE Q 26 33.01 21.18 10.56
C ILE Q 26 33.90 22.40 10.30
N PRO Q 27 33.57 23.17 9.26
CA PRO Q 27 34.31 24.36 8.86
C PRO Q 27 33.89 25.65 9.55
N ASN Q 28 34.80 26.61 9.56
CA ASN Q 28 34.59 27.96 10.12
C ASN Q 28 33.99 27.97 11.52
N ILE Q 29 34.52 27.13 12.40
CA ILE Q 29 34.05 27.02 13.77
C ILE Q 29 34.05 28.36 14.49
N PHE Q 30 35.16 29.08 14.35
CA PHE Q 30 35.31 30.38 14.99
C PHE Q 30 34.71 31.54 14.22
N SER Q 31 34.91 31.57 12.91
CA SER Q 31 34.36 32.68 12.13
C SER Q 31 32.86 32.59 11.90
N ASP Q 32 32.29 31.38 12.00
CA ASP Q 32 30.86 31.22 11.74
C ASP Q 32 30.02 30.46 12.78
N ALA Q 33 30.47 29.26 13.16
CA ALA Q 33 29.72 28.44 14.11
C ALA Q 33 29.40 29.14 15.44
N LEU Q 34 30.45 29.36 16.24
CA LEU Q 34 30.33 29.99 17.56
C LEU Q 34 29.64 31.34 17.50
N PRO Q 35 30.00 32.18 16.53
CA PRO Q 35 29.33 33.48 16.46
C PRO Q 35 27.80 33.27 16.39
N ASN Q 36 27.39 32.29 15.59
CA ASN Q 36 25.97 31.96 15.42
C ASN Q 36 25.36 31.31 16.66
N VAL Q 37 26.14 30.48 17.36
CA VAL Q 37 25.64 29.85 18.57
C VAL Q 37 25.28 30.97 19.53
N TRP Q 38 26.16 31.98 19.59
CA TRP Q 38 25.93 33.13 20.46
C TRP Q 38 24.68 33.87 20.00
N ARG Q 39 24.57 34.09 18.70
CA ARG Q 39 23.42 34.77 18.13
C ARG Q 39 22.16 34.09 18.61
N ARG Q 40 22.11 32.78 18.36
CA ARG Q 40 20.97 31.95 18.72
C ARG Q 40 20.67 31.99 20.21
N PHE Q 41 21.72 31.82 21.02
CA PHE Q 41 21.57 31.86 22.46
C PHE Q 41 20.90 33.16 22.85
N SER Q 42 21.54 34.25 22.45
CA SER Q 42 21.09 35.60 22.72
C SER Q 42 19.65 35.86 22.36
N SER Q 43 19.27 35.50 21.13
CA SER Q 43 17.92 35.74 20.68
C SER Q 43 16.86 34.96 21.43
N GLN Q 44 17.26 34.04 22.32
CA GLN Q 44 16.29 33.25 23.06
C GLN Q 44 16.34 33.36 24.59
N VAL Q 45 17.49 33.73 25.15
CA VAL Q 45 17.63 33.82 26.60
C VAL Q 45 16.55 34.60 27.34
N PHE Q 46 16.13 35.73 26.79
CA PHE Q 46 15.10 36.53 27.47
C PHE Q 46 13.69 36.03 27.21
N LYS Q 47 13.58 34.94 26.46
CA LYS Q 47 12.29 34.33 26.19
C LYS Q 47 12.18 33.15 27.13
N VAL Q 48 13.23 32.34 27.17
CA VAL Q 48 13.28 31.16 28.02
C VAL Q 48 13.58 31.46 29.48
N ALA Q 49 14.84 31.79 29.78
CA ALA Q 49 15.31 32.08 31.14
C ALA Q 49 14.31 32.68 32.12
N PRO Q 50 13.68 33.83 31.80
CA PRO Q 50 12.71 34.47 32.68
C PRO Q 50 11.77 33.56 33.48
N PRO Q 51 10.86 32.82 32.82
CA PRO Q 51 9.98 31.99 33.65
C PRO Q 51 10.72 30.99 34.55
N PHE Q 52 11.84 30.46 34.07
CA PHE Q 52 12.62 29.51 34.87
C PHE Q 52 13.25 30.21 36.07
N LEU Q 53 13.67 31.45 35.87
CA LEU Q 53 14.24 32.23 36.95
C LEU Q 53 13.14 32.36 38.00
N GLY Q 54 11.94 32.72 37.56
CA GLY Q 54 10.81 32.86 38.46
C GLY Q 54 10.50 31.57 39.21
N ALA Q 55 10.54 30.44 38.52
CA ALA Q 55 10.27 29.17 39.16
C ALA Q 55 11.30 28.96 40.25
N TYR Q 56 12.55 29.25 39.92
CA TYR Q 56 13.63 29.10 40.87
C TYR Q 56 13.40 29.90 42.15
N LEU Q 57 12.93 31.12 41.98
CA LEU Q 57 12.67 31.98 43.13
C LEU Q 57 11.56 31.36 43.96
N LEU Q 58 10.40 31.13 43.37
CA LEU Q 58 9.28 30.53 44.08
C LEU Q 58 9.77 29.32 44.86
N TYR Q 59 10.71 28.60 44.26
CA TYR Q 59 11.28 27.41 44.90
C TYR Q 59 12.07 27.82 46.14
N SER Q 60 13.06 28.70 45.95
CA SER Q 60 13.87 29.18 47.07
C SER Q 60 13.02 29.67 48.23
N TRP Q 61 12.06 30.53 47.93
CA TRP Q 61 11.17 31.06 48.94
C TRP Q 61 10.41 29.95 49.66
N GLY Q 62 9.52 29.29 48.92
CA GLY Q 62 8.74 28.21 49.48
C GLY Q 62 9.53 27.24 50.32
N THR Q 63 10.76 26.95 49.91
CA THR Q 63 11.60 26.03 50.65
C THR Q 63 11.99 26.68 51.96
N GLN Q 64 12.58 27.87 51.89
CA GLN Q 64 12.99 28.59 53.07
C GLN Q 64 11.82 28.84 54.01
N GLU Q 65 10.66 29.16 53.46
CA GLU Q 65 9.50 29.42 54.29
C GLU Q 65 9.07 28.20 55.08
N PHE Q 66 9.12 27.03 54.43
CA PHE Q 66 8.74 25.78 55.05
C PHE Q 66 9.63 25.47 56.25
N GLU Q 67 10.93 25.63 56.06
CA GLU Q 67 11.93 25.38 57.11
C GLU Q 67 11.84 26.43 58.21
N ARG Q 68 11.48 27.65 57.84
CA ARG Q 68 11.35 28.74 58.80
C ARG Q 68 10.21 28.43 59.76
N LEU Q 69 9.14 27.86 59.24
CA LEU Q 69 7.97 27.53 60.06
C LEU Q 69 8.22 26.31 60.95
N LYS Q 70 9.40 25.70 60.82
CA LYS Q 70 9.76 24.54 61.63
C LYS Q 70 10.50 25.01 62.87
N ARG Q 71 11.06 26.21 62.76
CA ARG Q 71 11.81 26.83 63.84
C ARG Q 71 10.91 27.17 65.02
N LYS Q 72 11.51 27.41 66.18
CA LYS Q 72 10.74 27.75 67.38
C LYS Q 72 10.54 29.26 67.45
N ASN Q 73 9.38 29.65 67.95
CA ASN Q 73 9.05 31.06 68.11
C ASN Q 73 9.23 31.38 69.59
N PRO Q 74 10.38 31.98 69.95
CA PRO Q 74 10.67 32.34 71.34
C PRO Q 74 9.54 33.03 72.07
N ALA Q 75 8.70 33.75 71.34
CA ALA Q 75 7.57 34.46 71.91
C ALA Q 75 6.45 33.54 72.35
N ASP Q 76 6.69 32.24 72.34
CA ASP Q 76 5.68 31.27 72.76
C ASP Q 76 5.99 30.78 74.17
N TYR Q 77 7.17 31.15 74.68
CA TYR Q 77 7.60 30.72 76.00
C TYR Q 77 8.11 31.86 76.88
N GLU Q 78 7.99 33.09 76.39
CA GLU Q 78 8.46 34.26 77.13
C GLU Q 78 7.98 34.26 78.58
N ASN Q 79 6.67 34.07 78.77
CA ASN Q 79 6.08 34.05 80.09
C ASN Q 79 5.72 32.61 80.49
N GLU R 11 46.74 3.06 76.95
CA GLU R 11 45.28 2.86 77.16
C GLU R 11 44.54 2.66 75.82
N LEU R 12 43.87 3.72 75.36
CA LEU R 12 43.12 3.72 74.09
C LEU R 12 42.22 4.94 73.98
N VAL R 13 42.33 5.66 72.86
CA VAL R 13 41.50 6.85 72.67
C VAL R 13 40.89 6.97 71.28
N ASP R 14 39.57 7.05 71.25
CA ASP R 14 38.83 7.16 70.01
C ASP R 14 39.00 8.57 69.45
N PRO R 15 39.56 8.68 68.24
CA PRO R 15 39.76 10.00 67.65
C PRO R 15 38.46 10.81 67.58
N LEU R 16 37.33 10.11 67.64
CA LEU R 16 36.04 10.80 67.58
C LEU R 16 35.89 11.72 68.80
N THR R 17 36.41 11.28 69.94
CA THR R 17 36.33 12.06 71.18
C THR R 17 37.22 13.30 71.04
N THR R 18 38.47 13.06 70.62
CA THR R 18 39.46 14.10 70.40
C THR R 18 38.88 15.21 69.53
N ILE R 19 38.56 14.84 68.30
CA ILE R 19 38.01 15.76 67.31
C ILE R 19 36.72 16.44 67.74
N ARG R 20 35.83 15.72 68.41
CA ARG R 20 34.59 16.34 68.85
C ARG R 20 34.88 17.49 69.81
N GLU R 21 35.85 17.27 70.70
CA GLU R 21 36.21 18.29 71.67
C GLU R 21 36.84 19.49 70.96
N HIS R 22 37.65 19.23 69.94
CA HIS R 22 38.26 20.31 69.21
C HIS R 22 37.21 21.14 68.49
N CYS R 23 36.29 20.45 67.80
CA CYS R 23 35.23 21.12 67.06
C CYS R 23 34.27 21.94 67.91
N GLU R 24 34.07 21.53 69.15
CA GLU R 24 33.16 22.24 70.05
C GLU R 24 33.74 23.60 70.45
N GLN R 25 34.99 23.84 70.08
CA GLN R 25 35.69 25.09 70.38
C GLN R 25 35.38 26.11 69.28
N THR R 26 34.78 25.63 68.21
CA THR R 26 34.45 26.46 67.06
C THR R 26 33.38 27.50 67.36
N GLU R 27 33.53 28.67 66.75
CA GLU R 27 32.60 29.76 66.95
C GLU R 27 31.15 29.28 66.84
N LYS R 28 30.83 28.67 65.70
CA LYS R 28 29.49 28.16 65.45
C LYS R 28 28.98 27.24 66.56
N CYS R 29 29.84 26.31 66.99
CA CYS R 29 29.49 25.36 68.04
C CYS R 29 29.31 26.08 69.36
N VAL R 30 30.29 26.92 69.67
CA VAL R 30 30.28 27.68 70.90
C VAL R 30 28.98 28.49 71.01
N LYS R 31 28.61 29.17 69.94
CA LYS R 31 27.38 29.96 69.93
C LYS R 31 26.17 29.05 70.09
N ALA R 32 26.14 27.97 69.31
CA ALA R 32 25.04 27.01 69.38
C ALA R 32 24.97 26.43 70.78
N ARG R 33 26.11 25.96 71.27
CA ARG R 33 26.19 25.39 72.62
C ARG R 33 25.60 26.36 73.62
N GLU R 34 26.01 27.62 73.50
CA GLU R 34 25.55 28.68 74.37
C GLU R 34 24.04 28.78 74.40
N ARG R 35 23.43 28.82 73.22
CA ARG R 35 21.98 28.93 73.11
C ARG R 35 21.27 27.72 73.71
N LEU R 36 21.93 26.56 73.63
CA LEU R 36 21.36 25.34 74.16
C LEU R 36 21.34 25.37 75.68
N GLU R 37 22.47 25.72 76.29
CA GLU R 37 22.56 25.79 77.73
C GLU R 37 21.51 26.72 78.30
N LEU R 38 21.24 27.81 77.58
CA LEU R 38 20.24 28.78 78.01
C LEU R 38 18.86 28.14 77.98
N CYS R 39 18.56 27.44 76.89
CA CYS R 39 17.26 26.78 76.76
C CYS R 39 17.14 25.75 77.88
N ASP R 40 18.13 24.87 77.99
CA ASP R 40 18.13 23.82 79.00
C ASP R 40 17.80 24.40 80.37
N ALA R 41 18.54 25.44 80.73
CA ALA R 41 18.36 26.10 82.00
C ALA R 41 16.92 26.51 82.26
N ARG R 42 16.34 27.30 81.36
CA ARG R 42 14.97 27.75 81.58
C ARG R 42 13.92 26.65 81.54
N VAL R 43 14.10 25.68 80.65
CA VAL R 43 13.13 24.59 80.56
C VAL R 43 13.20 23.73 81.83
N SER R 44 14.41 23.47 82.31
CA SER R 44 14.61 22.65 83.49
C SER R 44 14.06 23.34 84.75
N SER R 45 14.07 24.66 84.75
CA SER R 45 13.59 25.44 85.89
C SER R 45 12.07 25.60 86.01
N ARG R 46 11.33 25.29 84.96
CA ARG R 46 9.87 25.42 85.02
C ARG R 46 9.18 24.07 85.20
N SER R 47 7.97 24.11 85.77
CA SER R 47 7.20 22.90 86.03
C SER R 47 5.93 22.79 85.19
N HIS R 48 5.73 23.71 84.26
CA HIS R 48 4.53 23.68 83.43
C HIS R 48 4.77 24.36 82.07
N THR R 49 5.73 23.83 81.32
CA THR R 49 6.07 24.39 80.01
C THR R 49 6.16 23.29 78.95
N GLU R 50 5.65 23.59 77.76
CA GLU R 50 5.68 22.63 76.66
C GLU R 50 7.02 22.62 75.94
N GLU R 51 7.75 23.72 76.05
CA GLU R 51 9.05 23.85 75.39
C GLU R 51 10.00 22.66 75.55
N GLN R 52 10.88 22.52 74.56
CA GLN R 52 11.90 21.46 74.52
C GLN R 52 13.11 22.06 73.83
N CYS R 53 14.29 21.50 74.06
CA CYS R 53 15.48 22.06 73.43
C CYS R 53 16.04 21.24 72.28
N THR R 54 15.16 20.49 71.61
CA THR R 54 15.58 19.66 70.49
C THR R 54 16.23 20.56 69.44
N GLU R 55 15.54 21.61 69.03
CA GLU R 55 16.06 22.55 68.02
C GLU R 55 17.48 23.04 68.30
N GLU R 56 17.72 23.55 69.50
CA GLU R 56 19.05 24.04 69.86
C GLU R 56 20.06 22.88 69.85
N LEU R 57 19.62 21.72 70.34
CA LEU R 57 20.48 20.55 70.37
C LEU R 57 20.88 20.20 68.95
N PHE R 58 19.90 20.25 68.06
CA PHE R 58 20.15 19.94 66.66
C PHE R 58 21.08 20.98 66.05
N ASP R 59 20.79 22.27 66.26
CA ASP R 59 21.65 23.32 65.70
C ASP R 59 23.08 23.05 66.13
N PHE R 60 23.23 22.61 67.37
CA PHE R 60 24.54 22.32 67.91
C PHE R 60 25.16 21.08 67.26
N LEU R 61 24.48 19.95 67.42
CA LEU R 61 24.95 18.70 66.86
C LEU R 61 25.25 18.84 65.38
N HIS R 62 24.39 19.59 64.71
CA HIS R 62 24.54 19.81 63.29
C HIS R 62 25.85 20.51 62.96
N ALA R 63 26.17 21.56 63.70
CA ALA R 63 27.39 22.32 63.47
C ALA R 63 28.63 21.53 63.90
N ARG R 64 28.53 20.87 65.04
CA ARG R 64 29.66 20.09 65.53
C ARG R 64 30.02 18.98 64.58
N ASP R 65 29.04 18.11 64.34
CA ASP R 65 29.22 16.95 63.48
C ASP R 65 29.64 17.29 62.05
N HIS R 66 29.18 18.41 61.52
CA HIS R 66 29.58 18.80 60.17
C HIS R 66 31.08 18.99 60.21
N CYS R 67 31.55 19.56 61.31
CA CYS R 67 32.97 19.82 61.52
C CYS R 67 33.73 18.50 61.68
N VAL R 68 33.17 17.60 62.47
CA VAL R 68 33.78 16.31 62.71
C VAL R 68 34.02 15.55 61.40
N ALA R 69 33.01 15.53 60.55
CA ALA R 69 33.06 14.84 59.27
C ALA R 69 34.31 15.11 58.44
N HIS R 70 34.77 16.35 58.43
CA HIS R 70 35.96 16.73 57.66
C HIS R 70 37.27 16.18 58.18
N LYS R 71 37.39 16.03 59.49
CA LYS R 71 38.64 15.54 60.08
C LYS R 71 38.65 14.06 60.44
N LEU R 72 37.55 13.59 61.05
CA LEU R 72 37.45 12.22 61.52
C LEU R 72 38.06 11.07 60.72
N PHE R 73 37.72 10.94 59.44
CA PHE R 73 38.26 9.84 58.67
C PHE R 73 39.75 9.92 58.40
N ASN R 74 40.31 11.12 58.53
CA ASN R 74 41.74 11.30 58.31
C ASN R 74 42.52 10.51 59.34
N LYS R 75 41.90 10.33 60.51
CA LYS R 75 42.53 9.62 61.61
C LYS R 75 42.13 8.16 61.73
N LEU R 76 41.11 7.74 61.00
CA LEU R 76 40.66 6.35 61.04
C LEU R 76 41.40 5.53 60.00
N LYS R 77 41.44 4.21 60.18
CA LYS R 77 42.17 3.34 59.25
C LYS R 77 41.33 2.73 58.14
N UNK S 3 25.48 1.78 -37.72
CA UNK S 3 24.78 2.43 -36.59
C UNK S 3 25.75 2.80 -35.45
N UNK S 4 27.05 2.75 -35.73
CA UNK S 4 28.08 3.07 -34.74
C UNK S 4 27.90 4.54 -34.30
N UNK S 5 27.12 5.28 -35.08
CA UNK S 5 26.85 6.69 -34.82
C UNK S 5 25.39 6.97 -35.24
N UNK S 6 24.88 8.15 -34.89
CA UNK S 6 23.53 8.49 -35.25
C UNK S 6 22.97 9.41 -34.20
N UNK S 7 22.32 10.49 -34.64
CA UNK S 7 21.74 11.46 -33.71
C UNK S 7 20.62 10.90 -32.85
N UNK S 8 21.01 10.19 -31.80
CA UNK S 8 20.10 9.56 -30.85
C UNK S 8 18.84 10.42 -30.62
N UNK S 9 17.69 9.76 -30.50
N UNK S 10 16.32 11.63 -31.22
CA UNK S 10 15.83 12.00 -29.91
C UNK S 10 14.49 11.35 -29.62
N UNK S 11 13.66 12.00 -28.78
CA UNK S 11 12.33 11.50 -28.41
C UNK S 11 11.48 12.58 -27.75
N UNK S 12 10.17 12.45 -27.89
CA UNK S 12 9.27 13.44 -27.30
C UNK S 12 7.99 12.83 -26.75
N UNK S 13 7.08 13.69 -26.34
CA UNK S 13 5.80 13.26 -25.79
C UNK S 13 4.86 12.83 -26.93
N UNK S 14 3.58 12.62 -26.63
CA UNK S 14 2.64 12.20 -27.67
C UNK S 14 1.23 11.93 -27.13
N UNK S 15 0.31 11.62 -28.04
CA UNK S 15 -1.07 11.30 -27.72
C UNK S 15 -1.66 12.29 -26.73
CA ARG S 16 16.51 24.46 -30.24
C ARG S 16 15.93 25.19 -31.44
N PRO S 17 14.94 26.08 -31.21
CA PRO S 17 14.25 26.88 -32.23
C PRO S 17 15.17 27.58 -33.23
N LEU S 18 14.57 28.21 -34.23
CA LEU S 18 15.32 28.95 -35.26
C LEU S 18 14.97 30.44 -35.12
N LEU S 19 15.98 31.28 -34.95
CA LEU S 19 15.77 32.72 -34.77
C LEU S 19 16.46 33.65 -35.78
N CYS S 20 17.58 33.21 -36.33
CA CYS S 20 18.31 34.01 -37.31
C CYS S 20 18.47 33.23 -38.61
N ARG S 21 18.92 33.90 -39.67
CA ARG S 21 19.12 33.22 -40.96
C ARG S 21 20.18 32.13 -40.84
N GLU S 22 21.32 32.48 -40.23
CA GLU S 22 22.43 31.56 -40.03
C GLU S 22 21.98 30.14 -39.65
N SER S 23 20.97 30.07 -38.80
CA SER S 23 20.44 28.79 -38.33
C SER S 23 19.40 28.22 -39.31
N MET S 24 18.57 29.10 -39.83
CA MET S 24 17.52 28.72 -40.78
C MET S 24 18.03 28.24 -42.13
N SER S 25 19.19 28.72 -42.56
CA SER S 25 19.75 28.32 -43.85
C SER S 25 20.07 26.83 -43.91
N GLY S 26 19.67 26.19 -45.02
CA GLY S 26 19.92 24.77 -45.20
C GLY S 26 18.78 23.91 -44.66
N ARG S 27 17.77 24.57 -44.10
CA ARG S 27 16.61 23.90 -43.52
C ARG S 27 15.50 23.64 -44.55
N SER S 28 15.43 24.47 -45.58
CA SER S 28 14.41 24.33 -46.64
C SER S 28 14.48 22.97 -47.33
N ALA S 29 13.32 22.47 -47.78
CA ALA S 29 13.27 21.16 -48.45
C ALA S 29 14.21 21.15 -49.64
N ARG S 30 15.08 20.15 -49.68
CA ARG S 30 16.04 20.03 -50.76
C ARG S 30 15.53 19.13 -51.87
N ARG S 31 15.16 17.90 -51.53
CA ARG S 31 14.68 16.94 -52.52
C ARG S 31 13.60 15.98 -51.99
N ASP S 32 13.68 14.72 -52.43
CA ASP S 32 12.74 13.68 -52.03
C ASP S 32 12.93 13.32 -50.56
N LEU S 33 11.83 13.27 -49.81
CA LEU S 33 11.90 12.93 -48.41
C LEU S 33 12.21 11.44 -48.26
N VAL S 34 13.20 11.12 -47.44
CA VAL S 34 13.57 9.74 -47.22
C VAL S 34 13.28 9.42 -45.76
N ALA S 35 13.20 8.15 -45.43
CA ALA S 35 12.94 7.72 -44.07
C ALA S 35 13.82 6.52 -43.76
N GLY S 36 14.54 6.60 -42.64
CA GLY S 36 15.41 5.51 -42.25
C GLY S 36 15.06 4.96 -40.88
N ILE S 37 15.28 3.65 -40.72
CA ILE S 37 15.04 2.99 -39.48
C ILE S 37 16.16 2.03 -39.29
N SER S 38 16.75 2.03 -38.10
CA SER S 38 17.87 1.15 -37.87
C SER S 38 17.58 0.11 -36.81
N LEU S 39 18.47 -0.87 -36.74
CA LEU S 39 18.39 -1.95 -35.77
C LEU S 39 19.01 -1.47 -34.47
N ASN S 40 20.04 -0.63 -34.60
CA ASN S 40 20.76 -0.09 -33.43
C ASN S 40 21.16 1.38 -33.53
N ALA S 41 20.80 2.06 -34.61
CA ALA S 41 21.12 3.48 -34.75
C ALA S 41 19.83 4.29 -34.56
N PRO S 42 19.92 5.62 -34.52
CA PRO S 42 18.69 6.41 -34.34
C PRO S 42 17.84 6.45 -35.62
N ALA S 43 16.68 7.08 -35.55
CA ALA S 43 15.80 7.20 -36.71
C ALA S 43 16.27 8.44 -37.46
N SER S 44 16.19 8.40 -38.79
CA SER S 44 16.63 9.53 -39.61
C SER S 44 15.65 9.83 -40.74
N VAL S 45 15.65 11.09 -41.21
CA VAL S 45 14.76 11.53 -42.28
C VAL S 45 15.35 12.73 -43.05
N ARG S 46 15.33 12.65 -44.39
CA ARG S 46 15.84 13.74 -45.24
C ARG S 46 14.76 14.76 -45.57
N ALA T 1 52.05 8.29 3.88
CA ALA T 1 50.90 7.91 3.02
C ALA T 1 50.06 6.79 3.66
N LEU T 2 49.91 6.83 4.98
CA LEU T 2 49.13 5.81 5.65
C LEU T 2 47.66 5.86 5.23
N LEU T 3 47.10 7.06 5.17
CA LEU T 3 45.70 7.23 4.83
C LEU T 3 45.50 6.69 3.43
N ARG T 4 46.48 6.96 2.56
CA ARG T 4 46.45 6.51 1.19
C ARG T 4 46.59 4.99 1.13
N GLN T 5 47.58 4.47 1.85
CA GLN T 5 47.82 3.03 1.86
C GLN T 5 46.63 2.31 2.46
N ALA T 6 46.12 2.86 3.56
CA ALA T 6 44.98 2.28 4.26
C ALA T 6 43.76 2.22 3.36
N TYR T 7 43.54 3.30 2.62
CA TYR T 7 42.40 3.38 1.71
C TYR T 7 42.42 2.27 0.67
N SER T 8 43.54 2.13 -0.03
CA SER T 8 43.68 1.11 -1.07
C SER T 8 43.56 -0.32 -0.58
N ALA T 9 44.33 -0.64 0.44
CA ALA T 9 44.36 -1.99 0.99
C ALA T 9 43.18 -2.37 1.90
N LEU T 10 42.73 -1.43 2.71
CA LEU T 10 41.66 -1.73 3.65
C LEU T 10 40.28 -1.18 3.34
N PHE T 11 40.18 0.12 3.13
CA PHE T 11 38.90 0.78 2.93
C PHE T 11 38.23 0.75 1.56
N ARG T 12 38.98 0.49 0.49
CA ARG T 12 38.36 0.50 -0.83
C ARG T 12 37.34 -0.61 -1.01
N ARG T 13 37.82 -1.86 -1.08
CA ARG T 13 36.91 -2.99 -1.24
C ARG T 13 36.05 -3.18 0.02
N THR T 14 34.74 -3.33 -0.16
CA THR T 14 33.85 -3.52 0.98
C THR T 14 34.21 -4.80 1.76
N SER T 15 34.69 -5.81 1.04
CA SER T 15 35.09 -7.05 1.71
C SER T 15 36.23 -6.79 2.70
N THR T 16 37.32 -6.20 2.22
CA THR T 16 38.48 -5.92 3.05
C THR T 16 38.12 -4.97 4.20
N PHE T 17 37.18 -4.06 3.94
CA PHE T 17 36.76 -3.11 4.96
C PHE T 17 36.14 -3.87 6.11
N ALA T 18 35.43 -4.95 5.79
CA ALA T 18 34.77 -5.78 6.81
C ALA T 18 35.80 -6.57 7.63
N LEU T 19 36.81 -7.12 6.97
CA LEU T 19 37.86 -7.86 7.67
C LEU T 19 38.64 -6.91 8.57
N THR T 20 38.81 -5.67 8.10
CA THR T 20 39.56 -4.68 8.88
C THR T 20 38.79 -4.34 10.16
N VAL T 21 37.46 -4.29 10.07
CA VAL T 21 36.67 -3.99 11.25
C VAL T 21 36.69 -5.16 12.23
N VAL T 22 36.71 -6.38 11.72
CA VAL T 22 36.73 -7.55 12.58
C VAL T 22 38.04 -7.63 13.36
N LEU T 23 39.16 -7.58 12.66
CA LEU T 23 40.45 -7.63 13.34
C LEU T 23 40.64 -6.40 14.21
N GLY T 24 40.19 -5.25 13.70
CA GLY T 24 40.30 -4.03 14.45
C GLY T 24 39.63 -4.19 15.79
N ALA T 25 38.43 -4.76 15.80
CA ALA T 25 37.69 -4.95 17.04
C ALA T 25 38.46 -5.90 17.94
N VAL T 26 38.93 -7.01 17.38
CA VAL T 26 39.69 -7.98 18.15
C VAL T 26 40.88 -7.31 18.85
N LEU T 27 41.65 -6.54 18.09
CA LEU T 27 42.79 -5.85 18.65
C LEU T 27 42.36 -4.82 19.65
N PHE T 28 41.40 -3.99 19.27
CA PHE T 28 40.92 -2.95 20.14
C PHE T 28 40.50 -3.49 21.52
N GLU T 29 39.66 -4.53 21.51
CA GLU T 29 39.15 -5.14 22.74
C GLU T 29 40.26 -5.53 23.70
N ARG T 30 41.18 -6.35 23.20
CA ARG T 30 42.30 -6.82 24.01
C ARG T 30 43.00 -5.62 24.66
N ALA T 31 43.37 -4.64 23.85
CA ALA T 31 44.04 -3.45 24.36
C ALA T 31 43.18 -2.59 25.24
N PHE T 32 41.95 -2.30 24.81
CA PHE T 32 41.06 -1.45 25.60
C PHE T 32 40.74 -2.05 26.97
N ASP T 33 40.51 -3.35 27.02
CA ASP T 33 40.20 -3.95 28.30
C ASP T 33 41.39 -3.83 29.23
N GLN T 34 42.55 -4.30 28.77
CA GLN T 34 43.75 -4.22 29.59
C GLN T 34 44.04 -2.80 30.08
N GLY T 35 44.02 -1.83 29.17
CA GLY T 35 44.27 -0.47 29.58
C GLY T 35 43.24 0.03 30.59
N ALA T 36 41.97 -0.30 30.33
CA ALA T 36 40.86 0.12 31.20
C ALA T 36 41.00 -0.47 32.59
N ASP T 37 41.30 -1.76 32.64
CA ASP T 37 41.48 -2.47 33.91
C ASP T 37 42.66 -1.88 34.68
N ALA T 38 43.73 -1.59 33.95
CA ALA T 38 44.92 -0.99 34.55
C ALA T 38 44.55 0.36 35.16
N ILE T 39 43.96 1.25 34.37
CA ILE T 39 43.56 2.56 34.87
C ILE T 39 42.68 2.46 36.11
N PHE T 40 41.79 1.47 36.13
CA PHE T 40 40.89 1.30 37.26
C PHE T 40 41.63 0.81 38.50
N GLU T 41 42.44 -0.22 38.34
CA GLU T 41 43.17 -0.76 39.48
C GLU T 41 44.19 0.25 40.00
N HIS T 42 44.75 1.05 39.10
CA HIS T 42 45.72 2.04 39.53
C HIS T 42 45.06 3.09 40.42
N LEU T 43 43.84 3.50 40.07
CA LEU T 43 43.12 4.49 40.87
C LEU T 43 42.62 3.90 42.19
N ASN T 44 42.80 2.61 42.38
CA ASN T 44 42.34 1.95 43.60
C ASN T 44 43.40 1.09 44.26
N GLU T 45 44.68 1.40 44.02
CA GLU T 45 45.78 0.64 44.61
C GLU T 45 45.59 0.35 46.09
N GLY T 46 45.83 -0.89 46.46
CA GLY T 46 45.69 -1.32 47.84
C GLY T 46 44.30 -1.57 48.38
N LYS T 47 43.25 -1.35 47.58
CA LYS T 47 41.87 -1.55 48.04
C LYS T 47 41.19 -2.84 47.57
N LEU T 48 41.65 -3.39 46.46
CA LEU T 48 41.05 -4.60 45.90
C LEU T 48 41.57 -5.89 46.53
N TRP T 49 40.78 -6.94 46.42
CA TRP T 49 41.16 -8.23 46.96
C TRP T 49 42.47 -8.66 46.29
N LYS T 50 42.70 -8.15 45.08
CA LYS T 50 43.90 -8.47 44.33
C LYS T 50 45.12 -7.97 45.12
N HIS T 51 44.93 -6.80 45.73
CA HIS T 51 45.93 -6.12 46.53
C HIS T 51 46.12 -6.71 47.93
N ILE T 52 45.01 -7.10 48.54
CA ILE T 52 44.97 -7.66 49.89
C ILE T 52 45.29 -9.16 49.97
N LYS T 53 44.75 -9.92 49.05
CA LYS T 53 44.93 -11.37 48.98
C LYS T 53 46.17 -11.99 49.62
N HIS T 54 47.37 -11.55 49.22
CA HIS T 54 48.63 -12.14 49.74
C HIS T 54 48.69 -12.31 51.26
N LYS T 55 48.04 -11.42 51.99
CA LYS T 55 48.04 -11.50 53.44
C LYS T 55 47.40 -12.79 53.97
N TYR T 56 46.26 -13.20 53.40
CA TYR T 56 45.58 -14.39 53.89
C TYR T 56 45.74 -15.62 53.03
N GLU T 57 46.29 -15.46 51.84
CA GLU T 57 46.52 -16.60 50.98
C GLU T 57 47.48 -17.49 51.76
N ALA T 58 47.17 -18.79 51.83
CA ALA T 58 48.02 -19.71 52.57
C ALA T 58 47.70 -21.14 52.16
N SER T 59 47.34 -21.34 50.89
CA SER T 59 47.00 -22.66 50.37
C SER T 59 48.18 -23.65 50.44
N GLU T 60 49.09 -23.56 49.47
C27 PEE U . -15.44 -13.14 23.35
C26 PEE U . -16.21 -13.56 22.08
C25 PEE U . -16.85 -14.95 22.22
C24 PEE U . -18.27 -15.01 21.61
C23 PEE U . -18.86 -16.44 21.45
C22 PEE U . -19.85 -16.59 20.30
C21 PEE U . -20.06 -17.69 19.54
C20 PEE U . -19.38 -18.03 18.20
C19 PEE U . -20.32 -17.96 17.00
C18 PEE U . -20.19 -17.22 15.89
C17 PEE U . -21.29 -16.64 15.02
C16 PEE U . -21.27 -15.09 15.01
C15 PEE U . -21.88 -14.43 13.75
C14 PEE U . -23.15 -13.60 14.01
C13 PEE U . -24.06 -13.42 12.78
C12 PEE U . -24.74 -12.04 12.64
C11 PEE U . -24.01 -11.11 11.62
C10 PEE U . -24.67 -11.07 10.19
O4 PEE U . -25.21 -12.06 9.70
O2 PEE U . -24.56 -9.81 9.54
C2 PEE U . -25.77 -8.92 9.42
C1 PEE U . -26.91 -9.59 8.58
O3P PEE U . -27.20 -8.95 7.29
P PEE U . -28.71 -8.99 6.64
O2P PEE U . -29.30 -10.49 6.66
O1P PEE U . -28.61 -8.50 5.11
O4P PEE U . -29.73 -7.98 7.50
C4 PEE U . -30.39 -6.78 6.97
C5 PEE U . -31.69 -6.39 7.71
N PEE U . -31.96 -4.94 7.60
C3 PEE U . -26.23 -8.38 10.81
O3 PEE U . -27.51 -7.64 10.78
C30 PEE U . -27.40 -6.31 10.33
O5 PEE U . -27.71 -5.94 9.18
C31 PEE U . -26.88 -5.30 11.42
C32 PEE U . -27.72 -5.21 12.72
C33 PEE U . -27.08 -5.97 13.89
C34 PEE U . -28.00 -5.99 15.12
C35 PEE U . -27.24 -6.39 16.41
C36 PEE U . -27.48 -5.39 17.56
C37 PEE U . -26.52 -5.60 18.74
C38 PEE U . -27.17 -6.44 19.87
C39 PEE U . -26.16 -7.03 20.90
C40 PEE U . -26.55 -6.74 22.37
C41 PEE U . -25.88 -7.69 23.38
C42 PEE U . -26.67 -7.78 24.70
C43 PEE U . -27.52 -9.07 24.85
C44 PEE U . -28.06 -9.39 26.27
C45 PEE U . -28.16 -10.89 26.59
C46 PEE U . -29.40 -11.21 27.44
O1 UNL V . -17.54 25.91 -13.85
CHA HEM W . -0.31 -23.72 29.24
CHB HEM W . -0.52 -24.04 24.44
CHC HEM W . -0.77 -19.21 24.23
CHD HEM W . -0.48 -18.97 28.95
C1A HEM W . -0.37 -24.20 27.95
C2A HEM W . -0.43 -25.60 27.63
C3A HEM W . -0.29 -25.72 26.28
C4A HEM W . -0.40 -24.36 25.78
CMA HEM W . -0.08 -27.00 25.48
CAA HEM W . -0.56 -26.69 28.66
CBA HEM W . -2.01 -27.02 28.95
CGA HEM W . -2.16 -27.99 30.12
O1A HEM W . -2.19 -27.52 31.27
O2A HEM W . -2.20 -29.23 29.87
C1B HEM W . -0.66 -22.76 23.95
C2B HEM W . -0.66 -22.44 22.53
C3B HEM W . -0.86 -21.06 22.50
C4B HEM W . -0.78 -20.57 23.85
CMB HEM W . -0.49 -23.40 21.35
CAB HEM W . -1.13 -20.25 21.44
CBB HEM W . -0.31 -20.28 20.21
C1C HEM W . -0.68 -18.69 25.50
C2C HEM W . -0.60 -17.30 25.86
C3C HEM W . -0.46 -17.26 27.19
C4C HEM W . -0.53 -18.60 27.63
CMC HEM W . -0.70 -16.10 24.91
CAC HEM W . -0.36 -16.19 28.09
CBC HEM W . -0.38 -14.68 27.86
C1D HEM W . -0.50 -20.26 29.43
C2D HEM W . -0.40 -20.57 30.84
C3D HEM W . -0.39 -21.91 30.94
C4D HEM W . -0.37 -22.42 29.56
CMD HEM W . -0.32 -19.60 31.99
CAD HEM W . -0.42 -22.58 32.29
CBD HEM W . -1.73 -23.03 32.91
CGD HEM W . -2.17 -24.38 32.38
O1D HEM W . -1.30 -25.27 32.21
O2D HEM W . -3.37 -24.57 32.13
NA HEM W . -0.44 -23.42 26.81
NB HEM W . -0.69 -21.62 24.76
NC HEM W . -0.64 -19.49 26.60
ND HEM W . -0.49 -21.39 28.63
FE HEM W . -0.62 -21.45 26.67
CHA HEM X . -3.35 -19.53 3.44
CHB HEM X . -3.42 -18.52 8.16
CHC HEM X . 0.02 -21.88 8.72
CHD HEM X . 0.54 -22.21 4.07
C1A HEM X . -3.70 -19.01 4.64
C2A HEM X . -4.85 -18.16 4.88
C3A HEM X . -4.80 -17.77 6.19
C4A HEM X . -3.69 -18.48 6.76
CMA HEM X . -5.85 -17.00 6.96
CAA HEM X . -5.96 -17.80 3.89
CBA HEM X . -7.16 -18.74 3.83
CGA HEM X . -6.80 -20.18 3.46
O1A HEM X . -6.80 -21.05 4.36
O2A HEM X . -6.51 -20.45 2.26
C1B HEM X . -2.47 -19.35 8.71
C2B HEM X . -2.17 -19.39 10.14
C3B HEM X . -1.18 -20.34 10.30
C4B HEM X . -0.93 -20.89 8.95
CMB HEM X . -2.83 -18.55 11.20
CAB HEM X . -0.50 -20.77 11.41
CBB HEM X . -0.34 -20.00 12.73
C1C HEM X . 0.42 -22.31 7.50
C2C HEM X . 1.29 -23.44 7.27
C3C HEM X . 1.47 -23.52 5.93
C4C HEM X . 0.65 -22.47 5.37
CMC HEM X . 1.82 -24.30 8.37
CAC HEM X . 2.31 -24.35 5.17
CBC HEM X . 3.39 -25.22 5.78
C1D HEM X . -0.39 -21.38 3.50
C2D HEM X . -0.55 -21.30 2.03
C3D HEM X . -1.74 -20.69 1.79
C4D HEM X . -2.22 -20.30 3.18
CMD HEM X . 0.44 -21.79 0.98
CAD HEM X . -2.33 -20.54 0.37
CBD HEM X . -3.73 -21.07 0.24
CGD HEM X . -4.21 -21.23 -1.20
O1D HEM X . -3.87 -22.26 -1.84
O2D HEM X . -4.94 -20.33 -1.71
NA HEM X . -3.02 -19.26 5.79
NB HEM X . -1.66 -20.25 7.96
NC HEM X . -0.06 -21.80 6.33
ND HEM X . -1.35 -20.68 4.19
FE HEM X . -1.50 -20.45 6.09
O6 FMX Y . 4.22 -33.84 23.46
C6 FMX Y . 4.77 -32.99 24.08
N2 FMX Y . 5.51 -33.17 25.19
N1 FMX Y . 5.73 -34.43 25.80
C21 FMX Y . 6.74 -35.31 25.42
C22 FMX Y . 6.76 -36.62 25.96
C23 FMX Y . 7.75 -37.53 25.59
C24 FMX Y . 8.75 -37.16 24.67
C25 FMX Y . 8.75 -35.85 24.13
C26 FMX Y . 7.76 -34.93 24.49
C3 FMX Y . 6.00 -31.99 25.65
O4 FMX Y . 5.62 -30.96 24.87
O3 FMX Y . 6.70 -31.87 26.64
C5 FMX Y . 4.80 -31.49 23.78
C7 FMX Y . 3.38 -30.91 23.87
C8 FMX Y . 5.51 -31.12 22.47
C9 FMX Y . 6.65 -31.80 22.10
C10 FMX Y . 7.35 -31.47 20.94
C11 FMX Y . 6.90 -30.44 20.11
C12 FMX Y . 5.75 -29.75 20.47
C13 FMX Y . 5.05 -30.08 21.65
O14 FMX Y . 7.59 -30.11 18.98
C15 FMX Y . 8.85 -29.63 19.23
C16 FMX Y . 9.06 -28.39 19.84
C17 FMX Y . 10.35 -27.93 20.08
C18 FMX Y . 11.44 -28.70 19.73
C19 FMX Y . 11.25 -29.93 19.11
C20 FMX Y . 9.96 -30.39 18.87
C1 UQ Z . -9.45 -15.87 4.16
C2 UQ Z . -8.97 -16.03 2.68
C3 UQ Z . -8.01 -15.14 2.12
C4 UQ Z . -7.41 -14.00 2.99
C5 UQ Z . -7.88 -13.83 4.47
C6 UQ Z . -8.86 -14.72 5.04
CM5 UQ Z . -7.23 -12.64 5.26
CM3 UQ Z . -8.12 -14.36 -0.23
CM2 UQ Z . -10.74 -16.75 1.15
C7 UQ Z . -9.40 -14.63 6.53
C8 UQ Z . -8.42 -14.38 7.68
C9 UQ Z . -8.69 -13.94 8.94
C10 UQ Z . -10.13 -13.63 9.34
C11 UQ Z . -7.65 -13.72 10.03
C12 UQ Z . -6.98 -12.32 10.07
O2 UQ Z . -9.54 -17.08 1.89
O3 UQ Z . -7.55 -15.28 0.76
O4 UQ Z . -6.57 -13.24 2.51
O1 UQ Z . -10.31 -16.68 4.63
C25 PEE AA . 4.02 -33.84 5.41
C24 PEE AA . 2.55 -33.78 4.89
C23 PEE AA . 1.49 -33.48 5.99
C22 PEE AA . 0.05 -33.49 5.50
C21 PEE AA . -0.95 -34.28 5.95
C20 PEE AA . -1.81 -34.07 7.19
C19 PEE AA . -3.13 -34.82 7.14
C18 PEE AA . -4.34 -34.36 6.79
C17 PEE AA . -5.14 -34.68 5.54
C16 PEE AA . -5.92 -33.44 5.02
C15 PEE AA . -5.86 -33.21 3.48
C14 PEE AA . -7.24 -32.95 2.85
C13 PEE AA . -7.25 -32.22 1.49
C12 PEE AA . -7.33 -33.16 0.28
C11 PEE AA . -8.39 -32.70 -0.76
C10 PEE AA . -9.71 -33.51 -0.71
O4 PEE AA . -10.60 -33.22 0.09
O2 PEE AA . -9.78 -34.57 -1.63
C2 PEE AA . -11.14 -35.10 -1.96
C1 PEE AA . -11.43 -34.86 -3.44
O3P PEE AA . -11.17 -33.49 -3.80
P PEE AA . -10.96 -33.02 -5.34
O2P PEE AA . -9.72 -33.79 -6.01
O1P PEE AA . -10.69 -31.45 -5.33
O4P PEE AA . -12.34 -33.34 -6.18
C4 PEE AA . -13.56 -32.52 -6.13
C5 PEE AA . -14.38 -32.58 -7.43
N PEE AA . -13.51 -32.68 -8.63
C3 PEE AA . -11.34 -36.59 -1.53
O3 PEE AA . -11.09 -36.86 -0.11
C30 PEE AA . -12.15 -36.54 0.77
O5 PEE AA . -13.13 -35.85 0.45
C31 PEE AA . -11.97 -37.14 2.20
C32 PEE AA . -11.32 -36.21 3.24
C33 PEE AA . -10.92 -36.96 4.54
C34 PEE AA . -9.80 -36.23 5.31
C35 PEE AA . -10.02 -36.25 6.84
C36 PEE AA . -8.68 -36.30 7.62
C37 PEE AA . -8.38 -37.71 8.18
C38 PEE AA . -7.79 -37.66 9.61
C39 PEE AA . -6.27 -37.94 9.70
C40 PEE AA . -5.45 -36.90 10.52
C41 PEE AA . -3.92 -37.07 10.38
C42 PEE AA . -3.25 -37.56 11.69
C43 PEE AA . -2.12 -36.66 12.24
C44 PEE AA . -0.85 -36.54 11.37
C45 PEE AA . 0.06 -35.35 11.74
C46 PEE AA . 0.59 -34.63 10.49
C13 PEE BA . -21.36 -12.07 8.57
C12 PEE BA . -20.90 -10.74 9.17
C11 PEE BA . -21.56 -9.54 8.45
C10 PEE BA . -21.31 -8.18 9.12
O4 PEE BA . -20.18 -7.67 9.17
O2 PEE BA . -22.50 -7.57 9.64
C2 PEE BA . -22.72 -6.12 9.38
C1 PEE BA . -23.81 -5.91 8.28
O3P PEE BA . -23.37 -5.14 7.11
P PEE BA . -23.93 -5.46 5.60
O2P PEE BA . -25.47 -5.90 5.67
O1P PEE BA . -23.09 -6.68 4.99
O4P PEE BA . -23.75 -4.15 4.61
C4 PEE BA . -24.28 -2.81 4.93
C5 PEE BA . -24.85 -2.05 3.71
C3 PEE BA . -23.02 -5.34 10.70
O3 PEE BA . -23.06 -3.87 10.54
C30 PEE BA . -21.82 -3.20 10.71
O5 PEE BA . -21.02 -3.42 11.65
C31 PEE BA . -21.53 -2.13 9.60
C32 PEE BA . -21.42 -0.66 10.12
N1 AZI CA . -3.08 -30.95 36.12
N2 AZI CA . -3.49 -30.41 37.07
N3 AZI CA . -3.89 -29.85 38.03
O1 UNL DA . 4.08 -32.43 8.77
O1 UNL EA . -7.57 -29.57 30.53
O2 UNL EA . -7.41 -29.07 31.91
O1 UNL FA . 5.52 -32.64 -5.06
O2 UNL FA . 4.11 -32.99 -5.40
C1 BOG GA . -1.59 -6.07 2.77
O1 BOG GA . -2.15 -7.04 3.61
C2 BOG GA . -2.37 -6.03 1.42
O5 BOG GA . -1.66 -4.79 3.45
C1' BOG GA . -1.48 -7.39 4.84
C2' BOG GA . -2.46 -7.31 5.99
C3' BOG GA . -3.29 -8.57 6.13
C4' BOG GA . -3.62 -8.76 7.59
C5' BOG GA . -4.86 -9.59 7.83
C6' BOG GA . -6.04 -8.73 8.25
C7' BOG GA . -6.18 -8.71 9.76
C8' BOG GA . -7.35 -7.84 10.05
FE HEC HA . -4.47 -46.52 49.96
CHA HEC HA . -2.16 -46.72 47.51
CHB HEC HA . -6.83 -45.72 47.68
CHC HEC HA . -6.83 -46.47 52.43
CHD HEC HA . -2.15 -47.24 52.24
NA HEC HA . -4.49 -46.34 48.03
C1A HEC HA . -3.45 -46.46 47.13
C2A HEC HA . -3.89 -46.24 45.77
C3A HEC HA . -5.17 -45.84 45.86
C4A HEC HA . -5.55 -45.96 47.24
CMA HEC HA . -6.06 -45.40 44.69
CAA HEC HA . -3.37 -46.64 44.45
CBA HEC HA . -1.91 -46.50 44.19
CGA HEC HA . -1.53 -46.78 42.75
O1A HEC HA . -0.36 -46.57 42.42
O2A HEC HA . -2.39 -47.22 41.94
NB HEC HA . -6.40 -46.27 50.05
C1B HEC HA . -7.24 -45.88 49.00
C2B HEC HA . -8.56 -45.65 49.45
C3B HEC HA . -8.60 -45.98 50.74
C4B HEC HA . -7.25 -46.28 51.14
CMB HEC HA . -9.74 -45.08 48.67
CAB HEC HA . -9.70 -45.94 51.78
CBB HEC HA . -10.87 -46.80 51.31
NC HEC HA . -4.50 -46.80 51.90
C1C HEC HA . -5.55 -46.72 52.78
C2C HEC HA . -5.10 -46.94 54.18
C3C HEC HA . -3.75 -46.99 54.14
C4C HEC HA . -3.41 -47.09 52.72
CMC HEC HA . -5.90 -46.98 55.47
CAC HEC HA . -2.68 -46.95 55.24
CBC HEC HA . -2.81 -48.08 56.29
ND HEC HA . -2.57 -46.79 49.92
C1D HEC HA . -1.74 -47.06 50.97
C2D HEC HA . -0.35 -47.24 50.56
C3D HEC HA . -0.32 -47.19 49.20
C4D HEC HA . -1.73 -46.87 48.81
CMD HEC HA . 0.83 -47.55 51.44
CAD HEC HA . 0.89 -47.54 48.39
CBD HEC HA . 0.77 -48.73 47.44
CGD HEC HA . 2.03 -48.97 46.61
O1D HEC HA . 2.44 -48.07 45.83
O2D HEC HA . 2.63 -50.06 46.77
C1 CDL IA . -21.25 -28.90 -0.51
O1 CDL IA . -20.65 -30.22 -0.14
CA2 CDL IA . -21.98 -28.26 0.68
OA2 CDL IA . -21.17 -27.32 1.24
PA1 CDL IA . -21.74 -26.11 2.06
OA3 CDL IA . -23.24 -26.25 2.24
OA4 CDL IA . -21.54 -24.81 1.34
OA5 CDL IA . -20.97 -26.14 3.45
CA3 CDL IA . -19.62 -26.40 3.58
CA4 CDL IA . -19.27 -26.67 5.08
OA6 CDL IA . -17.87 -26.79 5.33
CA5 CDL IA . -17.36 -25.72 6.07
OA7 CDL IA . -17.92 -24.67 6.31
C11 CDL IA . -15.93 -25.99 6.58
C12 CDL IA . -15.81 -26.90 7.84
CA6 CDL IA . -19.97 -27.99 5.47
OA8 CDL IA . -19.09 -29.07 5.31
CA7 CDL IA . -19.36 -30.08 6.22
OA9 CDL IA . -20.30 -30.84 6.17
C31 CDL IA . -18.34 -30.16 7.34
CB2 CDL IA . -22.24 -28.99 -1.69
OB2 CDL IA . -23.31 -29.80 -1.38
PB2 CDL IA . -24.74 -29.63 -2.02
OB3 CDL IA . -24.82 -30.27 -3.38
OB4 CDL IA . -25.10 -28.18 -2.24
OB5 CDL IA . -25.72 -30.35 -1.01
CB3 CDL IA . -25.86 -29.98 0.29
CB4 CDL IA . -26.15 -31.24 1.15
OB6 CDL IA . -26.95 -30.95 2.29
CB5 CDL IA . -28.27 -31.34 2.11
OB7 CDL IA . -28.65 -32.21 1.36
C51 CDL IA . -29.25 -30.53 2.97
C52 CDL IA . -28.68 -29.89 4.26
C53 CDL IA . -29.00 -30.68 5.55
CB6 CDL IA . -24.80 -31.79 1.62
OB8 CDL IA . -24.17 -30.86 2.49
CB7 CDL IA . -23.58 -31.47 3.58
OB9 CDL IA . -22.70 -32.31 3.53
C71 CDL IA . -24.14 -30.98 4.92
C72 CDL IA . -23.61 -29.61 5.41
C73 CDL IA . -23.33 -29.60 6.95
C74 CDL IA . -24.34 -28.74 7.75
C1 BOG JA . -23.47 -21.07 30.97
O1 BOG JA . -23.89 -20.72 29.67
C2 BOG JA . -23.53 -19.84 31.95
O2 BOG JA . -22.67 -18.78 31.52
C3 BOG JA . -23.10 -20.30 33.36
O3 BOG JA . -23.16 -19.20 34.26
C4 BOG JA . -24.02 -21.44 33.83
O4 BOG JA . -23.64 -21.89 35.12
C5 BOG JA . -23.97 -22.63 32.82
O5 BOG JA . -24.33 -22.17 31.46
C6 BOG JA . -24.91 -23.79 33.21
O6 BOG JA . -25.87 -23.47 34.20
C1' BOG JA . -23.70 -21.67 28.57
C2' BOG JA . -23.72 -20.98 27.20
C3' BOG JA . -23.07 -21.85 26.13
C4' BOG JA . -23.27 -21.21 24.76
C5' BOG JA . -22.01 -21.22 23.91
C6' BOG JA . -22.27 -21.68 22.49
C7' BOG JA . -21.06 -21.44 21.60
C8' BOG JA . -21.42 -21.95 20.23
C1 BOG KA . -24.42 -25.23 38.74
O1 BOG KA . -25.20 -26.33 39.20
C2 BOG KA . -25.35 -23.97 38.48
O2 BOG KA . -26.36 -24.25 37.50
C3 BOG KA . -24.50 -22.79 38.01
O3 BOG KA . -25.31 -21.65 37.77
C4 BOG KA . -23.41 -22.48 39.09
O4 BOG KA . -22.58 -21.38 38.69
C5 BOG KA . -22.53 -23.77 39.33
O5 BOG KA . -23.38 -24.91 39.73
C6 BOG KA . -21.45 -23.54 40.43
O6 BOG KA . -21.90 -23.88 41.74
C1' BOG KA . -24.60 -27.35 40.04
C2' BOG KA . -25.00 -27.10 41.49
C3' BOG KA . -24.59 -28.23 42.41
C4' BOG KA . -23.22 -27.90 43.00
C5' BOG KA . -22.45 -29.13 43.44
C6' BOG KA . -21.81 -29.84 42.24
C7' BOG KA . -20.76 -30.81 42.70
C8' BOG KA . -20.21 -31.44 41.48
FE1 FES LA . -5.63 8.82 53.69
FE2 FES LA . -5.47 10.15 51.33
S1 FES LA . -5.50 11.02 53.36
S2 FES LA . -5.28 7.95 51.67
O1 UNL MA . -18.76 -21.14 28.02
O2 UNL MA . -18.94 -21.70 26.63
C1 CDL NA . -13.99 -31.51 -0.98
O1 CDL NA . -12.71 -31.45 -1.77
CA2 CDL NA . -14.69 -32.89 -1.07
OA2 CDL NA . -14.40 -33.50 -2.28
PA1 CDL NA . -15.47 -34.31 -3.11
OA3 CDL NA . -14.81 -35.23 -4.10
OA4 CDL NA . -16.34 -33.40 -3.90
OA5 CDL NA . -16.28 -35.14 -2.01
CA3 CDL NA . -16.01 -36.47 -1.72
CA4 CDL NA . -16.70 -36.91 -0.37
OA6 CDL NA . -16.66 -38.34 -0.18
CA5 CDL NA . -15.59 -38.74 0.62
OA7 CDL NA . -15.24 -38.24 1.67
C11 CDL NA . -14.84 -39.96 0.05
C12 CDL NA . -14.54 -41.08 1.08
CA6 CDL NA . -18.17 -36.49 -0.43
OA8 CDL NA . -18.44 -35.63 0.64
CA7 CDL NA . -19.46 -34.72 0.37
OA9 CDL NA . -19.78 -34.29 -0.70
C31 CDL NA . -20.23 -34.30 1.63
CB2 CDL NA . -14.98 -30.41 -1.42
OB2 CDL NA . -16.14 -30.51 -0.69
PB2 CDL NA . -16.64 -29.46 0.36
OB3 CDL NA . -18.13 -29.37 0.36
OB4 CDL NA . -16.14 -28.07 0.06
OB5 CDL NA . -16.09 -30.00 1.74
CB3 CDL NA . -16.86 -30.68 2.68
CB4 CDL NA . -15.91 -31.50 3.60
OB6 CDL NA . -14.68 -30.84 3.94
CB5 CDL NA . -14.54 -30.72 5.30
OB7 CDL NA . -15.33 -30.16 6.04
C51 CDL NA . -13.25 -31.38 5.83
C52 CDL NA . -13.02 -31.32 7.39
C53 CDL NA . -12.59 -32.69 7.99
CB6 CDL NA . -15.59 -32.80 2.88
OB8 CDL NA . -16.61 -33.75 3.11
CB7 CDL NA . -16.36 -34.53 4.20
OB9 CDL NA . -16.78 -34.33 5.30
C71 CDL NA . -15.45 -35.74 3.88
C72 CDL NA . -14.91 -36.52 5.11
C27 PEE OA . 21.91 -5.54 21.59
C26 PEE OA . 22.40 -4.30 20.83
C25 PEE OA . 23.16 -3.32 21.76
C24 PEE OA . 24.43 -2.72 21.07
C23 PEE OA . 25.07 -1.52 21.81
C22 PEE OA . 25.79 -0.52 20.90
C21 PEE OA . 25.93 0.80 21.12
C20 PEE OA . 25.00 1.92 20.65
C19 PEE OA . 25.61 2.81 19.58
C18 PEE OA . 25.17 3.03 18.33
C17 PEE OA . 25.98 3.35 17.09
C16 PEE OA . 25.84 2.26 15.99
C15 PEE OA . 26.04 2.77 14.54
C14 PEE OA . 27.22 2.11 13.78
C13 PEE OA . 27.78 2.96 12.62
C12 PEE OA . 28.26 2.14 11.41
C11 PEE OA . 27.23 2.15 10.24
C10 PEE OA . 27.51 3.18 9.11
O4 PEE OA . 28.01 4.30 9.34
O2 PEE OA . 27.13 2.74 7.80
C2 PEE OA . 28.18 2.32 6.82
C1 PEE OA . 29.17 3.49 6.46
O3P PEE OA . 29.12 3.95 5.07
P PEE OA . 30.44 4.58 4.31
O2P PEE OA . 31.15 5.67 5.27
O1P PEE OA . 29.96 5.31 2.97
O4P PEE OA . 31.50 3.38 3.93
C4 PEE OA . 31.86 2.96 2.58
C5 PEE OA . 33.24 2.31 2.46
N PEE OA . 33.32 1.40 1.32
C3 PEE OA . 28.90 0.98 7.25
O3 PEE OA . 30.06 0.62 6.41
C30 PEE OA . 29.74 -0.02 5.21
O5 PEE OA . 29.77 0.54 4.10
C31 PEE OA . 29.35 -1.53 5.38
C32 PEE OA . 30.46 -2.43 5.98
C33 PEE OA . 30.19 -2.79 7.44
C34 PEE OA . 31.38 -3.55 8.06
C35 PEE OA . 30.99 -4.28 9.37
C36 PEE OA . 31.36 -5.78 9.34
C37 PEE OA . 30.76 -6.56 10.52
C38 PEE OA . 31.74 -6.69 11.71
C39 PEE OA . 31.07 -7.07 13.06
C40 PEE OA . 31.72 -8.30 13.75
C41 PEE OA . 31.42 -8.37 15.27
C42 PEE OA . 32.49 -9.16 16.05
C43 PEE OA . 33.47 -8.27 16.86
C44 PEE OA . 34.41 -9.02 17.85
C45 PEE OA . 34.72 -8.22 19.13
C46 PEE OA . 36.15 -8.48 19.62
O3P PEE PA . 25.06 1.11 2.76
P PEE PA . 25.33 2.38 1.77
O2P PEE PA . 26.81 2.97 2.07
O1P PEE PA . 24.22 3.51 2.07
O4P PEE PA . 25.24 1.91 0.19
CHA HEM QA . 9.69 -3.97 36.27
CHB HEM QA . 8.84 -0.33 33.25
CHC HEM QA . 8.65 -3.47 29.57
CHD HEM QA . 9.25 -7.07 32.68
C1A HEM QA . 9.51 -2.72 35.74
C2A HEM QA . 9.62 -1.49 36.51
C3A HEM QA . 9.17 -0.50 35.73
C4A HEM QA . 9.11 -1.06 34.40
CMA HEM QA . 8.73 0.87 36.19
CAA HEM QA . 10.12 -1.42 37.93
CBA HEM QA . 11.62 -1.30 38.04
CGA HEM QA . 12.11 -1.40 39.47
O1A HEM QA . 12.29 -2.54 39.97
O2A HEM QA . 12.29 -0.34 40.11
C1B HEM QA . 8.76 -0.84 31.98
C2B HEM QA . 8.44 -0.04 30.83
C3B HEM QA . 8.48 -0.95 29.78
C4B HEM QA . 8.71 -2.27 30.31
CMB HEM QA . 8.15 1.47 30.80
CAB HEM QA . 8.35 -0.66 28.44
CBB HEM QA . 7.22 0.19 27.94
C1C HEM QA . 8.77 -4.77 30.10
C2C HEM QA . 8.61 -6.00 29.38
C3C HEM QA . 8.74 -7.01 30.28
C4C HEM QA . 8.98 -6.38 31.54
CMC HEM QA . 8.28 -6.11 27.87
CAC HEM QA . 8.77 -8.42 30.15
CBC HEM QA . 8.56 -9.30 28.94
C1D HEM QA . 9.57 -6.52 33.88
C2D HEM QA . 9.86 -7.30 35.05
C3D HEM QA . 10.03 -6.44 36.07
C4D HEM QA . 9.77 -5.11 35.52
CMD HEM QA . 9.94 -8.80 35.17
CAD HEM QA . 10.35 -6.89 37.50
CBD HEM QA . 11.82 -6.92 37.91
CGD HEM QA . 12.28 -5.58 38.41
O1D HEM QA . 11.49 -4.94 39.15
O2D HEM QA . 13.42 -5.16 38.10
NA HEM QA . 9.32 -2.46 34.40
NB HEM QA . 8.92 -2.21 31.67
NC HEM QA . 9.00 -5.01 31.44
ND HEM QA . 9.56 -5.16 34.16
FE HEM QA . 9.22 -3.72 32.91
CHA HEM RA . 6.18 11.80 15.47
CHB HEM RA . 7.24 7.80 17.87
CHC HEM RA . 4.43 9.32 21.44
CHD HEM RA . 2.83 12.86 18.71
C1A HEM RA . 6.79 10.62 15.86
C2A HEM RA . 7.86 9.98 15.11
C3A HEM RA . 8.08 8.80 15.76
C4A HEM RA . 7.22 8.79 16.91
CMA HEM RA . 9.18 7.77 15.43
CAA HEM RA . 8.63 10.56 13.92
CBA HEM RA . 9.88 11.40 14.23
CGA HEM RA . 9.60 12.60 15.13
O1A HEM RA . 9.86 12.52 16.36
O2A HEM RA . 9.10 13.63 14.63
C1B HEM RA . 6.54 7.84 19.05
C2B HEM RA . 6.59 6.80 20.07
C3B HEM RA . 5.75 7.24 21.09
C4B HEM RA . 5.27 8.55 20.68
CMB HEM RA . 7.44 5.54 19.98
CAB HEM RA . 5.41 6.64 22.32
CBB HEM RA . 5.37 5.13 22.69
C1C HEM RA . 3.79 10.44 21.05
C2C HEM RA . 3.03 11.32 21.91
C3C HEM RA . 2.50 12.31 21.11
C4C HEM RA . 3.07 12.06 19.80
CMC HEM RA . 2.86 11.14 23.40
CAC HEM RA . 1.55 13.32 21.40
CBC HEM RA . 0.76 13.46 22.70
C1D HEM RA . 3.50 12.80 17.52
C2D HEM RA . 3.32 13.77 16.49
C3D HEM RA . 4.37 13.62 15.63
C4D HEM RA . 5.12 12.40 16.11
CMD HEM RA . 2.17 14.75 16.37
CAD HEM RA . 4.60 14.55 14.44
CBD HEM RA . 6.01 15.11 14.37
CGD HEM RA . 6.11 16.30 13.42
O1D HEM RA . 5.69 17.40 13.81
O2D HEM RA . 6.61 16.11 12.29
NA HEM RA . 6.45 9.93 16.97
NB HEM RA . 5.67 8.87 19.41
NC HEM RA . 3.92 10.97 19.78
ND HEM RA . 4.54 11.90 17.26
FE HEM RA . 5.10 10.38 18.33
C1 BOG SA . 2.77 1.39 5.36
O1 BOG SA . 2.61 1.29 6.75
C2 BOG SA . 4.28 1.27 4.96
O2 BOG SA . 5.07 2.28 5.57
C3 BOG SA . 4.40 1.35 3.43
O3 BOG SA . 5.76 1.23 3.04
C4 BOG SA . 3.53 0.24 2.78
O4 BOG SA . 3.63 0.28 1.35
C5 BOG SA . 2.04 0.39 3.24
O5 BOG SA . 1.94 0.36 4.71
C6 BOG SA . 1.12 -0.72 2.66
O6 BOG SA . 1.36 -2.00 3.24
C2' BOG SA . 4.70 2.17 9.03
C3' BOG SA . 6.19 2.31 9.19
C4' BOG SA . 6.68 1.16 10.06
C5' BOG SA . 8.20 1.05 10.10
C6' BOG SA . 8.67 -0.18 9.33
C7' BOG SA . 10.18 -0.31 9.39
C8' BOG SA . 10.52 -1.53 8.62
O6 FMX TA . 5.16 6.63 40.61
C6 FMX TA . 4.64 5.56 40.56
N2 FMX TA . 4.20 4.83 41.62
N1 FMX TA . 4.31 5.23 42.96
C21 FMX TA . 3.35 6.03 43.62
C22 FMX TA . 3.62 6.48 44.92
C23 FMX TA . 2.69 7.28 45.60
C24 FMX TA . 1.48 7.63 44.99
C25 FMX TA . 1.19 7.19 43.69
C26 FMX TA . 2.12 6.38 43.00
C3 FMX TA . 3.66 3.65 41.20
O4 FMX TA . 3.72 3.53 39.86
O3 FMX TA . 3.20 2.81 41.94
C5 FMX TA . 4.33 4.75 39.31
C7 FMX TA . 5.65 4.39 38.60
C8 FMX TA . 3.29 5.40 38.39
C9 FMX TA . 2.19 6.01 38.95
C10 FMX TA . 1.20 6.59 38.16
C11 FMX TA . 1.31 6.56 36.78
C12 FMX TA . 2.41 5.95 36.19
C13 FMX TA . 3.41 5.36 37.02
O14 FMX TA . 0.35 7.12 35.98
C15 FMX TA . -0.88 6.54 36.10
C16 FMX TA . -1.12 5.22 35.67
C17 FMX TA . -2.37 4.65 35.81
C18 FMX TA . -3.41 5.39 36.38
C19 FMX TA . -3.18 6.68 36.81
C20 FMX TA . -1.93 7.26 36.67
C1 UQ UA . 12.01 9.37 11.71
C2 UQ UA . 11.13 10.44 11.00
C3 UQ UA . 9.92 10.09 10.40
C4 UQ UA . 9.43 8.62 10.41
C5 UQ UA . 10.29 7.54 11.11
C6 UQ UA . 11.53 7.89 11.74
CM5 UQ UA . 9.71 6.09 11.07
CM3 UQ UA . 9.21 11.17 8.28
CM2 UQ UA . 12.50 12.13 9.88
C7 UQ UA . 12.50 6.85 12.47
C8 UQ UA . 11.92 5.72 13.33
C9 UQ UA . 12.53 4.56 13.70
C10 UQ UA . 13.96 4.30 13.23
C11 UQ UA . 11.90 3.46 14.54
C12 UQ UA . 11.11 2.37 13.76
O2 UQ UA . 11.60 11.79 10.99
O3 UQ UA . 9.10 11.08 9.74
O4 UQ UA . 8.34 8.33 9.88
O1 UQ UA . 13.10 9.71 12.24
C25 PEE VA . 0.99 19.42 28.56
C24 PEE VA . 2.27 19.91 27.87
C23 PEE VA . 3.53 19.09 28.22
C22 PEE VA . 4.80 19.58 27.55
C21 PEE VA . 5.93 19.95 28.17
C20 PEE VA . 7.06 19.03 28.66
C19 PEE VA . 8.37 19.76 28.86
C18 PEE VA . 9.43 19.82 28.05
C17 PEE VA . 9.92 21.03 27.26
C16 PEE VA . 10.45 20.62 25.86
C15 PEE VA . 9.98 21.51 24.70
C14 PEE VA . 11.12 22.00 23.78
C13 PEE VA . 10.68 22.44 22.37
C12 PEE VA . 10.60 23.95 22.17
C11 PEE VA . 11.36 24.42 20.90
C10 PEE VA . 12.71 25.12 21.17
O4 PEE VA . 13.77 24.47 21.26
O2 PEE VA . 12.62 26.52 21.31
C2 PEE VA . 13.89 27.28 21.16
C1 PEE VA . 13.83 28.16 19.90
O3P PEE VA . 13.44 27.40 18.73
P PEE VA . 12.85 28.12 17.41
O2P PEE VA . 11.51 28.95 17.80
O1P PEE VA . 12.48 27.01 16.32
O4P PEE VA . 13.98 29.11 16.76
C4 PEE VA . 15.11 28.64 15.95
C5 PEE VA . 15.61 29.68 14.93
N PEE VA . 14.52 30.59 14.49
C3 PEE VA . 14.30 28.05 22.46
O3 PEE VA . 14.44 27.16 23.64
C30 PEE VA . 15.67 26.49 23.77
O5 PEE VA . 16.50 26.34 22.85
C31 PEE VA . 15.91 25.93 25.20
C32 PEE VA . 15.43 24.47 25.41
C33 PEE VA . 15.40 24.07 26.91
C34 PEE VA . 14.44 22.89 27.20
C35 PEE VA . 15.06 21.85 28.17
C36 PEE VA . 13.98 21.16 29.03
C37 PEE VA . 13.93 21.73 30.47
C38 PEE VA . 13.70 20.63 31.53
C39 PEE VA . 12.27 20.61 32.14
C40 PEE VA . 11.59 19.21 32.13
C41 PEE VA . 10.09 19.26 32.50
C42 PEE VA . 9.78 18.62 33.87
C43 PEE VA . 8.76 17.45 33.84
C44 PEE VA . 7.30 17.80 33.45
C45 PEE VA . 6.44 16.60 33.07
C46 PEE VA . 5.57 16.86 31.81
N1 AZI WA . 16.76 -5.43 45.50
N2 AZI WA . 15.66 -5.07 45.66
N3 AZI WA . 14.57 -4.70 45.83
O1 UNL XA . 26.19 -1.06 27.85
O1 UNL YA . 23.77 -0.57 26.76
O1 UNL ZA . 1.77 16.36 29.67
O1 UNL AB . 14.14 4.76 39.15
O2 UNL AB . 15.00 3.84 39.94
O1 UNL BB . -2.76 26.15 20.97
O2 UNL BB . -1.33 26.51 20.69
FE HEC CB . 20.69 -2.67 65.35
CHA HEC CB . 17.90 -0.98 64.41
CHB HEC CB . 22.39 -1.23 62.79
CHC HEC CB . 23.52 -4.06 66.40
CHD HEC CB . 19.05 -4.01 67.88
NA HEC CB . 20.24 -1.36 63.91
C1A HEC CB . 19.03 -0.74 63.65
C2A HEC CB . 19.16 0.15 62.50
C3A HEC CB . 20.37 -0.04 62.00
C4A HEC CB . 21.06 -0.89 62.91
CMA HEC CB . 20.94 0.62 60.75
CAA HEC CB . 18.31 1.25 61.95
CBA HEC CB . 16.82 1.19 62.14
CGA HEC CB . 16.14 2.36 61.46
O1A HEC CB . 14.89 2.41 61.47
O2A HEC CB . 16.86 3.23 60.92
NB HEC CB . 22.56 -2.64 64.78
C1B HEC CB . 23.08 -2.03 63.65
C2B HEC CB . 24.42 -2.42 63.42
C3B HEC CB . 24.79 -3.12 64.48
C4B HEC CB . 23.61 -3.28 65.31
CMB HEC CB . 25.31 -2.12 62.23
CAB HEC CB . 26.11 -3.74 64.88
CBB HEC CB . 27.18 -2.65 64.92
NC HEC CB . 21.21 -3.83 66.81
C1C HEC CB . 22.42 -4.30 67.12
C2C HEC CB . 22.35 -5.21 68.26
C3C HEC CB . 21.07 -5.30 68.61
C4C HEC CB . 20.39 -4.33 67.78
CMC HEC CB . 23.45 -6.06 68.90
CAC HEC CB . 20.30 -6.27 69.53
CBC HEC CB . 20.74 -6.23 71.00
ND HEC CB . 18.85 -2.58 65.94
C1D HEC CB . 18.34 -3.22 67.03
C2D HEC CB . 16.96 -2.95 67.22
C3D HEC CB . 16.63 -2.00 66.29
C4D HEC CB . 17.82 -1.82 65.47
CMD HEC CB . 16.07 -3.56 68.28
CAD HEC CB . 15.26 -1.36 66.17
CBD HEC CB . 15.18 0.12 66.42
CGD HEC CB . 13.74 0.65 66.35
O1D HEC CB . 13.11 0.55 65.26
O2D HEC CB . 13.24 1.17 67.38
C1 CDL DB . 23.60 22.91 15.24
O1 CDL DB . 23.27 23.50 16.58
CA2 CDL DB . 24.54 21.69 15.36
OA2 CDL DB . 23.78 20.56 15.30
PA1 CDL DB . 24.34 19.19 14.79
OA3 CDL DB . 25.85 19.24 14.59
OA4 CDL DB . 23.77 18.80 13.47
OA5 CDL DB . 23.94 18.14 15.93
CA3 CDL DB . 22.71 18.12 16.56
CA4 CDL DB . 22.77 17.19 17.81
OA6 CDL DB . 21.50 16.96 18.40
CA5 CDL DB . 21.10 15.64 18.31
OA7 CDL DB . 21.58 14.79 17.61
C11 CDL DB . 19.90 15.33 19.21
C12 CDL DB . 20.24 15.02 20.69
CA6 CDL DB . 23.72 17.86 18.82
OA8 CDL DB . 22.99 18.63 19.74
CA7 CDL DB . 23.60 18.69 20.95
OA9 CDL DB . 24.61 19.29 21.22
C31 CDL DB . 22.87 17.89 22.03
CB2 CDL DB . 24.26 23.93 14.27
OB2 CDL DB . 25.48 24.34 14.76
PB2 CDL DB . 26.67 24.77 13.84
OB3 CDL DB . 26.49 26.19 13.38
OB4 CDL DB . 26.76 23.95 12.58
OB5 CDL DB . 27.96 24.63 14.73
CB3 CDL DB . 28.39 23.44 15.26
CB4 CDL DB . 29.06 23.72 16.65
OB6 CDL DB . 30.07 22.78 16.98
CB5 CDL DB . 31.34 23.32 16.82
OB7 CDL DB . 31.64 24.49 16.88
C51 CDL DB . 32.41 22.25 16.55
C52 CDL DB . 32.08 20.82 17.06
C53 CDL DB . 32.86 20.47 18.36
CB6 CDL DB . 27.95 23.66 17.71
OB8 CDL DB . 27.45 22.34 17.78
CB7 CDL DB . 27.21 21.95 19.08
OB9 CDL DB . 26.45 22.49 19.87
C71 CDL DB . 28.02 20.70 19.48
C72 CDL DB . 27.46 19.34 18.97
C73 CDL DB . 27.58 18.22 20.02
C74 CDL DB . 28.65 17.16 19.66
C1 BOG EB . 32.31 -4.77 30.55
O1 BOG EB . 32.48 -3.85 29.51
C2 BOG EB . 32.57 -6.24 30.05
O2 BOG EB . 31.66 -6.59 28.99
C3 BOG EB . 32.41 -7.23 31.22
O3 BOG EB . 32.63 -8.57 30.78
C4 BOG EB . 33.40 -6.85 32.34
O4 BOG EB . 33.27 -7.74 33.45
C5 BOG EB . 33.13 -5.37 32.79
O5 BOG EB . 33.24 -4.44 31.64
C6 BOG EB . 34.13 -4.89 33.87
O6 BOG EB . 35.49 -5.19 33.54
C1' BOG EB . 31.39 -2.94 29.21
C2' BOG EB . 31.60 -2.37 27.81
C3' BOG EB . 31.38 -0.86 27.78
C4' BOG EB . 30.80 -0.48 26.43
C5' BOG EB . 29.55 0.39 26.56
C6' BOG EB . 29.28 1.16 25.27
C7' BOG EB . 28.50 2.42 25.58
C8' BOG EB . 28.27 3.13 24.28
C1 BOG FB . 34.74 -11.47 35.86
O1 BOG FB . 35.15 -12.81 35.74
C2 BOG FB . 34.00 -11.24 37.23
O2 BOG FB . 32.84 -12.05 37.36
C3 BOG FB . 33.60 -9.75 37.35
O3 BOG FB . 32.95 -9.52 38.59
C4 BOG FB . 34.90 -8.86 37.23
O4 BOG FB . 34.57 -7.46 37.34
C5 BOG FB . 35.60 -9.16 35.86
O5 BOG FB . 35.93 -10.60 35.73
C6 BOG FB . 36.90 -8.35 35.66
O6 BOG FB . 37.88 -8.61 36.67
C1' BOG FB . 34.49 -13.66 34.77
C2' BOG FB . 35.13 -15.04 34.77
C3' BOG FB . 34.91 -15.77 33.46
C4' BOG FB . 35.65 -17.09 33.52
C5' BOG FB . 36.08 -17.59 32.15
C6' BOG FB . 35.99 -19.11 32.05
C7' BOG FB . 36.12 -19.56 30.61
C8' BOG FB . 35.99 -21.03 30.62
O1 UNL GB . 28.06 -2.41 29.37
FE1 FES HB . 16.96 -43.67 27.99
FE2 FES HB . 16.15 -42.91 25.52
S1 FES HB . 16.53 -44.97 26.24
S2 FES HB . 16.32 -41.64 27.35
C1 CDL IB . 16.55 24.26 18.54
O1 CDL IB . 15.15 24.68 18.20
CA2 CDL IB . 17.34 25.35 19.30
OA2 CDL IB . 16.86 26.61 18.97
PA1 CDL IB . 17.80 27.86 18.72
OA3 CDL IB . 17.01 29.14 18.81
OA4 CDL IB . 18.40 27.84 17.34
OA5 CDL IB . 18.92 27.78 19.85
CA3 CDL IB . 18.84 28.48 21.05
CA4 CDL IB . 19.84 27.93 22.13
OA6 CDL IB . 19.99 28.82 23.26
CA5 CDL IB . 19.18 28.45 24.33
OA7 CDL IB . 19.08 27.35 24.79
C11 CDL IB . 18.41 29.62 24.92
C12 CDL IB . 18.47 29.72 26.48
CA6 CDL IB . 21.22 27.81 21.45
OA8 CDL IB . 21.66 26.48 21.50
CA7 CDL IB . 22.52 26.17 20.48
OA9 CDL IB . 22.53 26.65 19.39
C31 CDL IB . 23.53 25.09 20.88
CB2 CDL IB . 17.34 23.86 17.26
OB2 CDL IB . 18.64 23.55 17.58
PB2 CDL IB . 19.27 22.14 17.44
OB3 CDL IB . 20.72 22.20 17.04
OB4 CDL IB . 18.61 21.33 16.37
OB5 CDL IB . 19.09 21.49 18.87
CB3 CDL IB . 20.09 21.41 19.81
CB4 CDL IB . 19.47 21.26 21.23
OB6 CDL IB . 18.29 20.44 21.27
CB5 CDL IB . 18.47 19.41 22.15
OB7 CDL IB . 19.33 18.56 22.08
C51 CDL IB . 17.42 19.40 23.28
C52 CDL IB . 17.56 18.27 24.33
C53 CDL IB . 17.40 18.77 25.79
CB6 CDL IB . 19.10 22.67 21.71
OB8 CDL IB . 20.22 23.29 22.31
CB7 CDL IB . 20.30 23.06 23.66
OB9 CDL IB . 20.96 22.19 24.19
C71 CDL IB . 19.45 24.03 24.49
C72 CDL IB . 19.27 23.65 25.99
#